data_2YW5
#
_entry.id   2YW5
#
_entity_poly.entity_id   1
_entity_poly.type   'polypeptide(L)'
_entity_poly.pdbx_seq_one_letter_code
;GSSGSSGEVSNPSKPGRKTNQLQYMQNVVVKTLWKHQFAWPFYQPVDAIKLNLPDYHKIIKNPMDMGTIKKRLENNYYWS
ASECMQDFNTMFTNCYIYNKPTDDIVLMAQALEKIFLQKVAQMPQEEVELLPPAPKGK
;
_entity_poly.pdbx_strand_id   A
#
# COMPACT_ATOMS: atom_id res chain seq x y z
N GLY A 1 6.16 7.69 21.54
CA GLY A 1 5.62 6.34 21.31
C GLY A 1 6.66 5.45 20.65
N SER A 2 7.05 4.36 21.31
CA SER A 2 8.00 3.36 20.78
C SER A 2 7.43 2.53 19.61
N SER A 3 8.32 1.98 18.76
CA SER A 3 7.97 1.12 17.64
C SER A 3 7.39 -0.23 18.10
N GLY A 4 6.29 -0.67 17.48
CA GLY A 4 5.62 -1.95 17.79
C GLY A 4 4.32 -2.21 17.01
N SER A 5 4.20 -1.63 15.81
CA SER A 5 2.95 -1.59 15.01
C SER A 5 3.24 -1.68 13.50
N SER A 6 2.18 -1.85 12.69
CA SER A 6 2.23 -1.93 11.22
C SER A 6 1.26 -0.94 10.54
N GLY A 7 0.87 0.13 11.25
CA GLY A 7 -0.14 1.11 10.81
C GLY A 7 -1.58 0.67 11.10
N GLU A 8 -2.56 1.43 10.58
CA GLU A 8 -4.00 1.20 10.80
C GLU A 8 -4.78 1.13 9.48
N VAL A 9 -6.08 0.87 9.57
CA VAL A 9 -6.96 0.59 8.40
C VAL A 9 -8.17 1.53 8.32
N SER A 10 -8.47 2.23 9.41
CA SER A 10 -9.45 3.33 9.49
C SER A 10 -9.02 4.29 10.59
N ASN A 11 -9.52 5.54 10.57
CA ASN A 11 -9.14 6.57 11.53
C ASN A 11 -10.23 7.66 11.68
N PRO A 12 -10.78 7.88 12.89
CA PRO A 12 -11.82 8.88 13.13
C PRO A 12 -11.28 10.30 13.30
N SER A 13 -10.05 10.46 13.78
CA SER A 13 -9.42 11.77 14.04
C SER A 13 -8.92 12.45 12.76
N LYS A 14 -8.25 11.69 11.88
CA LYS A 14 -7.80 12.15 10.56
C LYS A 14 -9.00 12.27 9.60
N PRO A 15 -9.13 13.36 8.82
CA PRO A 15 -10.22 13.51 7.87
C PRO A 15 -10.06 12.57 6.66
N GLY A 16 -11.19 12.12 6.12
CA GLY A 16 -11.21 11.25 4.94
C GLY A 16 -12.61 10.81 4.50
N ARG A 17 -12.76 10.57 3.20
CA ARG A 17 -13.97 10.06 2.52
C ARG A 17 -13.61 9.49 1.13
N LYS A 18 -14.53 8.74 0.52
CA LYS A 18 -14.35 8.07 -0.76
C LYS A 18 -14.32 9.07 -1.93
N THR A 19 -13.20 9.13 -2.64
CA THR A 19 -12.97 10.03 -3.79
C THR A 19 -12.50 9.29 -5.03
N ASN A 20 -12.61 9.95 -6.19
CA ASN A 20 -12.11 9.47 -7.48
C ASN A 20 -10.60 9.14 -7.49
N GLN A 21 -9.81 9.92 -6.74
CA GLN A 21 -8.36 9.68 -6.62
C GLN A 21 -8.08 8.37 -5.87
N LEU A 22 -8.69 8.15 -4.69
CA LEU A 22 -8.58 6.87 -3.97
C LEU A 22 -9.18 5.70 -4.78
N GLN A 23 -10.25 5.95 -5.53
CA GLN A 23 -10.82 4.94 -6.44
C GLN A 23 -9.79 4.49 -7.48
N TYR A 24 -9.10 5.41 -8.16
CA TYR A 24 -8.07 5.05 -9.13
C TYR A 24 -6.94 4.21 -8.50
N MET A 25 -6.48 4.57 -7.30
CA MET A 25 -5.51 3.78 -6.53
C MET A 25 -5.99 2.33 -6.31
N GLN A 26 -7.20 2.12 -5.80
CA GLN A 26 -7.69 0.77 -5.48
C GLN A 26 -8.28 -0.02 -6.66
N ASN A 27 -8.54 0.64 -7.79
CA ASN A 27 -9.24 0.07 -8.95
C ASN A 27 -8.31 -0.20 -10.14
N VAL A 28 -7.16 0.49 -10.19
CA VAL A 28 -6.18 0.35 -11.29
C VAL A 28 -4.77 0.13 -10.76
N VAL A 29 -4.29 0.96 -9.82
CA VAL A 29 -2.89 0.92 -9.35
C VAL A 29 -2.64 -0.35 -8.52
N VAL A 30 -3.32 -0.50 -7.38
CA VAL A 30 -3.31 -1.72 -6.55
C VAL A 30 -3.77 -2.92 -7.38
N LYS A 31 -4.85 -2.76 -8.15
CA LYS A 31 -5.42 -3.84 -8.99
C LYS A 31 -4.37 -4.46 -9.91
N THR A 32 -3.58 -3.64 -10.61
CA THR A 32 -2.54 -4.13 -11.52
C THR A 32 -1.30 -4.64 -10.79
N LEU A 33 -0.86 -3.95 -9.73
CA LEU A 33 0.27 -4.39 -8.89
C LEU A 33 -0.01 -5.73 -8.18
N TRP A 34 -1.27 -6.00 -7.79
CA TRP A 34 -1.72 -7.26 -7.20
C TRP A 34 -1.81 -8.42 -8.21
N LYS A 35 -2.12 -8.12 -9.50
CA LYS A 35 -2.11 -9.13 -10.59
C LYS A 35 -0.70 -9.48 -11.09
N HIS A 36 0.32 -8.75 -10.66
CA HIS A 36 1.72 -8.96 -11.06
C HIS A 36 2.28 -10.33 -10.64
N GLN A 37 3.21 -10.88 -11.42
CA GLN A 37 3.92 -12.15 -11.15
C GLN A 37 4.77 -12.17 -9.86
N PHE A 38 5.00 -11.00 -9.24
CA PHE A 38 5.79 -10.83 -8.01
C PHE A 38 5.01 -10.12 -6.87
N ALA A 39 3.69 -10.05 -6.94
CA ALA A 39 2.84 -9.47 -5.90
C ALA A 39 2.77 -10.29 -4.60
N TRP A 40 2.96 -11.61 -4.70
CA TRP A 40 2.73 -12.59 -3.62
C TRP A 40 3.48 -12.38 -2.28
N PRO A 41 4.76 -11.93 -2.20
CA PRO A 41 5.40 -11.64 -0.92
C PRO A 41 4.93 -10.32 -0.27
N PHE A 42 4.10 -9.53 -0.96
CA PHE A 42 3.54 -8.26 -0.48
C PHE A 42 2.04 -8.37 -0.10
N TYR A 43 1.39 -9.52 -0.36
CA TYR A 43 -0.03 -9.75 -0.02
C TYR A 43 -0.35 -9.67 1.49
N GLN A 44 0.66 -9.77 2.36
CA GLN A 44 0.54 -9.80 3.82
C GLN A 44 1.71 -9.04 4.48
N PRO A 45 1.56 -8.54 5.72
CA PRO A 45 2.67 -7.97 6.48
C PRO A 45 3.72 -9.02 6.85
N VAL A 46 4.99 -8.60 7.00
CA VAL A 46 6.10 -9.47 7.42
C VAL A 46 5.91 -9.93 8.87
N ASP A 47 5.51 -11.20 9.06
CA ASP A 47 5.50 -11.86 10.36
C ASP A 47 6.93 -12.23 10.79
N ALA A 48 7.65 -11.31 11.42
CA ALA A 48 9.03 -11.50 11.88
C ALA A 48 9.23 -12.77 12.75
N ILE A 49 8.18 -13.26 13.43
CA ILE A 49 8.14 -14.53 14.15
C ILE A 49 8.30 -15.72 13.18
N LYS A 50 7.53 -15.77 12.09
CA LYS A 50 7.53 -16.84 11.08
C LYS A 50 8.76 -16.79 10.16
N LEU A 51 9.17 -15.58 9.76
CA LEU A 51 10.38 -15.33 8.98
C LEU A 51 11.68 -15.46 9.80
N ASN A 52 11.55 -15.57 11.14
CA ASN A 52 12.65 -15.68 12.11
C ASN A 52 13.67 -14.52 12.00
N LEU A 53 13.16 -13.29 12.13
CA LEU A 53 13.91 -12.03 12.02
C LEU A 53 13.91 -11.28 13.38
N PRO A 54 14.77 -11.67 14.34
CA PRO A 54 14.78 -11.13 15.70
C PRO A 54 15.22 -9.65 15.79
N ASP A 55 15.65 -9.04 14.69
CA ASP A 55 16.07 -7.64 14.57
C ASP A 55 15.26 -6.87 13.50
N TYR A 56 14.14 -7.41 13.00
CA TYR A 56 13.35 -6.81 11.91
C TYR A 56 13.04 -5.31 12.14
N HIS A 57 12.43 -4.98 13.29
CA HIS A 57 12.06 -3.61 13.69
C HIS A 57 13.25 -2.73 14.12
N LYS A 58 14.45 -3.30 14.34
CA LYS A 58 15.68 -2.55 14.63
C LYS A 58 16.22 -1.83 13.39
N ILE A 59 16.06 -2.44 12.20
CA ILE A 59 16.42 -1.85 10.90
C ILE A 59 15.21 -1.13 10.28
N ILE A 60 14.03 -1.76 10.26
CA ILE A 60 12.82 -1.19 9.66
C ILE A 60 12.19 -0.13 10.57
N LYS A 61 12.25 1.14 10.15
CA LYS A 61 11.62 2.29 10.81
C LYS A 61 10.09 2.29 10.67
N ASN A 62 9.59 1.85 9.50
CA ASN A 62 8.20 1.98 9.08
C ASN A 62 7.75 0.78 8.20
N PRO A 63 7.35 -0.34 8.83
CA PRO A 63 6.95 -1.55 8.12
C PRO A 63 5.62 -1.35 7.38
N MET A 64 5.59 -1.74 6.10
CA MET A 64 4.50 -1.46 5.17
C MET A 64 4.49 -2.50 4.04
N ASP A 65 3.31 -3.03 3.71
CA ASP A 65 3.09 -4.09 2.70
C ASP A 65 1.74 -3.91 1.98
N MET A 66 1.63 -4.35 0.72
CA MET A 66 0.50 -4.09 -0.19
C MET A 66 -0.86 -4.55 0.39
N GLY A 67 -0.86 -5.67 1.11
CA GLY A 67 -2.02 -6.19 1.84
C GLY A 67 -2.61 -5.24 2.89
N THR A 68 -1.79 -4.33 3.44
CA THR A 68 -2.22 -3.29 4.38
C THR A 68 -2.57 -1.98 3.66
N ILE A 69 -1.89 -1.64 2.55
CA ILE A 69 -2.22 -0.47 1.71
C ILE A 69 -3.67 -0.55 1.22
N LYS A 70 -4.07 -1.68 0.64
CA LYS A 70 -5.46 -1.90 0.19
C LYS A 70 -6.49 -1.86 1.32
N LYS A 71 -6.12 -2.30 2.53
CA LYS A 71 -7.03 -2.39 3.68
C LYS A 71 -7.48 -1.02 4.20
N ARG A 72 -6.68 0.03 4.03
CA ARG A 72 -7.10 1.43 4.28
C ARG A 72 -7.85 2.08 3.10
N LEU A 73 -7.53 1.73 1.84
CA LEU A 73 -8.35 2.10 0.67
C LEU A 73 -9.78 1.52 0.70
N GLU A 74 -9.95 0.32 1.27
CA GLU A 74 -11.26 -0.32 1.54
C GLU A 74 -12.10 0.40 2.63
N ASN A 75 -11.58 1.50 3.17
CA ASN A 75 -12.13 2.34 4.24
C ASN A 75 -11.95 3.84 3.89
N ASN A 76 -12.21 4.73 4.87
CA ASN A 76 -12.14 6.19 4.73
C ASN A 76 -11.01 6.77 5.59
N TYR A 77 -9.82 6.14 5.56
CA TYR A 77 -8.67 6.52 6.40
C TYR A 77 -8.13 7.92 6.05
N TYR A 78 -8.18 8.25 4.76
CA TYR A 78 -7.72 9.51 4.15
C TYR A 78 -8.70 10.04 3.10
N TRP A 79 -8.41 11.22 2.53
CA TRP A 79 -9.23 11.92 1.54
C TRP A 79 -8.58 11.91 0.14
N SER A 80 -7.25 11.77 0.07
CA SER A 80 -6.43 11.96 -1.13
C SER A 80 -5.41 10.84 -1.37
N ALA A 81 -5.18 10.55 -2.65
CA ALA A 81 -4.33 9.45 -3.12
C ALA A 81 -2.83 9.65 -2.87
N SER A 82 -2.36 10.88 -2.64
CA SER A 82 -0.96 11.17 -2.28
C SER A 82 -0.49 10.42 -1.03
N GLU A 83 -1.41 10.11 -0.11
CA GLU A 83 -1.13 9.30 1.08
C GLU A 83 -0.90 7.81 0.74
N CYS A 84 -1.74 7.24 -0.13
CA CYS A 84 -1.57 5.89 -0.69
C CYS A 84 -0.26 5.77 -1.49
N MET A 85 0.10 6.81 -2.25
CA MET A 85 1.39 6.89 -2.95
C MET A 85 2.58 6.89 -1.98
N GLN A 86 2.51 7.62 -0.88
CA GLN A 86 3.56 7.59 0.15
C GLN A 86 3.67 6.24 0.88
N ASP A 87 2.56 5.51 1.04
CA ASP A 87 2.55 4.13 1.55
C ASP A 87 3.20 3.15 0.56
N PHE A 88 2.92 3.25 -0.74
CA PHE A 88 3.62 2.46 -1.77
C PHE A 88 5.12 2.74 -1.79
N ASN A 89 5.53 4.01 -1.72
CA ASN A 89 6.94 4.39 -1.57
C ASN A 89 7.56 3.77 -0.31
N THR A 90 6.88 3.85 0.84
CA THR A 90 7.35 3.28 2.12
C THR A 90 7.52 1.75 2.05
N MET A 91 6.64 1.03 1.35
CA MET A 91 6.79 -0.41 1.11
C MET A 91 8.09 -0.73 0.34
N PHE A 92 8.29 -0.13 -0.83
CA PHE A 92 9.46 -0.40 -1.66
C PHE A 92 10.77 0.04 -0.98
N THR A 93 10.80 1.21 -0.34
CA THR A 93 11.97 1.73 0.36
C THR A 93 12.37 0.87 1.55
N ASN A 94 11.43 0.46 2.42
CA ASN A 94 11.78 -0.39 3.57
C ASN A 94 12.33 -1.77 3.14
N CYS A 95 11.84 -2.30 2.02
CA CYS A 95 12.40 -3.49 1.37
C CYS A 95 13.86 -3.30 0.91
N TYR A 96 14.20 -2.16 0.30
CA TYR A 96 15.57 -1.84 -0.14
C TYR A 96 16.57 -1.65 1.00
N ILE A 97 16.12 -1.12 2.15
CA ILE A 97 16.98 -0.94 3.34
C ILE A 97 17.43 -2.30 3.91
N TYR A 98 16.47 -3.18 4.23
CA TYR A 98 16.75 -4.44 4.93
C TYR A 98 17.53 -5.47 4.08
N ASN A 99 17.23 -5.55 2.78
CA ASN A 99 17.73 -6.61 1.88
C ASN A 99 18.91 -6.15 1.02
N LYS A 100 19.70 -7.10 0.51
CA LYS A 100 20.78 -6.85 -0.47
C LYS A 100 20.20 -6.37 -1.80
N PRO A 101 20.89 -5.48 -2.55
CA PRO A 101 20.38 -4.89 -3.79
C PRO A 101 20.20 -5.89 -4.95
N THR A 102 20.66 -7.13 -4.78
CA THR A 102 20.58 -8.24 -5.75
C THR A 102 19.68 -9.39 -5.28
N ASP A 103 19.07 -9.29 -4.09
CA ASP A 103 18.08 -10.26 -3.61
C ASP A 103 16.80 -10.21 -4.47
N ASP A 104 16.13 -11.35 -4.64
CA ASP A 104 14.91 -11.46 -5.44
C ASP A 104 13.85 -10.43 -5.01
N ILE A 105 13.57 -10.29 -3.71
CA ILE A 105 12.58 -9.35 -3.17
C ILE A 105 12.83 -7.88 -3.55
N VAL A 106 14.10 -7.48 -3.73
CA VAL A 106 14.46 -6.14 -4.21
C VAL A 106 14.14 -6.01 -5.69
N LEU A 107 14.52 -6.97 -6.53
CA LEU A 107 14.20 -6.97 -7.96
C LEU A 107 12.68 -6.98 -8.21
N MET A 108 11.93 -7.71 -7.38
CA MET A 108 10.47 -7.68 -7.32
C MET A 108 9.93 -6.28 -7.02
N ALA A 109 10.40 -5.64 -5.94
CA ALA A 109 10.02 -4.27 -5.59
C ALA A 109 10.39 -3.26 -6.68
N GLN A 110 11.55 -3.38 -7.34
CA GLN A 110 11.95 -2.56 -8.48
C GLN A 110 11.01 -2.72 -9.70
N ALA A 111 10.53 -3.94 -9.97
CA ALA A 111 9.60 -4.23 -11.07
C ALA A 111 8.15 -3.78 -10.77
N LEU A 112 7.71 -3.87 -9.51
CA LEU A 112 6.44 -3.28 -9.06
C LEU A 112 6.49 -1.75 -9.07
N GLU A 113 7.57 -1.14 -8.56
CA GLU A 113 7.66 0.32 -8.43
C GLU A 113 7.63 1.05 -9.79
N LYS A 114 8.30 0.51 -10.83
CA LYS A 114 8.25 1.11 -12.18
C LYS A 114 6.83 1.15 -12.74
N ILE A 115 6.06 0.08 -12.57
CA ILE A 115 4.64 0.03 -12.95
C ILE A 115 3.80 0.99 -12.09
N PHE A 116 4.00 1.00 -10.77
CA PHE A 116 3.34 1.95 -9.86
C PHE A 116 3.51 3.40 -10.37
N LEU A 117 4.74 3.81 -10.69
CA LEU A 117 4.99 5.16 -11.22
C LEU A 117 4.30 5.43 -12.57
N GLN A 118 4.32 4.46 -13.51
CA GLN A 118 3.58 4.57 -14.78
C GLN A 118 2.06 4.68 -14.59
N LYS A 119 1.52 3.99 -13.58
CA LYS A 119 0.08 3.99 -13.24
C LYS A 119 -0.35 5.31 -12.61
N VAL A 120 0.33 5.79 -11.55
CA VAL A 120 -0.02 7.08 -10.92
C VAL A 120 0.27 8.28 -11.82
N ALA A 121 1.20 8.15 -12.77
CA ALA A 121 1.42 9.16 -13.79
C ALA A 121 0.19 9.35 -14.70
N GLN A 122 -0.59 8.29 -14.89
CA GLN A 122 -1.86 8.30 -15.63
C GLN A 122 -3.08 8.62 -14.73
N MET A 123 -2.91 8.64 -13.40
CA MET A 123 -3.94 9.16 -12.49
C MET A 123 -4.15 10.67 -12.72
N PRO A 124 -5.39 11.20 -12.65
CA PRO A 124 -5.64 12.65 -12.67
C PRO A 124 -4.82 13.42 -11.63
N GLN A 125 -4.52 14.69 -11.91
CA GLN A 125 -3.88 15.61 -10.94
C GLN A 125 -4.92 16.40 -10.11
N GLU A 126 -6.15 16.51 -10.60
CA GLU A 126 -7.30 17.10 -9.91
C GLU A 126 -8.13 16.02 -9.19
N GLU A 127 -8.91 16.43 -8.20
CA GLU A 127 -9.63 15.55 -7.27
C GLU A 127 -11.14 15.86 -7.26
N VAL A 128 -11.96 14.80 -7.22
CA VAL A 128 -13.43 14.89 -7.30
C VAL A 128 -14.09 13.80 -6.45
N GLU A 129 -15.29 14.10 -5.94
CA GLU A 129 -16.16 13.13 -5.26
C GLU A 129 -16.72 12.09 -6.24
N LEU A 130 -16.92 10.85 -5.77
CA LEU A 130 -17.58 9.80 -6.56
C LEU A 130 -19.12 9.97 -6.66
N LEU A 131 -19.70 9.38 -7.70
CA LEU A 131 -21.15 9.21 -7.84
C LEU A 131 -21.70 8.19 -6.81
N PRO A 132 -22.98 8.25 -6.43
CA PRO A 132 -23.56 7.34 -5.45
C PRO A 132 -23.70 5.90 -6.00
N PRO A 133 -23.55 4.85 -5.15
CA PRO A 133 -23.66 3.45 -5.56
C PRO A 133 -25.12 3.04 -5.83
N ALA A 134 -25.31 1.95 -6.57
CA ALA A 134 -26.61 1.29 -6.74
C ALA A 134 -27.13 0.69 -5.42
N PRO A 135 -28.46 0.61 -5.20
CA PRO A 135 -29.05 0.01 -4.01
C PRO A 135 -28.90 -1.52 -3.97
N LYS A 136 -28.89 -2.09 -2.76
CA LYS A 136 -28.93 -3.55 -2.53
C LYS A 136 -30.24 -4.20 -2.99
N GLY A 137 -30.23 -5.53 -3.15
CA GLY A 137 -31.39 -6.32 -3.60
C GLY A 137 -31.49 -7.74 -3.01
N LYS A 138 -30.62 -8.11 -2.06
CA LYS A 138 -30.67 -9.38 -1.31
C LYS A 138 -31.82 -9.40 -0.29
N GLY A 1 4.70 2.69 25.02
CA GLY A 1 4.13 3.61 24.02
C GLY A 1 2.74 3.16 23.61
N SER A 2 2.55 2.83 22.32
CA SER A 2 1.31 2.29 21.73
C SER A 2 1.06 0.82 22.10
N SER A 3 1.12 0.49 23.40
CA SER A 3 1.05 -0.87 23.99
C SER A 3 -0.34 -1.54 23.93
N GLY A 4 -0.97 -1.51 22.75
CA GLY A 4 -2.30 -2.07 22.50
C GLY A 4 -2.65 -2.27 21.01
N SER A 5 -2.00 -1.55 20.09
CA SER A 5 -2.13 -1.73 18.64
C SER A 5 -0.89 -1.23 17.87
N SER A 6 -0.50 -1.94 16.82
CA SER A 6 0.69 -1.63 15.98
C SER A 6 0.45 -0.50 14.97
N GLY A 7 -0.80 -0.12 14.72
CA GLY A 7 -1.22 0.87 13.72
C GLY A 7 -2.74 0.89 13.49
N GLU A 8 -3.18 1.58 12.45
CA GLU A 8 -4.59 1.71 12.06
C GLU A 8 -4.78 1.75 10.53
N VAL A 9 -6.00 1.40 10.09
CA VAL A 9 -6.45 1.42 8.68
C VAL A 9 -7.82 2.08 8.49
N SER A 10 -8.55 2.26 9.58
CA SER A 10 -9.88 2.87 9.68
C SER A 10 -9.98 3.62 11.02
N ASN A 11 -10.61 4.79 11.02
CA ASN A 11 -10.64 5.70 12.19
C ASN A 11 -11.96 6.52 12.21
N PRO A 12 -12.63 6.64 13.38
CA PRO A 12 -13.96 7.27 13.50
C PRO A 12 -13.94 8.82 13.49
N SER A 13 -12.78 9.48 13.52
CA SER A 13 -12.65 10.93 13.68
C SER A 13 -11.67 11.61 12.69
N LYS A 14 -10.72 10.87 12.11
CA LYS A 14 -9.87 11.35 11.01
C LYS A 14 -10.74 11.60 9.75
N PRO A 15 -10.65 12.79 9.10
CA PRO A 15 -11.46 13.10 7.93
C PRO A 15 -11.01 12.32 6.68
N GLY A 16 -11.99 11.93 5.86
CA GLY A 16 -11.76 11.19 4.62
C GLY A 16 -13.03 10.68 3.95
N ARG A 17 -12.87 10.25 2.70
CA ARG A 17 -13.89 9.65 1.82
C ARG A 17 -13.21 8.97 0.63
N LYS A 18 -13.95 8.16 -0.13
CA LYS A 18 -13.52 7.68 -1.44
C LYS A 18 -13.69 8.83 -2.45
N THR A 19 -12.58 9.33 -2.98
CA THR A 19 -12.53 10.33 -4.06
C THR A 19 -12.14 9.68 -5.38
N ASN A 20 -12.25 10.39 -6.50
CA ASN A 20 -11.78 9.91 -7.82
C ASN A 20 -10.33 9.39 -7.81
N GLN A 21 -9.43 10.03 -7.05
CA GLN A 21 -8.04 9.62 -6.93
C GLN A 21 -7.90 8.33 -6.10
N LEU A 22 -8.55 8.25 -4.94
CA LEU A 22 -8.55 7.05 -4.09
C LEU A 22 -9.25 5.85 -4.76
N GLN A 23 -10.26 6.10 -5.60
CA GLN A 23 -10.86 5.10 -6.48
C GLN A 23 -9.81 4.53 -7.41
N TYR A 24 -9.08 5.40 -8.14
CA TYR A 24 -8.02 5.01 -9.06
C TYR A 24 -6.90 4.19 -8.38
N MET A 25 -6.46 4.59 -7.18
CA MET A 25 -5.49 3.82 -6.38
C MET A 25 -5.93 2.37 -6.17
N GLN A 26 -7.15 2.13 -5.70
CA GLN A 26 -7.65 0.76 -5.45
C GLN A 26 -8.02 0.00 -6.74
N ASN A 27 -8.53 0.71 -7.74
CA ASN A 27 -9.17 0.12 -8.93
C ASN A 27 -8.19 -0.15 -10.07
N VAL A 28 -7.04 0.54 -10.10
CA VAL A 28 -6.08 0.43 -11.20
C VAL A 28 -4.66 0.20 -10.68
N VAL A 29 -4.21 1.02 -9.72
CA VAL A 29 -2.82 0.95 -9.20
C VAL A 29 -2.62 -0.34 -8.42
N VAL A 30 -3.36 -0.52 -7.33
CA VAL A 30 -3.40 -1.75 -6.51
C VAL A 30 -3.80 -2.94 -7.38
N LYS A 31 -4.87 -2.81 -8.18
CA LYS A 31 -5.42 -3.93 -8.96
C LYS A 31 -4.43 -4.54 -9.94
N THR A 32 -3.66 -3.73 -10.67
CA THR A 32 -2.58 -4.23 -11.53
C THR A 32 -1.39 -4.75 -10.73
N LEU A 33 -0.93 -4.02 -9.69
CA LEU A 33 0.19 -4.46 -8.85
C LEU A 33 -0.09 -5.80 -8.14
N TRP A 34 -1.34 -6.05 -7.73
CA TRP A 34 -1.80 -7.30 -7.11
C TRP A 34 -1.82 -8.50 -8.08
N LYS A 35 -2.05 -8.25 -9.38
CA LYS A 35 -2.05 -9.29 -10.44
C LYS A 35 -0.65 -9.60 -10.98
N HIS A 36 0.38 -8.86 -10.58
CA HIS A 36 1.76 -9.05 -11.02
C HIS A 36 2.37 -10.41 -10.63
N GLN A 37 3.36 -10.87 -11.39
CA GLN A 37 4.14 -12.09 -11.13
C GLN A 37 4.81 -12.14 -9.75
N PHE A 38 5.08 -10.97 -9.15
CA PHE A 38 5.85 -10.80 -7.91
C PHE A 38 5.07 -10.09 -6.79
N ALA A 39 3.74 -10.05 -6.87
CA ALA A 39 2.86 -9.47 -5.84
C ALA A 39 2.78 -10.29 -4.54
N TRP A 40 3.00 -11.61 -4.62
CA TRP A 40 2.76 -12.57 -3.54
C TRP A 40 3.52 -12.36 -2.20
N PRO A 41 4.80 -11.89 -2.14
CA PRO A 41 5.45 -11.59 -0.87
C PRO A 41 4.96 -10.28 -0.21
N PHE A 42 4.06 -9.53 -0.87
CA PHE A 42 3.47 -8.29 -0.38
C PHE A 42 1.97 -8.42 -0.02
N TYR A 43 1.33 -9.58 -0.31
CA TYR A 43 -0.09 -9.83 -0.01
C TYR A 43 -0.42 -9.82 1.51
N GLN A 44 0.59 -9.92 2.37
CA GLN A 44 0.48 -9.92 3.84
C GLN A 44 1.65 -9.14 4.46
N PRO A 45 1.52 -8.62 5.70
CA PRO A 45 2.63 -7.98 6.42
C PRO A 45 3.75 -8.98 6.74
N VAL A 46 4.98 -8.49 6.87
CA VAL A 46 6.16 -9.29 7.26
C VAL A 46 6.03 -9.78 8.70
N ASP A 47 5.65 -11.05 8.87
CA ASP A 47 5.61 -11.74 10.17
C ASP A 47 7.05 -12.13 10.61
N ALA A 48 7.75 -11.19 11.25
CA ALA A 48 9.11 -11.38 11.74
C ALA A 48 9.29 -12.61 12.66
N ILE A 49 8.24 -13.04 13.37
CA ILE A 49 8.21 -14.28 14.16
C ILE A 49 8.30 -15.52 13.25
N LYS A 50 7.47 -15.58 12.19
CA LYS A 50 7.42 -16.68 11.22
C LYS A 50 8.69 -16.79 10.38
N LEU A 51 9.22 -15.64 9.94
CA LEU A 51 10.47 -15.54 9.17
C LEU A 51 11.73 -15.62 10.05
N ASN A 52 11.58 -15.67 11.38
CA ASN A 52 12.65 -15.74 12.36
C ASN A 52 13.69 -14.59 12.23
N LEU A 53 13.20 -13.35 12.26
CA LEU A 53 13.97 -12.11 12.11
C LEU A 53 13.93 -11.29 13.42
N PRO A 54 14.80 -11.60 14.41
CA PRO A 54 14.79 -10.97 15.73
C PRO A 54 15.21 -9.48 15.72
N ASP A 55 15.60 -8.94 14.56
CA ASP A 55 16.02 -7.55 14.35
C ASP A 55 15.25 -6.85 13.20
N TYR A 56 14.17 -7.44 12.65
CA TYR A 56 13.45 -6.86 11.50
C TYR A 56 13.05 -5.38 11.72
N HIS A 57 12.39 -5.11 12.86
CA HIS A 57 11.94 -3.78 13.27
C HIS A 57 13.06 -2.87 13.81
N LYS A 58 14.26 -3.41 14.05
CA LYS A 58 15.44 -2.63 14.47
C LYS A 58 15.98 -1.82 13.29
N ILE A 59 16.05 -2.43 12.10
CA ILE A 59 16.39 -1.78 10.83
C ILE A 59 15.17 -1.01 10.29
N ILE A 60 14.03 -1.68 10.10
CA ILE A 60 12.84 -1.07 9.49
C ILE A 60 11.99 -0.32 10.53
N LYS A 61 12.11 1.01 10.49
CA LYS A 61 11.43 1.96 11.38
C LYS A 61 9.91 2.08 11.12
N ASN A 62 9.47 1.85 9.88
CA ASN A 62 8.09 2.07 9.41
C ASN A 62 7.69 1.00 8.39
N PRO A 63 7.36 -0.23 8.85
CA PRO A 63 6.97 -1.34 7.99
C PRO A 63 5.63 -1.08 7.29
N MET A 64 5.52 -1.53 6.03
CA MET A 64 4.34 -1.32 5.16
C MET A 64 4.32 -2.40 4.06
N ASP A 65 3.15 -2.95 3.75
CA ASP A 65 2.96 -4.06 2.78
C ASP A 65 1.61 -3.93 2.04
N MET A 66 1.54 -4.40 0.79
CA MET A 66 0.40 -4.18 -0.12
C MET A 66 -0.94 -4.66 0.44
N GLY A 67 -0.94 -5.77 1.18
CA GLY A 67 -2.10 -6.30 1.91
C GLY A 67 -2.67 -5.38 2.99
N THR A 68 -1.85 -4.43 3.49
CA THR A 68 -2.27 -3.37 4.41
C THR A 68 -2.58 -2.06 3.67
N ILE A 69 -1.86 -1.73 2.58
CA ILE A 69 -2.16 -0.57 1.72
C ILE A 69 -3.61 -0.62 1.21
N LYS A 70 -4.03 -1.77 0.65
CA LYS A 70 -5.43 -1.97 0.21
C LYS A 70 -6.46 -1.88 1.34
N LYS A 71 -6.09 -2.24 2.58
CA LYS A 71 -7.01 -2.28 3.73
C LYS A 71 -7.45 -0.90 4.22
N ARG A 72 -6.59 0.12 4.10
CA ARG A 72 -6.96 1.54 4.32
C ARG A 72 -7.72 2.14 3.13
N LEU A 73 -7.43 1.70 1.89
CA LEU A 73 -8.24 2.04 0.71
C LEU A 73 -9.66 1.42 0.71
N GLU A 74 -9.87 0.26 1.35
CA GLU A 74 -11.18 -0.40 1.54
C GLU A 74 -12.16 0.39 2.43
N ASN A 75 -11.69 1.47 3.06
CA ASN A 75 -12.41 2.24 4.08
C ASN A 75 -12.30 3.76 3.88
N ASN A 76 -13.18 4.52 4.54
CA ASN A 76 -13.07 5.96 4.65
C ASN A 76 -12.07 6.31 5.77
N TYR A 77 -10.87 6.75 5.39
CA TYR A 77 -9.72 6.97 6.30
C TYR A 77 -8.92 8.23 5.95
N TYR A 78 -8.70 8.48 4.66
CA TYR A 78 -8.09 9.69 4.08
C TYR A 78 -8.93 10.24 2.92
N TRP A 79 -8.55 11.39 2.36
CA TRP A 79 -9.29 12.13 1.33
C TRP A 79 -8.54 12.20 -0.02
N SER A 80 -7.22 12.02 -0.01
CA SER A 80 -6.37 12.07 -1.21
C SER A 80 -5.49 10.84 -1.37
N ALA A 81 -5.21 10.49 -2.62
CA ALA A 81 -4.31 9.41 -3.00
C ALA A 81 -2.84 9.63 -2.58
N SER A 82 -2.44 10.88 -2.32
CA SER A 82 -1.07 11.23 -1.87
C SER A 82 -0.60 10.40 -0.67
N GLU A 83 -1.51 10.12 0.26
CA GLU A 83 -1.25 9.34 1.47
C GLU A 83 -0.95 7.86 1.13
N CYS A 84 -1.72 7.27 0.21
CA CYS A 84 -1.51 5.92 -0.30
C CYS A 84 -0.22 5.80 -1.14
N MET A 85 0.14 6.83 -1.91
CA MET A 85 1.38 6.87 -2.70
C MET A 85 2.63 6.80 -1.80
N GLN A 86 2.62 7.52 -0.67
CA GLN A 86 3.68 7.44 0.33
C GLN A 86 3.76 6.06 1.01
N ASP A 87 2.63 5.37 1.20
CA ASP A 87 2.64 3.99 1.73
C ASP A 87 3.27 3.00 0.72
N PHE A 88 2.95 3.13 -0.57
CA PHE A 88 3.64 2.39 -1.64
C PHE A 88 5.14 2.69 -1.68
N ASN A 89 5.54 3.96 -1.63
CA ASN A 89 6.95 4.35 -1.59
C ASN A 89 7.67 3.76 -0.37
N THR A 90 7.03 3.77 0.81
CA THR A 90 7.59 3.20 2.04
C THR A 90 7.80 1.69 1.92
N MET A 91 6.84 0.94 1.38
CA MET A 91 6.95 -0.50 1.12
C MET A 91 8.15 -0.86 0.25
N PHE A 92 8.30 -0.21 -0.92
CA PHE A 92 9.43 -0.47 -1.83
C PHE A 92 10.78 0.01 -1.26
N THR A 93 10.80 1.13 -0.55
CA THR A 93 11.98 1.64 0.16
C THR A 93 12.49 0.64 1.21
N ASN A 94 11.61 0.13 2.07
CA ASN A 94 11.97 -0.82 3.13
C ASN A 94 12.63 -2.08 2.57
N CYS A 95 12.15 -2.56 1.41
CA CYS A 95 12.73 -3.68 0.68
C CYS A 95 14.21 -3.43 0.32
N TYR A 96 14.56 -2.23 -0.14
CA TYR A 96 15.93 -1.82 -0.46
C TYR A 96 16.83 -1.65 0.79
N ILE A 97 16.26 -1.29 1.94
CA ILE A 97 17.00 -1.11 3.20
C ILE A 97 17.38 -2.47 3.82
N TYR A 98 16.39 -3.32 4.09
CA TYR A 98 16.59 -4.57 4.83
C TYR A 98 17.38 -5.65 4.07
N ASN A 99 17.40 -5.59 2.74
CA ASN A 99 17.95 -6.64 1.86
C ASN A 99 19.11 -6.15 0.98
N LYS A 100 19.84 -7.10 0.38
CA LYS A 100 20.92 -6.81 -0.58
C LYS A 100 20.34 -6.29 -1.91
N PRO A 101 21.04 -5.41 -2.65
CA PRO A 101 20.55 -4.83 -3.92
C PRO A 101 20.37 -5.84 -5.06
N THR A 102 20.79 -7.09 -4.86
CA THR A 102 20.70 -8.22 -5.81
C THR A 102 19.80 -9.35 -5.32
N ASP A 103 19.18 -9.22 -4.13
CA ASP A 103 18.18 -10.18 -3.63
C ASP A 103 16.91 -10.15 -4.50
N ASP A 104 16.23 -11.29 -4.65
CA ASP A 104 14.99 -11.40 -5.43
C ASP A 104 13.94 -10.35 -5.01
N ILE A 105 13.68 -10.20 -3.70
CA ILE A 105 12.68 -9.26 -3.17
C ILE A 105 12.94 -7.79 -3.55
N VAL A 106 14.20 -7.40 -3.75
CA VAL A 106 14.55 -6.06 -4.26
C VAL A 106 14.20 -5.94 -5.73
N LEU A 107 14.57 -6.91 -6.57
CA LEU A 107 14.22 -6.92 -8.00
C LEU A 107 12.69 -6.95 -8.21
N MET A 108 11.96 -7.68 -7.35
CA MET A 108 10.49 -7.66 -7.28
C MET A 108 9.96 -6.25 -6.96
N ALA A 109 10.47 -5.61 -5.91
CA ALA A 109 10.09 -4.24 -5.55
C ALA A 109 10.39 -3.23 -6.67
N GLN A 110 11.54 -3.34 -7.34
CA GLN A 110 11.89 -2.50 -8.51
C GLN A 110 10.89 -2.70 -9.67
N ALA A 111 10.56 -3.96 -10.00
CA ALA A 111 9.63 -4.32 -11.07
C ALA A 111 8.16 -3.94 -10.79
N LEU A 112 7.76 -3.88 -9.51
CA LEU A 112 6.47 -3.33 -9.09
C LEU A 112 6.49 -1.80 -9.07
N GLU A 113 7.54 -1.16 -8.53
CA GLU A 113 7.62 0.30 -8.36
C GLU A 113 7.55 1.05 -9.70
N LYS A 114 8.22 0.55 -10.76
CA LYS A 114 8.14 1.16 -12.09
C LYS A 114 6.71 1.21 -12.64
N ILE A 115 5.94 0.15 -12.40
CA ILE A 115 4.51 0.06 -12.76
C ILE A 115 3.65 0.94 -11.84
N PHE A 116 3.90 0.96 -10.53
CA PHE A 116 3.26 1.90 -9.60
C PHE A 116 3.38 3.34 -10.13
N LEU A 117 4.59 3.78 -10.47
CA LEU A 117 4.82 5.11 -11.03
C LEU A 117 4.12 5.30 -12.39
N GLN A 118 4.18 4.33 -13.31
CA GLN A 118 3.50 4.44 -14.63
C GLN A 118 1.98 4.54 -14.53
N LYS A 119 1.39 3.92 -13.49
CA LYS A 119 -0.04 4.01 -13.16
C LYS A 119 -0.41 5.35 -12.53
N VAL A 120 0.23 5.79 -11.43
CA VAL A 120 -0.13 7.07 -10.79
C VAL A 120 0.18 8.28 -11.66
N ALA A 121 1.13 8.16 -12.59
CA ALA A 121 1.40 9.19 -13.60
C ALA A 121 0.18 9.51 -14.48
N GLN A 122 -0.72 8.53 -14.65
CA GLN A 122 -1.95 8.63 -15.41
C GLN A 122 -3.18 8.90 -14.51
N MET A 123 -3.01 8.95 -13.18
CA MET A 123 -4.06 9.33 -12.23
C MET A 123 -4.51 10.79 -12.46
N PRO A 124 -5.82 11.10 -12.41
CA PRO A 124 -6.32 12.46 -12.56
C PRO A 124 -5.84 13.35 -11.40
N GLN A 125 -5.20 14.46 -11.72
CA GLN A 125 -4.56 15.35 -10.74
C GLN A 125 -5.56 16.22 -9.95
N GLU A 126 -6.75 16.44 -10.50
CA GLU A 126 -7.90 17.03 -9.82
C GLU A 126 -8.56 16.05 -8.84
N GLU A 127 -9.31 16.58 -7.88
CA GLU A 127 -9.94 15.84 -6.77
C GLU A 127 -11.46 16.06 -6.75
N VAL A 128 -12.21 14.96 -6.68
CA VAL A 128 -13.67 14.91 -6.87
C VAL A 128 -14.32 13.91 -5.89
N GLU A 129 -15.38 14.35 -5.21
CA GLU A 129 -16.27 13.52 -4.39
C GLU A 129 -17.11 12.57 -5.28
N LEU A 130 -17.06 11.25 -5.01
CA LEU A 130 -17.84 10.25 -5.76
C LEU A 130 -19.33 10.23 -5.36
N LEU A 131 -20.18 9.81 -6.32
CA LEU A 131 -21.59 9.48 -6.06
C LEU A 131 -21.73 8.12 -5.31
N PRO A 132 -22.82 7.90 -4.54
CA PRO A 132 -22.98 6.69 -3.73
C PRO A 132 -23.42 5.46 -4.56
N PRO A 133 -23.16 4.23 -4.08
CA PRO A 133 -23.61 2.98 -4.71
C PRO A 133 -25.13 2.78 -4.58
N ALA A 134 -25.66 1.78 -5.31
CA ALA A 134 -27.08 1.42 -5.34
C ALA A 134 -27.28 -0.12 -5.48
N PRO A 135 -28.43 -0.67 -5.02
CA PRO A 135 -28.73 -2.10 -5.13
C PRO A 135 -29.04 -2.55 -6.58
N LYS A 136 -29.08 -3.87 -6.79
CA LYS A 136 -29.35 -4.53 -8.08
C LYS A 136 -30.11 -5.85 -7.91
N GLY A 137 -30.60 -6.41 -9.03
CA GLY A 137 -31.44 -7.62 -9.06
C GLY A 137 -31.57 -8.25 -10.45
N LYS A 138 -30.48 -8.23 -11.24
CA LYS A 138 -30.40 -8.68 -12.64
C LYS A 138 -29.05 -9.35 -12.98
N GLY A 1 10.26 -1.83 24.27
CA GLY A 1 10.48 -3.20 23.74
C GLY A 1 10.16 -3.29 22.25
N SER A 2 10.55 -4.41 21.63
CA SER A 2 10.33 -4.72 20.20
C SER A 2 8.87 -5.10 19.88
N SER A 3 7.95 -4.15 20.05
CA SER A 3 6.53 -4.28 19.65
C SER A 3 6.33 -4.45 18.13
N GLY A 4 5.12 -4.84 17.73
CA GLY A 4 4.76 -5.21 16.35
C GLY A 4 3.39 -4.69 15.94
N SER A 5 3.34 -3.42 15.52
CA SER A 5 2.13 -2.70 15.08
C SER A 5 2.38 -1.78 13.87
N SER A 6 1.32 -1.23 13.29
CA SER A 6 1.33 -0.50 12.00
C SER A 6 0.46 0.78 11.98
N GLY A 7 0.03 1.27 13.16
CA GLY A 7 -0.91 2.40 13.28
C GLY A 7 -2.37 1.92 13.25
N GLU A 8 -3.23 2.66 12.55
CA GLU A 8 -4.64 2.32 12.34
C GLU A 8 -5.05 2.43 10.85
N VAL A 9 -6.23 1.87 10.54
CA VAL A 9 -6.80 1.74 9.17
C VAL A 9 -8.29 2.07 9.10
N SER A 10 -8.92 2.21 10.26
CA SER A 10 -10.34 2.49 10.46
C SER A 10 -10.59 3.27 11.76
N ASN A 11 -11.56 4.19 11.74
CA ASN A 11 -11.83 5.12 12.84
C ASN A 11 -13.32 5.56 12.80
N PRO A 12 -14.04 5.58 13.94
CA PRO A 12 -15.48 5.86 13.96
C PRO A 12 -15.88 7.31 13.65
N SER A 13 -14.96 8.28 13.71
CA SER A 13 -15.22 9.69 13.35
C SER A 13 -13.92 10.44 13.02
N LYS A 14 -13.56 10.44 11.73
CA LYS A 14 -12.33 11.01 11.16
C LYS A 14 -12.58 11.72 9.82
N PRO A 15 -11.70 12.63 9.37
CA PRO A 15 -11.82 13.29 8.06
C PRO A 15 -11.53 12.33 6.89
N GLY A 16 -12.04 12.65 5.70
CA GLY A 16 -11.82 11.88 4.47
C GLY A 16 -13.10 11.54 3.73
N ARG A 17 -12.95 11.15 2.46
CA ARG A 17 -14.02 10.69 1.56
C ARG A 17 -13.42 9.96 0.35
N LYS A 18 -14.20 9.11 -0.31
CA LYS A 18 -13.85 8.50 -1.59
C LYS A 18 -13.89 9.54 -2.71
N THR A 19 -12.88 9.54 -3.58
CA THR A 19 -12.67 10.51 -4.66
C THR A 19 -12.16 9.80 -5.92
N ASN A 20 -12.17 10.46 -7.08
CA ASN A 20 -11.53 9.99 -8.31
C ASN A 20 -10.10 9.46 -8.11
N GLN A 21 -9.30 10.09 -7.24
CA GLN A 21 -7.93 9.69 -6.96
C GLN A 21 -7.87 8.37 -6.17
N LEU A 22 -8.54 8.28 -5.01
CA LEU A 22 -8.60 7.05 -4.20
C LEU A 22 -9.27 5.89 -4.94
N GLN A 23 -10.28 6.18 -5.77
CA GLN A 23 -10.90 5.22 -6.69
C GLN A 23 -9.84 4.62 -7.62
N TYR A 24 -9.06 5.42 -8.34
CA TYR A 24 -8.02 4.95 -9.24
C TYR A 24 -6.94 4.11 -8.52
N MET A 25 -6.51 4.50 -7.31
CA MET A 25 -5.62 3.68 -6.48
C MET A 25 -6.19 2.28 -6.25
N GLN A 26 -7.44 2.17 -5.80
CA GLN A 26 -8.08 0.90 -5.42
C GLN A 26 -8.73 0.13 -6.60
N ASN A 27 -8.73 0.69 -7.82
CA ASN A 27 -9.33 0.09 -9.02
C ASN A 27 -8.33 -0.19 -10.15
N VAL A 28 -7.14 0.41 -10.13
CA VAL A 28 -6.12 0.23 -11.18
C VAL A 28 -4.73 0.06 -10.60
N VAL A 29 -4.27 0.93 -9.68
CA VAL A 29 -2.89 0.89 -9.17
C VAL A 29 -2.67 -0.37 -8.32
N VAL A 30 -3.40 -0.51 -7.21
CA VAL A 30 -3.37 -1.72 -6.36
C VAL A 30 -3.82 -2.94 -7.16
N LYS A 31 -4.90 -2.83 -7.95
CA LYS A 31 -5.43 -3.96 -8.74
C LYS A 31 -4.38 -4.56 -9.68
N THR A 32 -3.62 -3.71 -10.39
CA THR A 32 -2.53 -4.17 -11.27
C THR A 32 -1.35 -4.73 -10.48
N LEU A 33 -0.89 -4.02 -9.44
CA LEU A 33 0.22 -4.46 -8.59
C LEU A 33 -0.08 -5.79 -7.87
N TRP A 34 -1.34 -6.04 -7.50
CA TRP A 34 -1.82 -7.29 -6.89
C TRP A 34 -1.88 -8.47 -7.86
N LYS A 35 -2.10 -8.21 -9.17
CA LYS A 35 -2.10 -9.25 -10.22
C LYS A 35 -0.71 -9.63 -10.72
N HIS A 36 0.33 -8.89 -10.30
CA HIS A 36 1.72 -9.10 -10.72
C HIS A 36 2.28 -10.48 -10.29
N GLN A 37 3.25 -11.00 -11.04
CA GLN A 37 4.00 -12.23 -10.75
C GLN A 37 4.72 -12.22 -9.39
N PHE A 38 4.96 -11.05 -8.81
CA PHE A 38 5.74 -10.84 -7.57
C PHE A 38 4.96 -10.12 -6.45
N ALA A 39 3.63 -10.05 -6.55
CA ALA A 39 2.77 -9.43 -5.55
C ALA A 39 2.66 -10.22 -4.23
N TRP A 40 2.80 -11.54 -4.28
CA TRP A 40 2.55 -12.47 -3.17
C TRP A 40 3.34 -12.21 -1.85
N PRO A 41 4.62 -11.79 -1.85
CA PRO A 41 5.30 -11.40 -0.60
C PRO A 41 4.77 -10.11 0.05
N PHE A 42 3.86 -9.39 -0.60
CA PHE A 42 3.23 -8.16 -0.10
C PHE A 42 1.73 -8.31 0.19
N TYR A 43 1.12 -9.47 -0.09
CA TYR A 43 -0.29 -9.75 0.22
C TYR A 43 -0.61 -9.72 1.73
N GLN A 44 0.41 -9.89 2.58
CA GLN A 44 0.32 -9.96 4.04
C GLN A 44 1.52 -9.21 4.68
N PRO A 45 1.42 -8.75 5.94
CA PRO A 45 2.55 -8.14 6.64
C PRO A 45 3.69 -9.14 6.89
N VAL A 46 4.93 -8.64 7.01
CA VAL A 46 6.13 -9.45 7.31
C VAL A 46 6.04 -10.04 8.72
N ASP A 47 5.72 -11.33 8.81
CA ASP A 47 5.80 -12.12 10.04
C ASP A 47 7.28 -12.45 10.35
N ALA A 48 7.98 -11.56 11.05
CA ALA A 48 9.40 -11.68 11.38
C ALA A 48 9.79 -13.03 12.04
N ILE A 49 8.86 -13.69 12.72
CA ILE A 49 9.01 -15.06 13.26
C ILE A 49 9.18 -16.09 12.14
N LYS A 50 8.29 -16.07 11.13
CA LYS A 50 8.28 -17.00 9.98
C LYS A 50 9.39 -16.72 8.97
N LEU A 51 9.66 -15.44 8.69
CA LEU A 51 10.78 -15.00 7.86
C LEU A 51 12.14 -15.10 8.56
N ASN A 52 12.13 -15.35 9.87
CA ASN A 52 13.30 -15.54 10.73
C ASN A 52 14.24 -14.32 10.75
N LEU A 53 13.67 -13.14 11.06
CA LEU A 53 14.31 -11.82 11.04
C LEU A 53 14.37 -11.25 12.47
N PRO A 54 15.35 -11.65 13.30
CA PRO A 54 15.42 -11.33 14.73
C PRO A 54 15.67 -9.84 15.05
N ASP A 55 15.91 -9.00 14.04
CA ASP A 55 16.15 -7.55 14.14
C ASP A 55 15.25 -6.73 13.20
N TYR A 56 14.18 -7.32 12.63
CA TYR A 56 13.34 -6.69 11.59
C TYR A 56 12.94 -5.24 11.90
N HIS A 57 12.31 -5.02 13.06
CA HIS A 57 11.83 -3.71 13.53
C HIS A 57 12.94 -2.75 14.01
N LYS A 58 14.16 -3.25 14.22
CA LYS A 58 15.34 -2.44 14.59
C LYS A 58 15.92 -1.67 13.40
N ILE A 59 15.83 -2.25 12.19
CA ILE A 59 16.19 -1.60 10.93
C ILE A 59 14.97 -0.91 10.29
N ILE A 60 13.81 -1.59 10.24
CA ILE A 60 12.57 -1.04 9.67
C ILE A 60 11.81 -0.21 10.71
N LYS A 61 11.99 1.11 10.61
CA LYS A 61 11.33 2.13 11.44
C LYS A 61 9.81 2.16 11.30
N ASN A 62 9.27 1.95 10.09
CA ASN A 62 7.85 2.02 9.77
C ASN A 62 7.47 0.94 8.74
N PRO A 63 7.12 -0.29 9.20
CA PRO A 63 6.81 -1.42 8.32
C PRO A 63 5.49 -1.20 7.56
N MET A 64 5.45 -1.63 6.30
CA MET A 64 4.36 -1.34 5.36
C MET A 64 4.30 -2.40 4.24
N ASP A 65 3.11 -2.91 3.91
CA ASP A 65 2.87 -3.98 2.93
C ASP A 65 1.51 -3.79 2.21
N MET A 66 1.39 -4.29 0.97
CA MET A 66 0.25 -4.02 0.08
C MET A 66 -1.10 -4.43 0.67
N GLY A 67 -1.15 -5.55 1.41
CA GLY A 67 -2.34 -6.02 2.13
C GLY A 67 -2.88 -5.03 3.18
N THR A 68 -2.01 -4.21 3.77
CA THR A 68 -2.38 -3.15 4.73
C THR A 68 -2.78 -1.85 4.02
N ILE A 69 -2.19 -1.55 2.86
CA ILE A 69 -2.57 -0.38 2.04
C ILE A 69 -4.04 -0.48 1.60
N LYS A 70 -4.43 -1.61 1.00
CA LYS A 70 -5.83 -1.82 0.58
C LYS A 70 -6.84 -1.70 1.72
N LYS A 71 -6.49 -2.09 2.94
CA LYS A 71 -7.37 -2.01 4.13
C LYS A 71 -7.84 -0.58 4.42
N ARG A 72 -6.98 0.43 4.26
CA ARG A 72 -7.32 1.87 4.43
C ARG A 72 -7.90 2.53 3.17
N LEU A 73 -7.70 1.95 1.97
CA LEU A 73 -8.41 2.34 0.74
C LEU A 73 -9.89 1.92 0.77
N GLU A 74 -10.18 0.67 1.13
CA GLU A 74 -11.50 0.03 1.07
C GLU A 74 -12.58 0.68 1.95
N ASN A 75 -12.19 1.53 2.90
CA ASN A 75 -13.05 2.28 3.80
C ASN A 75 -12.80 3.81 3.74
N ASN A 76 -12.07 4.29 2.72
CA ASN A 76 -11.61 5.67 2.53
C ASN A 76 -11.19 6.39 3.83
N TYR A 77 -10.10 5.89 4.44
CA TYR A 77 -9.51 6.40 5.68
C TYR A 77 -9.06 7.89 5.59
N TYR A 78 -8.78 8.34 4.37
CA TYR A 78 -8.14 9.61 3.98
C TYR A 78 -8.91 10.32 2.86
N TRP A 79 -8.37 11.42 2.33
CA TRP A 79 -9.04 12.29 1.33
C TRP A 79 -8.35 12.26 -0.06
N SER A 80 -7.05 11.99 -0.11
CA SER A 80 -6.24 11.98 -1.35
C SER A 80 -5.34 10.75 -1.44
N ALA A 81 -5.16 10.26 -2.66
CA ALA A 81 -4.24 9.20 -3.03
C ALA A 81 -2.77 9.47 -2.67
N SER A 82 -2.39 10.72 -2.42
CA SER A 82 -1.03 11.11 -2.00
C SER A 82 -0.54 10.34 -0.76
N GLU A 83 -1.44 9.98 0.16
CA GLU A 83 -1.14 9.17 1.35
C GLU A 83 -0.91 7.69 1.02
N CYS A 84 -1.74 7.12 0.14
CA CYS A 84 -1.56 5.77 -0.41
C CYS A 84 -0.23 5.63 -1.20
N MET A 85 0.12 6.67 -1.98
CA MET A 85 1.40 6.74 -2.70
C MET A 85 2.61 6.73 -1.76
N GLN A 86 2.53 7.46 -0.64
CA GLN A 86 3.58 7.45 0.39
C GLN A 86 3.73 6.09 1.09
N ASP A 87 2.63 5.34 1.28
CA ASP A 87 2.71 3.97 1.80
C ASP A 87 3.39 3.01 0.81
N PHE A 88 3.07 3.10 -0.49
CA PHE A 88 3.79 2.35 -1.53
C PHE A 88 5.28 2.70 -1.60
N ASN A 89 5.63 4.00 -1.57
CA ASN A 89 7.01 4.46 -1.47
C ASN A 89 7.73 3.86 -0.25
N THR A 90 7.07 3.86 0.92
CA THR A 90 7.61 3.31 2.18
C THR A 90 7.88 1.81 2.09
N MET A 91 6.95 1.02 1.53
CA MET A 91 7.09 -0.43 1.33
C MET A 91 8.34 -0.79 0.53
N PHE A 92 8.46 -0.29 -0.71
CA PHE A 92 9.59 -0.59 -1.59
C PHE A 92 10.92 -0.04 -1.03
N THR A 93 10.87 1.13 -0.38
CA THR A 93 12.01 1.73 0.34
C THR A 93 12.54 0.81 1.43
N ASN A 94 11.67 0.33 2.32
CA ASN A 94 12.04 -0.56 3.43
C ASN A 94 12.75 -1.83 2.92
N CYS A 95 12.29 -2.40 1.81
CA CYS A 95 12.98 -3.49 1.13
C CYS A 95 14.44 -3.12 0.75
N TYR A 96 14.67 -1.97 0.11
CA TYR A 96 16.03 -1.52 -0.26
C TYR A 96 16.95 -1.27 0.95
N ILE A 97 16.40 -0.94 2.11
CA ILE A 97 17.15 -0.82 3.37
C ILE A 97 17.55 -2.21 3.91
N TYR A 98 16.58 -3.09 4.18
CA TYR A 98 16.82 -4.37 4.85
C TYR A 98 17.50 -5.42 3.94
N ASN A 99 17.01 -5.59 2.71
CA ASN A 99 17.52 -6.56 1.73
C ASN A 99 18.50 -5.89 0.74
N LYS A 100 19.44 -6.67 0.21
CA LYS A 100 20.52 -6.22 -0.69
C LYS A 100 20.03 -6.10 -2.15
N PRO A 101 20.67 -5.28 -3.00
CA PRO A 101 20.28 -5.07 -4.40
C PRO A 101 20.36 -6.31 -5.31
N THR A 102 20.79 -7.45 -4.78
CA THR A 102 20.92 -8.76 -5.44
C THR A 102 19.95 -9.81 -4.89
N ASP A 103 19.18 -9.51 -3.83
CA ASP A 103 18.13 -10.39 -3.31
C ASP A 103 16.88 -10.33 -4.21
N ASP A 104 16.20 -11.47 -4.39
CA ASP A 104 15.02 -11.57 -5.28
C ASP A 104 13.91 -10.59 -4.88
N ILE A 105 13.58 -10.51 -3.59
CA ILE A 105 12.60 -9.58 -3.01
C ILE A 105 12.85 -8.09 -3.34
N VAL A 106 14.11 -7.68 -3.57
CA VAL A 106 14.43 -6.33 -4.03
C VAL A 106 14.10 -6.17 -5.51
N LEU A 107 14.45 -7.14 -6.36
CA LEU A 107 14.08 -7.11 -7.79
C LEU A 107 12.55 -7.12 -7.96
N MET A 108 11.82 -7.84 -7.10
CA MET A 108 10.36 -7.81 -6.99
C MET A 108 9.85 -6.39 -6.66
N ALA A 109 10.40 -5.75 -5.62
CA ALA A 109 10.04 -4.39 -5.24
C ALA A 109 10.36 -3.36 -6.34
N GLN A 110 11.50 -3.50 -7.03
CA GLN A 110 11.86 -2.67 -8.19
C GLN A 110 10.85 -2.82 -9.34
N ALA A 111 10.51 -4.06 -9.72
CA ALA A 111 9.55 -4.34 -10.79
C ALA A 111 8.15 -3.79 -10.49
N LEU A 112 7.67 -3.95 -9.25
CA LEU A 112 6.42 -3.37 -8.78
C LEU A 112 6.47 -1.82 -8.76
N GLU A 113 7.54 -1.22 -8.25
CA GLU A 113 7.64 0.24 -8.11
C GLU A 113 7.65 0.97 -9.47
N LYS A 114 8.29 0.41 -10.50
CA LYS A 114 8.25 0.95 -11.88
C LYS A 114 6.81 1.05 -12.38
N ILE A 115 6.04 -0.03 -12.23
CA ILE A 115 4.62 -0.09 -12.63
C ILE A 115 3.77 0.84 -11.78
N PHE A 116 3.98 0.88 -10.45
CA PHE A 116 3.33 1.83 -9.55
C PHE A 116 3.47 3.27 -10.06
N LEU A 117 4.70 3.72 -10.34
CA LEU A 117 4.97 5.05 -10.87
C LEU A 117 4.31 5.27 -12.25
N GLN A 118 4.36 4.29 -13.17
CA GLN A 118 3.75 4.40 -14.50
C GLN A 118 2.22 4.57 -14.43
N LYS A 119 1.56 3.94 -13.45
CA LYS A 119 0.12 4.07 -13.19
C LYS A 119 -0.24 5.41 -12.55
N VAL A 120 0.37 5.80 -11.42
CA VAL A 120 0.03 7.08 -10.75
C VAL A 120 0.37 8.30 -11.61
N ALA A 121 1.33 8.17 -12.54
CA ALA A 121 1.61 9.18 -13.55
C ALA A 121 0.40 9.50 -14.44
N GLN A 122 -0.46 8.51 -14.68
CA GLN A 122 -1.71 8.64 -15.43
C GLN A 122 -2.91 9.00 -14.54
N MET A 123 -2.78 8.92 -13.20
CA MET A 123 -3.81 9.35 -12.25
C MET A 123 -4.03 10.88 -12.34
N PRO A 124 -5.28 11.37 -12.32
CA PRO A 124 -5.58 12.80 -12.43
C PRO A 124 -5.08 13.57 -11.18
N GLN A 125 -4.37 14.66 -11.43
CA GLN A 125 -3.81 15.56 -10.40
C GLN A 125 -4.91 16.33 -9.63
N GLU A 126 -6.02 16.61 -10.32
CA GLU A 126 -7.23 17.21 -9.77
C GLU A 126 -8.09 16.22 -8.96
N GLU A 127 -8.95 16.75 -8.09
CA GLU A 127 -9.88 15.98 -7.26
C GLU A 127 -11.33 16.27 -7.68
N VAL A 128 -12.16 15.22 -7.70
CA VAL A 128 -13.60 15.33 -7.87
C VAL A 128 -14.32 14.26 -7.04
N GLU A 129 -15.37 14.70 -6.34
CA GLU A 129 -16.29 13.90 -5.54
C GLU A 129 -17.09 12.92 -6.44
N LEU A 130 -17.09 11.63 -6.07
CA LEU A 130 -17.75 10.58 -6.85
C LEU A 130 -19.29 10.59 -6.72
N LEU A 131 -19.97 10.24 -7.81
CA LEU A 131 -21.42 9.98 -7.83
C LEU A 131 -21.77 8.67 -7.09
N PRO A 132 -23.00 8.53 -6.55
CA PRO A 132 -23.41 7.33 -5.79
C PRO A 132 -23.73 6.14 -6.71
N PRO A 133 -23.53 4.89 -6.25
CA PRO A 133 -23.85 3.67 -7.02
C PRO A 133 -25.36 3.44 -7.14
N ALA A 134 -25.76 2.61 -8.11
CA ALA A 134 -27.14 2.19 -8.31
C ALA A 134 -27.66 1.31 -7.13
N PRO A 135 -28.95 1.41 -6.76
CA PRO A 135 -29.52 0.66 -5.63
C PRO A 135 -29.71 -0.84 -5.97
N LYS A 136 -29.47 -1.70 -4.97
CA LYS A 136 -29.69 -3.17 -5.00
C LYS A 136 -30.13 -3.68 -3.62
N GLY A 137 -30.63 -4.92 -3.56
CA GLY A 137 -31.09 -5.55 -2.30
C GLY A 137 -31.58 -7.00 -2.40
N LYS A 138 -31.70 -7.58 -3.61
CA LYS A 138 -32.13 -8.97 -3.87
C LYS A 138 -31.39 -9.55 -5.08
N GLY A 1 5.52 -2.93 27.06
CA GLY A 1 4.79 -3.76 26.06
C GLY A 1 5.57 -3.88 24.76
N SER A 2 4.87 -3.99 23.63
CA SER A 2 5.40 -4.23 22.27
C SER A 2 6.08 -3.01 21.61
N SER A 3 6.83 -2.21 22.38
CA SER A 3 7.55 -0.99 21.95
C SER A 3 6.67 0.04 21.21
N GLY A 4 5.38 0.10 21.55
CA GLY A 4 4.41 1.04 20.95
C GLY A 4 4.03 0.73 19.49
N SER A 5 4.08 -0.53 19.08
CA SER A 5 3.73 -1.01 17.73
C SER A 5 2.33 -0.56 17.26
N SER A 6 2.24 -0.15 15.98
CA SER A 6 1.00 0.34 15.32
C SER A 6 0.93 -0.12 13.85
N GLY A 7 -0.29 -0.19 13.31
CA GLY A 7 -0.55 -0.61 11.93
C GLY A 7 -2.03 -0.53 11.52
N GLU A 8 -2.74 0.48 12.03
CA GLU A 8 -4.18 0.68 11.79
C GLU A 8 -4.57 0.95 10.32
N VAL A 9 -5.83 0.64 9.98
CA VAL A 9 -6.39 0.69 8.61
C VAL A 9 -7.79 1.29 8.54
N SER A 10 -8.48 1.36 9.67
CA SER A 10 -9.82 1.95 9.82
C SER A 10 -10.00 2.49 11.23
N ASN A 11 -10.35 3.78 11.33
CA ASN A 11 -10.41 4.52 12.59
C ASN A 11 -11.39 5.71 12.46
N PRO A 12 -12.44 5.80 13.31
CA PRO A 12 -13.35 6.92 13.36
C PRO A 12 -12.70 8.11 14.08
N SER A 13 -13.48 9.17 14.27
CA SER A 13 -13.06 10.50 14.74
C SER A 13 -11.86 11.11 13.96
N LYS A 14 -11.66 10.67 12.72
CA LYS A 14 -10.58 11.07 11.79
C LYS A 14 -11.19 11.46 10.42
N PRO A 15 -10.78 12.58 9.80
CA PRO A 15 -11.27 12.98 8.49
C PRO A 15 -10.76 12.06 7.37
N GLY A 16 -11.62 11.81 6.39
CA GLY A 16 -11.36 11.02 5.18
C GLY A 16 -12.64 10.40 4.61
N ARG A 17 -12.59 10.06 3.32
CA ARG A 17 -13.72 9.56 2.51
C ARG A 17 -13.26 9.09 1.12
N LYS A 18 -14.11 8.36 0.41
CA LYS A 18 -13.89 7.95 -1.00
C LYS A 18 -13.91 9.14 -1.96
N THR A 19 -12.99 9.14 -2.93
CA THR A 19 -12.85 10.15 -4.00
C THR A 19 -12.31 9.51 -5.28
N ASN A 20 -12.42 10.21 -6.42
CA ASN A 20 -11.93 9.75 -7.72
C ASN A 20 -10.46 9.27 -7.72
N GLN A 21 -9.57 9.94 -6.98
CA GLN A 21 -8.15 9.56 -6.90
C GLN A 21 -7.96 8.29 -6.06
N LEU A 22 -8.63 8.17 -4.91
CA LEU A 22 -8.60 6.95 -4.10
C LEU A 22 -9.25 5.75 -4.83
N GLN A 23 -10.26 5.99 -5.67
CA GLN A 23 -10.77 4.98 -6.60
C GLN A 23 -9.65 4.53 -7.56
N TYR A 24 -8.99 5.47 -8.26
CA TYR A 24 -7.91 5.14 -9.19
C TYR A 24 -6.79 4.31 -8.52
N MET A 25 -6.41 4.63 -7.29
CA MET A 25 -5.50 3.80 -6.48
C MET A 25 -6.04 2.38 -6.30
N GLN A 26 -7.25 2.20 -5.76
CA GLN A 26 -7.80 0.89 -5.40
C GLN A 26 -8.33 0.06 -6.60
N ASN A 27 -8.43 0.66 -7.79
CA ASN A 27 -9.10 0.11 -8.97
C ASN A 27 -8.14 -0.12 -10.15
N VAL A 28 -7.01 0.61 -10.19
CA VAL A 28 -6.01 0.49 -11.25
C VAL A 28 -4.62 0.25 -10.68
N VAL A 29 -4.14 1.11 -9.79
CA VAL A 29 -2.77 1.04 -9.24
C VAL A 29 -2.56 -0.26 -8.45
N VAL A 30 -3.35 -0.45 -7.39
CA VAL A 30 -3.37 -1.69 -6.60
C VAL A 30 -3.74 -2.89 -7.47
N LYS A 31 -4.77 -2.77 -8.30
CA LYS A 31 -5.28 -3.89 -9.11
C LYS A 31 -4.21 -4.50 -10.02
N THR A 32 -3.49 -3.68 -10.78
CA THR A 32 -2.39 -4.17 -11.63
C THR A 32 -1.21 -4.70 -10.80
N LEU A 33 -0.81 -4.00 -9.74
CA LEU A 33 0.30 -4.44 -8.87
C LEU A 33 -0.01 -5.78 -8.16
N TRP A 34 -1.26 -6.03 -7.78
CA TRP A 34 -1.75 -7.29 -7.19
C TRP A 34 -1.82 -8.45 -8.19
N LYS A 35 -2.00 -8.17 -9.49
CA LYS A 35 -2.02 -9.20 -10.56
C LYS A 35 -0.63 -9.56 -11.09
N HIS A 36 0.41 -8.87 -10.64
CA HIS A 36 1.81 -9.10 -11.04
C HIS A 36 2.34 -10.49 -10.64
N GLN A 37 3.36 -10.96 -11.35
CA GLN A 37 4.11 -12.20 -11.07
C GLN A 37 4.73 -12.23 -9.66
N PHE A 38 4.98 -11.06 -9.05
CA PHE A 38 5.74 -10.89 -7.80
C PHE A 38 4.95 -10.17 -6.69
N ALA A 39 3.62 -10.11 -6.78
CA ALA A 39 2.75 -9.52 -5.77
C ALA A 39 2.66 -10.34 -4.45
N TRP A 40 2.89 -11.66 -4.52
CA TRP A 40 2.65 -12.61 -3.43
C TRP A 40 3.40 -12.39 -2.10
N PRO A 41 4.67 -11.92 -2.03
CA PRO A 41 5.31 -11.60 -0.75
C PRO A 41 4.80 -10.28 -0.11
N PHE A 42 3.91 -9.55 -0.79
CA PHE A 42 3.32 -8.29 -0.32
C PHE A 42 1.82 -8.42 0.03
N TYR A 43 1.18 -9.57 -0.22
CA TYR A 43 -0.25 -9.80 0.08
C TYR A 43 -0.61 -9.73 1.57
N GLN A 44 0.39 -9.79 2.46
CA GLN A 44 0.23 -9.79 3.93
C GLN A 44 1.37 -8.97 4.58
N PRO A 45 1.17 -8.43 5.80
CA PRO A 45 2.24 -7.76 6.55
C PRO A 45 3.36 -8.73 6.93
N VAL A 46 4.62 -8.26 6.92
CA VAL A 46 5.79 -9.04 7.34
C VAL A 46 5.67 -9.48 8.82
N ASP A 47 5.58 -10.79 9.04
CA ASP A 47 5.69 -11.40 10.38
C ASP A 47 7.15 -11.79 10.63
N ALA A 48 7.85 -11.01 11.45
CA ALA A 48 9.26 -11.23 11.79
C ALA A 48 9.52 -12.63 12.39
N ILE A 49 8.53 -13.22 13.08
CA ILE A 49 8.59 -14.60 13.61
C ILE A 49 8.65 -15.64 12.48
N LYS A 50 7.76 -15.53 11.48
CA LYS A 50 7.64 -16.47 10.35
C LYS A 50 8.88 -16.48 9.44
N LEU A 51 9.50 -15.32 9.24
CA LEU A 51 10.72 -15.13 8.45
C LEU A 51 12.00 -15.27 9.30
N ASN A 52 11.86 -15.50 10.61
CA ASN A 52 12.96 -15.63 11.57
C ASN A 52 13.95 -14.43 11.55
N LEU A 53 13.40 -13.22 11.66
CA LEU A 53 14.12 -11.94 11.65
C LEU A 53 14.14 -11.33 13.07
N PRO A 54 15.20 -11.56 13.87
CA PRO A 54 15.20 -11.20 15.29
C PRO A 54 15.24 -9.68 15.56
N ASP A 55 15.53 -8.86 14.54
CA ASP A 55 15.74 -7.41 14.66
C ASP A 55 15.05 -6.62 13.52
N TYR A 56 14.03 -7.19 12.85
CA TYR A 56 13.34 -6.58 11.70
C TYR A 56 12.97 -5.10 11.91
N HIS A 57 12.32 -4.79 13.04
CA HIS A 57 11.84 -3.44 13.37
C HIS A 57 12.94 -2.45 13.79
N LYS A 58 14.15 -2.92 14.15
CA LYS A 58 15.30 -2.05 14.44
C LYS A 58 15.81 -1.35 13.18
N ILE A 59 15.82 -2.07 12.06
CA ILE A 59 16.19 -1.55 10.73
C ILE A 59 15.00 -0.82 10.10
N ILE A 60 13.79 -1.41 10.14
CA ILE A 60 12.59 -0.85 9.51
C ILE A 60 11.71 -0.10 10.52
N LYS A 61 11.88 1.22 10.53
CA LYS A 61 11.15 2.19 11.37
C LYS A 61 9.63 2.24 11.08
N ASN A 62 9.23 2.02 9.83
CA ASN A 62 7.87 2.21 9.33
C ASN A 62 7.50 1.08 8.34
N PRO A 63 7.21 -0.13 8.84
CA PRO A 63 6.87 -1.30 8.03
C PRO A 63 5.52 -1.11 7.31
N MET A 64 5.43 -1.60 6.07
CA MET A 64 4.32 -1.34 5.15
C MET A 64 4.27 -2.44 4.07
N ASP A 65 3.07 -2.96 3.75
CA ASP A 65 2.85 -4.06 2.79
C ASP A 65 1.51 -3.88 2.04
N MET A 66 1.44 -4.37 0.79
CA MET A 66 0.32 -4.12 -0.13
C MET A 66 -1.03 -4.58 0.43
N GLY A 67 -1.05 -5.71 1.16
CA GLY A 67 -2.23 -6.23 1.87
C GLY A 67 -2.78 -5.30 2.95
N THR A 68 -1.93 -4.44 3.53
CA THR A 68 -2.34 -3.36 4.44
C THR A 68 -2.81 -2.14 3.64
N ILE A 69 -2.12 -1.76 2.56
CA ILE A 69 -2.48 -0.61 1.69
C ILE A 69 -3.92 -0.73 1.16
N LYS A 70 -4.27 -1.87 0.55
CA LYS A 70 -5.65 -2.10 0.08
C LYS A 70 -6.71 -2.00 1.19
N LYS A 71 -6.38 -2.43 2.40
CA LYS A 71 -7.31 -2.45 3.54
C LYS A 71 -7.65 -1.04 4.05
N ARG A 72 -6.72 -0.08 4.02
CA ARG A 72 -7.02 1.34 4.29
C ARG A 72 -7.73 2.06 3.13
N LEU A 73 -7.47 1.69 1.88
CA LEU A 73 -8.27 2.16 0.72
C LEU A 73 -9.74 1.69 0.78
N GLU A 74 -10.00 0.47 1.25
CA GLU A 74 -11.33 -0.11 1.43
C GLU A 74 -12.10 0.42 2.66
N ASN A 75 -11.58 1.46 3.32
CA ASN A 75 -12.13 2.12 4.51
C ASN A 75 -12.03 3.64 4.42
N ASN A 76 -12.73 4.35 5.31
CA ASN A 76 -12.54 5.79 5.51
C ASN A 76 -11.30 6.00 6.42
N TYR A 77 -10.22 6.55 5.85
CA TYR A 77 -8.92 6.62 6.54
C TYR A 77 -8.10 7.87 6.13
N TYR A 78 -8.17 8.24 4.85
CA TYR A 78 -7.66 9.50 4.28
C TYR A 78 -8.64 10.08 3.24
N TRP A 79 -8.35 11.29 2.75
CA TRP A 79 -9.15 12.03 1.77
C TRP A 79 -8.46 12.10 0.39
N SER A 80 -7.14 11.91 0.36
CA SER A 80 -6.26 12.11 -0.80
C SER A 80 -5.35 10.89 -1.05
N ALA A 81 -5.20 10.54 -2.33
CA ALA A 81 -4.37 9.43 -2.79
C ALA A 81 -2.86 9.61 -2.56
N SER A 82 -2.39 10.84 -2.30
CA SER A 82 -0.99 11.14 -1.92
C SER A 82 -0.48 10.34 -0.72
N GLU A 83 -1.39 9.89 0.17
CA GLU A 83 -1.06 9.07 1.33
C GLU A 83 -0.90 7.57 0.95
N CYS A 84 -1.79 7.06 0.09
CA CYS A 84 -1.63 5.74 -0.52
C CYS A 84 -0.33 5.64 -1.35
N MET A 85 -0.01 6.68 -2.12
CA MET A 85 1.24 6.76 -2.90
C MET A 85 2.50 6.69 -2.00
N GLN A 86 2.50 7.42 -0.88
CA GLN A 86 3.63 7.42 0.06
C GLN A 86 3.75 6.10 0.85
N ASP A 87 2.64 5.38 1.08
CA ASP A 87 2.66 4.03 1.62
C ASP A 87 3.29 3.04 0.61
N PHE A 88 2.94 3.12 -0.69
CA PHE A 88 3.60 2.36 -1.74
C PHE A 88 5.11 2.64 -1.82
N ASN A 89 5.53 3.92 -1.81
CA ASN A 89 6.95 4.28 -1.82
C ASN A 89 7.68 3.75 -0.58
N THR A 90 7.04 3.80 0.60
CA THR A 90 7.58 3.26 1.86
C THR A 90 7.78 1.74 1.79
N MET A 91 6.80 0.99 1.27
CA MET A 91 6.90 -0.46 1.08
C MET A 91 8.10 -0.88 0.24
N PHE A 92 8.26 -0.30 -0.96
CA PHE A 92 9.39 -0.61 -1.85
C PHE A 92 10.73 -0.11 -1.30
N THR A 93 10.71 1.03 -0.60
CA THR A 93 11.89 1.57 0.11
C THR A 93 12.41 0.59 1.18
N ASN A 94 11.52 0.12 2.06
CA ASN A 94 11.88 -0.79 3.14
C ASN A 94 12.53 -2.08 2.63
N CYS A 95 12.06 -2.59 1.49
CA CYS A 95 12.65 -3.73 0.79
C CYS A 95 14.13 -3.50 0.44
N TYR A 96 14.48 -2.30 -0.06
CA TYR A 96 15.86 -1.90 -0.38
C TYR A 96 16.74 -1.70 0.86
N ILE A 97 16.17 -1.29 2.00
CA ILE A 97 16.90 -1.08 3.26
C ILE A 97 17.27 -2.42 3.90
N TYR A 98 16.29 -3.28 4.20
CA TYR A 98 16.50 -4.52 4.95
C TYR A 98 17.33 -5.57 4.18
N ASN A 99 17.24 -5.60 2.84
CA ASN A 99 17.79 -6.68 2.00
C ASN A 99 18.94 -6.20 1.10
N LYS A 100 19.73 -7.15 0.58
CA LYS A 100 20.82 -6.91 -0.36
C LYS A 100 20.27 -6.44 -1.72
N PRO A 101 20.99 -5.59 -2.48
CA PRO A 101 20.50 -5.03 -3.75
C PRO A 101 20.32 -6.07 -4.89
N THR A 102 20.73 -7.32 -4.65
CA THR A 102 20.65 -8.46 -5.58
C THR A 102 19.70 -9.57 -5.09
N ASP A 103 19.08 -9.42 -3.92
CA ASP A 103 18.06 -10.35 -3.42
C ASP A 103 16.79 -10.31 -4.30
N ASP A 104 16.10 -11.44 -4.45
CA ASP A 104 14.88 -11.55 -5.24
C ASP A 104 13.83 -10.49 -4.84
N ILE A 105 13.56 -10.32 -3.55
CA ILE A 105 12.57 -9.36 -3.03
C ILE A 105 12.86 -7.89 -3.43
N VAL A 106 14.13 -7.52 -3.61
CA VAL A 106 14.50 -6.20 -4.12
C VAL A 106 14.16 -6.09 -5.61
N LEU A 107 14.52 -7.07 -6.42
CA LEU A 107 14.19 -7.08 -7.85
C LEU A 107 12.66 -7.09 -8.09
N MET A 108 11.91 -7.79 -7.25
CA MET A 108 10.45 -7.75 -7.18
C MET A 108 9.93 -6.32 -6.89
N ALA A 109 10.45 -5.68 -5.83
CA ALA A 109 10.09 -4.31 -5.48
C ALA A 109 10.46 -3.30 -6.58
N GLN A 110 11.61 -3.45 -7.25
CA GLN A 110 11.99 -2.63 -8.39
C GLN A 110 11.01 -2.77 -9.57
N ALA A 111 10.64 -4.01 -9.93
CA ALA A 111 9.69 -4.30 -11.00
C ALA A 111 8.29 -3.71 -10.72
N LEU A 112 7.78 -3.90 -9.49
CA LEU A 112 6.52 -3.34 -9.03
C LEU A 112 6.56 -1.80 -8.96
N GLU A 113 7.62 -1.20 -8.40
CA GLU A 113 7.70 0.25 -8.24
C GLU A 113 7.75 1.00 -9.58
N LYS A 114 8.41 0.45 -10.61
CA LYS A 114 8.38 1.00 -11.97
C LYS A 114 6.94 1.05 -12.52
N ILE A 115 6.15 -0.01 -12.35
CA ILE A 115 4.75 -0.05 -12.76
C ILE A 115 3.90 0.91 -11.93
N PHE A 116 4.10 0.95 -10.61
CA PHE A 116 3.45 1.93 -9.72
C PHE A 116 3.63 3.37 -10.24
N LEU A 117 4.87 3.77 -10.53
CA LEU A 117 5.17 5.10 -11.07
C LEU A 117 4.50 5.35 -12.45
N GLN A 118 4.50 4.37 -13.36
CA GLN A 118 3.78 4.46 -14.65
C GLN A 118 2.27 4.63 -14.48
N LYS A 119 1.67 3.98 -13.47
CA LYS A 119 0.24 4.08 -13.16
C LYS A 119 -0.12 5.43 -12.53
N VAL A 120 0.56 5.88 -11.48
CA VAL A 120 0.26 7.19 -10.85
C VAL A 120 0.60 8.37 -11.76
N ALA A 121 1.54 8.19 -12.70
CA ALA A 121 1.81 9.19 -13.74
C ALA A 121 0.57 9.49 -14.61
N GLN A 122 -0.33 8.51 -14.72
CA GLN A 122 -1.58 8.60 -15.48
C GLN A 122 -2.79 8.88 -14.58
N MET A 123 -2.60 9.07 -13.26
CA MET A 123 -3.63 9.50 -12.31
C MET A 123 -4.28 10.84 -12.74
N PRO A 124 -5.61 10.99 -12.56
CA PRO A 124 -6.28 12.29 -12.72
C PRO A 124 -5.83 13.24 -11.61
N GLN A 125 -5.26 14.40 -11.99
CA GLN A 125 -4.61 15.34 -11.06
C GLN A 125 -5.58 16.09 -10.12
N GLU A 126 -6.87 16.12 -10.45
CA GLU A 126 -7.93 16.78 -9.68
C GLU A 126 -8.64 15.80 -8.72
N GLU A 127 -9.31 16.33 -7.69
CA GLU A 127 -9.96 15.57 -6.62
C GLU A 127 -11.47 15.89 -6.58
N VAL A 128 -12.32 14.85 -6.56
CA VAL A 128 -13.78 14.98 -6.52
C VAL A 128 -14.46 13.76 -5.86
N GLU A 129 -15.63 13.99 -5.26
CA GLU A 129 -16.54 12.94 -4.74
C GLU A 129 -16.97 11.95 -5.84
N LEU A 130 -17.00 10.66 -5.51
CA LEU A 130 -17.60 9.61 -6.35
C LEU A 130 -19.14 9.59 -6.27
N LEU A 131 -19.80 9.39 -7.41
CA LEU A 131 -21.24 9.11 -7.49
C LEU A 131 -21.54 7.63 -7.08
N PRO A 132 -22.75 7.32 -6.58
CA PRO A 132 -23.11 5.97 -6.15
C PRO A 132 -23.40 5.03 -7.35
N PRO A 133 -23.18 3.71 -7.21
CA PRO A 133 -23.41 2.74 -8.29
C PRO A 133 -24.91 2.50 -8.55
N ALA A 134 -25.22 2.02 -9.76
CA ALA A 134 -26.57 1.64 -10.18
C ALA A 134 -27.06 0.33 -9.50
N PRO A 135 -28.39 0.14 -9.35
CA PRO A 135 -28.97 -1.13 -8.89
C PRO A 135 -28.88 -2.23 -9.97
N LYS A 136 -29.23 -3.48 -9.58
CA LYS A 136 -29.32 -4.63 -10.49
C LYS A 136 -30.36 -4.43 -11.60
N GLY A 137 -30.16 -5.10 -12.73
CA GLY A 137 -31.03 -5.05 -13.92
C GLY A 137 -32.08 -6.16 -13.96
N LYS A 138 -32.81 -6.25 -15.08
CA LYS A 138 -33.83 -7.27 -15.37
C LYS A 138 -33.26 -8.70 -15.31
N GLY A 1 7.14 -3.48 23.76
CA GLY A 1 6.71 -3.42 22.35
C GLY A 1 5.42 -2.63 22.20
N SER A 2 5.37 -1.72 21.22
CA SER A 2 4.23 -0.82 20.96
C SER A 2 4.15 -0.43 19.47
N SER A 3 3.83 -1.41 18.62
CA SER A 3 3.73 -1.27 17.15
C SER A 3 2.57 -2.10 16.58
N GLY A 4 2.20 -1.85 15.31
CA GLY A 4 1.17 -2.56 14.56
C GLY A 4 -0.28 -2.14 14.88
N SER A 5 -0.57 -1.77 16.13
CA SER A 5 -1.88 -1.23 16.54
C SER A 5 -2.12 0.21 16.07
N SER A 6 -1.06 1.03 16.04
CA SER A 6 -1.05 2.37 15.43
C SER A 6 -1.01 2.28 13.89
N GLY A 7 -1.55 3.29 13.20
CA GLY A 7 -1.69 3.26 11.73
C GLY A 7 -2.87 2.37 11.29
N GLU A 8 -3.96 2.40 12.04
CA GLU A 8 -5.21 1.67 11.78
C GLU A 8 -5.80 1.89 10.37
N VAL A 9 -6.62 0.94 9.92
CA VAL A 9 -7.13 0.87 8.54
C VAL A 9 -8.50 1.53 8.35
N SER A 10 -9.19 1.82 9.45
CA SER A 10 -10.54 2.40 9.49
C SER A 10 -10.64 3.55 10.50
N ASN A 11 -11.59 4.45 10.27
CA ASN A 11 -11.72 5.75 10.94
C ASN A 11 -13.08 5.91 11.67
N PRO A 12 -13.13 5.75 13.01
CA PRO A 12 -14.33 6.02 13.80
C PRO A 12 -14.64 7.52 13.95
N SER A 13 -13.60 8.39 13.88
CA SER A 13 -13.71 9.84 14.11
C SER A 13 -12.85 10.73 13.18
N LYS A 14 -11.75 10.20 12.61
CA LYS A 14 -10.89 10.94 11.66
C LYS A 14 -11.66 11.29 10.37
N PRO A 15 -11.62 12.55 9.87
CA PRO A 15 -12.36 12.96 8.69
C PRO A 15 -11.74 12.43 7.38
N GLY A 16 -12.58 12.31 6.34
CA GLY A 16 -12.21 11.85 5.00
C GLY A 16 -13.43 11.61 4.12
N ARG A 17 -13.19 11.32 2.84
CA ARG A 17 -14.20 10.91 1.85
C ARG A 17 -13.57 10.09 0.73
N LYS A 18 -14.35 9.27 0.04
CA LYS A 18 -13.89 8.63 -1.21
C LYS A 18 -13.91 9.64 -2.36
N THR A 19 -12.92 9.54 -3.24
CA THR A 19 -12.76 10.40 -4.42
C THR A 19 -12.30 9.56 -5.61
N ASN A 20 -12.40 10.12 -6.81
CA ASN A 20 -11.83 9.52 -8.02
C ASN A 20 -10.34 9.14 -7.87
N GLN A 21 -9.56 9.88 -7.07
CA GLN A 21 -8.16 9.59 -6.81
C GLN A 21 -8.00 8.30 -5.98
N LEU A 22 -8.73 8.16 -4.87
CA LEU A 22 -8.73 6.92 -4.07
C LEU A 22 -9.34 5.73 -4.82
N GLN A 23 -10.33 5.98 -5.70
CA GLN A 23 -10.83 4.96 -6.62
C GLN A 23 -9.72 4.48 -7.57
N TYR A 24 -9.01 5.40 -8.23
CA TYR A 24 -7.91 5.07 -9.15
C TYR A 24 -6.80 4.26 -8.45
N MET A 25 -6.44 4.60 -7.21
CA MET A 25 -5.52 3.80 -6.39
C MET A 25 -6.03 2.36 -6.22
N GLN A 26 -7.28 2.15 -5.81
CA GLN A 26 -7.82 0.82 -5.50
C GLN A 26 -8.31 0.02 -6.73
N ASN A 27 -8.41 0.66 -7.89
CA ASN A 27 -9.06 0.13 -9.11
C ASN A 27 -8.11 0.00 -10.31
N VAL A 28 -6.96 0.68 -10.25
CA VAL A 28 -5.94 0.60 -11.30
C VAL A 28 -4.56 0.32 -10.69
N VAL A 29 -4.12 1.13 -9.72
CA VAL A 29 -2.75 1.06 -9.18
C VAL A 29 -2.55 -0.23 -8.36
N VAL A 30 -3.25 -0.38 -7.23
CA VAL A 30 -3.27 -1.61 -6.43
C VAL A 30 -3.74 -2.78 -7.28
N LYS A 31 -4.81 -2.61 -8.05
CA LYS A 31 -5.42 -3.71 -8.84
C LYS A 31 -4.45 -4.31 -9.86
N THR A 32 -3.63 -3.50 -10.53
CA THR A 32 -2.58 -3.99 -11.43
C THR A 32 -1.41 -4.59 -10.67
N LEU A 33 -0.93 -3.92 -9.62
CA LEU A 33 0.20 -4.40 -8.79
C LEU A 33 -0.12 -5.73 -8.09
N TRP A 34 -1.38 -5.97 -7.70
CA TRP A 34 -1.88 -7.22 -7.12
C TRP A 34 -1.92 -8.38 -8.11
N LYS A 35 -2.15 -8.09 -9.41
CA LYS A 35 -2.16 -9.09 -10.50
C LYS A 35 -0.75 -9.43 -11.03
N HIS A 36 0.30 -8.74 -10.56
CA HIS A 36 1.69 -8.94 -10.99
C HIS A 36 2.24 -10.33 -10.64
N GLN A 37 3.26 -10.77 -11.37
CA GLN A 37 3.99 -12.02 -11.15
C GLN A 37 4.67 -12.12 -9.77
N PHE A 38 4.96 -10.98 -9.13
CA PHE A 38 5.73 -10.87 -7.88
C PHE A 38 4.98 -10.14 -6.75
N ALA A 39 3.66 -10.05 -6.83
CA ALA A 39 2.79 -9.45 -5.83
C ALA A 39 2.68 -10.27 -4.52
N TRP A 40 2.88 -11.58 -4.61
CA TRP A 40 2.62 -12.55 -3.53
C TRP A 40 3.36 -12.36 -2.19
N PRO A 41 4.62 -11.88 -2.10
CA PRO A 41 5.26 -11.60 -0.81
C PRO A 41 4.78 -10.30 -0.14
N PHE A 42 3.87 -9.55 -0.78
CA PHE A 42 3.28 -8.30 -0.28
C PHE A 42 1.76 -8.42 -0.01
N TYR A 43 1.13 -9.56 -0.29
CA TYR A 43 -0.32 -9.79 -0.06
C TYR A 43 -0.77 -9.73 1.43
N GLN A 44 0.19 -9.63 2.35
CA GLN A 44 0.00 -9.78 3.80
C GLN A 44 1.17 -9.11 4.55
N PRO A 45 1.01 -8.72 5.83
CA PRO A 45 2.09 -8.15 6.63
C PRO A 45 3.21 -9.16 6.89
N VAL A 46 4.47 -8.70 6.87
CA VAL A 46 5.65 -9.51 7.23
C VAL A 46 5.55 -10.02 8.68
N ASP A 47 5.95 -11.27 8.90
CA ASP A 47 6.14 -11.88 10.22
C ASP A 47 7.63 -12.22 10.42
N ALA A 48 8.31 -11.43 11.26
CA ALA A 48 9.72 -11.63 11.61
C ALA A 48 10.01 -13.02 12.22
N ILE A 49 9.03 -13.64 12.88
CA ILE A 49 9.09 -15.01 13.40
C ILE A 49 9.20 -16.04 12.25
N LYS A 50 8.31 -15.93 11.25
CA LYS A 50 8.25 -16.85 10.09
C LYS A 50 9.51 -16.76 9.21
N LEU A 51 10.00 -15.54 8.99
CA LEU A 51 11.19 -15.26 8.18
C LEU A 51 12.51 -15.30 8.98
N ASN A 52 12.46 -15.56 10.29
CA ASN A 52 13.59 -15.63 11.21
C ASN A 52 14.52 -14.38 11.15
N LEU A 53 13.93 -13.21 11.42
CA LEU A 53 14.57 -11.88 11.35
C LEU A 53 14.63 -11.25 12.76
N PRO A 54 15.65 -11.59 13.58
CA PRO A 54 15.72 -11.25 15.01
C PRO A 54 15.90 -9.75 15.32
N ASP A 55 16.12 -8.90 14.31
CA ASP A 55 16.31 -7.45 14.42
C ASP A 55 15.42 -6.67 13.43
N TYR A 56 14.36 -7.29 12.89
CA TYR A 56 13.50 -6.72 11.84
C TYR A 56 13.07 -5.26 12.12
N HIS A 57 12.43 -5.02 13.27
CA HIS A 57 11.94 -3.69 13.69
C HIS A 57 13.04 -2.73 14.20
N LYS A 58 14.30 -3.16 14.27
CA LYS A 58 15.44 -2.30 14.62
C LYS A 58 15.96 -1.56 13.39
N ILE A 59 16.06 -2.26 12.25
CA ILE A 59 16.41 -1.67 10.95
C ILE A 59 15.18 -1.03 10.29
N ILE A 60 14.05 -1.76 10.20
CA ILE A 60 12.81 -1.22 9.62
C ILE A 60 12.18 -0.20 10.58
N LYS A 61 12.14 1.05 10.12
CA LYS A 61 11.57 2.18 10.87
C LYS A 61 10.04 2.31 10.71
N ASN A 62 9.53 1.84 9.58
CA ASN A 62 8.15 2.03 9.11
C ASN A 62 7.70 0.88 8.19
N PRO A 63 7.28 -0.27 8.76
CA PRO A 63 6.85 -1.44 8.00
C PRO A 63 5.52 -1.18 7.27
N MET A 64 5.41 -1.63 6.03
CA MET A 64 4.24 -1.46 5.16
C MET A 64 4.19 -2.58 4.10
N ASP A 65 2.99 -3.09 3.80
CA ASP A 65 2.75 -4.19 2.85
C ASP A 65 1.43 -3.98 2.07
N MET A 66 1.36 -4.44 0.82
CA MET A 66 0.25 -4.18 -0.11
C MET A 66 -1.12 -4.64 0.43
N GLY A 67 -1.14 -5.76 1.17
CA GLY A 67 -2.32 -6.28 1.87
C GLY A 67 -2.89 -5.34 2.94
N THR A 68 -2.07 -4.42 3.46
CA THR A 68 -2.49 -3.36 4.41
C THR A 68 -2.75 -2.04 3.68
N ILE A 69 -2.01 -1.70 2.61
CA ILE A 69 -2.27 -0.53 1.75
C ILE A 69 -3.72 -0.55 1.24
N LYS A 70 -4.17 -1.68 0.67
CA LYS A 70 -5.54 -1.84 0.17
C LYS A 70 -6.62 -1.71 1.27
N LYS A 71 -6.32 -2.14 2.50
CA LYS A 71 -7.30 -2.16 3.60
C LYS A 71 -7.71 -0.77 4.08
N ARG A 72 -6.82 0.23 4.00
CA ARG A 72 -7.16 1.65 4.22
C ARG A 72 -7.84 2.32 3.02
N LEU A 73 -7.62 1.85 1.79
CA LEU A 73 -8.41 2.26 0.60
C LEU A 73 -9.84 1.71 0.61
N GLU A 74 -10.06 0.53 1.20
CA GLU A 74 -11.39 -0.08 1.46
C GLU A 74 -12.21 0.68 2.52
N ASN A 75 -11.68 1.81 3.03
CA ASN A 75 -12.30 2.73 3.97
C ASN A 75 -12.17 4.19 3.45
N ASN A 76 -12.97 5.11 4.01
CA ASN A 76 -12.82 6.56 3.79
C ASN A 76 -11.74 7.18 4.72
N TYR A 77 -10.66 6.44 4.97
CA TYR A 77 -9.65 6.73 6.00
C TYR A 77 -8.93 8.09 5.82
N TYR A 78 -8.77 8.48 4.56
CA TYR A 78 -8.16 9.73 4.09
C TYR A 78 -9.03 10.40 3.02
N TRP A 79 -8.62 11.59 2.56
CA TRP A 79 -9.33 12.40 1.56
C TRP A 79 -8.69 12.29 0.15
N SER A 80 -7.39 11.99 0.07
CA SER A 80 -6.60 12.05 -1.18
C SER A 80 -5.56 10.93 -1.28
N ALA A 81 -5.29 10.50 -2.51
CA ALA A 81 -4.42 9.39 -2.87
C ALA A 81 -2.94 9.56 -2.52
N SER A 82 -2.45 10.78 -2.31
CA SER A 82 -1.05 11.04 -1.95
C SER A 82 -0.60 10.26 -0.70
N GLU A 83 -1.50 10.03 0.27
CA GLU A 83 -1.24 9.18 1.44
C GLU A 83 -0.97 7.72 1.05
N CYS A 84 -1.79 7.14 0.16
CA CYS A 84 -1.60 5.80 -0.39
C CYS A 84 -0.32 5.69 -1.25
N MET A 85 0.01 6.73 -2.01
CA MET A 85 1.24 6.79 -2.81
C MET A 85 2.50 6.82 -1.93
N GLN A 86 2.46 7.56 -0.81
CA GLN A 86 3.49 7.54 0.22
C GLN A 86 3.62 6.15 0.87
N ASP A 87 2.52 5.44 1.13
CA ASP A 87 2.57 4.07 1.67
C ASP A 87 3.22 3.07 0.69
N PHE A 88 2.95 3.18 -0.62
CA PHE A 88 3.67 2.42 -1.65
C PHE A 88 5.17 2.74 -1.67
N ASN A 89 5.54 4.03 -1.64
CA ASN A 89 6.94 4.45 -1.54
C ASN A 89 7.63 3.85 -0.29
N THR A 90 6.98 3.88 0.88
CA THR A 90 7.48 3.27 2.12
C THR A 90 7.63 1.75 2.02
N MET A 91 6.70 1.04 1.37
CA MET A 91 6.79 -0.41 1.18
C MET A 91 8.06 -0.81 0.39
N PHE A 92 8.29 -0.19 -0.78
CA PHE A 92 9.47 -0.49 -1.60
C PHE A 92 10.77 0.00 -0.93
N THR A 93 10.76 1.17 -0.30
CA THR A 93 11.94 1.75 0.37
C THR A 93 12.40 0.90 1.56
N ASN A 94 11.49 0.49 2.45
CA ASN A 94 11.87 -0.32 3.61
C ASN A 94 12.43 -1.70 3.20
N CYS A 95 11.93 -2.27 2.09
CA CYS A 95 12.51 -3.47 1.48
C CYS A 95 13.97 -3.27 1.00
N TYR A 96 14.29 -2.13 0.38
CA TYR A 96 15.65 -1.81 -0.09
C TYR A 96 16.65 -1.57 1.05
N ILE A 97 16.21 -1.03 2.19
CA ILE A 97 17.06 -0.80 3.37
C ILE A 97 17.57 -2.14 3.95
N TYR A 98 16.65 -3.03 4.32
CA TYR A 98 16.98 -4.27 5.03
C TYR A 98 17.76 -5.30 4.19
N ASN A 99 17.45 -5.40 2.89
CA ASN A 99 17.94 -6.47 2.02
C ASN A 99 19.07 -6.03 1.09
N LYS A 100 19.84 -7.00 0.56
CA LYS A 100 20.87 -6.79 -0.46
C LYS A 100 20.23 -6.35 -1.78
N PRO A 101 20.90 -5.52 -2.62
CA PRO A 101 20.35 -5.02 -3.88
C PRO A 101 20.10 -6.10 -4.95
N THR A 102 20.54 -7.34 -4.70
CA THR A 102 20.38 -8.52 -5.58
C THR A 102 19.51 -9.62 -4.97
N ASP A 103 18.95 -9.41 -3.77
CA ASP A 103 18.00 -10.34 -3.14
C ASP A 103 16.69 -10.38 -3.96
N ASP A 104 16.06 -11.56 -4.06
CA ASP A 104 14.82 -11.74 -4.84
C ASP A 104 13.73 -10.73 -4.46
N ILE A 105 13.50 -10.51 -3.15
CA ILE A 105 12.53 -9.54 -2.62
C ILE A 105 12.74 -8.10 -3.12
N VAL A 106 14.01 -7.69 -3.32
CA VAL A 106 14.35 -6.38 -3.88
C VAL A 106 14.02 -6.33 -5.37
N LEU A 107 14.31 -7.38 -6.14
CA LEU A 107 13.93 -7.46 -7.55
C LEU A 107 12.40 -7.43 -7.74
N MET A 108 11.64 -8.06 -6.82
CA MET A 108 10.17 -7.93 -6.79
C MET A 108 9.75 -6.45 -6.64
N ALA A 109 10.28 -5.78 -5.61
CA ALA A 109 10.00 -4.37 -5.34
C ALA A 109 10.40 -3.45 -6.51
N GLN A 110 11.54 -3.69 -7.16
CA GLN A 110 11.97 -2.93 -8.35
C GLN A 110 11.02 -3.07 -9.54
N ALA A 111 10.47 -4.27 -9.78
CA ALA A 111 9.54 -4.54 -10.88
C ALA A 111 8.10 -4.07 -10.59
N LEU A 112 7.67 -4.09 -9.33
CA LEU A 112 6.41 -3.49 -8.90
C LEU A 112 6.49 -1.95 -8.93
N GLU A 113 7.56 -1.36 -8.40
CA GLU A 113 7.68 0.10 -8.24
C GLU A 113 7.69 0.85 -9.58
N LYS A 114 8.33 0.31 -10.62
CA LYS A 114 8.30 0.91 -11.97
C LYS A 114 6.88 1.00 -12.53
N ILE A 115 6.05 -0.01 -12.29
CA ILE A 115 4.63 -0.04 -12.66
C ILE A 115 3.80 0.88 -11.76
N PHE A 116 4.05 0.90 -10.45
CA PHE A 116 3.42 1.85 -9.53
C PHE A 116 3.56 3.29 -10.06
N LEU A 117 4.79 3.69 -10.38
CA LEU A 117 5.08 5.02 -10.95
C LEU A 117 4.43 5.23 -12.32
N GLN A 118 4.40 4.24 -13.23
CA GLN A 118 3.79 4.41 -14.55
C GLN A 118 2.25 4.54 -14.47
N LYS A 119 1.62 3.91 -13.47
CA LYS A 119 0.17 4.02 -13.22
C LYS A 119 -0.20 5.34 -12.58
N VAL A 120 0.47 5.81 -11.52
CA VAL A 120 0.16 7.13 -10.93
C VAL A 120 0.53 8.28 -11.86
N ALA A 121 1.50 8.08 -12.77
CA ALA A 121 1.80 9.05 -13.83
C ALA A 121 0.61 9.28 -14.78
N GLN A 122 -0.21 8.24 -14.97
CA GLN A 122 -1.43 8.27 -15.77
C GLN A 122 -2.68 8.64 -14.95
N MET A 123 -2.57 8.82 -13.63
CA MET A 123 -3.64 9.34 -12.77
C MET A 123 -4.12 10.73 -13.26
N PRO A 124 -5.43 11.04 -13.21
CA PRO A 124 -5.93 12.40 -13.42
C PRO A 124 -5.39 13.33 -12.32
N GLN A 125 -5.09 14.58 -12.65
CA GLN A 125 -4.55 15.56 -11.68
C GLN A 125 -5.59 16.09 -10.69
N GLU A 126 -6.86 16.04 -11.10
CA GLU A 126 -7.99 16.68 -10.43
C GLU A 126 -8.80 15.70 -9.56
N GLU A 127 -9.50 16.26 -8.58
CA GLU A 127 -10.26 15.54 -7.55
C GLU A 127 -11.76 15.80 -7.69
N VAL A 128 -12.56 14.74 -7.56
CA VAL A 128 -14.03 14.79 -7.50
C VAL A 128 -14.58 13.71 -6.58
N GLU A 129 -15.62 14.05 -5.82
CA GLU A 129 -16.35 13.12 -4.94
C GLU A 129 -17.14 12.08 -5.76
N LEU A 130 -17.05 10.81 -5.37
CA LEU A 130 -17.68 9.70 -6.12
C LEU A 130 -19.22 9.72 -6.04
N LEU A 131 -19.86 9.43 -7.17
CA LEU A 131 -21.31 9.19 -7.28
C LEU A 131 -21.74 7.92 -6.50
N PRO A 132 -23.01 7.84 -6.03
CA PRO A 132 -23.49 6.69 -5.27
C PRO A 132 -23.75 5.47 -6.17
N PRO A 133 -23.59 4.23 -5.64
CA PRO A 133 -23.82 3.00 -6.40
C PRO A 133 -25.31 2.78 -6.71
N ALA A 134 -25.59 1.99 -7.74
CA ALA A 134 -26.94 1.52 -8.05
C ALA A 134 -27.48 0.56 -6.96
N PRO A 135 -28.81 0.51 -6.73
CA PRO A 135 -29.39 -0.43 -5.77
C PRO A 135 -29.29 -1.88 -6.26
N LYS A 136 -29.32 -2.83 -5.31
CA LYS A 136 -29.13 -4.28 -5.54
C LYS A 136 -30.39 -5.08 -5.18
N GLY A 137 -31.56 -4.48 -5.41
CA GLY A 137 -32.88 -5.07 -5.22
C GLY A 137 -33.18 -6.26 -6.14
N LYS A 138 -34.33 -6.92 -5.90
CA LYS A 138 -34.79 -8.15 -6.57
C LYS A 138 -36.26 -8.03 -7.01
N GLY A 1 6.72 -15.60 21.24
CA GLY A 1 5.50 -15.06 20.64
C GLY A 1 5.30 -13.58 21.00
N SER A 2 4.39 -12.91 20.29
CA SER A 2 4.07 -11.48 20.47
C SER A 2 2.64 -11.15 20.03
N SER A 3 2.18 -9.93 20.31
CA SER A 3 0.92 -9.34 19.82
C SER A 3 0.98 -7.80 19.86
N GLY A 4 0.32 -7.15 18.90
CA GLY A 4 0.35 -5.70 18.70
C GLY A 4 -0.05 -5.30 17.29
N SER A 5 0.30 -4.08 16.87
CA SER A 5 0.19 -3.60 15.48
C SER A 5 1.20 -2.47 15.18
N SER A 6 1.68 -2.41 13.94
CA SER A 6 2.63 -1.40 13.42
C SER A 6 2.27 -0.94 11.99
N GLY A 7 1.01 -1.15 11.57
CA GLY A 7 0.52 -0.96 10.20
C GLY A 7 -1.00 -1.05 10.15
N GLU A 8 -1.65 -0.18 10.92
CA GLU A 8 -3.11 0.00 11.01
C GLU A 8 -3.82 0.22 9.64
N VAL A 9 -5.14 0.02 9.62
CA VAL A 9 -5.99 0.18 8.42
C VAL A 9 -7.20 1.08 8.64
N SER A 10 -7.55 1.32 9.89
CA SER A 10 -8.72 2.08 10.36
C SER A 10 -8.36 2.99 11.54
N ASN A 11 -9.25 3.91 11.89
CA ASN A 11 -9.02 4.97 12.88
C ASN A 11 -10.24 5.23 13.79
N PRO A 12 -10.02 5.75 15.01
CA PRO A 12 -11.10 6.24 15.87
C PRO A 12 -11.61 7.63 15.44
N SER A 13 -10.69 8.54 15.07
CA SER A 13 -10.97 9.95 14.75
C SER A 13 -9.93 10.53 13.77
N LYS A 14 -10.19 10.43 12.47
CA LYS A 14 -9.43 11.03 11.37
C LYS A 14 -10.35 11.31 10.16
N PRO A 15 -10.28 12.49 9.52
CA PRO A 15 -11.15 12.82 8.39
C PRO A 15 -10.79 12.02 7.11
N GLY A 16 -11.81 11.73 6.31
CA GLY A 16 -11.66 11.03 5.02
C GLY A 16 -12.99 10.58 4.40
N ARG A 17 -12.94 10.36 3.08
CA ARG A 17 -13.99 9.74 2.24
C ARG A 17 -13.37 9.32 0.90
N LYS A 18 -14.05 8.44 0.14
CA LYS A 18 -13.58 8.01 -1.18
C LYS A 18 -13.75 9.12 -2.23
N THR A 19 -12.80 9.22 -3.13
CA THR A 19 -12.74 10.21 -4.23
C THR A 19 -12.26 9.53 -5.51
N ASN A 20 -12.44 10.17 -6.67
CA ASN A 20 -11.91 9.68 -7.95
C ASN A 20 -10.41 9.33 -7.94
N GLN A 21 -9.59 10.01 -7.12
CA GLN A 21 -8.17 9.65 -6.97
C GLN A 21 -7.97 8.38 -6.12
N LEU A 22 -8.60 8.25 -4.93
CA LEU A 22 -8.54 7.01 -4.15
C LEU A 22 -9.17 5.81 -4.89
N GLN A 23 -10.18 6.06 -5.72
CA GLN A 23 -10.75 5.07 -6.64
C GLN A 23 -9.69 4.58 -7.63
N TYR A 24 -9.00 5.48 -8.34
CA TYR A 24 -7.92 5.13 -9.28
C TYR A 24 -6.80 4.31 -8.61
N MET A 25 -6.40 4.66 -7.38
CA MET A 25 -5.48 3.85 -6.58
C MET A 25 -5.99 2.41 -6.41
N GLN A 26 -7.22 2.22 -5.93
CA GLN A 26 -7.81 0.89 -5.70
C GLN A 26 -8.16 0.10 -6.98
N ASN A 27 -8.37 0.77 -8.12
CA ASN A 27 -8.94 0.18 -9.35
C ASN A 27 -7.94 -0.03 -10.49
N VAL A 28 -6.78 0.62 -10.47
CA VAL A 28 -5.79 0.53 -11.56
C VAL A 28 -4.36 0.43 -11.03
N VAL A 29 -4.01 1.18 -9.99
CA VAL A 29 -2.67 1.10 -9.36
C VAL A 29 -2.55 -0.22 -8.59
N VAL A 30 -3.28 -0.35 -7.48
CA VAL A 30 -3.35 -1.54 -6.62
C VAL A 30 -3.82 -2.76 -7.40
N LYS A 31 -4.91 -2.64 -8.16
CA LYS A 31 -5.58 -3.78 -8.81
C LYS A 31 -4.64 -4.58 -9.72
N THR A 32 -3.83 -3.89 -10.51
CA THR A 32 -2.87 -4.51 -11.42
C THR A 32 -1.54 -4.85 -10.75
N LEU A 33 -1.06 -4.05 -9.78
CA LEU A 33 0.08 -4.43 -8.93
C LEU A 33 -0.22 -5.72 -8.13
N TRP A 34 -1.48 -5.95 -7.73
CA TRP A 34 -1.96 -7.16 -7.05
C TRP A 34 -2.05 -8.38 -7.99
N LYS A 35 -2.39 -8.18 -9.27
CA LYS A 35 -2.40 -9.23 -10.31
C LYS A 35 -1.01 -9.62 -10.82
N HIS A 36 0.04 -8.86 -10.48
CA HIS A 36 1.43 -9.08 -10.92
C HIS A 36 2.00 -10.43 -10.47
N GLN A 37 2.94 -10.99 -11.24
CA GLN A 37 3.62 -12.26 -10.96
C GLN A 37 4.42 -12.25 -9.64
N PHE A 38 4.78 -11.08 -9.12
CA PHE A 38 5.55 -10.89 -7.89
C PHE A 38 4.78 -10.17 -6.76
N ALA A 39 3.44 -10.10 -6.86
CA ALA A 39 2.58 -9.49 -5.84
C ALA A 39 2.46 -10.31 -4.54
N TRP A 40 2.58 -11.64 -4.64
CA TRP A 40 2.30 -12.58 -3.56
C TRP A 40 3.08 -12.43 -2.23
N PRO A 41 4.36 -12.00 -2.16
CA PRO A 41 5.04 -11.75 -0.88
C PRO A 41 4.59 -10.44 -0.21
N PHE A 42 3.75 -9.64 -0.86
CA PHE A 42 3.20 -8.37 -0.33
C PHE A 42 1.69 -8.47 0.02
N TYR A 43 1.02 -9.61 -0.23
CA TYR A 43 -0.39 -9.82 0.08
C TYR A 43 -0.71 -9.79 1.58
N GLN A 44 0.29 -9.97 2.44
CA GLN A 44 0.17 -10.06 3.91
C GLN A 44 1.32 -9.28 4.58
N PRO A 45 1.15 -8.80 5.83
CA PRO A 45 2.23 -8.16 6.58
C PRO A 45 3.36 -9.15 6.91
N VAL A 46 4.61 -8.70 6.84
CA VAL A 46 5.81 -9.43 7.26
C VAL A 46 5.72 -9.87 8.74
N ASP A 47 6.26 -11.04 9.06
CA ASP A 47 6.47 -11.51 10.44
C ASP A 47 7.96 -11.80 10.69
N ALA A 48 8.54 -11.11 11.66
CA ALA A 48 9.94 -11.29 12.04
C ALA A 48 10.24 -12.73 12.51
N ILE A 49 9.27 -13.41 13.13
CA ILE A 49 9.35 -14.83 13.51
C ILE A 49 9.40 -15.74 12.27
N LYS A 50 8.48 -15.54 11.32
CA LYS A 50 8.32 -16.35 10.10
C LYS A 50 9.51 -16.27 9.15
N LEU A 51 10.10 -15.08 9.00
CA LEU A 51 11.29 -14.85 8.17
C LEU A 51 12.61 -15.00 8.96
N ASN A 52 12.55 -15.31 10.26
CA ASN A 52 13.69 -15.49 11.17
C ASN A 52 14.64 -14.26 11.20
N LEU A 53 14.07 -13.08 11.47
CA LEU A 53 14.73 -11.77 11.46
C LEU A 53 14.83 -11.21 12.90
N PRO A 54 15.95 -11.40 13.61
CA PRO A 54 16.09 -11.02 15.03
C PRO A 54 16.11 -9.49 15.28
N ASP A 55 16.17 -8.67 14.23
CA ASP A 55 16.30 -7.21 14.28
C ASP A 55 15.41 -6.47 13.25
N TYR A 56 14.34 -7.10 12.75
CA TYR A 56 13.51 -6.53 11.67
C TYR A 56 13.04 -5.08 11.95
N HIS A 57 12.39 -4.87 13.10
CA HIS A 57 11.86 -3.56 13.54
C HIS A 57 12.93 -2.59 14.07
N LYS A 58 14.17 -3.07 14.30
CA LYS A 58 15.31 -2.25 14.75
C LYS A 58 15.80 -1.37 13.61
N ILE A 59 15.93 -1.94 12.40
CA ILE A 59 16.24 -1.20 11.17
C ILE A 59 14.96 -0.55 10.60
N ILE A 60 13.88 -1.33 10.41
CA ILE A 60 12.63 -0.82 9.81
C ILE A 60 11.77 -0.09 10.83
N LYS A 61 11.78 1.25 10.72
CA LYS A 61 11.04 2.19 11.58
C LYS A 61 9.52 2.15 11.37
N ASN A 62 9.08 1.92 10.12
CA ASN A 62 7.67 1.85 9.72
C ASN A 62 7.48 0.76 8.63
N PRO A 63 7.13 -0.48 9.01
CA PRO A 63 6.90 -1.57 8.06
C PRO A 63 5.60 -1.34 7.26
N MET A 64 5.57 -1.82 6.02
CA MET A 64 4.47 -1.60 5.07
C MET A 64 4.42 -2.75 4.04
N ASP A 65 3.21 -3.25 3.75
CA ASP A 65 2.93 -4.31 2.78
C ASP A 65 1.59 -4.05 2.06
N MET A 66 1.46 -4.48 0.80
CA MET A 66 0.33 -4.15 -0.09
C MET A 66 -1.03 -4.57 0.49
N GLY A 67 -1.06 -5.70 1.22
CA GLY A 67 -2.23 -6.20 1.96
C GLY A 67 -2.81 -5.21 2.97
N THR A 68 -1.98 -4.32 3.52
CA THR A 68 -2.42 -3.18 4.34
C THR A 68 -2.97 -2.05 3.45
N ILE A 69 -2.27 -1.69 2.37
CA ILE A 69 -2.61 -0.55 1.48
C ILE A 69 -4.03 -0.67 0.92
N LYS A 70 -4.36 -1.81 0.29
CA LYS A 70 -5.72 -2.10 -0.17
C LYS A 70 -6.78 -1.98 0.93
N LYS A 71 -6.46 -2.40 2.17
CA LYS A 71 -7.39 -2.40 3.29
C LYS A 71 -7.72 -0.99 3.81
N ARG A 72 -6.74 -0.07 3.88
CA ARG A 72 -6.97 1.35 4.21
C ARG A 72 -7.68 2.15 3.09
N LEU A 73 -7.43 1.81 1.82
CA LEU A 73 -8.20 2.33 0.68
C LEU A 73 -9.69 1.96 0.75
N GLU A 74 -10.01 0.70 1.09
CA GLU A 74 -11.40 0.21 1.11
C GLU A 74 -12.32 1.00 2.07
N ASN A 75 -11.81 1.39 3.25
CA ASN A 75 -12.59 1.98 4.34
C ASN A 75 -12.33 3.49 4.57
N ASN A 76 -11.73 4.17 3.58
CA ASN A 76 -11.49 5.61 3.53
C ASN A 76 -10.71 6.17 4.75
N TYR A 77 -9.49 5.64 4.95
CA TYR A 77 -8.58 6.05 6.04
C TYR A 77 -8.13 7.53 5.96
N TYR A 78 -8.25 8.10 4.76
CA TYR A 78 -7.80 9.42 4.31
C TYR A 78 -8.79 10.01 3.28
N TRP A 79 -8.53 11.25 2.83
CA TRP A 79 -9.30 11.91 1.77
C TRP A 79 -8.56 11.94 0.41
N SER A 80 -7.22 11.92 0.41
CA SER A 80 -6.40 12.18 -0.79
C SER A 80 -5.38 11.07 -1.08
N ALA A 81 -5.23 10.72 -2.36
CA ALA A 81 -4.39 9.62 -2.83
C ALA A 81 -2.88 9.78 -2.60
N SER A 82 -2.38 10.99 -2.38
CA SER A 82 -0.97 11.24 -2.03
C SER A 82 -0.53 10.48 -0.77
N GLU A 83 -1.46 10.19 0.15
CA GLU A 83 -1.21 9.37 1.33
C GLU A 83 -1.00 7.88 0.97
N CYS A 84 -1.83 7.33 0.08
CA CYS A 84 -1.64 5.98 -0.48
C CYS A 84 -0.33 5.84 -1.27
N MET A 85 0.08 6.88 -2.00
CA MET A 85 1.36 6.91 -2.71
C MET A 85 2.57 6.83 -1.75
N GLN A 86 2.50 7.53 -0.61
CA GLN A 86 3.53 7.46 0.43
C GLN A 86 3.64 6.04 1.03
N ASP A 87 2.55 5.29 1.10
CA ASP A 87 2.53 3.92 1.61
C ASP A 87 3.18 2.94 0.63
N PHE A 88 2.91 3.07 -0.68
CA PHE A 88 3.65 2.33 -1.72
C PHE A 88 5.14 2.65 -1.71
N ASN A 89 5.50 3.94 -1.62
CA ASN A 89 6.90 4.37 -1.47
C ASN A 89 7.56 3.73 -0.23
N THR A 90 6.89 3.72 0.92
CA THR A 90 7.40 3.11 2.17
C THR A 90 7.53 1.59 2.06
N MET A 91 6.64 0.90 1.36
CA MET A 91 6.74 -0.54 1.10
C MET A 91 8.00 -0.89 0.29
N PHE A 92 8.18 -0.28 -0.87
CA PHE A 92 9.35 -0.54 -1.71
C PHE A 92 10.66 -0.10 -1.05
N THR A 93 10.65 1.05 -0.35
CA THR A 93 11.82 1.58 0.36
C THR A 93 12.25 0.69 1.52
N ASN A 94 11.35 0.22 2.39
CA ASN A 94 11.74 -0.66 3.50
C ASN A 94 12.31 -2.01 3.01
N CYS A 95 11.85 -2.51 1.86
CA CYS A 95 12.46 -3.65 1.17
C CYS A 95 13.93 -3.36 0.79
N TYR A 96 14.22 -2.20 0.18
CA TYR A 96 15.58 -1.80 -0.23
C TYR A 96 16.53 -1.52 0.95
N ILE A 97 16.01 -1.03 2.08
CA ILE A 97 16.80 -0.81 3.31
C ILE A 97 17.24 -2.15 3.90
N TYR A 98 16.29 -3.02 4.25
CA TYR A 98 16.60 -4.25 5.00
C TYR A 98 17.33 -5.32 4.17
N ASN A 99 17.02 -5.44 2.88
CA ASN A 99 17.51 -6.52 1.99
C ASN A 99 18.61 -6.01 1.03
N LYS A 100 19.47 -6.91 0.56
CA LYS A 100 20.54 -6.61 -0.40
C LYS A 100 19.96 -6.37 -1.80
N PRO A 101 20.63 -5.59 -2.68
CA PRO A 101 20.15 -5.29 -4.04
C PRO A 101 20.06 -6.52 -4.98
N THR A 102 20.44 -7.71 -4.49
CA THR A 102 20.43 -9.00 -5.21
C THR A 102 19.47 -10.02 -4.60
N ASP A 103 18.79 -9.70 -3.49
CA ASP A 103 17.71 -10.53 -2.94
C ASP A 103 16.46 -10.47 -3.84
N ASP A 104 15.74 -11.59 -4.00
CA ASP A 104 14.59 -11.67 -4.90
C ASP A 104 13.51 -10.63 -4.59
N ILE A 105 13.16 -10.46 -3.31
CA ILE A 105 12.20 -9.47 -2.81
C ILE A 105 12.50 -8.02 -3.25
N VAL A 106 13.78 -7.67 -3.44
CA VAL A 106 14.18 -6.36 -3.97
C VAL A 106 13.90 -6.27 -5.46
N LEU A 107 14.28 -7.27 -6.26
CA LEU A 107 13.99 -7.29 -7.70
C LEU A 107 12.47 -7.29 -7.98
N MET A 108 11.70 -7.99 -7.15
CA MET A 108 10.23 -7.94 -7.12
C MET A 108 9.70 -6.53 -6.81
N ALA A 109 10.20 -5.88 -5.75
CA ALA A 109 9.85 -4.50 -5.41
C ALA A 109 10.22 -3.50 -6.52
N GLN A 110 11.39 -3.65 -7.17
CA GLN A 110 11.79 -2.82 -8.32
C GLN A 110 10.80 -2.98 -9.49
N ALA A 111 10.45 -4.21 -9.87
CA ALA A 111 9.50 -4.48 -10.96
C ALA A 111 8.10 -3.90 -10.67
N LEU A 112 7.60 -4.03 -9.44
CA LEU A 112 6.35 -3.40 -8.99
C LEU A 112 6.46 -1.87 -8.97
N GLU A 113 7.53 -1.29 -8.42
CA GLU A 113 7.67 0.16 -8.29
C GLU A 113 7.73 0.88 -9.64
N LYS A 114 8.43 0.31 -10.63
CA LYS A 114 8.46 0.85 -11.99
C LYS A 114 7.06 1.00 -12.60
N ILE A 115 6.16 0.06 -12.30
CA ILE A 115 4.75 0.14 -12.69
C ILE A 115 3.99 1.14 -11.82
N PHE A 116 4.14 1.12 -10.49
CA PHE A 116 3.53 2.12 -9.60
C PHE A 116 3.81 3.56 -10.08
N LEU A 117 5.06 3.88 -10.41
CA LEU A 117 5.43 5.21 -10.91
C LEU A 117 4.82 5.51 -12.29
N GLN A 118 4.73 4.55 -13.22
CA GLN A 118 4.08 4.78 -14.52
C GLN A 118 2.57 5.01 -14.40
N LYS A 119 1.94 4.41 -13.38
CA LYS A 119 0.52 4.53 -13.06
C LYS A 119 0.16 5.87 -12.44
N VAL A 120 0.87 6.32 -11.40
CA VAL A 120 0.60 7.62 -10.77
C VAL A 120 1.00 8.78 -11.68
N ALA A 121 1.95 8.57 -12.60
CA ALA A 121 2.25 9.54 -13.65
C ALA A 121 1.04 9.79 -14.58
N GLN A 122 0.20 8.78 -14.74
CA GLN A 122 -1.04 8.82 -15.53
C GLN A 122 -2.29 9.09 -14.66
N MET A 123 -2.13 9.28 -13.33
CA MET A 123 -3.21 9.70 -12.43
C MET A 123 -3.87 11.00 -12.92
N PRO A 124 -5.22 11.12 -12.82
CA PRO A 124 -5.91 12.39 -13.05
C PRO A 124 -5.51 13.36 -11.93
N GLN A 125 -4.87 14.48 -12.28
CA GLN A 125 -4.29 15.45 -11.32
C GLN A 125 -5.34 16.16 -10.44
N GLU A 126 -6.54 16.32 -10.99
CA GLU A 126 -7.74 16.82 -10.31
C GLU A 126 -8.47 15.70 -9.55
N GLU A 127 -9.38 16.09 -8.64
CA GLU A 127 -10.11 15.17 -7.76
C GLU A 127 -11.61 15.47 -7.75
N VAL A 128 -12.42 14.40 -7.68
CA VAL A 128 -13.89 14.43 -7.74
C VAL A 128 -14.49 13.62 -6.59
N GLU A 129 -15.47 14.20 -5.91
CA GLU A 129 -16.32 13.54 -4.90
C GLU A 129 -17.24 12.48 -5.55
N LEU A 130 -17.07 11.21 -5.18
CA LEU A 130 -17.84 10.08 -5.73
C LEU A 130 -19.31 10.08 -5.27
N LEU A 131 -20.20 9.65 -6.18
CA LEU A 131 -21.60 9.35 -5.88
C LEU A 131 -21.75 7.97 -5.18
N PRO A 132 -22.82 7.74 -4.40
CA PRO A 132 -23.06 6.47 -3.72
C PRO A 132 -23.50 5.36 -4.69
N PRO A 133 -23.28 4.07 -4.36
CA PRO A 133 -23.73 2.92 -5.15
C PRO A 133 -25.25 2.69 -5.05
N ALA A 134 -25.80 1.92 -5.98
CA ALA A 134 -27.19 1.45 -5.95
C ALA A 134 -27.47 0.50 -4.75
N PRO A 135 -28.72 0.43 -4.24
CA PRO A 135 -29.11 -0.51 -3.19
C PRO A 135 -29.14 -1.98 -3.66
N LYS A 136 -29.11 -2.91 -2.71
CA LYS A 136 -29.22 -4.36 -2.93
C LYS A 136 -30.64 -4.76 -3.36
N GLY A 137 -30.78 -5.97 -3.91
CA GLY A 137 -32.05 -6.51 -4.45
C GLY A 137 -32.25 -8.03 -4.21
N LYS A 138 -31.58 -8.60 -3.20
CA LYS A 138 -31.66 -10.01 -2.80
C LYS A 138 -31.48 -10.17 -1.28
N GLY A 1 3.01 -7.74 16.39
CA GLY A 1 4.30 -8.14 16.98
C GLY A 1 4.55 -7.44 18.31
N SER A 2 5.45 -8.00 19.12
CA SER A 2 5.80 -7.52 20.48
C SER A 2 6.35 -6.09 20.55
N SER A 3 6.80 -5.52 19.42
CA SER A 3 7.24 -4.13 19.28
C SER A 3 6.15 -3.09 19.61
N GLY A 4 4.87 -3.45 19.51
CA GLY A 4 3.73 -2.57 19.77
C GLY A 4 3.57 -1.41 18.77
N SER A 5 4.18 -1.52 17.59
CA SER A 5 4.20 -0.50 16.52
C SER A 5 2.80 -0.15 16.00
N SER A 6 2.63 1.08 15.50
CA SER A 6 1.38 1.52 14.83
C SER A 6 1.08 0.71 13.55
N GLY A 7 -0.20 0.58 13.21
CA GLY A 7 -0.69 -0.22 12.09
C GLY A 7 -2.17 0.00 11.76
N GLU A 8 -2.65 1.24 11.92
CA GLU A 8 -4.04 1.64 11.63
C GLU A 8 -4.46 1.47 10.15
N VAL A 9 -5.77 1.55 9.90
CA VAL A 9 -6.39 1.58 8.55
C VAL A 9 -7.55 2.59 8.41
N SER A 10 -8.17 2.95 9.54
CA SER A 10 -9.19 4.02 9.66
C SER A 10 -9.14 4.67 11.04
N ASN A 11 -9.50 5.96 11.09
CA ASN A 11 -9.64 6.76 12.32
C ASN A 11 -10.74 7.83 12.12
N PRO A 12 -11.64 8.04 13.09
CA PRO A 12 -12.75 9.00 12.98
C PRO A 12 -12.32 10.47 13.12
N SER A 13 -11.15 10.74 13.71
CA SER A 13 -10.64 12.10 13.95
C SER A 13 -10.17 12.80 12.67
N LYS A 14 -9.52 12.08 11.74
CA LYS A 14 -9.10 12.60 10.43
C LYS A 14 -10.29 12.75 9.46
N PRO A 15 -10.33 13.79 8.62
CA PRO A 15 -11.30 13.89 7.53
C PRO A 15 -10.95 12.92 6.38
N GLY A 16 -11.97 12.54 5.62
CA GLY A 16 -11.82 11.70 4.43
C GLY A 16 -13.14 11.45 3.70
N ARG A 17 -13.03 11.09 2.42
CA ARG A 17 -14.15 10.70 1.53
C ARG A 17 -13.65 9.88 0.35
N LYS A 18 -14.55 9.13 -0.31
CA LYS A 18 -14.28 8.47 -1.59
C LYS A 18 -14.18 9.50 -2.73
N THR A 19 -13.14 9.39 -3.56
CA THR A 19 -12.85 10.32 -4.67
C THR A 19 -12.35 9.57 -5.91
N ASN A 20 -12.41 10.21 -7.07
CA ASN A 20 -11.80 9.71 -8.32
C ASN A 20 -10.33 9.25 -8.16
N GLN A 21 -9.53 9.99 -7.36
CA GLN A 21 -8.13 9.65 -7.11
C GLN A 21 -7.99 8.38 -6.25
N LEU A 22 -8.69 8.31 -5.12
CA LEU A 22 -8.69 7.13 -4.25
C LEU A 22 -9.33 5.90 -4.92
N GLN A 23 -10.30 6.11 -5.81
CA GLN A 23 -10.83 5.06 -6.70
C GLN A 23 -9.71 4.51 -7.58
N TYR A 24 -8.99 5.37 -8.31
CA TYR A 24 -7.90 4.93 -9.18
C TYR A 24 -6.83 4.12 -8.42
N MET A 25 -6.46 4.54 -7.20
CA MET A 25 -5.58 3.76 -6.32
C MET A 25 -6.12 2.35 -6.05
N GLN A 26 -7.38 2.21 -5.64
CA GLN A 26 -7.97 0.92 -5.23
C GLN A 26 -8.51 0.06 -6.39
N ASN A 27 -8.63 0.64 -7.60
CA ASN A 27 -9.32 0.04 -8.76
C ASN A 27 -8.37 -0.21 -9.94
N VAL A 28 -7.21 0.45 -9.95
CA VAL A 28 -6.23 0.35 -11.04
C VAL A 28 -4.80 0.14 -10.51
N VAL A 29 -4.34 0.96 -9.56
CA VAL A 29 -2.96 0.88 -9.03
C VAL A 29 -2.76 -0.40 -8.22
N VAL A 30 -3.47 -0.55 -7.10
CA VAL A 30 -3.53 -1.78 -6.30
C VAL A 30 -3.93 -2.95 -7.18
N LYS A 31 -5.01 -2.79 -7.96
CA LYS A 31 -5.61 -3.86 -8.77
C LYS A 31 -4.69 -4.43 -9.84
N THR A 32 -3.70 -3.67 -10.32
CA THR A 32 -2.72 -4.15 -11.31
C THR A 32 -1.40 -4.57 -10.66
N LEU A 33 -0.92 -3.85 -9.64
CA LEU A 33 0.24 -4.25 -8.84
C LEU A 33 0.01 -5.60 -8.14
N TRP A 34 -1.23 -5.93 -7.80
CA TRP A 34 -1.64 -7.17 -7.15
C TRP A 34 -1.66 -8.41 -8.07
N LYS A 35 -2.11 -8.26 -9.33
CA LYS A 35 -2.11 -9.38 -10.31
C LYS A 35 -0.74 -9.69 -10.91
N HIS A 36 0.26 -8.83 -10.67
CA HIS A 36 1.63 -8.92 -11.17
C HIS A 36 2.32 -10.26 -10.84
N GLN A 37 3.27 -10.67 -11.67
CA GLN A 37 4.10 -11.88 -11.52
C GLN A 37 4.83 -11.99 -10.17
N PHE A 38 5.10 -10.86 -9.50
CA PHE A 38 5.92 -10.77 -8.29
C PHE A 38 5.22 -10.08 -7.11
N ALA A 39 3.89 -9.97 -7.16
CA ALA A 39 3.04 -9.42 -6.10
C ALA A 39 2.95 -10.29 -4.83
N TRP A 40 3.17 -11.60 -4.96
CA TRP A 40 2.93 -12.60 -3.92
C TRP A 40 3.68 -12.42 -2.57
N PRO A 41 4.92 -11.90 -2.48
CA PRO A 41 5.58 -11.64 -1.20
C PRO A 41 5.12 -10.33 -0.53
N PHE A 42 4.18 -9.60 -1.13
CA PHE A 42 3.62 -8.33 -0.63
C PHE A 42 2.13 -8.43 -0.24
N TYR A 43 1.45 -9.56 -0.48
CA TYR A 43 0.04 -9.75 -0.09
C TYR A 43 -0.20 -9.72 1.43
N GLN A 44 0.85 -9.91 2.24
CA GLN A 44 0.82 -9.99 3.71
C GLN A 44 2.09 -9.33 4.31
N PRO A 45 2.07 -8.90 5.59
CA PRO A 45 3.26 -8.41 6.29
C PRO A 45 4.31 -9.50 6.52
N VAL A 46 5.56 -9.09 6.76
CA VAL A 46 6.64 -9.97 7.20
C VAL A 46 6.39 -10.38 8.66
N ASP A 47 6.00 -11.63 8.88
CA ASP A 47 5.93 -12.26 10.20
C ASP A 47 7.33 -12.54 10.75
N ALA A 48 8.00 -11.53 11.29
CA ALA A 48 9.38 -11.62 11.82
C ALA A 48 9.61 -12.79 12.82
N ILE A 49 8.56 -13.21 13.53
CA ILE A 49 8.56 -14.40 14.41
C ILE A 49 8.77 -15.70 13.59
N LYS A 50 8.03 -15.86 12.49
CA LYS A 50 8.07 -17.04 11.60
C LYS A 50 9.29 -17.04 10.69
N LEU A 51 9.66 -15.87 10.17
CA LEU A 51 10.85 -15.62 9.34
C LEU A 51 12.16 -15.62 10.14
N ASN A 52 12.06 -15.65 11.47
CA ASN A 52 13.17 -15.65 12.44
C ASN A 52 14.12 -14.44 12.25
N LEU A 53 13.55 -13.23 12.31
CA LEU A 53 14.23 -11.93 12.12
C LEU A 53 14.15 -11.10 13.42
N PRO A 54 15.00 -11.40 14.42
CA PRO A 54 15.01 -10.68 15.71
C PRO A 54 15.46 -9.22 15.58
N ASP A 55 16.09 -8.86 14.46
CA ASP A 55 16.53 -7.51 14.10
C ASP A 55 15.59 -6.81 13.09
N TYR A 56 14.41 -7.39 12.76
CA TYR A 56 13.50 -6.82 11.74
C TYR A 56 13.16 -5.35 12.04
N HIS A 57 12.62 -5.07 13.24
CA HIS A 57 12.23 -3.73 13.70
C HIS A 57 13.43 -2.82 14.07
N LYS A 58 14.63 -3.39 14.25
CA LYS A 58 15.86 -2.62 14.55
C LYS A 58 16.32 -1.80 13.35
N ILE A 59 16.07 -2.30 12.13
CA ILE A 59 16.37 -1.63 10.85
C ILE A 59 15.09 -1.03 10.24
N ILE A 60 13.98 -1.78 10.22
CA ILE A 60 12.70 -1.28 9.68
C ILE A 60 12.02 -0.31 10.66
N LYS A 61 12.15 0.99 10.34
CA LYS A 61 11.46 2.10 11.02
C LYS A 61 9.94 2.06 10.83
N ASN A 62 9.47 1.73 9.63
CA ASN A 62 8.05 1.71 9.24
C ASN A 62 7.77 0.55 8.26
N PRO A 63 7.24 -0.59 8.75
CA PRO A 63 6.84 -1.72 7.91
C PRO A 63 5.53 -1.41 7.15
N MET A 64 5.39 -1.94 5.93
CA MET A 64 4.22 -1.77 5.08
C MET A 64 4.10 -2.95 4.08
N ASP A 65 2.88 -3.33 3.71
CA ASP A 65 2.56 -4.41 2.77
C ASP A 65 1.29 -4.10 1.97
N MET A 66 1.16 -4.69 0.77
CA MET A 66 0.10 -4.36 -0.18
C MET A 66 -1.30 -4.68 0.37
N GLY A 67 -1.44 -5.77 1.13
CA GLY A 67 -2.70 -6.16 1.77
C GLY A 67 -3.28 -5.06 2.67
N THR A 68 -2.45 -4.49 3.56
CA THR A 68 -2.85 -3.35 4.40
C THR A 68 -3.03 -2.06 3.59
N ILE A 69 -2.26 -1.81 2.51
CA ILE A 69 -2.51 -0.66 1.60
C ILE A 69 -3.93 -0.70 1.04
N LYS A 70 -4.38 -1.85 0.50
CA LYS A 70 -5.78 -1.98 0.05
C LYS A 70 -6.80 -1.77 1.17
N LYS A 71 -6.49 -2.19 2.41
CA LYS A 71 -7.40 -2.04 3.56
C LYS A 71 -7.64 -0.58 3.97
N ARG A 72 -6.62 0.28 3.99
CA ARG A 72 -6.80 1.74 4.23
C ARG A 72 -7.53 2.48 3.10
N LEU A 73 -7.50 1.96 1.88
CA LEU A 73 -8.35 2.40 0.76
C LEU A 73 -9.82 1.92 0.87
N GLU A 74 -10.07 0.69 1.32
CA GLU A 74 -11.42 0.07 1.40
C GLU A 74 -12.39 0.77 2.37
N ASN A 75 -11.87 1.45 3.40
CA ASN A 75 -12.63 2.17 4.42
C ASN A 75 -11.97 3.52 4.73
N ASN A 76 -12.79 4.59 4.84
CA ASN A 76 -12.36 5.98 4.92
C ASN A 76 -11.29 6.26 5.99
N TYR A 77 -10.27 7.00 5.58
CA TYR A 77 -9.13 7.42 6.41
C TYR A 77 -8.46 8.71 5.89
N TYR A 78 -8.42 8.91 4.57
CA TYR A 78 -7.84 10.08 3.90
C TYR A 78 -8.76 10.61 2.78
N TRP A 79 -8.34 11.72 2.16
CA TRP A 79 -9.16 12.51 1.23
C TRP A 79 -8.61 12.53 -0.22
N SER A 80 -7.32 12.21 -0.39
CA SER A 80 -6.61 12.19 -1.68
C SER A 80 -5.56 11.08 -1.72
N ALA A 81 -5.29 10.57 -2.92
CA ALA A 81 -4.37 9.47 -3.21
C ALA A 81 -2.92 9.69 -2.77
N SER A 82 -2.47 10.94 -2.59
CA SER A 82 -1.10 11.28 -2.19
C SER A 82 -0.64 10.60 -0.89
N GLU A 83 -1.56 10.33 0.05
CA GLU A 83 -1.25 9.57 1.27
C GLU A 83 -0.96 8.08 0.97
N CYS A 84 -1.80 7.45 0.15
CA CYS A 84 -1.64 6.06 -0.29
C CYS A 84 -0.37 5.84 -1.12
N MET A 85 0.01 6.82 -1.95
CA MET A 85 1.27 6.81 -2.71
C MET A 85 2.50 6.72 -1.80
N GLN A 86 2.50 7.43 -0.68
CA GLN A 86 3.58 7.32 0.33
C GLN A 86 3.62 5.96 1.02
N ASP A 87 2.49 5.28 1.21
CA ASP A 87 2.47 3.90 1.74
C ASP A 87 3.05 2.90 0.72
N PHE A 88 2.75 3.06 -0.57
CA PHE A 88 3.41 2.30 -1.63
C PHE A 88 4.93 2.54 -1.67
N ASN A 89 5.37 3.80 -1.61
CA ASN A 89 6.79 4.14 -1.53
C ASN A 89 7.44 3.53 -0.27
N THR A 90 6.77 3.57 0.88
CA THR A 90 7.26 2.98 2.13
C THR A 90 7.44 1.46 2.02
N MET A 91 6.52 0.75 1.35
CA MET A 91 6.64 -0.69 1.09
C MET A 91 7.91 -1.03 0.28
N PHE A 92 8.15 -0.35 -0.84
CA PHE A 92 9.32 -0.61 -1.69
C PHE A 92 10.64 -0.14 -1.04
N THR A 93 10.65 1.04 -0.41
CA THR A 93 11.85 1.60 0.25
C THR A 93 12.29 0.75 1.44
N ASN A 94 11.39 0.33 2.33
CA ASN A 94 11.78 -0.49 3.49
C ASN A 94 12.36 -1.86 3.06
N CYS A 95 11.87 -2.42 1.94
CA CYS A 95 12.45 -3.60 1.30
C CYS A 95 13.90 -3.38 0.81
N TYR A 96 14.21 -2.22 0.20
CA TYR A 96 15.57 -1.88 -0.25
C TYR A 96 16.57 -1.66 0.90
N ILE A 97 16.11 -1.16 2.04
CA ILE A 97 16.95 -0.95 3.24
C ILE A 97 17.40 -2.29 3.84
N TYR A 98 16.45 -3.16 4.17
CA TYR A 98 16.73 -4.41 4.90
C TYR A 98 17.49 -5.46 4.09
N ASN A 99 17.20 -5.57 2.79
CA ASN A 99 17.73 -6.62 1.91
C ASN A 99 18.90 -6.11 1.04
N LYS A 100 19.73 -7.03 0.53
CA LYS A 100 20.81 -6.72 -0.41
C LYS A 100 20.23 -6.32 -1.78
N PRO A 101 20.89 -5.47 -2.58
CA PRO A 101 20.40 -5.02 -3.89
C PRO A 101 20.30 -6.14 -4.95
N THR A 102 20.67 -7.37 -4.60
CA THR A 102 20.67 -8.59 -5.44
C THR A 102 19.77 -9.71 -4.89
N ASP A 103 19.14 -9.51 -3.73
CA ASP A 103 18.09 -10.42 -3.22
C ASP A 103 16.84 -10.34 -4.11
N ASP A 104 16.13 -11.47 -4.29
CA ASP A 104 15.00 -11.55 -5.22
C ASP A 104 13.89 -10.53 -4.89
N ILE A 105 13.59 -10.34 -3.60
CA ILE A 105 12.60 -9.39 -3.08
C ILE A 105 12.82 -7.94 -3.54
N VAL A 106 14.09 -7.51 -3.66
CA VAL A 106 14.44 -6.18 -4.19
C VAL A 106 14.08 -6.09 -5.67
N LEU A 107 14.40 -7.11 -6.48
CA LEU A 107 14.05 -7.14 -7.90
C LEU A 107 12.52 -7.13 -8.12
N MET A 108 11.75 -7.79 -7.24
CA MET A 108 10.29 -7.69 -7.24
C MET A 108 9.84 -6.24 -7.02
N ALA A 109 10.35 -5.59 -5.97
CA ALA A 109 10.01 -4.21 -5.64
C ALA A 109 10.41 -3.22 -6.75
N GLN A 110 11.57 -3.41 -7.40
CA GLN A 110 11.99 -2.62 -8.56
C GLN A 110 11.00 -2.74 -9.73
N ALA A 111 10.58 -3.95 -10.09
CA ALA A 111 9.62 -4.19 -11.16
C ALA A 111 8.23 -3.59 -10.85
N LEU A 112 7.73 -3.78 -9.62
CA LEU A 112 6.47 -3.21 -9.16
C LEU A 112 6.51 -1.67 -9.08
N GLU A 113 7.58 -1.07 -8.53
CA GLU A 113 7.68 0.37 -8.35
C GLU A 113 7.66 1.14 -9.69
N LYS A 114 8.34 0.62 -10.73
CA LYS A 114 8.29 1.22 -12.08
C LYS A 114 6.87 1.29 -12.63
N ILE A 115 6.06 0.25 -12.42
CA ILE A 115 4.64 0.23 -12.82
C ILE A 115 3.80 1.13 -11.91
N PHE A 116 4.03 1.12 -10.60
CA PHE A 116 3.37 2.04 -9.65
C PHE A 116 3.54 3.50 -10.13
N LEU A 117 4.76 3.92 -10.43
CA LEU A 117 5.05 5.26 -10.93
C LEU A 117 4.38 5.55 -12.28
N GLN A 118 4.36 4.59 -13.23
CA GLN A 118 3.67 4.77 -14.52
C GLN A 118 2.15 4.91 -14.37
N LYS A 119 1.55 4.20 -13.40
CA LYS A 119 0.11 4.27 -13.08
C LYS A 119 -0.26 5.60 -12.42
N VAL A 120 0.41 6.03 -11.35
CA VAL A 120 0.09 7.32 -10.70
C VAL A 120 0.40 8.52 -11.60
N ALA A 121 1.32 8.37 -12.56
CA ALA A 121 1.56 9.36 -13.60
C ALA A 121 0.34 9.54 -14.53
N GLN A 122 -0.38 8.45 -14.80
CA GLN A 122 -1.65 8.45 -15.53
C GLN A 122 -2.86 8.83 -14.65
N MET A 123 -2.74 8.77 -13.31
CA MET A 123 -3.79 9.20 -12.37
C MET A 123 -4.06 10.71 -12.50
N PRO A 124 -5.33 11.16 -12.49
CA PRO A 124 -5.67 12.58 -12.61
C PRO A 124 -5.23 13.38 -11.37
N GLN A 125 -4.63 14.55 -11.60
CA GLN A 125 -4.23 15.50 -10.54
C GLN A 125 -5.43 16.24 -9.92
N GLU A 126 -6.54 16.35 -10.65
CA GLU A 126 -7.81 16.90 -10.19
C GLU A 126 -8.57 15.91 -9.28
N GLU A 127 -9.45 16.45 -8.44
CA GLU A 127 -10.20 15.71 -7.42
C GLU A 127 -11.70 15.98 -7.55
N VAL A 128 -12.52 14.92 -7.46
CA VAL A 128 -13.98 14.99 -7.44
C VAL A 128 -14.58 13.86 -6.59
N GLU A 129 -15.63 14.17 -5.83
CA GLU A 129 -16.40 13.21 -5.04
C GLU A 129 -17.23 12.29 -5.95
N LEU A 130 -17.18 10.99 -5.70
CA LEU A 130 -17.83 9.96 -6.54
C LEU A 130 -19.37 9.94 -6.38
N LEU A 131 -20.04 9.40 -7.41
CA LEU A 131 -21.47 9.07 -7.38
C LEU A 131 -21.81 8.02 -6.30
N PRO A 132 -23.06 7.99 -5.79
CA PRO A 132 -23.48 7.06 -4.73
C PRO A 132 -23.70 5.63 -5.26
N PRO A 133 -23.48 4.59 -4.44
CA PRO A 133 -23.69 3.19 -4.84
C PRO A 133 -25.18 2.82 -4.94
N ALA A 134 -25.48 1.73 -5.66
CA ALA A 134 -26.81 1.13 -5.71
C ALA A 134 -27.23 0.57 -4.32
N PRO A 135 -28.54 0.53 -3.99
CA PRO A 135 -29.04 0.02 -2.72
C PRO A 135 -28.87 -1.51 -2.63
N LYS A 136 -28.02 -1.97 -1.69
CA LYS A 136 -27.78 -3.41 -1.41
C LYS A 136 -28.83 -4.06 -0.50
N GLY A 137 -29.81 -3.28 -0.02
CA GLY A 137 -30.90 -3.72 0.85
C GLY A 137 -31.99 -2.65 0.97
N LYS A 138 -32.13 -2.04 2.15
CA LYS A 138 -33.03 -0.89 2.42
C LYS A 138 -32.73 0.33 1.51
N GLY A 1 6.49 -1.71 26.59
CA GLY A 1 5.24 -1.94 25.85
C GLY A 1 5.05 -0.94 24.74
N SER A 2 4.66 -1.41 23.54
CA SER A 2 4.33 -0.58 22.37
C SER A 2 3.04 0.24 22.55
N SER A 3 2.82 1.23 21.67
CA SER A 3 1.67 2.14 21.72
C SER A 3 1.02 2.49 20.35
N GLY A 4 1.60 2.01 19.24
CA GLY A 4 1.10 2.28 17.88
C GLY A 4 1.94 1.68 16.75
N SER A 5 2.54 0.50 16.97
CA SER A 5 3.45 -0.17 16.01
C SER A 5 2.73 -0.70 14.76
N SER A 6 1.47 -1.12 14.89
CA SER A 6 0.64 -1.65 13.80
C SER A 6 0.14 -0.58 12.82
N GLY A 7 -0.26 -1.02 11.61
CA GLY A 7 -0.80 -0.18 10.54
C GLY A 7 -2.32 -0.15 10.54
N GLU A 8 -2.92 0.78 11.30
CA GLU A 8 -4.37 1.02 11.32
C GLU A 8 -4.98 1.36 9.94
N VAL A 9 -6.27 1.07 9.78
CA VAL A 9 -7.00 1.12 8.48
C VAL A 9 -8.37 1.80 8.54
N SER A 10 -8.84 2.07 9.76
CA SER A 10 -10.14 2.68 10.06
C SER A 10 -10.06 3.46 11.38
N ASN A 11 -10.25 4.78 11.34
CA ASN A 11 -10.09 5.67 12.49
C ASN A 11 -11.06 6.88 12.38
N PRO A 12 -12.04 7.02 13.29
CA PRO A 12 -13.04 8.10 13.25
C PRO A 12 -12.48 9.48 13.65
N SER A 13 -11.26 9.54 14.21
CA SER A 13 -10.59 10.80 14.58
C SER A 13 -9.89 11.50 13.40
N LYS A 14 -9.87 10.88 12.21
CA LYS A 14 -9.22 11.40 11.00
C LYS A 14 -10.25 11.79 9.93
N PRO A 15 -10.06 12.90 9.20
CA PRO A 15 -10.92 13.28 8.08
C PRO A 15 -10.68 12.37 6.87
N GLY A 16 -11.73 12.17 6.07
CA GLY A 16 -11.67 11.38 4.84
C GLY A 16 -13.02 10.95 4.28
N ARG A 17 -12.95 10.44 3.04
CA ARG A 17 -14.04 9.82 2.26
C ARG A 17 -13.41 9.06 1.09
N LYS A 18 -14.16 8.14 0.47
CA LYS A 18 -13.75 7.55 -0.80
C LYS A 18 -13.91 8.58 -1.92
N THR A 19 -12.84 8.87 -2.66
CA THR A 19 -12.78 9.88 -3.73
C THR A 19 -12.37 9.24 -5.06
N ASN A 20 -12.56 9.96 -6.16
CA ASN A 20 -12.05 9.58 -7.49
C ASN A 20 -10.54 9.22 -7.51
N GLN A 21 -9.72 9.90 -6.69
CA GLN A 21 -8.30 9.59 -6.57
C GLN A 21 -8.05 8.26 -5.85
N LEU A 22 -8.68 8.04 -4.69
CA LEU A 22 -8.59 6.75 -3.96
C LEU A 22 -9.20 5.59 -4.75
N GLN A 23 -10.24 5.84 -5.54
CA GLN A 23 -10.79 4.89 -6.50
C GLN A 23 -9.72 4.50 -7.54
N TYR A 24 -9.05 5.47 -8.18
CA TYR A 24 -7.99 5.16 -9.15
C TYR A 24 -6.86 4.30 -8.54
N MET A 25 -6.42 4.63 -7.31
CA MET A 25 -5.46 3.80 -6.57
C MET A 25 -5.95 2.36 -6.41
N GLN A 26 -7.17 2.13 -5.92
CA GLN A 26 -7.70 0.78 -5.69
C GLN A 26 -8.07 0.02 -6.97
N ASN A 27 -8.48 0.74 -8.02
CA ASN A 27 -9.10 0.20 -9.23
C ASN A 27 -8.09 -0.10 -10.35
N VAL A 28 -6.94 0.59 -10.34
CA VAL A 28 -5.92 0.44 -11.39
C VAL A 28 -4.54 0.18 -10.80
N VAL A 29 -4.10 1.02 -9.85
CA VAL A 29 -2.73 0.99 -9.32
C VAL A 29 -2.49 -0.27 -8.48
N VAL A 30 -3.20 -0.38 -7.35
CA VAL A 30 -3.24 -1.56 -6.48
C VAL A 30 -3.63 -2.78 -7.28
N LYS A 31 -4.72 -2.71 -8.06
CA LYS A 31 -5.22 -3.84 -8.85
C LYS A 31 -4.14 -4.44 -9.73
N THR A 32 -3.45 -3.64 -10.54
CA THR A 32 -2.41 -4.13 -11.46
C THR A 32 -1.14 -4.58 -10.71
N LEU A 33 -0.71 -3.86 -9.68
CA LEU A 33 0.39 -4.28 -8.80
C LEU A 33 0.10 -5.62 -8.11
N TRP A 34 -1.17 -5.94 -7.85
CA TRP A 34 -1.64 -7.17 -7.22
C TRP A 34 -1.71 -8.38 -8.18
N LYS A 35 -2.04 -8.20 -9.47
CA LYS A 35 -2.01 -9.30 -10.46
C LYS A 35 -0.61 -9.63 -11.00
N HIS A 36 0.38 -8.79 -10.67
CA HIS A 36 1.78 -8.94 -11.04
C HIS A 36 2.39 -10.29 -10.60
N GLN A 37 3.40 -10.76 -11.34
CA GLN A 37 4.17 -11.99 -11.06
C GLN A 37 4.89 -12.00 -9.69
N PHE A 38 5.06 -10.83 -9.05
CA PHE A 38 5.82 -10.64 -7.82
C PHE A 38 5.03 -9.95 -6.69
N ALA A 39 3.70 -9.90 -6.79
CA ALA A 39 2.81 -9.34 -5.77
C ALA A 39 2.70 -10.18 -4.48
N TRP A 40 2.86 -11.51 -4.59
CA TRP A 40 2.62 -12.48 -3.52
C TRP A 40 3.38 -12.27 -2.18
N PRO A 41 4.65 -11.81 -2.12
CA PRO A 41 5.29 -11.47 -0.84
C PRO A 41 4.74 -10.21 -0.15
N PHE A 42 3.79 -9.51 -0.77
CA PHE A 42 3.13 -8.31 -0.24
C PHE A 42 1.62 -8.48 0.01
N TYR A 43 1.03 -9.64 -0.32
CA TYR A 43 -0.40 -9.91 -0.08
C TYR A 43 -0.79 -9.92 1.41
N GLN A 44 0.17 -10.26 2.28
CA GLN A 44 -0.02 -10.46 3.73
C GLN A 44 1.15 -9.82 4.50
N PRO A 45 0.95 -9.42 5.77
CA PRO A 45 1.97 -8.71 6.54
C PRO A 45 3.21 -9.58 6.84
N VAL A 46 4.40 -8.97 6.78
CA VAL A 46 5.66 -9.55 7.25
C VAL A 46 5.57 -9.94 8.73
N ASP A 47 6.08 -11.12 9.08
CA ASP A 47 6.10 -11.67 10.45
C ASP A 47 7.53 -12.11 10.81
N ALA A 48 8.24 -11.27 11.58
CA ALA A 48 9.62 -11.52 12.00
C ALA A 48 9.81 -12.86 12.76
N ILE A 49 8.79 -13.34 13.46
CA ILE A 49 8.77 -14.64 14.15
C ILE A 49 8.79 -15.81 13.13
N LYS A 50 7.91 -15.75 12.12
CA LYS A 50 7.77 -16.77 11.06
C LYS A 50 9.01 -16.84 10.15
N LEU A 51 9.60 -15.68 9.87
CA LEU A 51 10.71 -15.47 8.93
C LEU A 51 12.08 -15.47 9.62
N ASN A 52 12.12 -15.66 10.95
CA ASN A 52 13.34 -15.67 11.78
C ASN A 52 14.23 -14.42 11.56
N LEU A 53 13.65 -13.23 11.77
CA LEU A 53 14.31 -11.91 11.64
C LEU A 53 14.41 -11.23 13.02
N PRO A 54 15.39 -11.62 13.86
CA PRO A 54 15.47 -11.22 15.28
C PRO A 54 15.75 -9.72 15.52
N ASP A 55 16.04 -8.95 14.47
CA ASP A 55 16.33 -7.51 14.50
C ASP A 55 15.49 -6.72 13.46
N TYR A 56 14.40 -7.30 12.93
CA TYR A 56 13.59 -6.69 11.84
C TYR A 56 13.27 -5.20 12.07
N HIS A 57 12.68 -4.88 13.22
CA HIS A 57 12.27 -3.52 13.62
C HIS A 57 13.44 -2.62 14.09
N LYS A 58 14.64 -3.17 14.26
CA LYS A 58 15.86 -2.37 14.57
C LYS A 58 16.40 -1.70 13.31
N ILE A 59 16.36 -2.40 12.16
CA ILE A 59 16.73 -1.86 10.85
C ILE A 59 15.55 -1.09 10.23
N ILE A 60 14.35 -1.68 10.19
CA ILE A 60 13.16 -1.06 9.59
C ILE A 60 12.56 0.01 10.53
N LYS A 61 12.69 1.29 10.15
CA LYS A 61 12.03 2.44 10.82
C LYS A 61 10.50 2.33 10.77
N ASN A 62 9.98 1.90 9.62
CA ASN A 62 8.54 1.88 9.28
C ASN A 62 8.24 0.78 8.22
N PRO A 63 7.63 -0.35 8.60
CA PRO A 63 7.26 -1.42 7.68
C PRO A 63 6.01 -1.07 6.85
N MET A 64 5.78 -1.80 5.75
CA MET A 64 4.58 -1.66 4.91
C MET A 64 4.31 -2.93 4.06
N ASP A 65 3.05 -3.18 3.71
CA ASP A 65 2.53 -4.39 3.05
C ASP A 65 1.27 -4.07 2.23
N MET A 66 1.19 -4.54 0.98
CA MET A 66 0.13 -4.17 0.03
C MET A 66 -1.28 -4.54 0.51
N GLY A 67 -1.43 -5.67 1.21
CA GLY A 67 -2.68 -6.12 1.83
C GLY A 67 -3.27 -5.14 2.85
N THR A 68 -2.43 -4.28 3.45
CA THR A 68 -2.82 -3.24 4.42
C THR A 68 -3.07 -1.87 3.76
N ILE A 69 -2.58 -1.65 2.53
CA ILE A 69 -2.91 -0.46 1.71
C ILE A 69 -4.36 -0.56 1.20
N LYS A 70 -4.72 -1.68 0.54
CA LYS A 70 -6.06 -1.89 -0.04
C LYS A 70 -7.21 -1.79 0.98
N LYS A 71 -6.95 -2.12 2.25
CA LYS A 71 -7.95 -2.13 3.34
C LYS A 71 -8.46 -0.72 3.68
N ARG A 72 -7.55 0.26 3.80
CA ARG A 72 -7.89 1.67 4.09
C ARG A 72 -8.42 2.42 2.87
N LEU A 73 -8.02 2.02 1.65
CA LEU A 73 -8.63 2.49 0.40
C LEU A 73 -10.13 2.15 0.27
N GLU A 74 -10.59 1.00 0.80
CA GLU A 74 -12.02 0.66 0.84
C GLU A 74 -12.78 1.49 1.89
N ASN A 75 -12.14 1.72 3.04
CA ASN A 75 -12.60 2.63 4.10
C ASN A 75 -12.51 4.13 3.68
N ASN A 76 -12.95 5.01 4.59
CA ASN A 76 -12.86 6.48 4.50
C ASN A 76 -11.67 7.04 5.31
N TYR A 77 -10.56 6.29 5.37
CA TYR A 77 -9.43 6.55 6.27
C TYR A 77 -8.71 7.89 5.99
N TYR A 78 -8.62 8.26 4.71
CA TYR A 78 -8.05 9.49 4.15
C TYR A 78 -8.95 10.06 3.04
N TRP A 79 -8.55 11.17 2.40
CA TRP A 79 -9.30 11.86 1.35
C TRP A 79 -8.59 11.82 -0.01
N SER A 80 -7.25 11.78 -0.02
CA SER A 80 -6.42 11.97 -1.22
C SER A 80 -5.34 10.89 -1.37
N ALA A 81 -5.13 10.48 -2.61
CA ALA A 81 -4.25 9.37 -2.99
C ALA A 81 -2.76 9.55 -2.67
N SER A 82 -2.29 10.76 -2.40
CA SER A 82 -0.91 11.04 -1.97
C SER A 82 -0.49 10.24 -0.73
N GLU A 83 -1.43 9.91 0.17
CA GLU A 83 -1.18 9.02 1.32
C GLU A 83 -0.85 7.60 0.86
N CYS A 84 -1.70 7.03 -0.01
CA CYS A 84 -1.48 5.71 -0.63
C CYS A 84 -0.18 5.63 -1.44
N MET A 85 0.18 6.71 -2.15
CA MET A 85 1.46 6.83 -2.86
C MET A 85 2.66 6.76 -1.90
N GLN A 86 2.58 7.46 -0.76
CA GLN A 86 3.59 7.37 0.31
C GLN A 86 3.67 5.97 0.95
N ASP A 87 2.55 5.25 1.11
CA ASP A 87 2.56 3.85 1.55
C ASP A 87 3.32 2.93 0.58
N PHE A 88 3.04 3.03 -0.73
CA PHE A 88 3.79 2.29 -1.75
C PHE A 88 5.28 2.65 -1.78
N ASN A 89 5.63 3.93 -1.69
CA ASN A 89 7.02 4.38 -1.56
C ASN A 89 7.72 3.72 -0.37
N THR A 90 7.13 3.78 0.83
CA THR A 90 7.66 3.14 2.05
C THR A 90 7.78 1.62 1.92
N MET A 91 6.85 0.95 1.24
CA MET A 91 6.92 -0.49 1.00
C MET A 91 8.17 -0.90 0.20
N PHE A 92 8.43 -0.24 -0.92
CA PHE A 92 9.59 -0.53 -1.76
C PHE A 92 10.91 -0.07 -1.09
N THR A 93 10.93 1.11 -0.47
CA THR A 93 12.11 1.64 0.22
C THR A 93 12.54 0.79 1.42
N ASN A 94 11.63 0.37 2.30
CA ASN A 94 12.01 -0.43 3.48
C ASN A 94 12.57 -1.81 3.07
N CYS A 95 12.06 -2.40 1.97
CA CYS A 95 12.64 -3.58 1.34
C CYS A 95 14.10 -3.38 0.88
N TYR A 96 14.44 -2.23 0.29
CA TYR A 96 15.80 -1.89 -0.14
C TYR A 96 16.79 -1.67 1.02
N ILE A 97 16.31 -1.21 2.18
CA ILE A 97 17.13 -1.03 3.39
C ILE A 97 17.55 -2.40 3.97
N TYR A 98 16.58 -3.27 4.28
CA TYR A 98 16.85 -4.55 4.97
C TYR A 98 17.64 -5.58 4.14
N ASN A 99 17.46 -5.57 2.82
CA ASN A 99 17.98 -6.61 1.91
C ASN A 99 19.12 -6.08 1.02
N LYS A 100 19.93 -6.99 0.45
CA LYS A 100 20.95 -6.65 -0.54
C LYS A 100 20.30 -6.29 -1.90
N PRO A 101 20.92 -5.43 -2.73
CA PRO A 101 20.35 -4.99 -4.01
C PRO A 101 20.17 -6.10 -5.07
N THR A 102 20.56 -7.34 -4.76
CA THR A 102 20.50 -8.54 -5.62
C THR A 102 19.61 -9.65 -5.04
N ASP A 103 19.02 -9.45 -3.85
CA ASP A 103 18.01 -10.36 -3.31
C ASP A 103 16.70 -10.27 -4.13
N ASP A 104 15.97 -11.39 -4.26
CA ASP A 104 14.77 -11.47 -5.09
C ASP A 104 13.72 -10.40 -4.71
N ILE A 105 13.40 -10.29 -3.42
CA ILE A 105 12.45 -9.29 -2.87
C ILE A 105 12.75 -7.84 -3.29
N VAL A 106 14.02 -7.48 -3.50
CA VAL A 106 14.40 -6.15 -4.03
C VAL A 106 14.07 -6.05 -5.51
N LEU A 107 14.45 -7.02 -6.33
CA LEU A 107 14.14 -7.02 -7.77
C LEU A 107 12.62 -7.04 -8.02
N MET A 108 11.88 -7.78 -7.20
CA MET A 108 10.41 -7.78 -7.13
C MET A 108 9.86 -6.38 -6.83
N ALA A 109 10.34 -5.72 -5.78
CA ALA A 109 9.96 -4.35 -5.43
C ALA A 109 10.33 -3.33 -6.52
N GLN A 110 11.49 -3.45 -7.17
CA GLN A 110 11.89 -2.61 -8.31
C GLN A 110 10.92 -2.76 -9.50
N ALA A 111 10.58 -3.99 -9.89
CA ALA A 111 9.63 -4.24 -10.99
C ALA A 111 8.22 -3.70 -10.68
N LEU A 112 7.75 -3.84 -9.44
CA LEU A 112 6.50 -3.23 -8.98
C LEU A 112 6.57 -1.69 -8.97
N GLU A 113 7.66 -1.10 -8.47
CA GLU A 113 7.79 0.36 -8.32
C GLU A 113 7.65 1.12 -9.64
N LYS A 114 8.35 0.71 -10.71
CA LYS A 114 8.23 1.33 -12.03
C LYS A 114 6.81 1.26 -12.61
N ILE A 115 6.05 0.20 -12.33
CA ILE A 115 4.64 0.08 -12.73
C ILE A 115 3.73 0.95 -11.84
N PHE A 116 3.97 0.99 -10.53
CA PHE A 116 3.31 1.92 -9.62
C PHE A 116 3.44 3.35 -10.16
N LEU A 117 4.65 3.79 -10.48
CA LEU A 117 4.93 5.11 -11.04
C LEU A 117 4.24 5.33 -12.40
N GLN A 118 4.23 4.37 -13.33
CA GLN A 118 3.61 4.55 -14.65
C GLN A 118 2.10 4.73 -14.56
N LYS A 119 1.44 4.11 -13.56
CA LYS A 119 0.00 4.27 -13.31
C LYS A 119 -0.31 5.60 -12.63
N VAL A 120 0.34 5.97 -11.51
CA VAL A 120 0.05 7.25 -10.83
C VAL A 120 0.43 8.46 -11.68
N ALA A 121 1.37 8.30 -12.62
CA ALA A 121 1.70 9.32 -13.62
C ALA A 121 0.50 9.68 -14.52
N GLN A 122 -0.39 8.71 -14.76
CA GLN A 122 -1.64 8.89 -15.50
C GLN A 122 -2.84 9.25 -14.60
N MET A 123 -2.70 9.17 -13.26
CA MET A 123 -3.72 9.61 -12.31
C MET A 123 -3.95 11.14 -12.42
N PRO A 124 -5.19 11.66 -12.30
CA PRO A 124 -5.48 13.09 -12.16
C PRO A 124 -4.65 13.81 -11.08
N GLN A 125 -4.61 15.14 -11.15
CA GLN A 125 -4.02 16.01 -10.12
C GLN A 125 -5.05 16.54 -9.09
N GLU A 126 -6.33 16.36 -9.37
CA GLU A 126 -7.48 16.85 -8.60
C GLU A 126 -8.41 15.69 -8.20
N GLU A 127 -9.30 15.91 -7.22
CA GLU A 127 -10.22 14.89 -6.72
C GLU A 127 -11.70 15.27 -6.76
N VAL A 128 -12.54 14.24 -6.64
CA VAL A 128 -14.01 14.30 -6.71
C VAL A 128 -14.63 13.39 -5.66
N GLU A 129 -15.64 13.88 -4.96
CA GLU A 129 -16.50 13.12 -4.04
C GLU A 129 -17.33 12.07 -4.80
N LEU A 130 -17.17 10.78 -4.45
CA LEU A 130 -17.95 9.69 -5.07
C LEU A 130 -19.40 9.65 -4.57
N LEU A 131 -20.30 9.18 -5.43
CA LEU A 131 -21.71 8.92 -5.10
C LEU A 131 -21.90 7.65 -4.24
N PRO A 132 -23.04 7.52 -3.54
CA PRO A 132 -23.41 6.29 -2.84
C PRO A 132 -23.76 5.15 -3.82
N PRO A 133 -23.68 3.87 -3.39
CA PRO A 133 -24.03 2.73 -4.24
C PRO A 133 -25.55 2.62 -4.44
N ALA A 134 -25.95 1.98 -5.54
CA ALA A 134 -27.35 1.71 -5.87
C ALA A 134 -27.93 0.55 -5.03
N PRO A 135 -29.25 0.53 -4.75
CA PRO A 135 -29.91 -0.58 -4.07
C PRO A 135 -30.03 -1.82 -4.97
N LYS A 136 -29.97 -3.02 -4.37
CA LYS A 136 -30.19 -4.30 -5.05
C LYS A 136 -31.69 -4.52 -5.38
N GLY A 137 -31.97 -5.38 -6.36
CA GLY A 137 -33.32 -5.77 -6.79
C GLY A 137 -33.38 -7.15 -7.46
N LYS A 138 -34.58 -7.57 -7.85
CA LYS A 138 -34.88 -8.88 -8.46
C LYS A 138 -36.03 -8.82 -9.49
N GLY A 1 6.61 3.98 27.10
CA GLY A 1 5.39 3.32 26.59
C GLY A 1 5.55 2.92 25.13
N SER A 2 4.59 3.29 24.28
CA SER A 2 4.51 3.02 22.82
C SER A 2 4.39 1.54 22.37
N SER A 3 4.44 0.58 23.29
CA SER A 3 4.19 -0.85 23.01
C SER A 3 2.73 -1.09 22.59
N GLY A 4 2.51 -1.43 21.33
CA GLY A 4 1.18 -1.59 20.72
C GLY A 4 1.23 -1.88 19.21
N SER A 5 0.07 -1.82 18.55
CA SER A 5 -0.07 -2.01 17.10
C SER A 5 0.69 -0.96 16.27
N SER A 6 1.09 -1.34 15.05
CA SER A 6 1.88 -0.48 14.13
C SER A 6 1.06 0.67 13.52
N GLY A 7 -0.26 0.50 13.35
CA GLY A 7 -1.16 1.46 12.71
C GLY A 7 -2.60 0.96 12.62
N GLU A 8 -3.43 1.69 11.86
CA GLU A 8 -4.87 1.45 11.68
C GLU A 8 -5.33 1.71 10.22
N VAL A 9 -6.52 1.19 9.88
CA VAL A 9 -7.06 1.12 8.51
C VAL A 9 -8.50 1.62 8.38
N SER A 10 -9.19 1.77 9.50
CA SER A 10 -10.57 2.27 9.60
C SER A 10 -10.77 2.98 10.94
N ASN A 11 -11.43 4.14 10.91
CA ASN A 11 -11.65 5.00 12.07
C ASN A 11 -12.91 5.88 11.87
N PRO A 12 -13.91 5.83 12.77
CA PRO A 12 -15.18 6.55 12.62
C PRO A 12 -15.10 8.05 12.95
N SER A 13 -14.00 8.54 13.53
CA SER A 13 -13.81 9.95 13.95
C SER A 13 -12.76 10.71 13.13
N LYS A 14 -11.78 9.99 12.54
CA LYS A 14 -10.79 10.56 11.60
C LYS A 14 -11.48 11.07 10.32
N PRO A 15 -11.20 12.30 9.85
CA PRO A 15 -11.81 12.85 8.63
C PRO A 15 -11.26 12.19 7.36
N GLY A 16 -12.12 12.09 6.34
CA GLY A 16 -11.80 11.51 5.03
C GLY A 16 -13.06 11.13 4.23
N ARG A 17 -12.88 10.97 2.92
CA ARG A 17 -13.93 10.56 1.96
C ARG A 17 -13.31 9.89 0.73
N LYS A 18 -14.09 9.06 0.04
CA LYS A 18 -13.72 8.51 -1.27
C LYS A 18 -13.81 9.59 -2.36
N THR A 19 -12.85 9.59 -3.28
CA THR A 19 -12.69 10.55 -4.39
C THR A 19 -12.21 9.82 -5.64
N ASN A 20 -12.24 10.48 -6.80
CA ASN A 20 -11.60 9.96 -8.02
C ASN A 20 -10.13 9.52 -7.81
N GLN A 21 -9.40 10.19 -6.91
CA GLN A 21 -8.01 9.87 -6.58
C GLN A 21 -7.90 8.51 -5.87
N LEU A 22 -8.59 8.32 -4.74
CA LEU A 22 -8.59 7.05 -4.00
C LEU A 22 -9.25 5.91 -4.79
N GLN A 23 -10.27 6.20 -5.60
CA GLN A 23 -10.86 5.26 -6.55
C GLN A 23 -9.81 4.74 -7.54
N TYR A 24 -9.04 5.61 -8.18
CA TYR A 24 -7.99 5.25 -9.12
C TYR A 24 -6.90 4.37 -8.47
N MET A 25 -6.50 4.66 -7.22
CA MET A 25 -5.58 3.82 -6.45
C MET A 25 -6.10 2.38 -6.31
N GLN A 26 -7.36 2.16 -5.91
CA GLN A 26 -7.93 0.80 -5.80
C GLN A 26 -8.35 0.15 -7.15
N ASN A 27 -8.53 0.93 -8.22
CA ASN A 27 -9.09 0.43 -9.49
C ASN A 27 -8.04 0.19 -10.59
N VAL A 28 -6.87 0.83 -10.49
CA VAL A 28 -5.78 0.69 -11.47
C VAL A 28 -4.44 0.42 -10.80
N VAL A 29 -4.07 1.20 -9.77
CA VAL A 29 -2.72 1.15 -9.19
C VAL A 29 -2.51 -0.13 -8.39
N VAL A 30 -3.23 -0.29 -7.27
CA VAL A 30 -3.27 -1.54 -6.48
C VAL A 30 -3.75 -2.70 -7.34
N LYS A 31 -4.77 -2.48 -8.19
CA LYS A 31 -5.33 -3.50 -9.10
C LYS A 31 -4.26 -4.13 -9.99
N THR A 32 -3.41 -3.32 -10.62
CA THR A 32 -2.32 -3.81 -11.48
C THR A 32 -1.18 -4.43 -10.65
N LEU A 33 -0.78 -3.77 -9.55
CA LEU A 33 0.30 -4.24 -8.68
C LEU A 33 -0.04 -5.58 -8.01
N TRP A 34 -1.32 -5.85 -7.71
CA TRP A 34 -1.82 -7.12 -7.18
C TRP A 34 -1.90 -8.23 -8.25
N LYS A 35 -2.14 -7.88 -9.53
CA LYS A 35 -2.13 -8.84 -10.65
C LYS A 35 -0.72 -9.22 -11.13
N HIS A 36 0.31 -8.53 -10.65
CA HIS A 36 1.72 -8.75 -11.03
C HIS A 36 2.25 -10.15 -10.67
N GLN A 37 3.26 -10.61 -11.42
CA GLN A 37 3.99 -11.87 -11.18
C GLN A 37 4.64 -11.96 -9.78
N PHE A 38 4.94 -10.82 -9.15
CA PHE A 38 5.69 -10.72 -7.89
C PHE A 38 4.94 -10.00 -6.76
N ALA A 39 3.60 -9.93 -6.85
CA ALA A 39 2.72 -9.38 -5.82
C ALA A 39 2.63 -10.27 -4.55
N TRP A 40 2.86 -11.57 -4.68
CA TRP A 40 2.62 -12.57 -3.63
C TRP A 40 3.37 -12.41 -2.29
N PRO A 41 4.61 -11.90 -2.19
CA PRO A 41 5.24 -11.63 -0.90
C PRO A 41 4.67 -10.38 -0.19
N PHE A 42 3.74 -9.66 -0.81
CA PHE A 42 3.08 -8.45 -0.26
C PHE A 42 1.57 -8.63 -0.03
N TYR A 43 0.98 -9.80 -0.36
CA TYR A 43 -0.45 -10.07 -0.12
C TYR A 43 -0.84 -10.07 1.37
N GLN A 44 0.12 -10.35 2.26
CA GLN A 44 -0.05 -10.50 3.71
C GLN A 44 1.12 -9.84 4.47
N PRO A 45 0.92 -9.40 5.73
CA PRO A 45 1.98 -8.77 6.52
C PRO A 45 3.11 -9.74 6.87
N VAL A 46 4.35 -9.25 6.85
CA VAL A 46 5.55 -9.98 7.32
C VAL A 46 5.42 -10.37 8.80
N ASP A 47 5.91 -11.56 9.13
CA ASP A 47 6.06 -12.07 10.50
C ASP A 47 7.54 -12.37 10.79
N ALA A 48 8.24 -11.41 11.40
CA ALA A 48 9.66 -11.50 11.75
C ALA A 48 10.01 -12.73 12.61
N ILE A 49 9.06 -13.25 13.41
CA ILE A 49 9.21 -14.49 14.19
C ILE A 49 9.41 -15.70 13.25
N LYS A 50 8.50 -15.89 12.28
CA LYS A 50 8.52 -16.99 11.30
C LYS A 50 9.70 -16.91 10.34
N LEU A 51 10.10 -15.69 9.96
CA LEU A 51 11.30 -15.44 9.13
C LEU A 51 12.62 -15.43 9.93
N ASN A 52 12.57 -15.58 11.25
CA ASN A 52 13.71 -15.57 12.17
C ASN A 52 14.59 -14.30 12.04
N LEU A 53 13.96 -13.13 12.15
CA LEU A 53 14.55 -11.80 12.00
C LEU A 53 14.47 -11.02 13.34
N PRO A 54 15.37 -11.27 14.30
CA PRO A 54 15.33 -10.68 15.64
C PRO A 54 15.60 -9.16 15.65
N ASP A 55 16.03 -8.59 14.52
CA ASP A 55 16.33 -7.17 14.33
C ASP A 55 15.57 -6.57 13.12
N TYR A 56 14.45 -7.17 12.70
CA TYR A 56 13.63 -6.65 11.59
C TYR A 56 13.26 -5.17 11.77
N HIS A 57 12.62 -4.84 12.89
CA HIS A 57 12.14 -3.48 13.22
C HIS A 57 13.26 -2.50 13.64
N LYS A 58 14.47 -3.00 13.92
CA LYS A 58 15.64 -2.16 14.29
C LYS A 58 16.17 -1.37 13.09
N ILE A 59 16.07 -1.96 11.88
CA ILE A 59 16.54 -1.37 10.61
C ILE A 59 15.38 -0.82 9.78
N ILE A 60 14.26 -1.55 9.69
CA ILE A 60 13.02 -1.07 9.04
C ILE A 60 12.48 0.18 9.75
N LYS A 61 12.46 1.32 9.04
CA LYS A 61 11.96 2.62 9.55
C LYS A 61 10.47 2.56 9.87
N ASN A 62 9.68 2.00 8.95
CA ASN A 62 8.27 1.64 9.13
C ASN A 62 7.86 0.52 8.15
N PRO A 63 7.25 -0.58 8.64
CA PRO A 63 6.86 -1.73 7.81
C PRO A 63 5.59 -1.44 7.00
N MET A 64 5.43 -2.16 5.89
CA MET A 64 4.25 -2.14 5.02
C MET A 64 4.24 -3.36 4.10
N ASP A 65 3.06 -3.94 3.89
CA ASP A 65 2.76 -4.97 2.89
C ASP A 65 1.39 -4.65 2.26
N MET A 66 1.30 -4.75 0.93
CA MET A 66 0.20 -4.29 0.07
C MET A 66 -1.22 -4.65 0.53
N GLY A 67 -1.42 -5.79 1.21
CA GLY A 67 -2.69 -6.16 1.82
C GLY A 67 -3.28 -5.09 2.76
N THR A 68 -2.42 -4.30 3.40
CA THR A 68 -2.78 -3.16 4.28
C THR A 68 -3.34 -1.98 3.47
N ILE A 69 -2.81 -1.75 2.27
CA ILE A 69 -3.16 -0.61 1.41
C ILE A 69 -4.59 -0.76 0.91
N LYS A 70 -4.94 -1.91 0.31
CA LYS A 70 -6.32 -2.20 -0.10
C LYS A 70 -7.31 -2.11 1.05
N LYS A 71 -6.96 -2.60 2.24
CA LYS A 71 -7.80 -2.58 3.45
C LYS A 71 -8.21 -1.16 3.87
N ARG A 72 -7.28 -0.19 3.78
CA ARG A 72 -7.55 1.21 4.15
C ARG A 72 -8.14 2.05 3.00
N LEU A 73 -7.83 1.72 1.74
CA LEU A 73 -8.55 2.26 0.56
C LEU A 73 -10.04 1.89 0.53
N GLU A 74 -10.41 0.70 1.02
CA GLU A 74 -11.80 0.24 1.17
C GLU A 74 -12.55 0.90 2.35
N ASN A 75 -11.94 1.91 2.95
CA ASN A 75 -12.50 2.78 4.00
C ASN A 75 -12.30 4.27 3.62
N ASN A 76 -13.07 5.17 4.23
CA ASN A 76 -12.85 6.63 4.13
C ASN A 76 -11.69 7.11 5.04
N TYR A 77 -10.63 6.30 5.17
CA TYR A 77 -9.54 6.47 6.13
C TYR A 77 -8.76 7.78 5.94
N TYR A 78 -8.61 8.20 4.68
CA TYR A 78 -8.00 9.45 4.24
C TYR A 78 -8.87 10.13 3.15
N TRP A 79 -8.41 11.29 2.64
CA TRP A 79 -9.11 12.11 1.65
C TRP A 79 -8.40 12.11 0.27
N SER A 80 -7.08 11.89 0.24
CA SER A 80 -6.22 12.06 -0.94
C SER A 80 -5.26 10.89 -1.15
N ALA A 81 -5.02 10.54 -2.41
CA ALA A 81 -4.18 9.43 -2.85
C ALA A 81 -2.68 9.57 -2.51
N SER A 82 -2.21 10.77 -2.16
CA SER A 82 -0.84 11.00 -1.67
C SER A 82 -0.45 10.11 -0.49
N GLU A 83 -1.38 9.79 0.41
CA GLU A 83 -1.16 8.88 1.54
C GLU A 83 -0.98 7.42 1.09
N CYS A 84 -1.78 6.97 0.13
CA CYS A 84 -1.64 5.66 -0.52
C CYS A 84 -0.34 5.55 -1.34
N MET A 85 0.10 6.63 -1.96
CA MET A 85 1.40 6.70 -2.66
C MET A 85 2.58 6.60 -1.68
N GLN A 86 2.50 7.29 -0.54
CA GLN A 86 3.49 7.18 0.54
C GLN A 86 3.55 5.78 1.17
N ASP A 87 2.45 5.02 1.19
CA ASP A 87 2.47 3.61 1.61
C ASP A 87 3.26 2.72 0.63
N PHE A 88 3.05 2.86 -0.68
CA PHE A 88 3.87 2.15 -1.68
C PHE A 88 5.34 2.57 -1.64
N ASN A 89 5.63 3.87 -1.48
CA ASN A 89 6.99 4.37 -1.26
C ASN A 89 7.63 3.73 -0.01
N THR A 90 6.91 3.66 1.10
CA THR A 90 7.34 3.01 2.35
C THR A 90 7.72 1.55 2.11
N MET A 91 6.86 0.77 1.44
CA MET A 91 7.08 -0.63 1.11
C MET A 91 8.38 -0.85 0.31
N PHE A 92 8.46 -0.25 -0.88
CA PHE A 92 9.59 -0.45 -1.79
C PHE A 92 10.92 0.05 -1.19
N THR A 93 10.92 1.20 -0.52
CA THR A 93 12.11 1.72 0.17
C THR A 93 12.53 0.85 1.35
N ASN A 94 11.62 0.41 2.23
CA ASN A 94 11.98 -0.43 3.37
C ASN A 94 12.56 -1.80 2.93
N CYS A 95 12.11 -2.33 1.78
CA CYS A 95 12.70 -3.50 1.14
C CYS A 95 14.17 -3.28 0.76
N TYR A 96 14.51 -2.14 0.17
CA TYR A 96 15.89 -1.79 -0.24
C TYR A 96 16.84 -1.53 0.95
N ILE A 97 16.32 -1.05 2.09
CA ILE A 97 17.14 -0.81 3.29
C ILE A 97 17.55 -2.15 3.93
N TYR A 98 16.58 -3.00 4.25
CA TYR A 98 16.82 -4.25 5.00
C TYR A 98 17.57 -5.33 4.20
N ASN A 99 17.38 -5.39 2.88
CA ASN A 99 17.87 -6.48 2.03
C ASN A 99 18.97 -6.03 1.04
N LYS A 100 19.77 -6.98 0.56
CA LYS A 100 20.83 -6.76 -0.44
C LYS A 100 20.23 -6.35 -1.80
N PRO A 101 20.92 -5.50 -2.60
CA PRO A 101 20.39 -4.98 -3.87
C PRO A 101 20.16 -6.02 -4.97
N THR A 102 20.57 -7.27 -4.74
CA THR A 102 20.44 -8.41 -5.66
C THR A 102 19.55 -9.54 -5.09
N ASP A 103 18.99 -9.37 -3.90
CA ASP A 103 18.02 -10.32 -3.32
C ASP A 103 16.70 -10.32 -4.12
N ASP A 104 16.04 -11.48 -4.23
CA ASP A 104 14.77 -11.62 -4.97
C ASP A 104 13.71 -10.59 -4.54
N ILE A 105 13.52 -10.39 -3.22
CA ILE A 105 12.55 -9.43 -2.66
C ILE A 105 12.77 -7.99 -3.12
N VAL A 106 14.03 -7.57 -3.33
CA VAL A 106 14.37 -6.26 -3.89
C VAL A 106 13.98 -6.19 -5.37
N LEU A 107 14.26 -7.22 -6.16
CA LEU A 107 13.85 -7.27 -7.57
C LEU A 107 12.32 -7.26 -7.73
N MET A 108 11.58 -7.91 -6.82
CA MET A 108 10.11 -7.78 -6.75
C MET A 108 9.70 -6.31 -6.57
N ALA A 109 10.24 -5.65 -5.55
CA ALA A 109 9.95 -4.25 -5.26
C ALA A 109 10.34 -3.30 -6.42
N GLN A 110 11.48 -3.52 -7.08
CA GLN A 110 11.88 -2.76 -8.27
C GLN A 110 10.87 -2.91 -9.42
N ALA A 111 10.48 -4.15 -9.76
CA ALA A 111 9.53 -4.41 -10.84
C ALA A 111 8.14 -3.82 -10.56
N LEU A 112 7.66 -3.93 -9.31
CA LEU A 112 6.42 -3.30 -8.87
C LEU A 112 6.52 -1.76 -8.88
N GLU A 113 7.60 -1.16 -8.39
CA GLU A 113 7.76 0.30 -8.29
C GLU A 113 7.70 1.00 -9.66
N LYS A 114 8.37 0.45 -10.68
CA LYS A 114 8.35 1.00 -12.05
C LYS A 114 6.93 1.10 -12.62
N ILE A 115 6.11 0.09 -12.32
CA ILE A 115 4.70 0.07 -12.72
C ILE A 115 3.84 0.97 -11.82
N PHE A 116 4.05 0.98 -10.51
CA PHE A 116 3.40 1.90 -9.58
C PHE A 116 3.55 3.36 -10.09
N LEU A 117 4.77 3.77 -10.40
CA LEU A 117 5.06 5.10 -10.92
C LEU A 117 4.38 5.37 -12.28
N GLN A 118 4.37 4.43 -13.22
CA GLN A 118 3.73 4.63 -14.53
C GLN A 118 2.20 4.74 -14.43
N LYS A 119 1.59 4.06 -13.45
CA LYS A 119 0.15 4.15 -13.18
C LYS A 119 -0.23 5.45 -12.47
N VAL A 120 0.45 5.87 -11.40
CA VAL A 120 0.13 7.15 -10.73
C VAL A 120 0.48 8.36 -11.61
N ALA A 121 1.44 8.23 -12.53
CA ALA A 121 1.73 9.24 -13.53
C ALA A 121 0.52 9.54 -14.43
N GLN A 122 -0.31 8.51 -14.66
CA GLN A 122 -1.56 8.59 -15.43
C GLN A 122 -2.79 8.94 -14.55
N MET A 123 -2.64 9.01 -13.23
CA MET A 123 -3.68 9.49 -12.31
C MET A 123 -4.00 10.98 -12.60
N PRO A 124 -5.28 11.39 -12.61
CA PRO A 124 -5.66 12.78 -12.76
C PRO A 124 -5.11 13.63 -11.61
N GLN A 125 -4.81 14.90 -11.90
CA GLN A 125 -4.16 15.82 -10.95
C GLN A 125 -5.17 16.65 -10.13
N GLU A 126 -6.43 16.65 -10.56
CA GLU A 126 -7.57 17.30 -9.90
C GLU A 126 -8.41 16.29 -9.09
N GLU A 127 -9.04 16.77 -8.02
CA GLU A 127 -9.94 15.99 -7.16
C GLU A 127 -11.41 16.26 -7.54
N VAL A 128 -12.24 15.21 -7.50
CA VAL A 128 -13.69 15.31 -7.62
C VAL A 128 -14.39 14.24 -6.77
N GLU A 129 -15.46 14.66 -6.10
CA GLU A 129 -16.36 13.84 -5.30
C GLU A 129 -17.13 12.81 -6.16
N LEU A 130 -17.15 11.54 -5.72
CA LEU A 130 -17.79 10.45 -6.47
C LEU A 130 -19.32 10.41 -6.34
N LEU A 131 -19.97 9.90 -7.39
CA LEU A 131 -21.40 9.54 -7.40
C LEU A 131 -21.65 8.25 -6.59
N PRO A 132 -22.86 8.02 -6.05
CA PRO A 132 -23.15 6.85 -5.22
C PRO A 132 -23.35 5.56 -6.07
N PRO A 133 -22.94 4.38 -5.56
CA PRO A 133 -23.16 3.09 -6.22
C PRO A 133 -24.63 2.63 -6.16
N ALA A 134 -24.96 1.57 -6.91
CA ALA A 134 -26.28 0.95 -6.94
C ALA A 134 -26.20 -0.59 -7.15
N PRO A 135 -27.17 -1.37 -6.64
CA PRO A 135 -27.22 -2.84 -6.76
C PRO A 135 -27.68 -3.29 -8.17
N LYS A 136 -26.78 -3.17 -9.17
CA LYS A 136 -27.02 -3.56 -10.57
C LYS A 136 -27.49 -5.02 -10.75
N GLY A 137 -26.99 -5.94 -9.91
CA GLY A 137 -27.41 -7.34 -9.85
C GLY A 137 -26.54 -8.20 -8.92
N LYS A 138 -26.99 -9.44 -8.67
CA LYS A 138 -26.26 -10.46 -7.90
C LYS A 138 -24.94 -10.91 -8.57
N GLY A 1 1.71 -1.38 18.09
CA GLY A 1 3.06 -0.85 17.80
C GLY A 1 3.60 -0.03 18.97
N SER A 2 4.85 -0.27 19.37
CA SER A 2 5.50 0.37 20.52
C SER A 2 5.78 1.88 20.34
N SER A 3 5.75 2.39 19.11
CA SER A 3 5.92 3.82 18.78
C SER A 3 5.20 4.17 17.46
N GLY A 4 4.91 5.45 17.25
CA GLY A 4 4.16 5.96 16.09
C GLY A 4 2.67 5.60 16.11
N SER A 5 1.97 5.89 15.01
CA SER A 5 0.52 5.67 14.86
C SER A 5 0.09 5.04 13.53
N SER A 6 0.95 5.00 12.50
CA SER A 6 0.66 4.30 11.25
C SER A 6 0.70 2.77 11.45
N GLY A 7 -0.37 2.11 11.04
CA GLY A 7 -0.62 0.67 11.19
C GLY A 7 -2.12 0.37 11.23
N GLU A 8 -2.89 1.32 11.77
CA GLU A 8 -4.36 1.37 11.70
C GLU A 8 -4.89 1.55 10.26
N VAL A 9 -6.17 1.24 10.06
CA VAL A 9 -6.89 1.29 8.76
C VAL A 9 -8.26 1.98 8.85
N SER A 10 -8.54 2.52 10.03
CA SER A 10 -9.72 3.30 10.39
C SER A 10 -9.37 4.33 11.48
N ASN A 11 -10.27 5.28 11.76
CA ASN A 11 -10.03 6.43 12.64
C ASN A 11 -11.23 6.77 13.55
N PRO A 12 -11.00 7.21 14.80
CA PRO A 12 -12.04 7.56 15.77
C PRO A 12 -12.66 8.95 15.56
N SER A 13 -11.96 9.87 14.87
CA SER A 13 -12.38 11.28 14.71
C SER A 13 -11.80 11.99 13.47
N LYS A 14 -10.58 11.63 13.03
CA LYS A 14 -9.88 12.23 11.88
C LYS A 14 -10.73 12.18 10.59
N PRO A 15 -10.80 13.25 9.78
CA PRO A 15 -11.58 13.27 8.53
C PRO A 15 -10.99 12.40 7.41
N GLY A 16 -11.83 12.07 6.44
CA GLY A 16 -11.51 11.40 5.18
C GLY A 16 -12.78 11.07 4.37
N ARG A 17 -12.63 10.91 3.05
CA ARG A 17 -13.69 10.44 2.13
C ARG A 17 -13.06 9.76 0.91
N LYS A 18 -13.80 8.83 0.30
CA LYS A 18 -13.45 8.24 -1.00
C LYS A 18 -13.66 9.26 -2.12
N THR A 19 -12.74 9.30 -3.08
CA THR A 19 -12.70 10.25 -4.21
C THR A 19 -12.26 9.54 -5.49
N ASN A 20 -12.39 10.19 -6.64
CA ASN A 20 -11.86 9.70 -7.92
C ASN A 20 -10.38 9.27 -7.86
N GLN A 21 -9.53 9.97 -7.10
CA GLN A 21 -8.11 9.63 -6.96
C GLN A 21 -7.92 8.36 -6.12
N LEU A 22 -8.59 8.25 -4.97
CA LEU A 22 -8.57 7.03 -4.15
C LEU A 22 -9.20 5.83 -4.85
N GLN A 23 -10.22 6.05 -5.69
CA GLN A 23 -10.74 5.03 -6.60
C GLN A 23 -9.64 4.56 -7.55
N TYR A 24 -8.96 5.46 -8.23
CA TYR A 24 -7.86 5.13 -9.16
C TYR A 24 -6.75 4.32 -8.48
N MET A 25 -6.37 4.67 -7.25
CA MET A 25 -5.44 3.86 -6.43
C MET A 25 -5.96 2.43 -6.24
N GLN A 26 -7.17 2.23 -5.70
CA GLN A 26 -7.69 0.89 -5.38
C GLN A 26 -8.20 0.09 -6.60
N ASN A 27 -8.36 0.73 -7.76
CA ASN A 27 -9.04 0.16 -8.94
C ASN A 27 -8.10 -0.03 -10.14
N VAL A 28 -6.97 0.67 -10.18
CA VAL A 28 -6.01 0.60 -11.28
C VAL A 28 -4.59 0.36 -10.76
N VAL A 29 -4.12 1.17 -9.80
CA VAL A 29 -2.75 1.09 -9.27
C VAL A 29 -2.56 -0.21 -8.49
N VAL A 30 -3.30 -0.39 -7.37
CA VAL A 30 -3.32 -1.62 -6.58
C VAL A 30 -3.73 -2.81 -7.44
N LYS A 31 -4.82 -2.69 -8.22
CA LYS A 31 -5.35 -3.81 -9.03
C LYS A 31 -4.32 -4.35 -10.01
N THR A 32 -3.59 -3.48 -10.71
CA THR A 32 -2.53 -3.92 -11.64
C THR A 32 -1.31 -4.48 -10.91
N LEU A 33 -0.86 -3.84 -9.82
CA LEU A 33 0.26 -4.33 -9.00
C LEU A 33 -0.06 -5.69 -8.35
N TRP A 34 -1.31 -5.95 -7.96
CA TRP A 34 -1.79 -7.23 -7.41
C TRP A 34 -1.86 -8.35 -8.45
N LYS A 35 -2.05 -8.02 -9.74
CA LYS A 35 -2.05 -8.98 -10.86
C LYS A 35 -0.64 -9.32 -11.39
N HIS A 36 0.40 -8.65 -10.87
CA HIS A 36 1.81 -8.85 -11.26
C HIS A 36 2.35 -10.25 -10.88
N GLN A 37 3.42 -10.67 -11.56
CA GLN A 37 4.16 -11.92 -11.29
C GLN A 37 4.72 -12.03 -9.86
N PHE A 38 4.96 -10.89 -9.19
CA PHE A 38 5.66 -10.81 -7.90
C PHE A 38 4.86 -10.08 -6.80
N ALA A 39 3.54 -10.01 -6.94
CA ALA A 39 2.65 -9.42 -5.93
C ALA A 39 2.53 -10.25 -4.64
N TRP A 40 2.70 -11.57 -4.73
CA TRP A 40 2.44 -12.54 -3.65
C TRP A 40 3.17 -12.30 -2.30
N PRO A 41 4.45 -11.87 -2.23
CA PRO A 41 5.08 -11.50 -0.94
C PRO A 41 4.54 -10.21 -0.31
N PHE A 42 3.65 -9.48 -1.00
CA PHE A 42 3.03 -8.23 -0.53
C PHE A 42 1.52 -8.36 -0.27
N TYR A 43 0.91 -9.53 -0.51
CA TYR A 43 -0.51 -9.77 -0.20
C TYR A 43 -0.85 -9.70 1.30
N GLN A 44 0.16 -9.80 2.18
CA GLN A 44 0.03 -9.90 3.63
C GLN A 44 1.14 -9.12 4.36
N PRO A 45 0.95 -8.71 5.63
CA PRO A 45 1.99 -8.08 6.43
C PRO A 45 3.15 -9.04 6.73
N VAL A 46 4.35 -8.46 6.94
CA VAL A 46 5.57 -9.20 7.29
C VAL A 46 5.50 -9.70 8.75
N ASP A 47 6.06 -10.89 9.02
CA ASP A 47 6.11 -11.52 10.34
C ASP A 47 7.55 -11.94 10.69
N ALA A 48 8.24 -11.09 11.44
CA ALA A 48 9.61 -11.32 11.90
C ALA A 48 9.80 -12.64 12.69
N ILE A 49 8.74 -13.12 13.37
CA ILE A 49 8.71 -14.41 14.07
C ILE A 49 8.79 -15.58 13.08
N LYS A 50 7.95 -15.56 12.03
CA LYS A 50 7.89 -16.61 10.99
C LYS A 50 9.15 -16.66 10.11
N LEU A 51 9.71 -15.49 9.81
CA LEU A 51 10.88 -15.29 8.96
C LEU A 51 12.21 -15.30 9.74
N ASN A 52 12.17 -15.46 11.07
CA ASN A 52 13.35 -15.47 11.97
C ASN A 52 14.26 -14.24 11.78
N LEU A 53 13.70 -13.04 11.95
CA LEU A 53 14.38 -11.74 11.78
C LEU A 53 14.48 -11.00 13.13
N PRO A 54 15.51 -11.30 13.96
CA PRO A 54 15.62 -10.80 15.34
C PRO A 54 15.85 -9.28 15.47
N ASP A 55 16.17 -8.60 14.36
CA ASP A 55 16.38 -7.15 14.29
C ASP A 55 15.50 -6.47 13.22
N TYR A 56 14.39 -7.09 12.80
CA TYR A 56 13.49 -6.53 11.78
C TYR A 56 13.11 -5.06 12.05
N HIS A 57 12.57 -4.77 13.24
CA HIS A 57 12.12 -3.41 13.63
C HIS A 57 13.26 -2.45 14.03
N LYS A 58 14.47 -2.94 14.30
CA LYS A 58 15.66 -2.11 14.54
C LYS A 58 16.12 -1.40 13.25
N ILE A 59 16.06 -2.09 12.12
CA ILE A 59 16.38 -1.53 10.78
C ILE A 59 15.13 -0.91 10.13
N ILE A 60 13.98 -1.59 10.16
CA ILE A 60 12.72 -1.08 9.60
C ILE A 60 12.04 -0.10 10.57
N LYS A 61 12.13 1.19 10.25
CA LYS A 61 11.46 2.28 10.98
C LYS A 61 9.93 2.26 10.79
N ASN A 62 9.47 1.92 9.58
CA ASN A 62 8.05 1.86 9.20
C ASN A 62 7.81 0.71 8.19
N PRO A 63 7.22 -0.42 8.62
CA PRO A 63 6.83 -1.52 7.73
C PRO A 63 5.54 -1.18 6.97
N MET A 64 5.40 -1.70 5.75
CA MET A 64 4.22 -1.52 4.88
C MET A 64 4.12 -2.65 3.84
N ASP A 65 2.89 -3.01 3.45
CA ASP A 65 2.58 -4.09 2.48
C ASP A 65 1.27 -3.80 1.73
N MET A 66 1.12 -4.36 0.52
CA MET A 66 0.00 -4.09 -0.38
C MET A 66 -1.35 -4.54 0.19
N GLY A 67 -1.38 -5.64 0.96
CA GLY A 67 -2.55 -6.13 1.68
C GLY A 67 -3.09 -5.12 2.70
N THR A 68 -2.21 -4.50 3.49
CA THR A 68 -2.58 -3.40 4.40
C THR A 68 -2.97 -2.14 3.63
N ILE A 69 -2.29 -1.77 2.53
CA ILE A 69 -2.66 -0.61 1.69
C ILE A 69 -4.11 -0.71 1.21
N LYS A 70 -4.50 -1.84 0.58
CA LYS A 70 -5.89 -2.03 0.13
C LYS A 70 -6.92 -1.96 1.27
N LYS A 71 -6.54 -2.38 2.48
CA LYS A 71 -7.42 -2.31 3.67
C LYS A 71 -7.72 -0.87 4.10
N ARG A 72 -6.73 0.03 4.16
CA ARG A 72 -6.95 1.48 4.41
C ARG A 72 -7.53 2.26 3.21
N LEU A 73 -7.42 1.74 1.99
CA LEU A 73 -8.17 2.26 0.83
C LEU A 73 -9.68 1.92 0.95
N GLU A 74 -10.01 0.64 1.17
CA GLU A 74 -11.40 0.16 1.22
C GLU A 74 -12.17 0.63 2.48
N ASN A 75 -11.54 0.61 3.66
CA ASN A 75 -12.07 1.22 4.88
C ASN A 75 -11.67 2.70 4.91
N ASN A 76 -12.63 3.62 4.75
CA ASN A 76 -12.40 5.07 4.65
C ASN A 76 -11.48 5.60 5.77
N TYR A 77 -10.30 6.10 5.39
CA TYR A 77 -9.23 6.51 6.32
C TYR A 77 -8.55 7.84 5.95
N TYR A 78 -8.53 8.24 4.68
CA TYR A 78 -7.95 9.50 4.19
C TYR A 78 -8.82 10.18 3.12
N TRP A 79 -8.47 11.42 2.77
CA TRP A 79 -9.20 12.27 1.82
C TRP A 79 -8.56 12.27 0.41
N SER A 80 -7.27 11.92 0.32
CA SER A 80 -6.43 12.07 -0.87
C SER A 80 -5.48 10.89 -1.09
N ALA A 81 -5.20 10.60 -2.36
CA ALA A 81 -4.37 9.48 -2.80
C ALA A 81 -2.86 9.63 -2.53
N SER A 82 -2.37 10.84 -2.25
CA SER A 82 -0.96 11.09 -1.87
C SER A 82 -0.51 10.24 -0.69
N GLU A 83 -1.38 9.98 0.28
CA GLU A 83 -1.08 9.15 1.45
C GLU A 83 -0.87 7.67 1.08
N CYS A 84 -1.73 7.13 0.21
CA CYS A 84 -1.56 5.80 -0.41
C CYS A 84 -0.27 5.69 -1.24
N MET A 85 0.08 6.74 -2.01
CA MET A 85 1.33 6.78 -2.78
C MET A 85 2.58 6.73 -1.89
N GLN A 86 2.59 7.46 -0.77
CA GLN A 86 3.66 7.39 0.23
C GLN A 86 3.70 6.02 0.94
N ASP A 87 2.57 5.34 1.17
CA ASP A 87 2.57 3.97 1.67
C ASP A 87 3.18 2.97 0.68
N PHE A 88 2.88 3.10 -0.62
CA PHE A 88 3.56 2.34 -1.68
C PHE A 88 5.07 2.62 -1.73
N ASN A 89 5.50 3.89 -1.66
CA ASN A 89 6.92 4.21 -1.56
C ASN A 89 7.55 3.58 -0.30
N THR A 90 6.86 3.64 0.84
CA THR A 90 7.33 3.05 2.11
C THR A 90 7.54 1.54 2.00
N MET A 91 6.65 0.81 1.31
CA MET A 91 6.82 -0.61 1.02
C MET A 91 8.13 -0.89 0.25
N PHE A 92 8.29 -0.29 -0.93
CA PHE A 92 9.46 -0.52 -1.78
C PHE A 92 10.77 -0.05 -1.13
N THR A 93 10.78 1.13 -0.51
CA THR A 93 11.97 1.70 0.16
C THR A 93 12.41 0.83 1.36
N ASN A 94 11.49 0.42 2.24
CA ASN A 94 11.88 -0.39 3.41
C ASN A 94 12.45 -1.77 3.01
N CYS A 95 11.95 -2.36 1.92
CA CYS A 95 12.52 -3.56 1.30
C CYS A 95 13.99 -3.37 0.86
N TYR A 96 14.33 -2.23 0.23
CA TYR A 96 15.69 -1.94 -0.22
C TYR A 96 16.69 -1.69 0.92
N ILE A 97 16.21 -1.20 2.08
CA ILE A 97 17.04 -1.00 3.27
C ILE A 97 17.45 -2.34 3.89
N TYR A 98 16.47 -3.19 4.23
CA TYR A 98 16.72 -4.44 4.96
C TYR A 98 17.46 -5.52 4.13
N ASN A 99 17.18 -5.59 2.83
CA ASN A 99 17.67 -6.66 1.94
C ASN A 99 18.80 -6.15 1.02
N LYS A 100 19.67 -7.05 0.55
CA LYS A 100 20.73 -6.75 -0.41
C LYS A 100 20.15 -6.41 -1.79
N PRO A 101 20.82 -5.57 -2.62
CA PRO A 101 20.33 -5.17 -3.95
C PRO A 101 20.22 -6.34 -4.97
N THR A 102 20.61 -7.55 -4.58
CA THR A 102 20.60 -8.79 -5.37
C THR A 102 19.67 -9.87 -4.81
N ASP A 103 19.01 -9.62 -3.66
CA ASP A 103 17.96 -10.50 -3.13
C ASP A 103 16.71 -10.45 -4.02
N ASP A 104 16.01 -11.57 -4.19
CA ASP A 104 14.84 -11.67 -5.08
C ASP A 104 13.75 -10.65 -4.75
N ILE A 105 13.40 -10.50 -3.47
CA ILE A 105 12.42 -9.53 -2.96
C ILE A 105 12.71 -8.07 -3.36
N VAL A 106 13.98 -7.69 -3.54
CA VAL A 106 14.35 -6.36 -4.05
C VAL A 106 14.02 -6.25 -5.54
N LEU A 107 14.40 -7.24 -6.36
CA LEU A 107 14.09 -7.26 -7.79
C LEU A 107 12.58 -7.27 -8.03
N MET A 108 11.81 -7.99 -7.19
CA MET A 108 10.35 -7.95 -7.14
C MET A 108 9.83 -6.53 -6.86
N ALA A 109 10.32 -5.89 -5.80
CA ALA A 109 9.95 -4.52 -5.45
C ALA A 109 10.30 -3.51 -6.57
N GLN A 110 11.45 -3.65 -7.23
CA GLN A 110 11.83 -2.82 -8.38
C GLN A 110 10.86 -2.99 -9.57
N ALA A 111 10.50 -4.24 -9.89
CA ALA A 111 9.56 -4.57 -10.98
C ALA A 111 8.12 -4.11 -10.71
N LEU A 112 7.70 -4.04 -9.44
CA LEU A 112 6.44 -3.42 -9.03
C LEU A 112 6.53 -1.88 -9.05
N GLU A 113 7.58 -1.30 -8.45
CA GLU A 113 7.72 0.15 -8.28
C GLU A 113 7.78 0.91 -9.61
N LYS A 114 8.44 0.37 -10.64
CA LYS A 114 8.47 1.01 -11.97
C LYS A 114 7.06 1.19 -12.54
N ILE A 115 6.22 0.15 -12.43
CA ILE A 115 4.82 0.18 -12.87
C ILE A 115 3.97 1.07 -11.95
N PHE A 116 4.18 1.05 -10.62
CA PHE A 116 3.54 2.01 -9.71
C PHE A 116 3.75 3.45 -10.21
N LEU A 117 4.99 3.84 -10.52
CA LEU A 117 5.29 5.17 -11.06
C LEU A 117 4.64 5.42 -12.43
N GLN A 118 4.61 4.44 -13.35
CA GLN A 118 3.86 4.53 -14.62
C GLN A 118 2.36 4.82 -14.42
N LYS A 119 1.76 4.18 -13.41
CA LYS A 119 0.33 4.24 -13.10
C LYS A 119 -0.05 5.55 -12.43
N VAL A 120 0.65 6.00 -11.40
CA VAL A 120 0.37 7.31 -10.75
C VAL A 120 0.71 8.48 -11.67
N ALA A 121 1.66 8.32 -12.60
CA ALA A 121 1.92 9.32 -13.63
C ALA A 121 0.70 9.58 -14.53
N GLN A 122 -0.15 8.56 -14.68
CA GLN A 122 -1.39 8.61 -15.46
C GLN A 122 -2.63 8.88 -14.57
N MET A 123 -2.46 9.08 -13.26
CA MET A 123 -3.52 9.47 -12.32
C MET A 123 -4.27 10.74 -12.76
N PRO A 124 -5.61 10.81 -12.57
CA PRO A 124 -6.37 12.05 -12.73
C PRO A 124 -5.97 13.03 -11.61
N GLN A 125 -5.35 14.16 -11.98
CA GLN A 125 -4.72 15.10 -11.05
C GLN A 125 -5.71 15.91 -10.18
N GLU A 126 -6.97 16.02 -10.61
CA GLU A 126 -8.06 16.69 -9.91
C GLU A 126 -8.75 15.78 -8.87
N GLU A 127 -9.45 16.36 -7.91
CA GLU A 127 -10.20 15.65 -6.85
C GLU A 127 -11.70 15.93 -6.98
N VAL A 128 -12.52 14.88 -6.90
CA VAL A 128 -13.99 14.94 -6.85
C VAL A 128 -14.57 13.77 -6.05
N GLU A 129 -15.63 14.03 -5.29
CA GLU A 129 -16.38 13.03 -4.52
C GLU A 129 -17.18 12.09 -5.43
N LEU A 130 -17.18 10.79 -5.13
CA LEU A 130 -17.83 9.76 -5.95
C LEU A 130 -19.34 9.66 -5.76
N LEU A 131 -20.03 9.20 -6.81
CA LEU A 131 -21.45 8.79 -6.77
C LEU A 131 -21.59 7.39 -6.12
N PRO A 132 -22.76 7.05 -5.54
CA PRO A 132 -22.97 5.78 -4.84
C PRO A 132 -23.15 4.60 -5.84
N PRO A 133 -22.61 3.40 -5.55
CA PRO A 133 -22.76 2.22 -6.41
C PRO A 133 -24.17 1.61 -6.35
N ALA A 134 -24.51 0.80 -7.35
CA ALA A 134 -25.75 0.02 -7.40
C ALA A 134 -25.81 -1.07 -6.29
N PRO A 135 -27.01 -1.49 -5.84
CA PRO A 135 -27.20 -2.55 -4.84
C PRO A 135 -27.04 -3.98 -5.43
N LYS A 136 -26.11 -4.17 -6.36
CA LYS A 136 -25.83 -5.42 -7.08
C LYS A 136 -25.50 -6.56 -6.11
N GLY A 137 -26.19 -7.70 -6.24
CA GLY A 137 -25.98 -8.92 -5.46
C GLY A 137 -26.58 -8.91 -4.04
N LYS A 138 -26.45 -7.79 -3.31
CA LYS A 138 -26.97 -7.57 -1.95
C LYS A 138 -27.25 -6.08 -1.68
N GLY A 1 12.07 -1.45 26.78
CA GLY A 1 11.23 -1.65 25.59
C GLY A 1 10.17 -0.55 25.49
N SER A 2 10.29 0.33 24.48
CA SER A 2 9.49 1.56 24.33
C SER A 2 9.19 1.90 22.86
N SER A 3 8.97 0.88 22.03
CA SER A 3 8.80 1.00 20.56
C SER A 3 7.69 0.09 20.01
N GLY A 4 7.45 0.15 18.70
CA GLY A 4 6.36 -0.53 17.99
C GLY A 4 6.54 -0.53 16.46
N SER A 5 5.48 -0.87 15.72
CA SER A 5 5.48 -1.07 14.27
C SER A 5 4.17 -0.62 13.58
N SER A 6 4.19 -0.54 12.24
CA SER A 6 3.04 -0.15 11.40
C SER A 6 1.89 -1.18 11.41
N GLY A 7 0.71 -0.76 10.95
CA GLY A 7 -0.48 -1.64 10.80
C GLY A 7 -1.85 -0.94 10.72
N GLU A 8 -1.91 0.39 10.80
CA GLU A 8 -3.16 1.17 10.78
C GLU A 8 -3.99 1.00 9.49
N VAL A 9 -5.32 0.91 9.64
CA VAL A 9 -6.31 0.75 8.53
C VAL A 9 -7.67 1.41 8.80
N SER A 10 -8.05 1.53 10.08
CA SER A 10 -9.34 2.08 10.53
C SER A 10 -9.19 2.81 11.87
N ASN A 11 -9.73 4.04 11.93
CA ASN A 11 -9.75 4.89 13.13
C ASN A 11 -10.86 5.97 12.98
N PRO A 12 -11.81 6.08 13.93
CA PRO A 12 -12.79 7.16 13.97
C PRO A 12 -12.12 8.46 14.47
N SER A 13 -12.96 9.46 14.74
CA SER A 13 -12.59 10.84 15.10
C SER A 13 -11.59 11.53 14.13
N LYS A 14 -11.51 11.05 12.88
CA LYS A 14 -10.56 11.48 11.84
C LYS A 14 -11.28 11.55 10.47
N PRO A 15 -11.13 12.65 9.70
CA PRO A 15 -11.87 12.84 8.45
C PRO A 15 -11.34 11.99 7.28
N GLY A 16 -12.21 11.75 6.30
CA GLY A 16 -11.93 11.08 5.03
C GLY A 16 -13.21 10.86 4.21
N ARG A 17 -13.03 10.51 2.94
CA ARG A 17 -14.11 10.24 1.97
C ARG A 17 -13.57 9.49 0.75
N LYS A 18 -14.44 8.83 -0.02
CA LYS A 18 -14.05 8.31 -1.34
C LYS A 18 -13.99 9.44 -2.37
N THR A 19 -13.00 9.37 -3.24
CA THR A 19 -12.77 10.30 -4.36
C THR A 19 -12.30 9.54 -5.59
N ASN A 20 -12.35 10.17 -6.75
CA ASN A 20 -11.75 9.64 -7.99
C ASN A 20 -10.26 9.27 -7.83
N GLN A 21 -9.53 9.97 -6.96
CA GLN A 21 -8.12 9.69 -6.66
C GLN A 21 -7.96 8.35 -5.92
N LEU A 22 -8.65 8.16 -4.80
CA LEU A 22 -8.64 6.88 -4.06
C LEU A 22 -9.27 5.73 -4.86
N GLN A 23 -10.28 6.02 -5.69
CA GLN A 23 -10.84 5.07 -6.66
C GLN A 23 -9.75 4.58 -7.62
N TYR A 24 -9.00 5.47 -8.25
CA TYR A 24 -7.92 5.12 -9.17
C TYR A 24 -6.82 4.29 -8.51
N MET A 25 -6.42 4.64 -7.27
CA MET A 25 -5.51 3.80 -6.47
C MET A 25 -6.03 2.37 -6.31
N GLN A 26 -7.30 2.19 -5.93
CA GLN A 26 -7.89 0.86 -5.64
C GLN A 26 -8.46 0.13 -6.89
N ASN A 27 -8.49 0.77 -8.06
CA ASN A 27 -9.07 0.24 -9.31
C ASN A 27 -8.05 0.05 -10.43
N VAL A 28 -6.88 0.70 -10.34
CA VAL A 28 -5.80 0.60 -11.35
C VAL A 28 -4.45 0.38 -10.70
N VAL A 29 -4.05 1.20 -9.71
CA VAL A 29 -2.69 1.17 -9.16
C VAL A 29 -2.45 -0.09 -8.33
N VAL A 30 -3.13 -0.23 -7.18
CA VAL A 30 -3.13 -1.47 -6.38
C VAL A 30 -3.64 -2.63 -7.23
N LYS A 31 -4.68 -2.43 -8.05
CA LYS A 31 -5.28 -3.49 -8.86
C LYS A 31 -4.28 -4.15 -9.82
N THR A 32 -3.46 -3.36 -10.51
CA THR A 32 -2.42 -3.88 -11.41
C THR A 32 -1.26 -4.49 -10.62
N LEU A 33 -0.81 -3.82 -9.56
CA LEU A 33 0.27 -4.32 -8.69
C LEU A 33 -0.10 -5.64 -8.00
N TRP A 34 -1.38 -5.85 -7.67
CA TRP A 34 -1.93 -7.07 -7.09
C TRP A 34 -2.01 -8.25 -8.09
N LYS A 35 -2.19 -7.95 -9.39
CA LYS A 35 -2.21 -8.95 -10.47
C LYS A 35 -0.81 -9.34 -10.99
N HIS A 36 0.25 -8.68 -10.51
CA HIS A 36 1.63 -8.89 -10.92
C HIS A 36 2.16 -10.30 -10.55
N GLN A 37 3.19 -10.76 -11.29
CA GLN A 37 3.92 -12.01 -11.04
C GLN A 37 4.59 -12.08 -9.64
N PHE A 38 4.82 -10.93 -8.99
CA PHE A 38 5.55 -10.81 -7.71
C PHE A 38 4.75 -10.08 -6.62
N ALA A 39 3.43 -10.01 -6.74
CA ALA A 39 2.54 -9.40 -5.76
C ALA A 39 2.39 -10.21 -4.46
N TRP A 40 2.51 -11.54 -4.55
CA TRP A 40 2.25 -12.49 -3.46
C TRP A 40 3.01 -12.27 -2.13
N PRO A 41 4.30 -11.85 -2.07
CA PRO A 41 4.95 -11.49 -0.81
C PRO A 41 4.42 -10.24 -0.12
N PHE A 42 3.51 -9.47 -0.78
CA PHE A 42 2.90 -8.25 -0.25
C PHE A 42 1.39 -8.38 -0.02
N TYR A 43 0.77 -9.53 -0.31
CA TYR A 43 -0.66 -9.78 -0.05
C TYR A 43 -1.01 -9.80 1.45
N GLN A 44 -0.02 -10.05 2.31
CA GLN A 44 -0.14 -10.20 3.76
C GLN A 44 1.03 -9.49 4.47
N PRO A 45 0.89 -9.06 5.73
CA PRO A 45 1.97 -8.40 6.47
C PRO A 45 3.14 -9.35 6.77
N VAL A 46 4.36 -8.82 6.80
CA VAL A 46 5.57 -9.56 7.26
C VAL A 46 5.41 -10.01 8.72
N ASP A 47 5.92 -11.22 9.02
CA ASP A 47 6.04 -11.79 10.36
C ASP A 47 7.52 -12.14 10.63
N ALA A 48 8.21 -11.28 11.40
CA ALA A 48 9.61 -11.45 11.74
C ALA A 48 9.93 -12.79 12.47
N ILE A 49 8.96 -13.36 13.19
CA ILE A 49 9.04 -14.69 13.80
C ILE A 49 9.16 -15.79 12.73
N LYS A 50 8.28 -15.76 11.71
CA LYS A 50 8.22 -16.74 10.61
C LYS A 50 9.42 -16.65 9.67
N LEU A 51 9.85 -15.43 9.34
CA LEU A 51 11.03 -15.16 8.50
C LEU A 51 12.36 -15.24 9.28
N ASN A 52 12.30 -15.43 10.60
CA ASN A 52 13.45 -15.51 11.51
C ASN A 52 14.40 -14.29 11.44
N LEU A 53 13.82 -13.10 11.66
CA LEU A 53 14.48 -11.79 11.55
C LEU A 53 14.54 -11.10 12.94
N PRO A 54 15.55 -11.40 13.77
CA PRO A 54 15.65 -10.90 15.15
C PRO A 54 15.92 -9.38 15.27
N ASP A 55 16.12 -8.69 14.14
CA ASP A 55 16.42 -7.25 14.05
C ASP A 55 15.52 -6.52 13.02
N TYR A 56 14.42 -7.13 12.56
CA TYR A 56 13.57 -6.56 11.48
C TYR A 56 13.17 -5.10 11.71
N HIS A 57 12.54 -4.82 12.87
CA HIS A 57 12.10 -3.48 13.27
C HIS A 57 13.23 -2.59 13.84
N LYS A 58 14.42 -3.16 14.08
CA LYS A 58 15.60 -2.41 14.57
C LYS A 58 16.15 -1.51 13.46
N ILE A 59 16.30 -2.06 12.25
CA ILE A 59 16.66 -1.31 11.04
C ILE A 59 15.42 -0.56 10.51
N ILE A 60 14.28 -1.25 10.35
CA ILE A 60 13.08 -0.68 9.69
C ILE A 60 12.14 -0.01 10.69
N LYS A 61 12.20 1.32 10.70
CA LYS A 61 11.40 2.21 11.55
C LYS A 61 9.90 2.22 11.19
N ASN A 62 9.58 2.03 9.91
CA ASN A 62 8.21 2.04 9.38
C ASN A 62 8.12 1.07 8.19
N PRO A 63 7.73 -0.20 8.43
CA PRO A 63 7.48 -1.19 7.37
C PRO A 63 6.09 -0.98 6.73
N MET A 64 5.91 -1.50 5.52
CA MET A 64 4.60 -1.62 4.85
C MET A 64 4.49 -2.85 3.96
N ASP A 65 3.23 -3.21 3.66
CA ASP A 65 2.81 -4.30 2.78
C ASP A 65 1.50 -3.93 2.06
N MET A 66 1.32 -4.38 0.82
CA MET A 66 0.24 -3.96 -0.07
C MET A 66 -1.16 -4.29 0.47
N GLY A 67 -1.32 -5.41 1.16
CA GLY A 67 -2.59 -5.82 1.78
C GLY A 67 -3.14 -4.79 2.77
N THR A 68 -2.27 -4.23 3.60
CA THR A 68 -2.61 -3.17 4.56
C THR A 68 -3.00 -1.86 3.85
N ILE A 69 -2.27 -1.49 2.78
CA ILE A 69 -2.55 -0.30 1.97
C ILE A 69 -3.95 -0.39 1.33
N LYS A 70 -4.24 -1.51 0.66
CA LYS A 70 -5.53 -1.82 0.05
C LYS A 70 -6.68 -1.82 1.07
N LYS A 71 -6.46 -2.30 2.30
CA LYS A 71 -7.47 -2.32 3.36
C LYS A 71 -7.95 -0.91 3.77
N ARG A 72 -7.08 0.09 3.90
CA ARG A 72 -7.51 1.49 4.14
C ARG A 72 -8.11 2.19 2.92
N LEU A 73 -7.71 1.79 1.71
CA LEU A 73 -8.40 2.23 0.48
C LEU A 73 -9.87 1.77 0.46
N GLU A 74 -10.11 0.49 0.74
CA GLU A 74 -11.47 -0.09 0.84
C GLU A 74 -12.31 0.61 1.92
N ASN A 75 -11.71 0.89 3.09
CA ASN A 75 -12.35 1.56 4.23
C ASN A 75 -12.36 3.11 4.11
N ASN A 76 -11.87 3.69 3.01
CA ASN A 76 -11.63 5.12 2.78
C ASN A 76 -11.20 5.94 4.02
N TYR A 77 -10.09 5.48 4.62
CA TYR A 77 -9.46 5.98 5.85
C TYR A 77 -9.04 7.47 5.80
N TYR A 78 -8.82 7.97 4.59
CA TYR A 78 -8.22 9.26 4.22
C TYR A 78 -9.04 9.98 3.14
N TRP A 79 -8.55 11.12 2.65
CA TRP A 79 -9.29 12.02 1.75
C TRP A 79 -8.72 12.05 0.32
N SER A 80 -7.41 11.77 0.15
CA SER A 80 -6.68 11.92 -1.12
C SER A 80 -5.58 10.86 -1.30
N ALA A 81 -5.28 10.52 -2.56
CA ALA A 81 -4.37 9.43 -2.94
C ALA A 81 -2.89 9.59 -2.56
N SER A 82 -2.41 10.82 -2.32
CA SER A 82 -1.01 11.07 -1.91
C SER A 82 -0.60 10.25 -0.70
N GLU A 83 -1.49 10.04 0.27
CA GLU A 83 -1.20 9.25 1.46
C GLU A 83 -0.94 7.77 1.14
N CYS A 84 -1.77 7.17 0.29
CA CYS A 84 -1.56 5.83 -0.28
C CYS A 84 -0.23 5.73 -1.04
N MET A 85 0.12 6.74 -1.84
CA MET A 85 1.41 6.83 -2.56
C MET A 85 2.63 6.85 -1.63
N GLN A 86 2.54 7.58 -0.50
CA GLN A 86 3.58 7.61 0.53
C GLN A 86 3.82 6.24 1.19
N ASP A 87 2.77 5.45 1.41
CA ASP A 87 2.89 4.08 1.92
C ASP A 87 3.47 3.10 0.89
N PHE A 88 3.18 3.26 -0.41
CA PHE A 88 3.87 2.50 -1.47
C PHE A 88 5.36 2.84 -1.54
N ASN A 89 5.71 4.11 -1.48
CA ASN A 89 7.11 4.55 -1.36
C ASN A 89 7.80 3.92 -0.12
N THR A 90 7.09 3.88 1.01
CA THR A 90 7.58 3.24 2.26
C THR A 90 7.76 1.72 2.10
N MET A 91 6.86 1.02 1.41
CA MET A 91 6.99 -0.42 1.09
C MET A 91 8.27 -0.70 0.31
N PHE A 92 8.40 -0.12 -0.89
CA PHE A 92 9.54 -0.38 -1.76
C PHE A 92 10.88 0.07 -1.15
N THR A 93 10.90 1.22 -0.45
CA THR A 93 12.11 1.74 0.22
C THR A 93 12.56 0.82 1.36
N ASN A 94 11.67 0.38 2.26
CA ASN A 94 12.06 -0.49 3.38
C ASN A 94 12.59 -1.86 2.91
N CYS A 95 12.06 -2.39 1.80
CA CYS A 95 12.60 -3.56 1.11
C CYS A 95 14.06 -3.36 0.65
N TYR A 96 14.38 -2.21 0.04
CA TYR A 96 15.75 -1.89 -0.40
C TYR A 96 16.74 -1.68 0.76
N ILE A 97 16.27 -1.15 1.90
CA ILE A 97 17.10 -0.96 3.10
C ILE A 97 17.47 -2.30 3.74
N TYR A 98 16.47 -3.11 4.11
CA TYR A 98 16.70 -4.33 4.91
C TYR A 98 17.45 -5.45 4.16
N ASN A 99 17.22 -5.58 2.85
CA ASN A 99 17.74 -6.67 2.02
C ASN A 99 18.96 -6.23 1.19
N LYS A 100 19.72 -7.20 0.64
CA LYS A 100 20.78 -6.92 -0.34
C LYS A 100 20.17 -6.54 -1.70
N PRO A 101 20.85 -5.72 -2.52
CA PRO A 101 20.32 -5.26 -3.82
C PRO A 101 20.15 -6.39 -4.88
N THR A 102 20.52 -7.62 -4.54
CA THR A 102 20.46 -8.82 -5.39
C THR A 102 19.54 -9.92 -4.83
N ASP A 103 18.91 -9.70 -3.66
CA ASP A 103 17.86 -10.58 -3.14
C ASP A 103 16.59 -10.49 -4.01
N ASP A 104 15.86 -11.61 -4.16
CA ASP A 104 14.69 -11.70 -5.03
C ASP A 104 13.63 -10.64 -4.69
N ILE A 105 13.30 -10.48 -3.41
CA ILE A 105 12.34 -9.49 -2.89
C ILE A 105 12.64 -8.02 -3.30
N VAL A 106 13.92 -7.67 -3.52
CA VAL A 106 14.30 -6.35 -4.05
C VAL A 106 13.95 -6.25 -5.53
N LEU A 107 14.27 -7.26 -6.34
CA LEU A 107 13.92 -7.29 -7.77
C LEU A 107 12.39 -7.29 -7.97
N MET A 108 11.65 -7.98 -7.10
CA MET A 108 10.19 -7.93 -6.99
C MET A 108 9.70 -6.51 -6.70
N ALA A 109 10.24 -5.86 -5.66
CA ALA A 109 9.91 -4.48 -5.30
C ALA A 109 10.25 -3.48 -6.43
N GLN A 110 11.37 -3.66 -7.14
CA GLN A 110 11.72 -2.85 -8.31
C GLN A 110 10.70 -3.01 -9.45
N ALA A 111 10.35 -4.25 -9.82
CA ALA A 111 9.39 -4.54 -10.88
C ALA A 111 7.99 -3.98 -10.57
N LEU A 112 7.55 -4.06 -9.31
CA LEU A 112 6.34 -3.40 -8.84
C LEU A 112 6.47 -1.86 -8.86
N GLU A 113 7.55 -1.28 -8.34
CA GLU A 113 7.71 0.18 -8.26
C GLU A 113 7.73 0.89 -9.62
N LYS A 114 8.39 0.29 -10.63
CA LYS A 114 8.39 0.80 -12.02
C LYS A 114 6.99 0.88 -12.62
N ILE A 115 6.08 0.01 -12.19
CA ILE A 115 4.67 0.04 -12.59
C ILE A 115 3.83 0.97 -11.68
N PHE A 116 4.07 0.99 -10.37
CA PHE A 116 3.45 1.95 -9.45
C PHE A 116 3.60 3.38 -9.98
N LEU A 117 4.83 3.79 -10.28
CA LEU A 117 5.13 5.13 -10.78
C LEU A 117 4.47 5.42 -12.15
N GLN A 118 4.44 4.45 -13.09
CA GLN A 118 3.84 4.67 -14.41
C GLN A 118 2.30 4.75 -14.35
N LYS A 119 1.68 4.07 -13.39
CA LYS A 119 0.23 4.13 -13.14
C LYS A 119 -0.18 5.43 -12.43
N VAL A 120 0.48 5.86 -11.35
CA VAL A 120 0.13 7.14 -10.70
C VAL A 120 0.45 8.34 -11.58
N ALA A 121 1.43 8.22 -12.50
CA ALA A 121 1.70 9.24 -13.50
C ALA A 121 0.50 9.50 -14.43
N GLN A 122 -0.32 8.48 -14.66
CA GLN A 122 -1.56 8.55 -15.43
C GLN A 122 -2.79 8.91 -14.57
N MET A 123 -2.65 8.97 -13.22
CA MET A 123 -3.70 9.49 -12.33
C MET A 123 -3.96 10.98 -12.61
N PRO A 124 -5.23 11.45 -12.59
CA PRO A 124 -5.55 12.87 -12.76
C PRO A 124 -4.98 13.72 -11.62
N GLN A 125 -4.74 15.01 -11.89
CA GLN A 125 -4.29 15.99 -10.89
C GLN A 125 -5.44 16.60 -10.07
N GLU A 126 -6.67 16.51 -10.57
CA GLU A 126 -7.88 17.03 -9.94
C GLU A 126 -8.65 15.98 -9.13
N GLU A 127 -9.43 16.43 -8.15
CA GLU A 127 -10.17 15.58 -7.20
C GLU A 127 -11.68 15.88 -7.24
N VAL A 128 -12.49 14.81 -7.20
CA VAL A 128 -13.95 14.87 -7.16
C VAL A 128 -14.51 13.72 -6.30
N GLU A 129 -15.55 14.03 -5.51
CA GLU A 129 -16.26 13.06 -4.68
C GLU A 129 -17.10 12.09 -5.54
N LEU A 130 -17.06 10.79 -5.22
CA LEU A 130 -17.69 9.75 -6.05
C LEU A 130 -19.23 9.76 -5.97
N LEU A 131 -19.87 9.71 -7.14
CA LEU A 131 -21.31 9.47 -7.30
C LEU A 131 -21.68 8.03 -6.87
N PRO A 132 -22.94 7.76 -6.45
CA PRO A 132 -23.34 6.45 -5.93
C PRO A 132 -23.43 5.40 -7.05
N PRO A 133 -23.00 4.14 -6.81
CA PRO A 133 -23.02 3.08 -7.81
C PRO A 133 -24.43 2.57 -8.13
N ALA A 134 -24.58 1.92 -9.29
CA ALA A 134 -25.82 1.27 -9.70
C ALA A 134 -26.18 0.04 -8.82
N PRO A 135 -27.47 -0.33 -8.71
CA PRO A 135 -27.90 -1.55 -8.04
C PRO A 135 -27.52 -2.82 -8.84
N LYS A 136 -27.66 -4.00 -8.20
CA LYS A 136 -27.32 -5.32 -8.76
C LYS A 136 -28.30 -6.42 -8.32
N GLY A 137 -28.38 -7.49 -9.11
CA GLY A 137 -29.22 -8.66 -8.89
C GLY A 137 -29.34 -9.57 -10.13
N LYS A 138 -30.02 -10.71 -9.97
CA LYS A 138 -30.35 -11.64 -11.08
C LYS A 138 -31.34 -11.06 -12.10
N GLY A 1 11.06 2.93 20.04
CA GLY A 1 10.14 2.10 19.24
C GLY A 1 9.22 2.96 18.38
N SER A 2 8.86 2.46 17.19
CA SER A 2 7.95 3.15 16.26
C SER A 2 6.53 3.32 16.81
N SER A 3 5.90 4.45 16.45
CA SER A 3 4.46 4.67 16.65
C SER A 3 3.65 3.84 15.63
N GLY A 4 2.32 3.82 15.77
CA GLY A 4 1.42 3.10 14.85
C GLY A 4 1.43 1.58 15.00
N SER A 5 1.85 1.06 16.16
CA SER A 5 1.87 -0.37 16.50
C SER A 5 0.49 -1.06 16.41
N SER A 6 -0.59 -0.27 16.43
CA SER A 6 -1.97 -0.70 16.15
C SER A 6 -2.16 -1.32 14.75
N GLY A 7 -1.33 -0.96 13.77
CA GLY A 7 -1.49 -1.34 12.36
C GLY A 7 -2.83 -0.92 11.74
N GLU A 8 -3.42 0.17 12.24
CA GLU A 8 -4.79 0.62 11.95
C GLU A 8 -5.06 0.98 10.47
N VAL A 9 -6.32 0.81 10.06
CA VAL A 9 -6.81 0.89 8.67
C VAL A 9 -8.14 1.64 8.51
N SER A 10 -8.73 2.03 9.64
CA SER A 10 -9.99 2.78 9.74
C SER A 10 -9.98 3.68 10.99
N ASN A 11 -10.50 4.90 10.89
CA ASN A 11 -10.34 5.93 11.92
C ASN A 11 -11.55 6.87 12.14
N PRO A 12 -12.64 6.40 12.77
CA PRO A 12 -13.81 7.24 13.09
C PRO A 12 -13.51 8.44 14.03
N SER A 13 -12.34 8.45 14.69
CA SER A 13 -11.85 9.57 15.52
C SER A 13 -11.08 10.65 14.74
N LYS A 14 -10.85 10.47 13.43
CA LYS A 14 -10.05 11.35 12.55
C LYS A 14 -10.84 11.71 11.26
N PRO A 15 -10.52 12.84 10.59
CA PRO A 15 -11.20 13.25 9.35
C PRO A 15 -10.77 12.39 8.15
N GLY A 16 -11.67 12.29 7.16
CA GLY A 16 -11.42 11.60 5.88
C GLY A 16 -12.71 11.29 5.11
N ARG A 17 -12.56 11.03 3.81
CA ARG A 17 -13.58 10.49 2.91
C ARG A 17 -12.91 9.86 1.68
N LYS A 18 -13.56 8.86 1.07
CA LYS A 18 -13.10 8.24 -0.16
C LYS A 18 -13.51 9.06 -1.38
N THR A 19 -12.61 9.14 -2.36
CA THR A 19 -12.69 10.04 -3.52
C THR A 19 -12.33 9.31 -4.81
N ASN A 20 -12.61 9.93 -5.96
CA ASN A 20 -12.20 9.43 -7.29
C ASN A 20 -10.71 9.04 -7.36
N GLN A 21 -9.83 9.79 -6.69
CA GLN A 21 -8.39 9.56 -6.68
C GLN A 21 -8.01 8.34 -5.82
N LEU A 22 -8.64 8.16 -4.65
CA LEU A 22 -8.50 6.96 -3.83
C LEU A 22 -9.13 5.72 -4.51
N GLN A 23 -10.20 5.91 -5.30
CA GLN A 23 -10.74 4.84 -6.16
C GLN A 23 -9.70 4.40 -7.18
N TYR A 24 -9.04 5.34 -7.88
CA TYR A 24 -7.98 5.04 -8.84
C TYR A 24 -6.84 4.22 -8.23
N MET A 25 -6.43 4.54 -6.99
CA MET A 25 -5.47 3.73 -6.22
C MET A 25 -5.93 2.28 -6.05
N GLN A 26 -7.14 2.02 -5.56
CA GLN A 26 -7.61 0.63 -5.33
C GLN A 26 -8.08 -0.11 -6.61
N ASN A 27 -8.37 0.62 -7.70
CA ASN A 27 -9.03 0.08 -8.90
C ASN A 27 -8.08 -0.10 -10.09
N VAL A 28 -6.95 0.62 -10.10
CA VAL A 28 -5.97 0.54 -11.18
C VAL A 28 -4.57 0.28 -10.64
N VAL A 29 -4.12 1.09 -9.66
CA VAL A 29 -2.74 1.01 -9.13
C VAL A 29 -2.52 -0.29 -8.38
N VAL A 30 -3.27 -0.52 -7.29
CA VAL A 30 -3.29 -1.79 -6.54
C VAL A 30 -3.67 -2.94 -7.46
N LYS A 31 -4.77 -2.81 -8.21
CA LYS A 31 -5.28 -3.92 -9.04
C LYS A 31 -4.25 -4.44 -10.04
N THR A 32 -3.52 -3.55 -10.71
CA THR A 32 -2.46 -3.95 -11.63
C THR A 32 -1.24 -4.55 -10.89
N LEU A 33 -0.78 -3.91 -9.83
CA LEU A 33 0.35 -4.39 -9.02
C LEU A 33 0.05 -5.76 -8.36
N TRP A 34 -1.19 -6.02 -7.98
CA TRP A 34 -1.68 -7.29 -7.42
C TRP A 34 -1.72 -8.44 -8.45
N LYS A 35 -1.92 -8.13 -9.74
CA LYS A 35 -1.94 -9.12 -10.83
C LYS A 35 -0.53 -9.48 -11.35
N HIS A 36 0.50 -8.79 -10.89
CA HIS A 36 1.90 -9.01 -11.28
C HIS A 36 2.44 -10.39 -10.85
N GLN A 37 3.42 -10.91 -11.59
CA GLN A 37 4.13 -12.16 -11.31
C GLN A 37 4.88 -12.17 -9.96
N PHE A 38 5.15 -10.99 -9.38
CA PHE A 38 5.94 -10.81 -8.15
C PHE A 38 5.17 -10.12 -7.01
N ALA A 39 3.83 -10.05 -7.11
CA ALA A 39 2.94 -9.48 -6.10
C ALA A 39 2.81 -10.31 -4.81
N TRP A 40 3.03 -11.63 -4.89
CA TRP A 40 2.76 -12.59 -3.81
C TRP A 40 3.46 -12.36 -2.45
N PRO A 41 4.71 -11.84 -2.33
CA PRO A 41 5.30 -11.53 -1.03
C PRO A 41 4.76 -10.23 -0.40
N PHE A 42 3.85 -9.52 -1.09
CA PHE A 42 3.23 -8.26 -0.64
C PHE A 42 1.73 -8.41 -0.33
N TYR A 43 1.11 -9.57 -0.60
CA TYR A 43 -0.30 -9.85 -0.28
C TYR A 43 -0.61 -9.84 1.23
N GLN A 44 0.41 -9.92 2.10
CA GLN A 44 0.30 -10.01 3.56
C GLN A 44 1.43 -9.19 4.24
N PRO A 45 1.26 -8.77 5.52
CA PRO A 45 2.29 -8.06 6.28
C PRO A 45 3.52 -8.93 6.57
N VAL A 46 4.66 -8.26 6.82
CA VAL A 46 5.95 -8.87 7.15
C VAL A 46 5.95 -9.35 8.61
N ASP A 47 5.45 -10.56 8.85
CA ASP A 47 5.41 -11.21 10.16
C ASP A 47 6.81 -11.65 10.62
N ALA A 48 7.54 -10.73 11.25
CA ALA A 48 8.92 -10.95 11.74
C ALA A 48 9.09 -12.19 12.64
N ILE A 49 8.04 -12.62 13.36
CA ILE A 49 8.01 -13.86 14.15
C ILE A 49 8.11 -15.10 13.24
N LYS A 50 7.28 -15.17 12.19
CA LYS A 50 7.24 -16.28 11.22
C LYS A 50 8.51 -16.36 10.36
N LEU A 51 9.01 -15.20 9.96
CA LEU A 51 10.20 -15.03 9.12
C LEU A 51 11.51 -15.06 9.94
N ASN A 52 11.43 -15.18 11.27
CA ASN A 52 12.56 -15.20 12.21
C ASN A 52 13.53 -14.01 12.01
N LEU A 53 13.00 -12.78 12.09
CA LEU A 53 13.73 -11.51 11.94
C LEU A 53 13.74 -10.76 13.29
N PRO A 54 14.65 -11.10 14.22
CA PRO A 54 14.63 -10.62 15.61
C PRO A 54 14.92 -9.11 15.77
N ASP A 55 15.30 -8.43 14.69
CA ASP A 55 15.63 -6.99 14.66
C ASP A 55 14.94 -6.25 13.49
N TYR A 56 13.89 -6.83 12.87
CA TYR A 56 13.22 -6.24 11.70
C TYR A 56 12.88 -4.74 11.87
N HIS A 57 12.22 -4.40 12.97
CA HIS A 57 11.79 -3.04 13.34
C HIS A 57 12.93 -2.13 13.86
N LYS A 58 14.14 -2.67 14.07
CA LYS A 58 15.32 -1.89 14.47
C LYS A 58 16.02 -1.28 13.24
N ILE A 59 16.05 -2.00 12.12
CA ILE A 59 16.52 -1.49 10.82
C ILE A 59 15.39 -0.69 10.13
N ILE A 60 14.17 -1.25 10.07
CA ILE A 60 13.02 -0.63 9.38
C ILE A 60 12.27 0.34 10.30
N LYS A 61 12.36 1.64 9.96
CA LYS A 61 11.65 2.75 10.62
C LYS A 61 10.13 2.65 10.49
N ASN A 62 9.67 2.10 9.36
CA ASN A 62 8.27 2.08 8.92
C ASN A 62 7.98 0.93 7.92
N PRO A 63 7.46 -0.22 8.39
CA PRO A 63 7.09 -1.34 7.53
C PRO A 63 5.76 -1.09 6.79
N MET A 64 5.60 -1.66 5.58
CA MET A 64 4.39 -1.53 4.75
C MET A 64 4.28 -2.67 3.72
N ASP A 65 3.05 -3.04 3.35
CA ASP A 65 2.73 -4.12 2.40
C ASP A 65 1.42 -3.85 1.64
N MET A 66 1.26 -4.44 0.45
CA MET A 66 0.12 -4.20 -0.45
C MET A 66 -1.22 -4.68 0.14
N GLY A 67 -1.22 -5.77 0.90
CA GLY A 67 -2.39 -6.31 1.61
C GLY A 67 -2.97 -5.31 2.62
N THR A 68 -2.11 -4.67 3.41
CA THR A 68 -2.52 -3.58 4.31
C THR A 68 -2.97 -2.34 3.52
N ILE A 69 -2.27 -1.93 2.45
CA ILE A 69 -2.66 -0.77 1.61
C ILE A 69 -4.10 -0.89 1.13
N LYS A 70 -4.48 -2.00 0.49
CA LYS A 70 -5.85 -2.18 -0.01
C LYS A 70 -6.92 -2.13 1.09
N LYS A 71 -6.60 -2.53 2.32
CA LYS A 71 -7.50 -2.47 3.48
C LYS A 71 -7.79 -1.04 3.94
N ARG A 72 -6.77 -0.17 4.04
CA ARG A 72 -6.96 1.27 4.36
C ARG A 72 -7.54 2.08 3.19
N LEU A 73 -7.31 1.66 1.94
CA LEU A 73 -8.00 2.22 0.77
C LEU A 73 -9.49 1.87 0.73
N GLU A 74 -9.88 0.62 1.03
CA GLU A 74 -11.29 0.19 1.02
C GLU A 74 -12.12 0.92 2.08
N ASN A 75 -11.60 0.99 3.31
CA ASN A 75 -12.17 1.73 4.42
C ASN A 75 -11.95 3.26 4.29
N ASN A 76 -12.54 4.04 5.21
CA ASN A 76 -12.23 5.46 5.37
C ASN A 76 -11.03 5.60 6.33
N TYR A 77 -9.89 6.09 5.82
CA TYR A 77 -8.66 6.32 6.60
C TYR A 77 -7.97 7.66 6.29
N TYR A 78 -8.04 8.11 5.02
CA TYR A 78 -7.48 9.38 4.54
C TYR A 78 -8.44 10.08 3.55
N TRP A 79 -8.19 11.36 3.28
CA TRP A 79 -8.99 12.20 2.37
C TRP A 79 -8.46 12.19 0.92
N SER A 80 -7.16 11.86 0.74
CA SER A 80 -6.45 12.02 -0.54
C SER A 80 -5.43 10.90 -0.80
N ALA A 81 -5.21 10.58 -2.08
CA ALA A 81 -4.41 9.45 -2.53
C ALA A 81 -2.89 9.56 -2.32
N SER A 82 -2.34 10.77 -2.11
CA SER A 82 -0.91 10.96 -1.86
C SER A 82 -0.41 10.22 -0.61
N GLU A 83 -1.28 9.95 0.37
CA GLU A 83 -0.95 9.12 1.54
C GLU A 83 -0.71 7.66 1.15
N CYS A 84 -1.55 7.11 0.26
CA CYS A 84 -1.37 5.78 -0.32
C CYS A 84 -0.12 5.70 -1.20
N MET A 85 0.24 6.78 -1.93
CA MET A 85 1.48 6.85 -2.69
C MET A 85 2.72 6.78 -1.78
N GLN A 86 2.70 7.47 -0.63
CA GLN A 86 3.74 7.33 0.39
C GLN A 86 3.82 5.90 0.97
N ASP A 87 2.69 5.22 1.19
CA ASP A 87 2.68 3.82 1.65
C ASP A 87 3.27 2.86 0.59
N PHE A 88 2.95 3.03 -0.70
CA PHE A 88 3.60 2.28 -1.79
C PHE A 88 5.11 2.54 -1.87
N ASN A 89 5.55 3.80 -1.79
CA ASN A 89 6.97 4.14 -1.72
C ASN A 89 7.66 3.49 -0.51
N THR A 90 7.00 3.48 0.65
CA THR A 90 7.49 2.87 1.90
C THR A 90 7.63 1.35 1.81
N MET A 91 6.72 0.66 1.10
CA MET A 91 6.80 -0.78 0.84
C MET A 91 8.10 -1.14 0.09
N PHE A 92 8.30 -0.54 -1.08
CA PHE A 92 9.49 -0.77 -1.90
C PHE A 92 10.78 -0.30 -1.21
N THR A 93 10.74 0.82 -0.50
CA THR A 93 11.90 1.36 0.24
C THR A 93 12.34 0.44 1.37
N ASN A 94 11.42 -0.06 2.23
CA ASN A 94 11.81 -0.95 3.32
C ASN A 94 12.38 -2.30 2.83
N CYS A 95 11.94 -2.76 1.66
CA CYS A 95 12.54 -3.90 0.97
C CYS A 95 14.02 -3.65 0.59
N TYR A 96 14.34 -2.47 0.07
CA TYR A 96 15.72 -2.08 -0.30
C TYR A 96 16.65 -1.92 0.91
N ILE A 97 16.12 -1.47 2.06
CA ILE A 97 16.91 -1.26 3.29
C ILE A 97 17.29 -2.60 3.93
N TYR A 98 16.30 -3.43 4.27
CA TYR A 98 16.53 -4.67 5.05
C TYR A 98 17.31 -5.76 4.28
N ASN A 99 17.23 -5.78 2.95
CA ASN A 99 17.76 -6.86 2.10
C ASN A 99 18.93 -6.38 1.21
N LYS A 100 19.69 -7.34 0.65
CA LYS A 100 20.78 -7.07 -0.30
C LYS A 100 20.22 -6.59 -1.65
N PRO A 101 20.90 -5.69 -2.38
CA PRO A 101 20.41 -5.11 -3.64
C PRO A 101 20.30 -6.11 -4.80
N THR A 102 20.76 -7.35 -4.60
CA THR A 102 20.76 -8.47 -5.57
C THR A 102 19.82 -9.61 -5.17
N ASP A 103 19.16 -9.53 -4.00
CA ASP A 103 18.14 -10.51 -3.59
C ASP A 103 16.87 -10.40 -4.46
N ASP A 104 16.13 -11.49 -4.62
CA ASP A 104 14.90 -11.51 -5.43
C ASP A 104 13.91 -10.43 -5.00
N ILE A 105 13.63 -10.32 -3.69
CA ILE A 105 12.65 -9.37 -3.14
C ILE A 105 12.91 -7.90 -3.53
N VAL A 106 14.18 -7.51 -3.70
CA VAL A 106 14.56 -6.19 -4.20
C VAL A 106 14.23 -6.06 -5.69
N LEU A 107 14.65 -7.00 -6.53
CA LEU A 107 14.37 -6.96 -7.97
C LEU A 107 12.86 -7.00 -8.28
N MET A 108 12.11 -7.77 -7.48
CA MET A 108 10.65 -7.82 -7.47
C MET A 108 10.03 -6.46 -7.12
N ALA A 109 10.50 -5.82 -6.04
CA ALA A 109 10.08 -4.47 -5.66
C ALA A 109 10.42 -3.41 -6.72
N GLN A 110 11.61 -3.49 -7.36
CA GLN A 110 11.99 -2.58 -8.45
C GLN A 110 11.05 -2.71 -9.66
N ALA A 111 10.70 -3.95 -10.07
CA ALA A 111 9.77 -4.20 -11.16
C ALA A 111 8.34 -3.70 -10.86
N LEU A 112 7.84 -3.93 -9.64
CA LEU A 112 6.57 -3.38 -9.17
C LEU A 112 6.60 -1.84 -9.12
N GLU A 113 7.67 -1.22 -8.59
CA GLU A 113 7.78 0.23 -8.46
C GLU A 113 7.73 0.96 -9.81
N LYS A 114 8.39 0.43 -10.85
CA LYS A 114 8.32 0.98 -12.22
C LYS A 114 6.91 1.00 -12.80
N ILE A 115 6.04 0.08 -12.37
CA ILE A 115 4.62 0.06 -12.73
C ILE A 115 3.79 0.97 -11.81
N PHE A 116 4.07 0.99 -10.50
CA PHE A 116 3.44 1.94 -9.58
C PHE A 116 3.58 3.38 -10.09
N LEU A 117 4.81 3.79 -10.43
CA LEU A 117 5.10 5.11 -10.96
C LEU A 117 4.40 5.41 -12.30
N GLN A 118 4.34 4.45 -13.24
CA GLN A 118 3.67 4.67 -14.53
C GLN A 118 2.15 4.77 -14.42
N LYS A 119 1.56 4.11 -13.41
CA LYS A 119 0.13 4.22 -13.09
C LYS A 119 -0.22 5.53 -12.37
N VAL A 120 0.51 5.96 -11.34
CA VAL A 120 0.24 7.27 -10.70
C VAL A 120 0.56 8.44 -11.61
N ALA A 121 1.46 8.27 -12.58
CA ALA A 121 1.70 9.27 -13.62
C ALA A 121 0.45 9.55 -14.47
N GLN A 122 -0.44 8.56 -14.59
CA GLN A 122 -1.71 8.64 -15.30
C GLN A 122 -2.91 8.92 -14.35
N MET A 123 -2.67 9.09 -13.04
CA MET A 123 -3.69 9.45 -12.04
C MET A 123 -4.49 10.72 -12.44
N PRO A 124 -5.81 10.75 -12.17
CA PRO A 124 -6.61 11.97 -12.27
C PRO A 124 -6.19 12.94 -11.16
N GLN A 125 -5.55 14.06 -11.52
CA GLN A 125 -4.95 15.00 -10.55
C GLN A 125 -5.98 15.78 -9.72
N GLU A 126 -7.22 15.90 -10.20
CA GLU A 126 -8.35 16.52 -9.50
C GLU A 126 -9.05 15.52 -8.56
N GLU A 127 -9.74 16.04 -7.55
CA GLU A 127 -10.29 15.28 -6.43
C GLU A 127 -11.78 15.61 -6.16
N VAL A 128 -12.61 14.57 -6.07
CA VAL A 128 -14.06 14.66 -5.84
C VAL A 128 -14.61 13.44 -5.09
N GLU A 129 -15.62 13.66 -4.24
CA GLU A 129 -16.34 12.61 -3.50
C GLU A 129 -17.07 11.61 -4.43
N LEU A 130 -17.04 10.32 -4.09
CA LEU A 130 -17.65 9.25 -4.88
C LEU A 130 -19.18 9.16 -4.76
N LEU A 131 -19.81 8.61 -5.81
CA LEU A 131 -21.22 8.23 -5.85
C LEU A 131 -21.48 6.88 -5.13
N PRO A 132 -22.71 6.60 -4.67
CA PRO A 132 -23.07 5.33 -4.04
C PRO A 132 -23.14 4.16 -5.05
N PRO A 133 -23.09 2.89 -4.57
CA PRO A 133 -23.22 1.70 -5.43
C PRO A 133 -24.65 1.51 -5.96
N ALA A 134 -24.79 0.69 -7.01
CA ALA A 134 -26.07 0.39 -7.66
C ALA A 134 -27.08 -0.35 -6.74
N PRO A 135 -28.40 -0.13 -6.90
CA PRO A 135 -29.46 -0.81 -6.15
C PRO A 135 -29.71 -2.25 -6.67
N LYS A 136 -28.75 -3.15 -6.40
CA LYS A 136 -28.78 -4.57 -6.84
C LYS A 136 -30.07 -5.32 -6.46
N GLY A 137 -30.45 -6.28 -7.30
CA GLY A 137 -31.59 -7.20 -7.09
C GLY A 137 -32.49 -7.39 -8.32
N LYS A 138 -32.52 -6.40 -9.22
CA LYS A 138 -33.28 -6.38 -10.49
C LYS A 138 -32.41 -5.87 -11.64
N GLY A 1 -3.49 -3.10 26.46
CA GLY A 1 -2.04 -3.20 26.23
C GLY A 1 -1.68 -2.80 24.81
N SER A 2 -0.85 -3.62 24.14
CA SER A 2 -0.27 -3.37 22.81
C SER A 2 -0.18 -4.66 21.97
N SER A 3 0.26 -4.55 20.72
CA SER A 3 0.56 -5.69 19.82
C SER A 3 1.60 -5.31 18.76
N GLY A 4 2.33 -6.30 18.24
CA GLY A 4 3.39 -6.11 17.24
C GLY A 4 2.87 -5.68 15.86
N SER A 5 3.75 -5.06 15.06
CA SER A 5 3.51 -4.54 13.70
C SER A 5 2.14 -3.84 13.50
N SER A 6 1.74 -3.02 14.48
CA SER A 6 0.46 -2.27 14.46
C SER A 6 0.37 -1.30 13.26
N GLY A 7 -0.86 -1.10 12.75
CA GLY A 7 -1.13 -0.35 11.52
C GLY A 7 -2.61 -0.38 11.14
N GLU A 8 -3.41 0.47 11.81
CA GLU A 8 -4.88 0.57 11.59
C GLU A 8 -5.28 0.86 10.13
N VAL A 9 -6.52 0.48 9.77
CA VAL A 9 -7.02 0.49 8.38
C VAL A 9 -8.34 1.24 8.21
N SER A 10 -8.97 1.62 9.32
CA SER A 10 -10.20 2.42 9.38
C SER A 10 -10.28 3.18 10.70
N ASN A 11 -10.87 4.38 10.68
CA ASN A 11 -10.97 5.29 11.83
C ASN A 11 -12.23 6.17 11.73
N PRO A 12 -13.14 6.14 12.73
CA PRO A 12 -14.40 6.90 12.72
C PRO A 12 -14.26 8.37 13.12
N SER A 13 -13.10 8.80 13.66
CA SER A 13 -12.87 10.13 14.23
C SER A 13 -12.05 11.04 13.30
N LYS A 14 -11.01 10.51 12.65
CA LYS A 14 -10.19 11.23 11.66
C LYS A 14 -11.03 11.51 10.38
N PRO A 15 -11.05 12.75 9.83
CA PRO A 15 -11.86 13.07 8.66
C PRO A 15 -11.31 12.45 7.36
N GLY A 16 -12.19 12.29 6.37
CA GLY A 16 -11.89 11.76 5.05
C GLY A 16 -13.14 11.62 4.17
N ARG A 17 -12.95 11.55 2.84
CA ARG A 17 -13.97 11.20 1.85
C ARG A 17 -13.35 10.41 0.70
N LYS A 18 -14.16 9.59 0.03
CA LYS A 18 -13.77 8.80 -1.13
C LYS A 18 -13.79 9.65 -2.39
N THR A 19 -12.71 9.60 -3.16
CA THR A 19 -12.43 10.51 -4.30
C THR A 19 -11.92 9.75 -5.52
N ASN A 20 -11.91 10.38 -6.70
CA ASN A 20 -11.33 9.76 -7.91
C ASN A 20 -9.91 9.23 -7.68
N GLN A 21 -9.12 9.92 -6.84
CA GLN A 21 -7.80 9.50 -6.38
C GLN A 21 -7.85 8.13 -5.68
N LEU A 22 -8.54 8.05 -4.54
CA LEU A 22 -8.60 6.82 -3.73
C LEU A 22 -9.28 5.64 -4.44
N GLN A 23 -10.28 5.91 -5.30
CA GLN A 23 -10.85 4.90 -6.19
C GLN A 23 -9.79 4.37 -7.17
N TYR A 24 -9.13 5.25 -7.91
CA TYR A 24 -8.09 4.88 -8.89
C TYR A 24 -6.95 4.07 -8.26
N MET A 25 -6.53 4.40 -7.03
CA MET A 25 -5.56 3.61 -6.26
C MET A 25 -5.99 2.14 -6.11
N GLN A 26 -7.23 1.84 -5.69
CA GLN A 26 -7.68 0.44 -5.55
C GLN A 26 -8.18 -0.21 -6.85
N ASN A 27 -8.50 0.59 -7.87
CA ASN A 27 -9.18 0.15 -9.10
C ASN A 27 -8.21 -0.06 -10.26
N VAL A 28 -7.05 0.62 -10.23
CA VAL A 28 -6.03 0.54 -11.26
C VAL A 28 -4.64 0.28 -10.67
N VAL A 29 -4.22 1.04 -9.66
CA VAL A 29 -2.83 1.00 -9.15
C VAL A 29 -2.56 -0.31 -8.38
N VAL A 30 -3.19 -0.49 -7.21
CA VAL A 30 -3.15 -1.74 -6.43
C VAL A 30 -3.70 -2.89 -7.27
N LYS A 31 -4.77 -2.68 -8.05
CA LYS A 31 -5.35 -3.70 -8.94
C LYS A 31 -4.29 -4.31 -9.88
N THR A 32 -3.53 -3.46 -10.59
CA THR A 32 -2.47 -3.92 -11.51
C THR A 32 -1.28 -4.51 -10.75
N LEU A 33 -0.83 -3.87 -9.67
CA LEU A 33 0.29 -4.35 -8.85
C LEU A 33 -0.01 -5.71 -8.19
N TRP A 34 -1.26 -6.00 -7.84
CA TRP A 34 -1.74 -7.29 -7.32
C TRP A 34 -1.85 -8.36 -8.43
N LYS A 35 -2.14 -7.97 -9.68
CA LYS A 35 -2.17 -8.89 -10.85
C LYS A 35 -0.79 -9.24 -11.40
N HIS A 36 0.27 -8.56 -10.92
CA HIS A 36 1.66 -8.75 -11.36
C HIS A 36 2.21 -10.15 -11.07
N GLN A 37 3.23 -10.56 -11.83
CA GLN A 37 3.97 -11.82 -11.65
C GLN A 37 4.67 -11.94 -10.28
N PHE A 38 4.95 -10.81 -9.60
CA PHE A 38 5.75 -10.74 -8.37
C PHE A 38 5.00 -10.06 -7.19
N ALA A 39 3.67 -10.02 -7.24
CA ALA A 39 2.81 -9.53 -6.17
C ALA A 39 2.75 -10.45 -4.93
N TRP A 40 3.02 -11.75 -5.10
CA TRP A 40 2.83 -12.78 -4.08
C TRP A 40 3.60 -12.62 -2.74
N PRO A 41 4.84 -12.08 -2.67
CA PRO A 41 5.49 -11.79 -1.40
C PRO A 41 5.00 -10.49 -0.74
N PHE A 42 4.02 -9.80 -1.35
CA PHE A 42 3.39 -8.56 -0.86
C PHE A 42 1.88 -8.72 -0.59
N TYR A 43 1.33 -9.94 -0.61
CA TYR A 43 -0.07 -10.19 -0.24
C TYR A 43 -0.32 -10.11 1.29
N GLN A 44 0.72 -10.18 2.13
CA GLN A 44 0.67 -10.16 3.59
C GLN A 44 1.95 -9.52 4.17
N PRO A 45 1.86 -8.82 5.33
CA PRO A 45 2.98 -8.13 5.95
C PRO A 45 4.08 -9.07 6.49
N VAL A 46 5.25 -8.50 6.75
CA VAL A 46 6.39 -9.18 7.40
C VAL A 46 6.10 -9.40 8.88
N ASP A 47 5.48 -10.52 9.21
CA ASP A 47 5.32 -11.03 10.58
C ASP A 47 6.68 -11.48 11.14
N ALA A 48 7.51 -10.53 11.58
CA ALA A 48 8.89 -10.77 12.05
C ALA A 48 9.02 -11.87 13.13
N ILE A 49 7.96 -12.13 13.90
CA ILE A 49 7.86 -13.27 14.83
C ILE A 49 7.92 -14.62 14.09
N LYS A 50 7.13 -14.77 13.02
CA LYS A 50 7.03 -15.98 12.18
C LYS A 50 8.21 -16.15 11.23
N LEU A 51 8.68 -15.05 10.62
CA LEU A 51 9.90 -15.02 9.80
C LEU A 51 11.20 -15.12 10.63
N ASN A 52 11.08 -14.99 11.95
CA ASN A 52 12.15 -15.09 12.94
C ASN A 52 13.27 -14.05 12.70
N LEU A 53 12.87 -12.77 12.62
CA LEU A 53 13.73 -11.60 12.36
C LEU A 53 13.75 -10.68 13.59
N PRO A 54 14.57 -10.99 14.62
CA PRO A 54 14.63 -10.21 15.86
C PRO A 54 15.18 -8.79 15.66
N ASP A 55 15.77 -8.50 14.49
CA ASP A 55 16.31 -7.21 14.09
C ASP A 55 15.50 -6.53 12.95
N TYR A 56 14.35 -7.07 12.52
CA TYR A 56 13.57 -6.48 11.42
C TYR A 56 13.24 -4.99 11.68
N HIS A 57 12.66 -4.72 12.84
CA HIS A 57 12.27 -3.36 13.28
C HIS A 57 13.43 -2.49 13.76
N LYS A 58 14.61 -3.08 14.04
CA LYS A 58 15.84 -2.34 14.40
C LYS A 58 16.37 -1.56 13.19
N ILE A 59 16.42 -2.21 12.01
CA ILE A 59 16.78 -1.56 10.74
C ILE A 59 15.58 -0.81 10.16
N ILE A 60 14.42 -1.48 10.01
CA ILE A 60 13.21 -0.87 9.43
C ILE A 60 12.42 -0.06 10.45
N LYS A 61 12.59 1.27 10.36
CA LYS A 61 11.93 2.28 11.18
C LYS A 61 10.41 2.35 10.96
N ASN A 62 9.96 2.04 9.75
CA ASN A 62 8.55 1.95 9.35
C ASN A 62 8.36 0.89 8.24
N PRO A 63 7.70 -0.25 8.52
CA PRO A 63 7.33 -1.26 7.52
C PRO A 63 5.97 -0.96 6.86
N MET A 64 5.72 -1.55 5.68
CA MET A 64 4.44 -1.45 4.95
C MET A 64 4.27 -2.60 3.94
N ASP A 65 3.02 -2.94 3.58
CA ASP A 65 2.67 -4.06 2.69
C ASP A 65 1.38 -3.81 1.87
N MET A 66 1.30 -4.42 0.68
CA MET A 66 0.21 -4.21 -0.28
C MET A 66 -1.15 -4.71 0.24
N GLY A 67 -1.16 -5.78 1.04
CA GLY A 67 -2.36 -6.33 1.69
C GLY A 67 -3.05 -5.30 2.58
N THR A 68 -2.26 -4.60 3.40
CA THR A 68 -2.73 -3.53 4.28
C THR A 68 -3.15 -2.29 3.48
N ILE A 69 -2.38 -1.85 2.47
CA ILE A 69 -2.70 -0.69 1.61
C ILE A 69 -4.11 -0.83 1.01
N LYS A 70 -4.39 -1.96 0.36
CA LYS A 70 -5.68 -2.30 -0.24
C LYS A 70 -6.84 -2.25 0.77
N LYS A 71 -6.59 -2.58 2.04
CA LYS A 71 -7.58 -2.54 3.14
C LYS A 71 -7.92 -1.11 3.57
N ARG A 72 -6.94 -0.22 3.76
CA ARG A 72 -7.22 1.21 4.07
C ARG A 72 -7.84 1.99 2.90
N LEU A 73 -7.51 1.62 1.65
CA LEU A 73 -8.20 2.12 0.45
C LEU A 73 -9.67 1.69 0.37
N GLU A 74 -10.00 0.43 0.70
CA GLU A 74 -11.39 -0.06 0.72
C GLU A 74 -12.28 0.68 1.74
N ASN A 75 -11.68 1.10 2.85
CA ASN A 75 -12.30 1.97 3.87
C ASN A 75 -12.27 3.46 3.45
N ASN A 76 -12.74 4.34 4.35
CA ASN A 76 -12.70 5.81 4.22
C ASN A 76 -11.61 6.40 5.14
N TYR A 77 -10.44 5.75 5.19
CA TYR A 77 -9.37 6.03 6.18
C TYR A 77 -8.73 7.42 6.03
N TYR A 78 -8.62 7.92 4.79
CA TYR A 78 -7.99 9.20 4.42
C TYR A 78 -8.80 9.96 3.35
N TRP A 79 -8.27 11.11 2.90
CA TRP A 79 -8.89 12.02 1.92
C TRP A 79 -8.22 11.98 0.54
N SER A 80 -6.93 11.61 0.48
CA SER A 80 -6.09 11.71 -0.73
C SER A 80 -5.23 10.46 -0.93
N ALA A 81 -5.06 10.07 -2.19
CA ALA A 81 -4.11 9.04 -2.63
C ALA A 81 -2.65 9.33 -2.24
N SER A 82 -2.30 10.59 -1.92
CA SER A 82 -0.94 10.97 -1.48
C SER A 82 -0.46 10.12 -0.30
N GLU A 83 -1.34 9.76 0.63
CA GLU A 83 -1.02 8.89 1.78
C GLU A 83 -0.80 7.42 1.36
N CYS A 84 -1.62 6.90 0.45
CA CYS A 84 -1.42 5.60 -0.19
C CYS A 84 -0.10 5.53 -0.99
N MET A 85 0.30 6.63 -1.64
CA MET A 85 1.57 6.75 -2.36
C MET A 85 2.78 6.74 -1.41
N GLN A 86 2.66 7.41 -0.26
CA GLN A 86 3.64 7.32 0.84
C GLN A 86 3.76 5.89 1.38
N ASP A 87 2.64 5.16 1.53
CA ASP A 87 2.66 3.76 1.95
C ASP A 87 3.35 2.84 0.92
N PHE A 88 3.09 3.03 -0.38
CA PHE A 88 3.82 2.32 -1.45
C PHE A 88 5.32 2.63 -1.44
N ASN A 89 5.71 3.90 -1.23
CA ASN A 89 7.12 4.27 -1.06
C ASN A 89 7.75 3.51 0.12
N THR A 90 7.13 3.51 1.30
CA THR A 90 7.61 2.76 2.47
C THR A 90 7.74 1.26 2.20
N MET A 91 6.83 0.63 1.45
CA MET A 91 6.93 -0.78 1.07
C MET A 91 8.21 -1.07 0.27
N PHE A 92 8.34 -0.45 -0.91
CA PHE A 92 9.48 -0.70 -1.80
C PHE A 92 10.82 -0.29 -1.16
N THR A 93 10.85 0.84 -0.45
CA THR A 93 12.06 1.32 0.25
C THR A 93 12.49 0.40 1.39
N ASN A 94 11.59 -0.10 2.25
CA ASN A 94 12.01 -1.02 3.33
C ASN A 94 12.56 -2.35 2.78
N CYS A 95 12.04 -2.82 1.63
CA CYS A 95 12.61 -3.94 0.89
C CYS A 95 14.06 -3.66 0.43
N TYR A 96 14.33 -2.47 -0.11
CA TYR A 96 15.68 -2.05 -0.53
C TYR A 96 16.68 -1.87 0.63
N ILE A 97 16.20 -1.43 1.80
CA ILE A 97 17.03 -1.25 3.01
C ILE A 97 17.42 -2.60 3.61
N TYR A 98 16.43 -3.43 3.98
CA TYR A 98 16.67 -4.66 4.75
C TYR A 98 17.40 -5.78 3.97
N ASN A 99 17.40 -5.72 2.63
CA ASN A 99 17.93 -6.77 1.75
C ASN A 99 19.02 -6.23 0.79
N LYS A 100 19.85 -7.13 0.25
CA LYS A 100 20.90 -6.80 -0.73
C LYS A 100 20.28 -6.40 -2.09
N PRO A 101 20.90 -5.50 -2.87
CA PRO A 101 20.35 -4.99 -4.13
C PRO A 101 20.19 -6.05 -5.24
N THR A 102 20.71 -7.26 -5.03
CA THR A 102 20.65 -8.41 -5.94
C THR A 102 19.71 -9.53 -5.46
N ASP A 103 19.11 -9.40 -4.27
CA ASP A 103 18.13 -10.36 -3.75
C ASP A 103 16.83 -10.33 -4.59
N ASP A 104 16.17 -11.48 -4.74
CA ASP A 104 14.92 -11.60 -5.52
C ASP A 104 13.85 -10.58 -5.08
N ILE A 105 13.63 -10.42 -3.77
CA ILE A 105 12.64 -9.48 -3.20
C ILE A 105 12.86 -8.02 -3.62
N VAL A 106 14.12 -7.60 -3.79
CA VAL A 106 14.45 -6.26 -4.31
C VAL A 106 14.07 -6.15 -5.78
N LEU A 107 14.37 -7.16 -6.60
CA LEU A 107 13.98 -7.17 -8.02
C LEU A 107 12.46 -7.16 -8.21
N MET A 108 11.70 -7.85 -7.33
CA MET A 108 10.23 -7.74 -7.29
C MET A 108 9.79 -6.29 -7.08
N ALA A 109 10.32 -5.63 -6.03
CA ALA A 109 10.01 -4.25 -5.71
C ALA A 109 10.44 -3.26 -6.82
N GLN A 110 11.58 -3.47 -7.49
CA GLN A 110 12.00 -2.66 -8.64
C GLN A 110 11.02 -2.76 -9.82
N ALA A 111 10.49 -3.95 -10.12
CA ALA A 111 9.49 -4.14 -11.18
C ALA A 111 8.13 -3.51 -10.81
N LEU A 112 7.66 -3.73 -9.58
CA LEU A 112 6.42 -3.16 -9.08
C LEU A 112 6.48 -1.62 -8.97
N GLU A 113 7.58 -1.04 -8.47
CA GLU A 113 7.67 0.41 -8.25
C GLU A 113 7.58 1.21 -9.56
N LYS A 114 8.23 0.75 -10.64
CA LYS A 114 8.12 1.41 -11.96
C LYS A 114 6.68 1.44 -12.47
N ILE A 115 5.91 0.37 -12.25
CA ILE A 115 4.50 0.31 -12.63
C ILE A 115 3.63 1.16 -11.69
N PHE A 116 3.90 1.15 -10.38
CA PHE A 116 3.24 2.03 -9.41
C PHE A 116 3.33 3.49 -9.88
N LEU A 117 4.53 3.96 -10.22
CA LEU A 117 4.77 5.31 -10.71
C LEU A 117 4.10 5.58 -12.07
N GLN A 118 4.14 4.64 -13.03
CA GLN A 118 3.50 4.85 -14.34
C GLN A 118 1.98 4.96 -14.25
N LYS A 119 1.36 4.27 -13.28
CA LYS A 119 -0.08 4.31 -13.04
C LYS A 119 -0.50 5.61 -12.34
N VAL A 120 0.14 6.05 -11.25
CA VAL A 120 -0.23 7.32 -10.61
C VAL A 120 0.09 8.53 -11.50
N ALA A 121 1.08 8.41 -12.39
CA ALA A 121 1.35 9.44 -13.40
C ALA A 121 0.17 9.66 -14.35
N GLN A 122 -0.61 8.60 -14.60
CA GLN A 122 -1.83 8.63 -15.41
C GLN A 122 -3.09 8.93 -14.57
N MET A 123 -3.00 8.99 -13.24
CA MET A 123 -4.11 9.40 -12.36
C MET A 123 -4.46 10.89 -12.57
N PRO A 124 -5.75 11.30 -12.49
CA PRO A 124 -6.13 12.71 -12.44
C PRO A 124 -5.38 13.47 -11.33
N GLN A 125 -5.01 14.72 -11.60
CA GLN A 125 -4.36 15.60 -10.60
C GLN A 125 -5.37 16.44 -9.80
N GLU A 126 -6.55 16.68 -10.36
CA GLU A 126 -7.68 17.33 -9.69
C GLU A 126 -8.54 16.32 -8.92
N GLU A 127 -9.23 16.79 -7.89
CA GLU A 127 -10.02 15.99 -6.96
C GLU A 127 -11.53 16.07 -7.26
N VAL A 128 -12.21 14.92 -7.17
CA VAL A 128 -13.66 14.78 -7.37
C VAL A 128 -14.21 13.83 -6.30
N GLU A 129 -15.21 14.30 -5.55
CA GLU A 129 -16.00 13.48 -4.62
C GLU A 129 -16.92 12.51 -5.40
N LEU A 130 -16.88 11.22 -5.06
CA LEU A 130 -17.62 10.15 -5.74
C LEU A 130 -19.07 10.00 -5.27
N LEU A 131 -19.88 9.33 -6.09
CA LEU A 131 -21.24 8.88 -5.75
C LEU A 131 -21.19 7.76 -4.68
N PRO A 132 -22.27 7.58 -3.88
CA PRO A 132 -22.35 6.51 -2.88
C PRO A 132 -22.51 5.11 -3.53
N PRO A 133 -22.12 4.02 -2.85
CA PRO A 133 -22.27 2.66 -3.36
C PRO A 133 -23.74 2.19 -3.34
N ALA A 134 -24.06 1.21 -4.19
CA ALA A 134 -25.36 0.57 -4.26
C ALA A 134 -25.52 -0.55 -3.19
N PRO A 135 -26.76 -0.84 -2.71
CA PRO A 135 -27.02 -1.95 -1.81
C PRO A 135 -26.89 -3.31 -2.51
N LYS A 136 -26.58 -4.36 -1.73
CA LYS A 136 -26.45 -5.75 -2.19
C LYS A 136 -27.80 -6.50 -2.17
N GLY A 137 -27.86 -7.65 -2.84
CA GLY A 137 -29.05 -8.50 -2.96
C GLY A 137 -28.78 -9.86 -3.59
N LYS A 138 -29.85 -10.64 -3.82
CA LYS A 138 -29.83 -12.00 -4.41
C LYS A 138 -31.04 -12.26 -5.32
N GLY A 1 1.14 -3.16 26.52
CA GLY A 1 1.81 -3.14 25.20
C GLY A 1 2.58 -4.44 24.97
N SER A 2 2.13 -5.24 23.99
CA SER A 2 2.60 -6.62 23.77
C SER A 2 2.75 -6.96 22.26
N SER A 3 3.00 -5.95 21.43
CA SER A 3 3.03 -6.05 19.96
C SER A 3 4.15 -5.19 19.32
N GLY A 4 4.41 -5.42 18.03
CA GLY A 4 5.40 -4.69 17.23
C GLY A 4 4.92 -3.31 16.73
N SER A 5 5.65 -2.73 15.78
CA SER A 5 5.30 -1.43 15.15
C SER A 5 3.86 -1.41 14.60
N SER A 6 3.12 -0.33 14.89
CA SER A 6 1.71 -0.17 14.51
C SER A 6 1.46 -0.22 12.99
N GLY A 7 0.24 -0.59 12.61
CA GLY A 7 -0.19 -0.77 11.22
C GLY A 7 -1.70 -0.55 11.04
N GLU A 8 -2.24 0.50 11.69
CA GLU A 8 -3.67 0.85 11.68
C GLU A 8 -4.24 1.13 10.27
N VAL A 9 -5.55 0.93 10.09
CA VAL A 9 -6.20 0.97 8.76
C VAL A 9 -7.55 1.67 8.69
N SER A 10 -8.25 1.79 9.82
CA SER A 10 -9.63 2.29 9.89
C SER A 10 -9.88 3.03 11.21
N ASN A 11 -9.95 4.36 11.16
CA ASN A 11 -9.99 5.24 12.34
C ASN A 11 -10.86 6.49 12.09
N PRO A 12 -11.97 6.68 12.83
CA PRO A 12 -12.83 7.86 12.71
C PRO A 12 -12.25 9.12 13.38
N SER A 13 -11.16 8.98 14.15
CA SER A 13 -10.43 10.07 14.82
C SER A 13 -9.70 11.03 13.86
N LYS A 14 -9.56 10.64 12.59
CA LYS A 14 -8.92 11.41 11.51
C LYS A 14 -9.86 11.57 10.30
N PRO A 15 -9.86 12.72 9.61
CA PRO A 15 -10.74 12.97 8.47
C PRO A 15 -10.36 12.12 7.25
N GLY A 16 -11.37 11.73 6.48
CA GLY A 16 -11.22 10.97 5.24
C GLY A 16 -12.55 10.50 4.66
N ARG A 17 -12.53 10.14 3.37
CA ARG A 17 -13.63 9.57 2.58
C ARG A 17 -13.15 9.13 1.18
N LYS A 18 -13.95 8.33 0.49
CA LYS A 18 -13.72 7.92 -0.91
C LYS A 18 -13.77 9.11 -1.87
N THR A 19 -12.82 9.17 -2.81
CA THR A 19 -12.71 10.18 -3.88
C THR A 19 -12.23 9.53 -5.18
N ASN A 20 -12.42 10.19 -6.32
CA ASN A 20 -11.97 9.72 -7.64
C ASN A 20 -10.46 9.33 -7.71
N GLN A 21 -9.58 10.00 -6.97
CA GLN A 21 -8.17 9.59 -6.89
C GLN A 21 -7.97 8.31 -6.06
N LEU A 22 -8.58 8.20 -4.87
CA LEU A 22 -8.56 6.98 -4.05
C LEU A 22 -9.23 5.79 -4.76
N GLN A 23 -10.24 6.05 -5.60
CA GLN A 23 -10.85 5.08 -6.51
C GLN A 23 -9.78 4.53 -7.47
N TYR A 24 -9.07 5.42 -8.18
CA TYR A 24 -8.03 5.05 -9.13
C TYR A 24 -6.90 4.22 -8.50
N MET A 25 -6.45 4.59 -7.29
CA MET A 25 -5.47 3.80 -6.52
C MET A 25 -5.94 2.35 -6.33
N GLN A 26 -7.16 2.12 -5.84
CA GLN A 26 -7.71 0.79 -5.61
C GLN A 26 -8.06 0.03 -6.90
N ASN A 27 -8.47 0.75 -7.96
CA ASN A 27 -9.10 0.17 -9.15
C ASN A 27 -8.17 -0.03 -10.34
N VAL A 28 -6.98 0.61 -10.32
CA VAL A 28 -6.00 0.50 -11.41
C VAL A 28 -4.61 0.23 -10.87
N VAL A 29 -4.14 1.02 -9.89
CA VAL A 29 -2.77 0.96 -9.37
C VAL A 29 -2.57 -0.33 -8.56
N VAL A 30 -3.27 -0.46 -7.43
CA VAL A 30 -3.33 -1.67 -6.59
C VAL A 30 -3.78 -2.86 -7.41
N LYS A 31 -4.85 -2.70 -8.20
CA LYS A 31 -5.46 -3.79 -8.98
C LYS A 31 -4.49 -4.41 -9.99
N THR A 32 -3.64 -3.61 -10.63
CA THR A 32 -2.64 -4.13 -11.58
C THR A 32 -1.37 -4.63 -10.90
N LEU A 33 -0.90 -3.95 -9.84
CA LEU A 33 0.20 -4.41 -9.00
C LEU A 33 -0.10 -5.77 -8.32
N TRP A 34 -1.35 -6.02 -7.91
CA TRP A 34 -1.81 -7.28 -7.31
C TRP A 34 -1.87 -8.44 -8.32
N LYS A 35 -2.11 -8.17 -9.61
CA LYS A 35 -2.05 -9.19 -10.69
C LYS A 35 -0.62 -9.65 -11.02
N HIS A 36 0.40 -8.88 -10.61
CA HIS A 36 1.80 -9.10 -10.99
C HIS A 36 2.37 -10.45 -10.54
N GLN A 37 3.34 -10.97 -11.28
CA GLN A 37 4.09 -12.22 -11.01
C GLN A 37 4.84 -12.21 -9.66
N PHE A 38 5.05 -11.04 -9.06
CA PHE A 38 5.80 -10.84 -7.81
C PHE A 38 5.00 -10.10 -6.72
N ALA A 39 3.67 -10.04 -6.83
CA ALA A 39 2.78 -9.44 -5.83
C ALA A 39 2.69 -10.24 -4.52
N TRP A 40 2.89 -11.56 -4.58
CA TRP A 40 2.64 -12.51 -3.49
C TRP A 40 3.39 -12.28 -2.16
N PRO A 41 4.68 -11.84 -2.10
CA PRO A 41 5.33 -11.50 -0.83
C PRO A 41 4.81 -10.19 -0.19
N PHE A 42 3.94 -9.44 -0.87
CA PHE A 42 3.33 -8.19 -0.40
C PHE A 42 1.83 -8.34 -0.08
N TYR A 43 1.21 -9.50 -0.34
CA TYR A 43 -0.22 -9.75 -0.05
C TYR A 43 -0.59 -9.67 1.45
N GLN A 44 0.39 -9.77 2.35
CA GLN A 44 0.22 -9.81 3.81
C GLN A 44 1.36 -9.05 4.51
N PRO A 45 1.16 -8.56 5.75
CA PRO A 45 2.23 -7.95 6.54
C PRO A 45 3.31 -8.96 6.92
N VAL A 46 4.57 -8.51 6.99
CA VAL A 46 5.73 -9.36 7.34
C VAL A 46 5.61 -9.95 8.75
N ASP A 47 5.60 -11.29 8.85
CA ASP A 47 5.71 -12.02 10.12
C ASP A 47 7.18 -12.28 10.45
N ALA A 48 7.82 -11.35 11.17
CA ALA A 48 9.21 -11.46 11.61
C ALA A 48 9.52 -12.75 12.39
N ILE A 49 8.53 -13.33 13.09
CA ILE A 49 8.62 -14.63 13.77
C ILE A 49 8.81 -15.76 12.74
N LYS A 50 7.98 -15.82 11.70
CA LYS A 50 8.00 -16.84 10.64
C LYS A 50 9.25 -16.76 9.77
N LEU A 51 9.68 -15.55 9.42
CA LEU A 51 10.91 -15.30 8.65
C LEU A 51 12.19 -15.34 9.52
N ASN A 52 12.06 -15.53 10.84
CA ASN A 52 13.14 -15.58 11.82
C ASN A 52 14.07 -14.35 11.78
N LEU A 53 13.48 -13.16 11.94
CA LEU A 53 14.13 -11.84 11.87
C LEU A 53 14.07 -11.13 13.24
N PRO A 54 14.96 -11.48 14.18
CA PRO A 54 14.95 -10.95 15.56
C PRO A 54 15.31 -9.45 15.67
N ASP A 55 15.68 -8.81 14.55
CA ASP A 55 16.05 -7.39 14.43
C ASP A 55 15.19 -6.66 13.37
N TYR A 56 14.07 -7.24 12.91
CA TYR A 56 13.24 -6.66 11.84
C TYR A 56 12.87 -5.20 12.10
N HIS A 57 12.23 -4.91 13.24
CA HIS A 57 11.83 -3.57 13.68
C HIS A 57 13.01 -2.69 14.17
N LYS A 58 14.23 -3.22 14.20
CA LYS A 58 15.46 -2.47 14.58
C LYS A 58 16.01 -1.71 13.38
N ILE A 59 16.06 -2.36 12.21
CA ILE A 59 16.42 -1.74 10.92
C ILE A 59 15.22 -1.02 10.32
N ILE A 60 14.03 -1.66 10.27
CA ILE A 60 12.81 -1.07 9.71
C ILE A 60 12.15 -0.08 10.67
N LYS A 61 12.15 1.20 10.29
CA LYS A 61 11.47 2.29 11.02
C LYS A 61 9.95 2.30 10.79
N ASN A 62 9.51 1.85 9.61
CA ASN A 62 8.15 1.98 9.11
C ASN A 62 7.76 0.82 8.16
N PRO A 63 7.32 -0.33 8.72
CA PRO A 63 6.90 -1.48 7.94
C PRO A 63 5.58 -1.22 7.22
N MET A 64 5.47 -1.64 5.95
CA MET A 64 4.34 -1.39 5.06
C MET A 64 4.26 -2.47 3.97
N ASP A 65 3.06 -2.97 3.66
CA ASP A 65 2.82 -4.07 2.71
C ASP A 65 1.49 -3.87 1.95
N MET A 66 1.41 -4.34 0.70
CA MET A 66 0.29 -4.08 -0.23
C MET A 66 -1.07 -4.54 0.32
N GLY A 67 -1.08 -5.67 1.04
CA GLY A 67 -2.25 -6.20 1.77
C GLY A 67 -2.80 -5.26 2.85
N THR A 68 -1.95 -4.41 3.43
CA THR A 68 -2.35 -3.35 4.36
C THR A 68 -2.73 -2.07 3.62
N ILE A 69 -2.05 -1.70 2.51
CA ILE A 69 -2.41 -0.52 1.69
C ILE A 69 -3.86 -0.61 1.20
N LYS A 70 -4.26 -1.74 0.60
CA LYS A 70 -5.65 -1.96 0.17
C LYS A 70 -6.66 -1.89 1.33
N LYS A 71 -6.28 -2.39 2.52
CA LYS A 71 -7.14 -2.41 3.71
C LYS A 71 -7.55 -1.01 4.19
N ARG A 72 -6.67 0.00 4.08
CA ARG A 72 -6.99 1.41 4.34
C ARG A 72 -7.69 2.12 3.18
N LEU A 73 -7.43 1.75 1.92
CA LEU A 73 -8.23 2.19 0.76
C LEU A 73 -9.70 1.72 0.78
N GLU A 74 -9.98 0.55 1.37
CA GLU A 74 -11.33 -0.04 1.45
C GLU A 74 -12.33 0.75 2.31
N ASN A 75 -11.85 1.69 3.15
CA ASN A 75 -12.65 2.45 4.10
C ASN A 75 -12.26 3.96 4.17
N ASN A 76 -12.98 4.72 4.99
CA ASN A 76 -12.67 6.13 5.29
C ASN A 76 -11.51 6.26 6.30
N TYR A 77 -10.30 6.50 5.80
CA TYR A 77 -9.07 6.66 6.61
C TYR A 77 -8.25 7.90 6.22
N TYR A 78 -8.17 8.21 4.91
CA TYR A 78 -7.64 9.45 4.35
C TYR A 78 -8.58 10.04 3.30
N TRP A 79 -8.27 11.24 2.79
CA TRP A 79 -9.08 11.97 1.82
C TRP A 79 -8.44 11.97 0.41
N SER A 80 -7.14 11.71 0.29
CA SER A 80 -6.36 11.87 -0.95
C SER A 80 -5.39 10.72 -1.25
N ALA A 81 -5.21 10.42 -2.54
CA ALA A 81 -4.32 9.36 -3.02
C ALA A 81 -2.83 9.58 -2.72
N SER A 82 -2.41 10.83 -2.48
CA SER A 82 -1.03 11.18 -2.06
C SER A 82 -0.54 10.38 -0.86
N GLU A 83 -1.43 10.06 0.09
CA GLU A 83 -1.13 9.24 1.27
C GLU A 83 -0.87 7.77 0.90
N CYS A 84 -1.70 7.20 0.02
CA CYS A 84 -1.51 5.86 -0.54
C CYS A 84 -0.22 5.75 -1.39
N MET A 85 0.11 6.79 -2.17
CA MET A 85 1.37 6.87 -2.91
C MET A 85 2.59 6.86 -2.00
N GLN A 86 2.54 7.60 -0.89
CA GLN A 86 3.57 7.55 0.15
C GLN A 86 3.69 6.16 0.80
N ASP A 87 2.58 5.46 1.04
CA ASP A 87 2.62 4.07 1.55
C ASP A 87 3.28 3.10 0.55
N PHE A 88 2.98 3.20 -0.74
CA PHE A 88 3.70 2.44 -1.78
C PHE A 88 5.21 2.75 -1.79
N ASN A 89 5.59 4.04 -1.72
CA ASN A 89 6.99 4.45 -1.61
C ASN A 89 7.68 3.83 -0.38
N THR A 90 7.04 3.87 0.80
CA THR A 90 7.56 3.26 2.04
C THR A 90 7.67 1.74 1.95
N MET A 91 6.74 1.04 1.29
CA MET A 91 6.81 -0.41 1.08
C MET A 91 8.07 -0.81 0.30
N PHE A 92 8.31 -0.21 -0.86
CA PHE A 92 9.48 -0.50 -1.67
C PHE A 92 10.79 -0.03 -1.01
N THR A 93 10.78 1.14 -0.36
CA THR A 93 11.96 1.70 0.32
C THR A 93 12.41 0.84 1.50
N ASN A 94 11.50 0.42 2.39
CA ASN A 94 11.88 -0.40 3.54
C ASN A 94 12.43 -1.78 3.11
N CYS A 95 11.94 -2.33 1.99
CA CYS A 95 12.50 -3.52 1.36
C CYS A 95 13.96 -3.33 0.90
N TYR A 96 14.30 -2.19 0.27
CA TYR A 96 15.67 -1.87 -0.17
C TYR A 96 16.66 -1.64 0.97
N ILE A 97 16.19 -1.16 2.13
CA ILE A 97 17.04 -0.99 3.33
C ILE A 97 17.45 -2.35 3.91
N TYR A 98 16.48 -3.21 4.24
CA TYR A 98 16.74 -4.48 4.94
C TYR A 98 17.47 -5.53 4.07
N ASN A 99 17.13 -5.61 2.78
CA ASN A 99 17.62 -6.65 1.86
C ASN A 99 18.72 -6.11 0.95
N LYS A 100 19.63 -6.99 0.49
CA LYS A 100 20.73 -6.63 -0.42
C LYS A 100 20.19 -6.23 -1.81
N PRO A 101 20.93 -5.39 -2.56
CA PRO A 101 20.52 -4.91 -3.89
C PRO A 101 20.39 -6.01 -4.97
N THR A 102 20.73 -7.26 -4.62
CA THR A 102 20.70 -8.46 -5.50
C THR A 102 19.79 -9.58 -4.95
N ASP A 103 19.14 -9.39 -3.79
CA ASP A 103 18.12 -10.30 -3.29
C ASP A 103 16.86 -10.25 -4.18
N ASP A 104 16.18 -11.39 -4.33
CA ASP A 104 15.00 -11.50 -5.22
C ASP A 104 13.90 -10.49 -4.86
N ILE A 105 13.57 -10.35 -3.57
CA ILE A 105 12.57 -9.39 -3.06
C ILE A 105 12.84 -7.93 -3.44
N VAL A 106 14.11 -7.52 -3.63
CA VAL A 106 14.46 -6.20 -4.13
C VAL A 106 14.13 -6.09 -5.62
N LEU A 107 14.51 -7.07 -6.44
CA LEU A 107 14.17 -7.09 -7.87
C LEU A 107 12.65 -7.12 -8.09
N MET A 108 11.91 -7.84 -7.24
CA MET A 108 10.44 -7.82 -7.16
C MET A 108 9.91 -6.40 -6.88
N ALA A 109 10.41 -5.74 -5.84
CA ALA A 109 10.02 -4.37 -5.49
C ALA A 109 10.36 -3.37 -6.61
N GLN A 110 11.51 -3.49 -7.28
CA GLN A 110 11.86 -2.68 -8.46
C GLN A 110 10.88 -2.88 -9.62
N ALA A 111 10.54 -4.14 -9.93
CA ALA A 111 9.60 -4.50 -10.99
C ALA A 111 8.15 -4.08 -10.71
N LEU A 112 7.75 -4.00 -9.44
CA LEU A 112 6.47 -3.40 -9.03
C LEU A 112 6.53 -1.86 -9.07
N GLU A 113 7.58 -1.24 -8.54
CA GLU A 113 7.67 0.23 -8.42
C GLU A 113 7.65 0.94 -9.79
N LYS A 114 8.34 0.40 -10.81
CA LYS A 114 8.33 0.97 -12.16
C LYS A 114 6.94 1.02 -12.79
N ILE A 115 6.10 0.05 -12.47
CA ILE A 115 4.69 0.00 -12.86
C ILE A 115 3.84 0.91 -11.97
N PHE A 116 4.03 0.92 -10.65
CA PHE A 116 3.37 1.88 -9.74
C PHE A 116 3.53 3.32 -10.27
N LEU A 117 4.74 3.74 -10.61
CA LEU A 117 5.00 5.08 -11.13
C LEU A 117 4.30 5.35 -12.47
N GLN A 118 4.30 4.41 -13.43
CA GLN A 118 3.63 4.60 -14.72
C GLN A 118 2.09 4.61 -14.60
N LYS A 119 1.55 3.91 -13.58
CA LYS A 119 0.12 3.87 -13.25
C LYS A 119 -0.34 5.17 -12.61
N VAL A 120 0.31 5.68 -11.56
CA VAL A 120 -0.07 6.96 -10.92
C VAL A 120 0.21 8.16 -11.82
N ALA A 121 1.15 8.05 -12.77
CA ALA A 121 1.39 9.09 -13.77
C ALA A 121 0.14 9.37 -14.65
N GLN A 122 -0.70 8.35 -14.83
CA GLN A 122 -1.96 8.45 -15.56
C GLN A 122 -3.17 8.77 -14.64
N MET A 123 -2.97 8.84 -13.31
CA MET A 123 -3.98 9.33 -12.36
C MET A 123 -4.26 10.83 -12.59
N PRO A 124 -5.53 11.29 -12.53
CA PRO A 124 -5.87 12.71 -12.66
C PRO A 124 -5.30 13.51 -11.48
N GLN A 125 -4.66 14.66 -11.76
CA GLN A 125 -4.10 15.55 -10.74
C GLN A 125 -5.18 16.28 -9.91
N GLU A 126 -6.32 16.53 -10.53
CA GLU A 126 -7.56 17.00 -9.89
C GLU A 126 -8.27 15.85 -9.15
N GLU A 127 -9.18 16.19 -8.24
CA GLU A 127 -9.91 15.23 -7.39
C GLU A 127 -11.41 15.56 -7.33
N VAL A 128 -12.24 14.51 -7.25
CA VAL A 128 -13.71 14.58 -7.29
C VAL A 128 -14.32 13.75 -6.16
N GLU A 129 -15.30 14.33 -5.47
CA GLU A 129 -16.15 13.68 -4.47
C GLU A 129 -17.11 12.66 -5.13
N LEU A 130 -17.02 11.39 -4.73
CA LEU A 130 -17.84 10.29 -5.26
C LEU A 130 -19.23 10.21 -4.61
N LEU A 131 -20.19 9.63 -5.34
CA LEU A 131 -21.51 9.26 -4.80
C LEU A 131 -21.40 8.10 -3.76
N PRO A 132 -22.35 7.99 -2.81
CA PRO A 132 -22.32 6.95 -1.78
C PRO A 132 -22.76 5.57 -2.35
N PRO A 133 -22.13 4.45 -1.93
CA PRO A 133 -22.48 3.11 -2.39
C PRO A 133 -23.80 2.60 -1.79
N ALA A 134 -24.33 1.52 -2.38
CA ALA A 134 -25.46 0.75 -1.83
C ALA A 134 -25.12 0.14 -0.45
N PRO A 135 -26.11 -0.11 0.43
CA PRO A 135 -25.87 -0.68 1.76
C PRO A 135 -25.37 -2.14 1.69
N LYS A 136 -24.52 -2.50 2.66
CA LYS A 136 -23.89 -3.83 2.80
C LYS A 136 -23.64 -4.14 4.27
N GLY A 137 -24.11 -5.29 4.75
CA GLY A 137 -24.04 -5.70 6.16
C GLY A 137 -25.05 -6.79 6.54
N LYS A 138 -25.27 -6.95 7.85
CA LYS A 138 -26.23 -7.90 8.45
C LYS A 138 -26.92 -7.23 9.66
N GLY A 1 5.00 -0.05 24.92
CA GLY A 1 3.88 0.27 24.02
C GLY A 1 3.27 -0.99 23.43
N SER A 2 2.97 -0.98 22.13
CA SER A 2 2.41 -2.12 21.38
C SER A 2 3.34 -3.36 21.41
N SER A 3 2.75 -4.56 21.32
CA SER A 3 3.49 -5.84 21.23
C SER A 3 4.12 -6.10 19.83
N GLY A 4 3.80 -5.25 18.84
CA GLY A 4 4.31 -5.30 17.47
C GLY A 4 3.81 -4.10 16.65
N SER A 5 4.14 -4.07 15.35
CA SER A 5 3.65 -3.06 14.41
C SER A 5 2.12 -3.09 14.26
N SER A 6 1.42 -2.09 14.82
CA SER A 6 -0.05 -2.05 14.93
C SER A 6 -0.81 -1.99 13.59
N GLY A 7 -0.18 -1.48 12.52
CA GLY A 7 -0.67 -1.57 11.13
C GLY A 7 -2.12 -1.06 10.90
N GLU A 8 -2.47 0.09 11.48
CA GLU A 8 -3.83 0.66 11.43
C GLU A 8 -4.37 0.92 10.00
N VAL A 9 -5.69 0.86 9.85
CA VAL A 9 -6.40 1.00 8.55
C VAL A 9 -7.62 1.93 8.61
N SER A 10 -8.03 2.31 9.81
CA SER A 10 -9.18 3.18 10.11
C SER A 10 -8.92 3.99 11.38
N ASN A 11 -9.24 5.30 11.36
CA ASN A 11 -8.90 6.26 12.42
C ASN A 11 -9.94 7.39 12.57
N PRO A 12 -10.24 7.82 13.82
CA PRO A 12 -11.05 9.02 14.09
C PRO A 12 -10.23 10.32 14.04
N SER A 13 -8.91 10.23 14.19
CA SER A 13 -7.97 11.36 14.28
C SER A 13 -7.65 12.06 12.95
N LYS A 14 -8.06 11.47 11.82
CA LYS A 14 -7.80 11.94 10.45
C LYS A 14 -9.09 11.89 9.61
N PRO A 15 -9.46 12.96 8.88
CA PRO A 15 -10.62 12.96 7.99
C PRO A 15 -10.31 12.20 6.69
N GLY A 16 -11.36 11.84 5.94
CA GLY A 16 -11.20 11.14 4.66
C GLY A 16 -12.46 11.05 3.81
N ARG A 17 -12.27 10.57 2.58
CA ARG A 17 -13.26 10.49 1.48
C ARG A 17 -13.05 9.25 0.61
N LYS A 18 -13.90 9.08 -0.40
CA LYS A 18 -13.83 8.08 -1.45
C LYS A 18 -13.93 8.77 -2.82
N THR A 19 -12.89 9.50 -3.16
CA THR A 19 -12.79 10.34 -4.37
C THR A 19 -12.38 9.56 -5.61
N ASN A 20 -12.46 10.21 -6.78
CA ASN A 20 -11.92 9.73 -8.05
C ASN A 20 -10.47 9.23 -7.99
N GLN A 21 -9.61 9.88 -7.19
CA GLN A 21 -8.20 9.48 -7.03
C GLN A 21 -8.07 8.20 -6.19
N LEU A 22 -8.73 8.13 -5.02
CA LEU A 22 -8.74 6.93 -4.19
C LEU A 22 -9.42 5.74 -4.88
N GLN A 23 -10.41 6.00 -5.75
CA GLN A 23 -10.99 5.00 -6.65
C GLN A 23 -9.91 4.43 -7.57
N TYR A 24 -9.17 5.28 -8.29
CA TYR A 24 -8.11 4.86 -9.20
C TYR A 24 -6.99 4.07 -8.49
N MET A 25 -6.59 4.47 -7.28
CA MET A 25 -5.68 3.67 -6.44
C MET A 25 -6.21 2.24 -6.21
N GLN A 26 -7.47 2.10 -5.81
CA GLN A 26 -8.08 0.79 -5.47
C GLN A 26 -8.66 0.01 -6.67
N ASN A 27 -8.65 0.57 -7.89
CA ASN A 27 -9.23 -0.02 -9.11
C ASN A 27 -8.24 -0.21 -10.26
N VAL A 28 -7.07 0.45 -10.22
CA VAL A 28 -6.05 0.36 -11.27
C VAL A 28 -4.65 0.16 -10.68
N VAL A 29 -4.24 0.99 -9.71
CA VAL A 29 -2.87 0.96 -9.16
C VAL A 29 -2.65 -0.33 -8.35
N VAL A 30 -3.39 -0.52 -7.25
CA VAL A 30 -3.40 -1.76 -6.46
C VAL A 30 -3.81 -2.93 -7.33
N LYS A 31 -4.87 -2.78 -8.15
CA LYS A 31 -5.41 -3.85 -9.01
C LYS A 31 -4.36 -4.44 -9.96
N THR A 32 -3.57 -3.58 -10.61
CA THR A 32 -2.50 -4.04 -11.52
C THR A 32 -1.31 -4.62 -10.74
N LEU A 33 -0.88 -3.95 -9.67
CA LEU A 33 0.24 -4.42 -8.84
C LEU A 33 -0.06 -5.77 -8.17
N TRP A 34 -1.31 -6.04 -7.79
CA TRP A 34 -1.78 -7.32 -7.25
C TRP A 34 -1.85 -8.44 -8.30
N LYS A 35 -2.09 -8.11 -9.59
CA LYS A 35 -2.09 -9.09 -10.69
C LYS A 35 -0.67 -9.45 -11.21
N HIS A 36 0.36 -8.75 -10.73
CA HIS A 36 1.76 -8.97 -11.14
C HIS A 36 2.30 -10.35 -10.74
N GLN A 37 3.31 -10.84 -11.48
CA GLN A 37 4.02 -12.10 -11.21
C GLN A 37 4.77 -12.12 -9.85
N PHE A 38 5.01 -10.96 -9.24
CA PHE A 38 5.79 -10.80 -8.00
C PHE A 38 5.01 -10.11 -6.87
N ALA A 39 3.67 -10.06 -6.94
CA ALA A 39 2.80 -9.48 -5.92
C ALA A 39 2.74 -10.31 -4.61
N TRP A 40 2.95 -11.62 -4.70
CA TRP A 40 2.71 -12.58 -3.61
C TRP A 40 3.47 -12.35 -2.27
N PRO A 41 4.74 -11.90 -2.21
CA PRO A 41 5.40 -11.57 -0.93
C PRO A 41 4.90 -10.24 -0.32
N PHE A 42 4.01 -9.50 -1.00
CA PHE A 42 3.42 -8.24 -0.54
C PHE A 42 1.92 -8.36 -0.19
N TYR A 43 1.29 -9.53 -0.43
CA TYR A 43 -0.11 -9.78 -0.05
C TYR A 43 -0.38 -9.73 1.47
N GLN A 44 0.66 -9.80 2.31
CA GLN A 44 0.60 -9.86 3.76
C GLN A 44 1.81 -9.11 4.39
N PRO A 45 1.72 -8.66 5.67
CA PRO A 45 2.86 -8.10 6.39
C PRO A 45 3.94 -9.16 6.66
N VAL A 46 5.18 -8.70 6.84
CA VAL A 46 6.34 -9.55 7.15
C VAL A 46 6.30 -9.96 8.64
N ASP A 47 5.83 -11.19 8.91
CA ASP A 47 5.82 -11.79 10.25
C ASP A 47 7.23 -12.16 10.71
N ALA A 48 7.93 -11.22 11.36
CA ALA A 48 9.30 -11.40 11.85
C ALA A 48 9.49 -12.62 12.76
N ILE A 49 8.45 -13.02 13.52
CA ILE A 49 8.44 -14.24 14.35
C ILE A 49 8.50 -15.50 13.47
N LYS A 50 7.65 -15.59 12.45
CA LYS A 50 7.52 -16.72 11.52
C LYS A 50 8.77 -16.92 10.65
N LEU A 51 9.39 -15.82 10.23
CA LEU A 51 10.63 -15.79 9.43
C LEU A 51 11.90 -15.82 10.31
N ASN A 52 11.76 -15.80 11.63
CA ASN A 52 12.85 -15.78 12.62
C ASN A 52 13.88 -14.65 12.37
N LEU A 53 13.39 -13.40 12.36
CA LEU A 53 14.15 -12.17 12.13
C LEU A 53 14.15 -11.30 13.41
N PRO A 54 15.02 -11.60 14.40
CA PRO A 54 15.05 -10.92 15.70
C PRO A 54 15.47 -9.43 15.61
N ASP A 55 15.92 -8.99 14.45
CA ASP A 55 16.36 -7.64 14.10
C ASP A 55 15.51 -6.98 13.00
N TYR A 56 14.38 -7.57 12.57
CA TYR A 56 13.52 -7.01 11.52
C TYR A 56 13.16 -5.53 11.80
N HIS A 57 12.53 -5.29 12.96
CA HIS A 57 12.12 -3.95 13.45
C HIS A 57 13.28 -3.10 13.98
N LYS A 58 14.50 -3.65 14.09
CA LYS A 58 15.72 -2.91 14.48
C LYS A 58 16.28 -2.08 13.31
N ILE A 59 16.12 -2.58 12.08
CA ILE A 59 16.48 -1.90 10.82
C ILE A 59 15.28 -1.23 10.18
N ILE A 60 14.12 -1.91 10.11
CA ILE A 60 12.87 -1.35 9.57
C ILE A 60 12.28 -0.29 10.53
N LYS A 61 12.25 0.97 10.08
CA LYS A 61 11.58 2.09 10.78
C LYS A 61 10.06 2.09 10.60
N ASN A 62 9.57 1.69 9.42
CA ASN A 62 8.19 1.84 8.98
C ASN A 62 7.72 0.66 8.11
N PRO A 63 7.26 -0.44 8.73
CA PRO A 63 6.77 -1.62 8.02
C PRO A 63 5.45 -1.32 7.30
N MET A 64 5.31 -1.83 6.08
CA MET A 64 4.16 -1.59 5.18
C MET A 64 4.09 -2.70 4.11
N ASP A 65 2.87 -3.07 3.70
CA ASP A 65 2.62 -4.14 2.72
C ASP A 65 1.33 -3.88 1.90
N MET A 66 1.26 -4.40 0.67
CA MET A 66 0.14 -4.20 -0.26
C MET A 66 -1.19 -4.73 0.32
N GLY A 67 -1.13 -5.80 1.10
CA GLY A 67 -2.24 -6.37 1.87
C GLY A 67 -2.84 -5.43 2.93
N THR A 68 -2.09 -4.43 3.39
CA THR A 68 -2.56 -3.37 4.29
C THR A 68 -2.93 -2.10 3.51
N ILE A 69 -2.19 -1.74 2.45
CA ILE A 69 -2.52 -0.58 1.57
C ILE A 69 -3.96 -0.69 1.04
N LYS A 70 -4.34 -1.86 0.49
CA LYS A 70 -5.71 -2.13 0.03
C LYS A 70 -6.78 -1.97 1.12
N LYS A 71 -6.43 -2.23 2.38
CA LYS A 71 -7.37 -2.20 3.52
C LYS A 71 -7.67 -0.80 4.02
N ARG A 72 -6.69 0.13 4.01
CA ARG A 72 -6.94 1.57 4.26
C ARG A 72 -7.70 2.26 3.12
N LEU A 73 -7.54 1.80 1.88
CA LEU A 73 -8.38 2.22 0.74
C LEU A 73 -9.87 1.81 0.92
N GLU A 74 -10.13 0.58 1.39
CA GLU A 74 -11.49 0.09 1.70
C GLU A 74 -12.11 0.70 2.98
N ASN A 75 -11.38 1.57 3.69
CA ASN A 75 -11.79 2.20 4.95
C ASN A 75 -11.71 3.75 4.91
N ASN A 76 -11.59 4.36 3.72
CA ASN A 76 -11.49 5.81 3.49
C ASN A 76 -10.59 6.56 4.51
N TYR A 77 -9.39 6.00 4.74
CA TYR A 77 -8.45 6.39 5.81
C TYR A 77 -7.91 7.83 5.67
N TYR A 78 -8.00 8.39 4.47
CA TYR A 78 -7.42 9.65 4.00
C TYR A 78 -8.37 10.38 3.03
N TRP A 79 -8.08 11.67 2.80
CA TRP A 79 -8.87 12.54 1.92
C TRP A 79 -8.41 12.48 0.45
N SER A 80 -7.14 12.11 0.22
CA SER A 80 -6.45 12.19 -1.07
C SER A 80 -5.46 11.04 -1.26
N ALA A 81 -5.20 10.67 -2.52
CA ALA A 81 -4.33 9.55 -2.88
C ALA A 81 -2.84 9.74 -2.56
N SER A 82 -2.38 10.96 -2.28
CA SER A 82 -0.98 11.26 -1.91
C SER A 82 -0.47 10.43 -0.73
N GLU A 83 -1.33 10.15 0.25
CA GLU A 83 -0.99 9.30 1.41
C GLU A 83 -0.86 7.82 1.03
N CYS A 84 -1.74 7.30 0.17
CA CYS A 84 -1.65 5.95 -0.39
C CYS A 84 -0.37 5.78 -1.25
N MET A 85 -0.02 6.79 -2.05
CA MET A 85 1.24 6.84 -2.80
C MET A 85 2.46 6.80 -1.89
N GLN A 86 2.43 7.51 -0.76
CA GLN A 86 3.48 7.45 0.26
C GLN A 86 3.55 6.09 0.98
N ASP A 87 2.45 5.37 1.14
CA ASP A 87 2.47 4.00 1.67
C ASP A 87 3.12 3.00 0.69
N PHE A 88 2.83 3.13 -0.62
CA PHE A 88 3.56 2.39 -1.67
C PHE A 88 5.06 2.72 -1.68
N ASN A 89 5.42 4.01 -1.65
CA ASN A 89 6.80 4.46 -1.52
C ASN A 89 7.49 3.87 -0.28
N THR A 90 6.80 3.87 0.87
CA THR A 90 7.30 3.28 2.13
C THR A 90 7.57 1.78 2.01
N MET A 91 6.62 1.02 1.43
CA MET A 91 6.77 -0.42 1.19
C MET A 91 8.01 -0.76 0.36
N PHE A 92 8.18 -0.14 -0.81
CA PHE A 92 9.35 -0.39 -1.67
C PHE A 92 10.65 0.10 -1.03
N THR A 93 10.63 1.26 -0.37
CA THR A 93 11.80 1.84 0.31
C THR A 93 12.29 0.96 1.47
N ASN A 94 11.38 0.51 2.35
CA ASN A 94 11.77 -0.34 3.49
C ASN A 94 12.35 -1.70 3.05
N CYS A 95 11.91 -2.22 1.89
CA CYS A 95 12.47 -3.42 1.27
C CYS A 95 13.93 -3.21 0.82
N TYR A 96 14.26 -2.05 0.23
CA TYR A 96 15.62 -1.71 -0.20
C TYR A 96 16.60 -1.50 0.96
N ILE A 97 16.12 -1.04 2.12
CA ILE A 97 16.95 -0.87 3.34
C ILE A 97 17.36 -2.24 3.91
N TYR A 98 16.38 -3.10 4.20
CA TYR A 98 16.62 -4.37 4.92
C TYR A 98 17.37 -5.43 4.09
N ASN A 99 17.06 -5.54 2.80
CA ASN A 99 17.60 -6.56 1.89
C ASN A 99 18.80 -6.04 1.09
N LYS A 100 19.64 -6.94 0.56
CA LYS A 100 20.74 -6.61 -0.35
C LYS A 100 20.17 -6.14 -1.70
N PRO A 101 20.87 -5.26 -2.45
CA PRO A 101 20.40 -4.73 -3.75
C PRO A 101 20.29 -5.79 -4.87
N THR A 102 20.67 -7.04 -4.59
CA THR A 102 20.67 -8.20 -5.51
C THR A 102 19.78 -9.36 -5.02
N ASP A 103 19.12 -9.22 -3.86
CA ASP A 103 18.10 -10.18 -3.41
C ASP A 103 16.86 -10.12 -4.32
N ASP A 104 16.20 -11.27 -4.54
CA ASP A 104 15.04 -11.37 -5.44
C ASP A 104 13.92 -10.39 -5.06
N ILE A 105 13.57 -10.30 -3.77
CA ILE A 105 12.56 -9.37 -3.23
C ILE A 105 12.82 -7.89 -3.57
N VAL A 106 14.08 -7.48 -3.73
CA VAL A 106 14.42 -6.12 -4.19
C VAL A 106 14.11 -5.97 -5.68
N LEU A 107 14.49 -6.93 -6.52
CA LEU A 107 14.16 -6.90 -7.95
C LEU A 107 12.65 -6.94 -8.19
N MET A 108 11.90 -7.68 -7.36
CA MET A 108 10.44 -7.65 -7.30
C MET A 108 9.90 -6.26 -6.96
N ALA A 109 10.38 -5.64 -5.88
CA ALA A 109 10.01 -4.30 -5.48
C ALA A 109 10.33 -3.25 -6.55
N GLN A 110 11.49 -3.35 -7.23
CA GLN A 110 11.86 -2.48 -8.35
C GLN A 110 10.88 -2.62 -9.52
N ALA A 111 10.57 -3.85 -9.96
CA ALA A 111 9.64 -4.11 -11.06
C ALA A 111 8.20 -3.64 -10.75
N LEU A 112 7.73 -3.84 -9.51
CA LEU A 112 6.45 -3.31 -9.04
C LEU A 112 6.47 -1.77 -8.98
N GLU A 113 7.51 -1.15 -8.42
CA GLU A 113 7.60 0.31 -8.28
C GLU A 113 7.63 1.05 -9.62
N LYS A 114 8.29 0.48 -10.64
CA LYS A 114 8.27 0.98 -12.03
C LYS A 114 6.85 1.08 -12.58
N ILE A 115 6.00 0.08 -12.31
CA ILE A 115 4.60 0.06 -12.74
C ILE A 115 3.72 0.94 -11.84
N PHE A 116 3.96 0.97 -10.53
CA PHE A 116 3.30 1.91 -9.61
C PHE A 116 3.42 3.34 -10.15
N LEU A 117 4.64 3.78 -10.47
CA LEU A 117 4.90 5.11 -11.02
C LEU A 117 4.21 5.34 -12.38
N GLN A 118 4.23 4.36 -13.31
CA GLN A 118 3.58 4.52 -14.62
C GLN A 118 2.05 4.62 -14.53
N LYS A 119 1.46 3.97 -13.53
CA LYS A 119 0.01 4.03 -13.23
C LYS A 119 -0.39 5.34 -12.55
N VAL A 120 0.27 5.78 -11.47
CA VAL A 120 -0.10 7.05 -10.82
C VAL A 120 0.20 8.27 -11.70
N ALA A 121 1.15 8.15 -12.64
CA ALA A 121 1.39 9.16 -13.66
C ALA A 121 0.15 9.43 -14.54
N GLN A 122 -0.71 8.41 -14.70
CA GLN A 122 -1.96 8.48 -15.44
C GLN A 122 -3.18 8.76 -14.53
N MET A 123 -3.01 8.81 -13.21
CA MET A 123 -4.02 9.28 -12.26
C MET A 123 -4.32 10.77 -12.49
N PRO A 124 -5.59 11.22 -12.48
CA PRO A 124 -5.94 12.63 -12.67
C PRO A 124 -5.45 13.47 -11.49
N GLN A 125 -4.77 14.58 -11.77
CA GLN A 125 -4.26 15.50 -10.74
C GLN A 125 -5.35 16.28 -10.01
N GLU A 126 -6.52 16.47 -10.65
CA GLU A 126 -7.73 16.99 -10.01
C GLU A 126 -8.45 15.93 -9.15
N GLU A 127 -9.22 16.40 -8.16
CA GLU A 127 -9.84 15.55 -7.13
C GLU A 127 -11.32 15.93 -6.95
N VAL A 128 -12.20 14.91 -6.92
CA VAL A 128 -13.65 15.07 -6.81
C VAL A 128 -14.30 13.88 -6.09
N GLU A 129 -15.32 14.12 -5.27
CA GLU A 129 -16.13 13.07 -4.65
C GLU A 129 -16.94 12.29 -5.72
N LEU A 130 -17.06 10.98 -5.52
CA LEU A 130 -17.77 10.08 -6.44
C LEU A 130 -19.31 10.22 -6.40
N LEU A 131 -19.96 9.64 -7.41
CA LEU A 131 -21.43 9.57 -7.59
C LEU A 131 -21.85 8.15 -8.04
N PRO A 132 -23.10 7.71 -7.76
CA PRO A 132 -23.55 6.34 -8.05
C PRO A 132 -23.87 6.12 -9.55
N PRO A 133 -23.71 4.88 -10.07
CA PRO A 133 -24.07 4.54 -11.45
C PRO A 133 -25.59 4.48 -11.65
N ALA A 134 -26.03 4.59 -12.91
CA ALA A 134 -27.43 4.48 -13.35
C ALA A 134 -27.52 4.00 -14.81
N PRO A 135 -28.62 3.32 -15.21
CA PRO A 135 -28.82 2.88 -16.59
C PRO A 135 -29.09 4.06 -17.54
N LYS A 136 -28.42 4.05 -18.71
CA LYS A 136 -28.54 5.07 -19.77
C LYS A 136 -28.13 4.51 -21.14
N GLY A 137 -28.70 5.07 -22.21
CA GLY A 137 -28.44 4.64 -23.60
C GLY A 137 -29.50 5.07 -24.63
N LYS A 138 -30.10 6.26 -24.46
CA LYS A 138 -31.14 6.82 -25.35
C LYS A 138 -30.66 7.00 -26.80
N GLY A 1 -2.60 8.78 21.12
CA GLY A 1 -2.37 8.41 19.71
C GLY A 1 -0.95 7.87 19.48
N SER A 2 -0.66 7.46 18.24
CA SER A 2 0.67 7.01 17.77
C SER A 2 0.76 7.09 16.23
N SER A 3 1.98 7.05 15.68
CA SER A 3 2.24 7.14 14.24
C SER A 3 3.57 6.48 13.83
N GLY A 4 3.81 6.34 12.52
CA GLY A 4 5.04 5.79 11.91
C GLY A 4 5.13 4.26 11.96
N SER A 5 5.14 3.69 13.16
CA SER A 5 5.15 2.25 13.41
C SER A 5 3.90 1.53 12.87
N SER A 6 3.94 0.20 12.78
CA SER A 6 2.80 -0.64 12.37
C SER A 6 1.54 -0.37 13.21
N GLY A 7 0.37 -0.36 12.57
CA GLY A 7 -0.89 0.06 13.19
C GLY A 7 -2.14 -0.20 12.34
N GLU A 8 -3.27 0.27 12.84
CA GLU A 8 -4.61 0.06 12.28
C GLU A 8 -4.86 0.64 10.86
N VAL A 9 -5.95 0.18 10.24
CA VAL A 9 -6.33 0.43 8.83
C VAL A 9 -7.70 1.07 8.67
N SER A 10 -8.44 1.16 9.77
CA SER A 10 -9.78 1.77 9.87
C SER A 10 -9.94 2.45 11.23
N ASN A 11 -10.29 3.74 11.23
CA ASN A 11 -10.41 4.57 12.42
C ASN A 11 -11.45 5.70 12.21
N PRO A 12 -12.42 5.90 13.13
CA PRO A 12 -13.49 6.89 12.98
C PRO A 12 -13.08 8.34 13.33
N SER A 13 -11.97 8.53 14.07
CA SER A 13 -11.49 9.85 14.50
C SER A 13 -10.57 10.51 13.46
N LYS A 14 -9.71 9.72 12.81
CA LYS A 14 -8.84 10.16 11.70
C LYS A 14 -9.69 10.67 10.51
N PRO A 15 -9.45 11.90 10.00
CA PRO A 15 -10.24 12.46 8.91
C PRO A 15 -9.93 11.81 7.57
N GLY A 16 -10.97 11.67 6.74
CA GLY A 16 -10.88 11.06 5.41
C GLY A 16 -12.24 10.59 4.86
N ARG A 17 -12.28 10.34 3.55
CA ARG A 17 -13.38 9.72 2.81
C ARG A 17 -12.92 9.23 1.44
N LYS A 18 -13.69 8.34 0.80
CA LYS A 18 -13.47 7.94 -0.60
C LYS A 18 -13.60 9.11 -1.58
N THR A 19 -12.74 9.09 -2.61
CA THR A 19 -12.65 10.09 -3.70
C THR A 19 -12.19 9.43 -5.00
N ASN A 20 -12.34 10.11 -6.13
CA ASN A 20 -11.87 9.66 -7.45
C ASN A 20 -10.39 9.22 -7.49
N GLN A 21 -9.52 9.88 -6.72
CA GLN A 21 -8.10 9.55 -6.66
C GLN A 21 -7.89 8.21 -5.96
N LEU A 22 -8.49 8.05 -4.77
CA LEU A 22 -8.46 6.79 -4.00
C LEU A 22 -9.12 5.63 -4.78
N GLN A 23 -10.17 5.92 -5.56
CA GLN A 23 -10.80 4.97 -6.48
C GLN A 23 -9.80 4.47 -7.53
N TYR A 24 -9.11 5.37 -8.24
CA TYR A 24 -8.09 5.03 -9.24
C TYR A 24 -6.98 4.14 -8.64
N MET A 25 -6.52 4.44 -7.42
CA MET A 25 -5.55 3.62 -6.70
C MET A 25 -6.04 2.18 -6.49
N GLN A 26 -7.25 1.96 -5.96
CA GLN A 26 -7.76 0.60 -5.74
C GLN A 26 -8.32 -0.09 -7.01
N ASN A 27 -8.60 0.64 -8.10
CA ASN A 27 -9.24 0.12 -9.31
C ASN A 27 -8.28 -0.12 -10.48
N VAL A 28 -7.09 0.52 -10.46
CA VAL A 28 -6.08 0.40 -11.53
C VAL A 28 -4.69 0.17 -10.95
N VAL A 29 -4.26 0.96 -9.96
CA VAL A 29 -2.87 0.91 -9.48
C VAL A 29 -2.61 -0.37 -8.68
N VAL A 30 -3.29 -0.54 -7.54
CA VAL A 30 -3.28 -1.80 -6.76
C VAL A 30 -3.76 -2.95 -7.64
N LYS A 31 -4.82 -2.74 -8.43
CA LYS A 31 -5.41 -3.78 -9.30
C LYS A 31 -4.43 -4.35 -10.33
N THR A 32 -3.51 -3.53 -10.85
CA THR A 32 -2.45 -3.99 -11.77
C THR A 32 -1.25 -4.57 -11.01
N LEU A 33 -0.81 -3.92 -9.93
CA LEU A 33 0.29 -4.40 -9.09
C LEU A 33 -0.01 -5.76 -8.45
N TRP A 34 -1.28 -6.05 -8.11
CA TRP A 34 -1.75 -7.32 -7.57
C TRP A 34 -1.85 -8.43 -8.64
N LYS A 35 -2.07 -8.10 -9.92
CA LYS A 35 -2.01 -9.06 -11.04
C LYS A 35 -0.59 -9.45 -11.44
N HIS A 36 0.44 -8.72 -10.97
CA HIS A 36 1.84 -8.92 -11.34
C HIS A 36 2.39 -10.31 -10.95
N GLN A 37 3.42 -10.78 -11.68
CA GLN A 37 4.14 -12.03 -11.42
C GLN A 37 4.82 -12.11 -10.04
N PHE A 38 5.01 -10.96 -9.37
CA PHE A 38 5.74 -10.83 -8.10
C PHE A 38 4.94 -10.12 -7.00
N ALA A 39 3.61 -10.08 -7.10
CA ALA A 39 2.72 -9.53 -6.08
C ALA A 39 2.63 -10.40 -4.80
N TRP A 40 2.83 -11.71 -4.93
CA TRP A 40 2.60 -12.71 -3.87
C TRP A 40 3.35 -12.53 -2.53
N PRO A 41 4.62 -12.07 -2.45
CA PRO A 41 5.27 -11.79 -1.17
C PRO A 41 4.76 -10.50 -0.48
N PHE A 42 3.88 -9.72 -1.14
CA PHE A 42 3.28 -8.50 -0.62
C PHE A 42 1.78 -8.64 -0.29
N TYR A 43 1.15 -9.80 -0.59
CA TYR A 43 -0.27 -10.05 -0.30
C TYR A 43 -0.64 -10.01 1.19
N GLN A 44 0.35 -10.12 2.09
CA GLN A 44 0.20 -10.10 3.55
C GLN A 44 1.37 -9.33 4.20
N PRO A 45 1.20 -8.74 5.39
CA PRO A 45 2.28 -8.05 6.11
C PRO A 45 3.37 -9.02 6.59
N VAL A 46 4.62 -8.54 6.68
CA VAL A 46 5.74 -9.27 7.30
C VAL A 46 5.48 -9.54 8.78
N ASP A 47 5.89 -10.71 9.28
CA ASP A 47 5.84 -11.12 10.69
C ASP A 47 7.24 -11.54 11.15
N ALA A 48 7.98 -10.62 11.77
CA ALA A 48 9.35 -10.85 12.24
C ALA A 48 9.49 -12.05 13.20
N ILE A 49 8.44 -12.38 13.97
CA ILE A 49 8.38 -13.57 14.84
C ILE A 49 8.41 -14.85 14.00
N LYS A 50 7.58 -14.94 12.95
CA LYS A 50 7.46 -16.09 12.04
C LYS A 50 8.71 -16.29 11.17
N LEU A 51 9.25 -15.19 10.65
CA LEU A 51 10.50 -15.19 9.85
C LEU A 51 11.78 -15.27 10.72
N ASN A 52 11.65 -15.24 12.05
CA ASN A 52 12.73 -15.30 13.04
C ASN A 52 13.81 -14.20 12.83
N LEU A 53 13.36 -12.94 12.77
CA LEU A 53 14.18 -11.73 12.53
C LEU A 53 14.20 -10.85 13.79
N PRO A 54 15.11 -11.08 14.75
CA PRO A 54 15.22 -10.30 15.99
C PRO A 54 15.70 -8.86 15.74
N ASP A 55 16.02 -8.52 14.50
CA ASP A 55 16.52 -7.23 14.03
C ASP A 55 15.69 -6.60 12.90
N TYR A 56 14.57 -7.22 12.45
CA TYR A 56 13.72 -6.62 11.41
C TYR A 56 13.26 -5.20 11.78
N HIS A 57 12.71 -5.05 12.99
CA HIS A 57 12.24 -3.78 13.57
C HIS A 57 13.37 -2.88 14.10
N LYS A 58 14.65 -3.28 13.96
CA LYS A 58 15.83 -2.50 14.35
C LYS A 58 16.40 -1.73 13.15
N ILE A 59 16.46 -2.38 11.98
CA ILE A 59 16.81 -1.73 10.71
C ILE A 59 15.61 -0.94 10.18
N ILE A 60 14.40 -1.54 10.15
CA ILE A 60 13.18 -0.92 9.62
C ILE A 60 12.34 -0.30 10.75
N LYS A 61 11.96 0.98 10.57
CA LYS A 61 11.19 1.77 11.54
C LYS A 61 9.69 1.75 11.21
N ASN A 62 9.35 1.77 9.92
CA ASN A 62 7.99 1.91 9.40
C ASN A 62 7.72 0.81 8.34
N PRO A 63 7.44 -0.43 8.76
CA PRO A 63 7.17 -1.57 7.86
C PRO A 63 5.81 -1.42 7.16
N MET A 64 5.73 -1.85 5.89
CA MET A 64 4.55 -1.63 5.03
C MET A 64 4.48 -2.67 3.89
N ASP A 65 3.28 -3.14 3.54
CA ASP A 65 3.01 -4.20 2.54
C ASP A 65 1.65 -4.02 1.82
N MET A 66 1.55 -4.47 0.56
CA MET A 66 0.40 -4.23 -0.33
C MET A 66 -0.94 -4.73 0.23
N GLY A 67 -0.92 -5.87 0.92
CA GLY A 67 -2.07 -6.47 1.62
C GLY A 67 -2.67 -5.61 2.72
N THR A 68 -1.90 -4.63 3.24
CA THR A 68 -2.39 -3.63 4.20
C THR A 68 -2.93 -2.39 3.48
N ILE A 69 -2.25 -1.91 2.43
CA ILE A 69 -2.64 -0.70 1.67
C ILE A 69 -4.07 -0.83 1.11
N LYS A 70 -4.39 -1.96 0.47
CA LYS A 70 -5.72 -2.24 -0.08
C LYS A 70 -6.85 -2.15 0.96
N LYS A 71 -6.57 -2.52 2.22
CA LYS A 71 -7.53 -2.52 3.33
C LYS A 71 -7.84 -1.10 3.83
N ARG A 72 -6.82 -0.24 3.96
CA ARG A 72 -7.03 1.19 4.29
C ARG A 72 -7.63 2.00 3.13
N LEU A 73 -7.35 1.65 1.87
CA LEU A 73 -8.04 2.22 0.69
C LEU A 73 -9.55 1.93 0.68
N GLU A 74 -9.97 0.73 1.09
CA GLU A 74 -11.37 0.27 1.03
C GLU A 74 -12.35 1.01 1.97
N ASN A 75 -11.82 1.78 2.93
CA ASN A 75 -12.59 2.51 3.93
C ASN A 75 -12.14 3.99 4.09
N ASN A 76 -12.86 4.74 4.93
CA ASN A 76 -12.63 6.17 5.19
C ASN A 76 -11.44 6.39 6.16
N TYR A 77 -10.21 6.34 5.64
CA TYR A 77 -8.96 6.45 6.41
C TYR A 77 -8.14 7.70 6.09
N TYR A 78 -8.14 8.12 4.82
CA TYR A 78 -7.59 9.37 4.29
C TYR A 78 -8.53 10.00 3.24
N TRP A 79 -8.26 11.24 2.82
CA TRP A 79 -9.11 12.00 1.88
C TRP A 79 -8.55 12.03 0.44
N SER A 80 -7.24 11.83 0.29
CA SER A 80 -6.55 11.78 -1.00
C SER A 80 -5.49 10.67 -1.01
N ALA A 81 -5.32 10.08 -2.18
CA ALA A 81 -4.35 9.05 -2.52
C ALA A 81 -2.88 9.47 -2.33
N SER A 82 -2.55 10.75 -2.15
CA SER A 82 -1.18 11.20 -1.80
C SER A 82 -0.61 10.48 -0.58
N GLU A 83 -1.47 10.13 0.39
CA GLU A 83 -1.11 9.38 1.59
C GLU A 83 -0.86 7.88 1.29
N CYS A 84 -1.68 7.28 0.42
CA CYS A 84 -1.57 5.88 0.00
C CYS A 84 -0.34 5.64 -0.91
N MET A 85 0.03 6.65 -1.71
CA MET A 85 1.27 6.69 -2.51
C MET A 85 2.52 6.64 -1.61
N GLN A 86 2.50 7.36 -0.48
CA GLN A 86 3.58 7.32 0.51
C GLN A 86 3.69 5.93 1.19
N ASP A 87 2.59 5.20 1.37
CA ASP A 87 2.64 3.80 1.83
C ASP A 87 3.27 2.88 0.76
N PHE A 88 2.93 3.04 -0.52
CA PHE A 88 3.62 2.32 -1.62
C PHE A 88 5.12 2.64 -1.68
N ASN A 89 5.49 3.91 -1.57
CA ASN A 89 6.90 4.32 -1.46
C ASN A 89 7.61 3.66 -0.26
N THR A 90 6.95 3.63 0.90
CA THR A 90 7.47 3.01 2.13
C THR A 90 7.63 1.48 2.00
N MET A 91 6.73 0.79 1.29
CA MET A 91 6.84 -0.64 0.98
C MET A 91 8.14 -0.95 0.22
N PHE A 92 8.30 -0.35 -0.96
CA PHE A 92 9.46 -0.60 -1.82
C PHE A 92 10.77 -0.14 -1.15
N THR A 93 10.74 0.98 -0.44
CA THR A 93 11.90 1.52 0.28
C THR A 93 12.34 0.59 1.42
N ASN A 94 11.44 0.11 2.28
CA ASN A 94 11.83 -0.80 3.37
C ASN A 94 12.37 -2.15 2.84
N CYS A 95 11.88 -2.61 1.69
CA CYS A 95 12.45 -3.76 0.97
C CYS A 95 13.89 -3.50 0.52
N TYR A 96 14.19 -2.33 -0.06
CA TYR A 96 15.55 -1.94 -0.48
C TYR A 96 16.52 -1.75 0.70
N ILE A 97 16.04 -1.26 1.84
CA ILE A 97 16.87 -1.08 3.06
C ILE A 97 17.24 -2.44 3.67
N TYR A 98 16.25 -3.27 4.01
CA TYR A 98 16.49 -4.51 4.77
C TYR A 98 17.23 -5.61 3.99
N ASN A 99 17.13 -5.63 2.65
CA ASN A 99 17.64 -6.71 1.80
C ASN A 99 18.79 -6.24 0.88
N LYS A 100 19.56 -7.21 0.36
CA LYS A 100 20.65 -6.96 -0.59
C LYS A 100 20.09 -6.45 -1.93
N PRO A 101 20.79 -5.55 -2.66
CA PRO A 101 20.29 -4.96 -3.90
C PRO A 101 20.11 -5.94 -5.07
N THR A 102 20.56 -7.19 -4.90
CA THR A 102 20.48 -8.29 -5.87
C THR A 102 19.59 -9.46 -5.39
N ASP A 103 18.99 -9.35 -4.20
CA ASP A 103 18.01 -10.33 -3.72
C ASP A 103 16.73 -10.30 -4.57
N ASP A 104 16.06 -11.45 -4.72
CA ASP A 104 14.82 -11.56 -5.49
C ASP A 104 13.77 -10.52 -5.08
N ILE A 105 13.50 -10.38 -3.77
CA ILE A 105 12.50 -9.43 -3.23
C ILE A 105 12.77 -7.96 -3.61
N VAL A 106 14.03 -7.57 -3.81
CA VAL A 106 14.38 -6.23 -4.31
C VAL A 106 14.06 -6.10 -5.79
N LEU A 107 14.43 -7.07 -6.62
CA LEU A 107 14.10 -7.06 -8.05
C LEU A 107 12.58 -7.09 -8.28
N MET A 108 11.84 -7.83 -7.44
CA MET A 108 10.38 -7.81 -7.37
C MET A 108 9.84 -6.40 -7.04
N ALA A 109 10.36 -5.77 -5.99
CA ALA A 109 9.99 -4.40 -5.61
C ALA A 109 10.31 -3.38 -6.72
N GLN A 110 11.44 -3.50 -7.43
CA GLN A 110 11.76 -2.65 -8.58
C GLN A 110 10.75 -2.83 -9.73
N ALA A 111 10.40 -4.08 -10.06
CA ALA A 111 9.46 -4.43 -11.12
C ALA A 111 8.01 -3.99 -10.82
N LEU A 112 7.61 -3.91 -9.54
CA LEU A 112 6.35 -3.31 -9.10
C LEU A 112 6.44 -1.78 -9.08
N GLU A 113 7.49 -1.21 -8.50
CA GLU A 113 7.62 0.25 -8.31
C GLU A 113 7.65 1.03 -9.64
N LYS A 114 8.30 0.50 -10.68
CA LYS A 114 8.31 1.15 -12.01
C LYS A 114 6.89 1.31 -12.56
N ILE A 115 6.05 0.28 -12.42
CA ILE A 115 4.64 0.30 -12.81
C ILE A 115 3.84 1.26 -11.92
N PHE A 116 4.01 1.22 -10.59
CA PHE A 116 3.39 2.18 -9.67
C PHE A 116 3.67 3.62 -10.11
N LEU A 117 4.93 3.98 -10.38
CA LEU A 117 5.30 5.32 -10.82
C LEU A 117 4.68 5.70 -12.18
N GLN A 118 4.63 4.79 -13.17
CA GLN A 118 3.93 5.01 -14.44
C GLN A 118 2.42 5.24 -14.27
N LYS A 119 1.79 4.52 -13.33
CA LYS A 119 0.36 4.63 -13.02
C LYS A 119 0.01 5.93 -12.30
N VAL A 120 0.70 6.31 -11.22
CA VAL A 120 0.44 7.57 -10.51
C VAL A 120 0.82 8.80 -11.33
N ALA A 121 1.78 8.66 -12.26
CA ALA A 121 2.08 9.71 -13.24
C ALA A 121 0.87 10.09 -14.10
N GLN A 122 0.00 9.11 -14.35
CA GLN A 122 -1.24 9.26 -15.11
C GLN A 122 -2.48 9.47 -14.21
N MET A 123 -2.31 9.56 -12.88
CA MET A 123 -3.37 9.88 -11.93
C MET A 123 -4.12 11.18 -12.28
N PRO A 124 -5.46 11.24 -12.11
CA PRO A 124 -6.21 12.48 -12.17
C PRO A 124 -5.85 13.36 -10.96
N GLN A 125 -5.18 14.49 -11.19
CA GLN A 125 -4.65 15.37 -10.13
C GLN A 125 -5.72 16.09 -9.31
N GLU A 126 -6.95 16.21 -9.85
CA GLU A 126 -8.10 16.80 -9.19
C GLU A 126 -8.82 15.82 -8.25
N GLU A 127 -9.58 16.34 -7.29
CA GLU A 127 -10.25 15.60 -6.22
C GLU A 127 -11.79 15.77 -6.32
N VAL A 128 -12.52 14.65 -6.33
CA VAL A 128 -13.96 14.55 -6.58
C VAL A 128 -14.57 13.49 -5.66
N GLU A 129 -15.71 13.81 -5.05
CA GLU A 129 -16.51 12.92 -4.20
C GLU A 129 -17.22 11.80 -5.01
N LEU A 130 -17.11 10.55 -4.58
CA LEU A 130 -17.77 9.41 -5.25
C LEU A 130 -19.27 9.26 -4.89
N LEU A 131 -19.99 8.53 -5.75
CA LEU A 131 -21.39 8.12 -5.55
C LEU A 131 -21.56 7.09 -4.40
N PRO A 132 -22.77 6.94 -3.82
CA PRO A 132 -23.04 5.94 -2.79
C PRO A 132 -23.06 4.50 -3.35
N PRO A 133 -22.76 3.47 -2.52
CA PRO A 133 -22.76 2.07 -2.93
C PRO A 133 -24.18 1.48 -3.05
N ALA A 134 -24.26 0.27 -3.60
CA ALA A 134 -25.47 -0.55 -3.62
C ALA A 134 -25.94 -0.92 -2.17
N PRO A 135 -27.24 -1.22 -1.95
CA PRO A 135 -27.78 -1.52 -0.62
C PRO A 135 -27.41 -2.91 -0.07
N LYS A 136 -26.82 -3.77 -0.90
CA LYS A 136 -26.31 -5.11 -0.54
C LYS A 136 -24.96 -4.99 0.19
N GLY A 137 -24.76 -5.82 1.23
CA GLY A 137 -23.51 -5.91 1.99
C GLY A 137 -23.56 -6.90 3.16
N LYS A 138 -22.41 -7.09 3.82
CA LYS A 138 -22.14 -8.04 4.92
C LYS A 138 -22.81 -9.41 4.73
N GLY A 1 10.57 -5.70 23.37
CA GLY A 1 10.80 -4.27 23.12
C GLY A 1 9.72 -3.42 23.78
N SER A 2 9.21 -2.42 23.05
CA SER A 2 8.19 -1.46 23.54
C SER A 2 7.11 -1.13 22.48
N SER A 3 6.98 -1.95 21.44
CA SER A 3 5.91 -1.91 20.44
C SER A 3 5.74 -3.28 19.76
N GLY A 4 4.49 -3.69 19.55
CA GLY A 4 4.12 -4.94 18.88
C GLY A 4 3.47 -4.71 17.51
N SER A 5 2.95 -5.77 16.90
CA SER A 5 2.25 -5.74 15.61
C SER A 5 1.09 -4.74 15.59
N SER A 6 1.25 -3.63 14.87
CA SER A 6 0.30 -2.51 14.80
C SER A 6 0.45 -1.72 13.48
N GLY A 7 -0.58 -0.98 13.09
CA GLY A 7 -0.66 -0.27 11.80
C GLY A 7 -2.11 -0.03 11.38
N GLU A 8 -2.81 0.85 12.10
CA GLU A 8 -4.25 1.14 11.93
C GLU A 8 -4.67 1.54 10.49
N VAL A 9 -5.95 1.27 10.17
CA VAL A 9 -6.52 1.36 8.80
C VAL A 9 -7.95 1.92 8.76
N SER A 10 -8.55 2.13 9.94
CA SER A 10 -9.97 2.52 10.11
C SER A 10 -10.22 3.50 11.28
N ASN A 11 -9.23 4.34 11.62
CA ASN A 11 -9.29 5.27 12.75
C ASN A 11 -10.55 6.17 12.72
N PRO A 12 -11.37 6.20 13.81
CA PRO A 12 -12.53 7.07 13.94
C PRO A 12 -12.11 8.51 14.34
N SER A 13 -13.08 9.32 14.74
CA SER A 13 -12.95 10.73 15.20
C SER A 13 -12.12 11.63 14.26
N LYS A 14 -12.13 11.30 12.97
CA LYS A 14 -11.26 11.83 11.90
C LYS A 14 -12.02 11.88 10.56
N PRO A 15 -11.86 12.93 9.74
CA PRO A 15 -12.50 13.04 8.43
C PRO A 15 -11.86 12.12 7.38
N GLY A 16 -12.61 11.86 6.30
CA GLY A 16 -12.15 11.13 5.10
C GLY A 16 -13.31 10.48 4.34
N ARG A 17 -13.09 10.19 3.06
CA ARG A 17 -14.05 9.54 2.14
C ARG A 17 -13.32 8.92 0.95
N LYS A 18 -13.99 8.07 0.20
CA LYS A 18 -13.51 7.64 -1.12
C LYS A 18 -13.75 8.77 -2.13
N THR A 19 -12.72 9.07 -2.91
CA THR A 19 -12.72 10.08 -3.98
C THR A 19 -12.28 9.42 -5.29
N ASN A 20 -12.39 10.10 -6.43
CA ASN A 20 -11.88 9.59 -7.71
C ASN A 20 -10.39 9.15 -7.63
N GLN A 21 -9.58 9.81 -6.80
CA GLN A 21 -8.17 9.48 -6.60
C GLN A 21 -8.00 8.15 -5.84
N LEU A 22 -8.63 8.00 -4.67
CA LEU A 22 -8.58 6.74 -3.90
C LEU A 22 -9.24 5.58 -4.64
N GLN A 23 -10.29 5.85 -5.43
CA GLN A 23 -10.91 4.90 -6.35
C GLN A 23 -9.89 4.41 -7.40
N TYR A 24 -9.16 5.32 -8.07
CA TYR A 24 -8.11 4.97 -9.03
C TYR A 24 -7.01 4.11 -8.41
N MET A 25 -6.60 4.41 -7.17
CA MET A 25 -5.64 3.58 -6.43
C MET A 25 -6.13 2.13 -6.27
N GLN A 26 -7.36 1.89 -5.79
CA GLN A 26 -7.88 0.52 -5.60
C GLN A 26 -8.38 -0.15 -6.90
N ASN A 27 -8.66 0.60 -7.97
CA ASN A 27 -9.26 0.08 -9.20
C ASN A 27 -8.26 -0.20 -10.32
N VAL A 28 -7.08 0.42 -10.29
CA VAL A 28 -6.04 0.27 -11.33
C VAL A 28 -4.65 0.09 -10.73
N VAL A 29 -4.24 0.92 -9.77
CA VAL A 29 -2.86 0.91 -9.25
C VAL A 29 -2.61 -0.37 -8.44
N VAL A 30 -3.34 -0.56 -7.33
CA VAL A 30 -3.33 -1.79 -6.54
C VAL A 30 -3.71 -2.98 -7.40
N LYS A 31 -4.80 -2.88 -8.19
CA LYS A 31 -5.30 -4.00 -9.01
C LYS A 31 -4.25 -4.55 -9.98
N THR A 32 -3.52 -3.68 -10.66
CA THR A 32 -2.44 -4.10 -11.57
C THR A 32 -1.24 -4.68 -10.80
N LEU A 33 -0.80 -4.00 -9.74
CA LEU A 33 0.32 -4.45 -8.89
C LEU A 33 0.01 -5.81 -8.22
N TRP A 34 -1.24 -6.07 -7.86
CA TRP A 34 -1.72 -7.33 -7.28
C TRP A 34 -1.76 -8.50 -8.29
N LYS A 35 -1.96 -8.21 -9.59
CA LYS A 35 -1.96 -9.22 -10.66
C LYS A 35 -0.55 -9.57 -11.18
N HIS A 36 0.47 -8.84 -10.76
CA HIS A 36 1.87 -9.03 -11.18
C HIS A 36 2.45 -10.40 -10.79
N GLN A 37 3.44 -10.86 -11.54
CA GLN A 37 4.21 -12.09 -11.28
C GLN A 37 4.95 -12.11 -9.92
N PHE A 38 5.14 -10.94 -9.29
CA PHE A 38 5.90 -10.74 -8.06
C PHE A 38 5.11 -10.08 -6.92
N ALA A 39 3.77 -10.02 -7.03
CA ALA A 39 2.87 -9.45 -6.02
C ALA A 39 2.78 -10.27 -4.72
N TRP A 40 2.95 -11.59 -4.80
CA TRP A 40 2.70 -12.55 -3.72
C TRP A 40 3.45 -12.33 -2.39
N PRO A 41 4.74 -11.90 -2.33
CA PRO A 41 5.38 -11.56 -1.05
C PRO A 41 4.89 -10.25 -0.41
N PHE A 42 4.01 -9.50 -1.09
CA PHE A 42 3.41 -8.24 -0.61
C PHE A 42 1.91 -8.39 -0.27
N TYR A 43 1.28 -9.55 -0.53
CA TYR A 43 -0.13 -9.80 -0.17
C TYR A 43 -0.40 -9.81 1.34
N GLN A 44 0.65 -9.92 2.17
CA GLN A 44 0.60 -10.00 3.64
C GLN A 44 1.79 -9.24 4.26
N PRO A 45 1.69 -8.82 5.55
CA PRO A 45 2.81 -8.18 6.26
C PRO A 45 4.01 -9.10 6.45
N VAL A 46 5.19 -8.49 6.65
CA VAL A 46 6.45 -9.18 6.95
C VAL A 46 6.44 -9.64 8.42
N ASP A 47 5.89 -10.83 8.67
CA ASP A 47 5.79 -11.45 9.99
C ASP A 47 7.16 -11.87 10.54
N ALA A 48 7.87 -10.95 11.19
CA ALA A 48 9.18 -11.17 11.79
C ALA A 48 9.23 -12.36 12.78
N ILE A 49 8.10 -12.69 13.42
CA ILE A 49 7.93 -13.88 14.28
C ILE A 49 8.01 -15.18 13.45
N LYS A 50 7.26 -15.26 12.35
CA LYS A 50 7.24 -16.42 11.43
C LYS A 50 8.57 -16.62 10.70
N LEU A 51 9.19 -15.50 10.31
CA LEU A 51 10.45 -15.43 9.56
C LEU A 51 11.70 -15.49 10.46
N ASN A 52 11.52 -15.49 11.79
CA ASN A 52 12.59 -15.49 12.81
C ASN A 52 13.63 -14.37 12.58
N LEU A 53 13.15 -13.11 12.49
CA LEU A 53 13.95 -11.90 12.28
C LEU A 53 13.89 -10.98 13.52
N PRO A 54 14.70 -11.25 14.56
CA PRO A 54 14.66 -10.49 15.82
C PRO A 54 15.12 -9.02 15.68
N ASP A 55 15.76 -8.68 14.56
CA ASP A 55 16.21 -7.33 14.21
C ASP A 55 15.36 -6.67 13.10
N TYR A 56 14.26 -7.28 12.64
CA TYR A 56 13.48 -6.72 11.51
C TYR A 56 13.05 -5.26 11.75
N HIS A 57 12.44 -5.00 12.90
CA HIS A 57 11.95 -3.68 13.31
C HIS A 57 13.06 -2.73 13.80
N LYS A 58 14.26 -3.25 14.13
CA LYS A 58 15.43 -2.44 14.50
C LYS A 58 15.93 -1.64 13.28
N ILE A 59 15.97 -2.28 12.11
CA ILE A 59 16.30 -1.65 10.82
C ILE A 59 15.07 -0.93 10.25
N ILE A 60 13.94 -1.63 10.08
CA ILE A 60 12.71 -1.07 9.47
C ILE A 60 11.86 -0.34 10.51
N LYS A 61 11.98 0.98 10.50
CA LYS A 61 11.26 1.93 11.38
C LYS A 61 9.75 1.98 11.13
N ASN A 62 9.32 1.72 9.90
CA ASN A 62 7.95 1.91 9.41
C ASN A 62 7.57 0.82 8.38
N PRO A 63 7.25 -0.40 8.82
CA PRO A 63 6.91 -1.53 7.96
C PRO A 63 5.56 -1.33 7.24
N MET A 64 5.44 -1.90 6.03
CA MET A 64 4.31 -1.68 5.12
C MET A 64 4.18 -2.84 4.12
N ASP A 65 2.96 -3.16 3.67
CA ASP A 65 2.67 -4.22 2.68
C ASP A 65 1.37 -3.93 1.88
N MET A 66 1.28 -4.43 0.65
CA MET A 66 0.16 -4.20 -0.27
C MET A 66 -1.18 -4.70 0.30
N GLY A 67 -1.15 -5.79 1.07
CA GLY A 67 -2.28 -6.34 1.83
C GLY A 67 -2.84 -5.41 2.91
N THR A 68 -2.05 -4.44 3.40
CA THR A 68 -2.50 -3.37 4.30
C THR A 68 -2.88 -2.11 3.53
N ILE A 69 -2.15 -1.73 2.47
CA ILE A 69 -2.47 -0.57 1.61
C ILE A 69 -3.92 -0.65 1.09
N LYS A 70 -4.31 -1.80 0.53
CA LYS A 70 -5.68 -2.05 0.06
C LYS A 70 -6.74 -1.88 1.17
N LYS A 71 -6.43 -2.27 2.41
CA LYS A 71 -7.36 -2.21 3.55
C LYS A 71 -7.66 -0.79 4.02
N ARG A 72 -6.66 0.12 4.03
CA ARG A 72 -6.90 1.56 4.28
C ARG A 72 -7.57 2.28 3.10
N LEU A 73 -7.35 1.86 1.85
CA LEU A 73 -8.14 2.32 0.68
C LEU A 73 -9.63 1.93 0.77
N GLU A 74 -9.94 0.72 1.24
CA GLU A 74 -11.30 0.22 1.43
C GLU A 74 -11.99 0.77 2.71
N ASN A 75 -11.42 1.84 3.30
CA ASN A 75 -11.92 2.56 4.47
C ASN A 75 -11.79 4.08 4.29
N ASN A 76 -12.44 4.85 5.17
CA ASN A 76 -12.35 6.33 5.24
C ASN A 76 -11.01 6.79 5.89
N TYR A 77 -9.90 6.11 5.62
CA TYR A 77 -8.64 6.32 6.35
C TYR A 77 -7.96 7.66 6.02
N TYR A 78 -8.15 8.12 4.80
CA TYR A 78 -7.71 9.41 4.27
C TYR A 78 -8.76 9.97 3.29
N TRP A 79 -8.47 11.13 2.68
CA TRP A 79 -9.32 11.79 1.68
C TRP A 79 -8.63 11.84 0.30
N SER A 80 -7.29 11.79 0.29
CA SER A 80 -6.44 12.07 -0.87
C SER A 80 -5.40 10.97 -1.08
N ALA A 81 -5.22 10.54 -2.34
CA ALA A 81 -4.35 9.41 -2.71
C ALA A 81 -2.84 9.62 -2.45
N SER A 82 -2.37 10.85 -2.25
CA SER A 82 -0.97 11.15 -1.90
C SER A 82 -0.49 10.37 -0.68
N GLU A 83 -1.38 10.09 0.28
CA GLU A 83 -1.08 9.28 1.46
C GLU A 83 -0.87 7.79 1.12
N CYS A 84 -1.73 7.23 0.28
CA CYS A 84 -1.57 5.88 -0.29
C CYS A 84 -0.29 5.75 -1.15
N MET A 85 0.06 6.79 -1.91
CA MET A 85 1.29 6.85 -2.71
C MET A 85 2.56 6.85 -1.84
N GLN A 86 2.53 7.57 -0.72
CA GLN A 86 3.59 7.51 0.30
C GLN A 86 3.71 6.11 0.95
N ASP A 87 2.60 5.41 1.18
CA ASP A 87 2.64 4.02 1.67
C ASP A 87 3.27 3.06 0.64
N PHE A 88 2.92 3.18 -0.66
CA PHE A 88 3.60 2.44 -1.73
C PHE A 88 5.11 2.73 -1.78
N ASN A 89 5.51 4.00 -1.69
CA ASN A 89 6.92 4.40 -1.60
C ASN A 89 7.63 3.71 -0.42
N THR A 90 7.08 3.81 0.80
CA THR A 90 7.64 3.18 2.01
C THR A 90 7.80 1.66 1.87
N MET A 91 6.80 0.96 1.31
CA MET A 91 6.85 -0.49 1.08
C MET A 91 8.06 -0.91 0.21
N PHE A 92 8.22 -0.29 -0.97
CA PHE A 92 9.34 -0.61 -1.87
C PHE A 92 10.69 -0.15 -1.32
N THR A 93 10.73 0.98 -0.63
CA THR A 93 11.92 1.49 0.09
C THR A 93 12.40 0.50 1.15
N ASN A 94 11.52 0.00 2.02
CA ASN A 94 11.88 -0.93 3.09
C ASN A 94 12.56 -2.20 2.55
N CYS A 95 12.07 -2.71 1.42
CA CYS A 95 12.69 -3.82 0.68
C CYS A 95 14.15 -3.55 0.32
N TYR A 96 14.49 -2.33 -0.13
CA TYR A 96 15.86 -1.93 -0.45
C TYR A 96 16.76 -1.74 0.78
N ILE A 97 16.19 -1.37 1.93
CA ILE A 97 16.94 -1.17 3.19
C ILE A 97 17.32 -2.53 3.81
N TYR A 98 16.34 -3.39 4.10
CA TYR A 98 16.55 -4.63 4.85
C TYR A 98 17.32 -5.72 4.07
N ASN A 99 17.23 -5.72 2.74
CA ASN A 99 17.78 -6.77 1.86
C ASN A 99 18.94 -6.25 1.00
N LYS A 100 19.76 -7.15 0.45
CA LYS A 100 20.86 -6.81 -0.46
C LYS A 100 20.30 -6.37 -1.83
N PRO A 101 21.00 -5.51 -2.59
CA PRO A 101 20.54 -5.03 -3.90
C PRO A 101 20.45 -6.11 -4.99
N THR A 102 20.79 -7.36 -4.67
CA THR A 102 20.80 -8.55 -5.54
C THR A 102 19.86 -9.66 -5.05
N ASP A 103 19.19 -9.48 -3.90
CA ASP A 103 18.12 -10.39 -3.44
C ASP A 103 16.88 -10.27 -4.35
N ASP A 104 16.17 -11.37 -4.57
CA ASP A 104 15.01 -11.42 -5.47
C ASP A 104 13.93 -10.40 -5.10
N ILE A 105 13.58 -10.28 -3.81
CA ILE A 105 12.59 -9.33 -3.28
C ILE A 105 12.87 -7.86 -3.62
N VAL A 106 14.15 -7.48 -3.79
CA VAL A 106 14.53 -6.14 -4.27
C VAL A 106 14.18 -5.98 -5.75
N LEU A 107 14.54 -6.94 -6.60
CA LEU A 107 14.21 -6.92 -8.02
C LEU A 107 12.68 -6.93 -8.26
N MET A 108 11.94 -7.67 -7.43
CA MET A 108 10.48 -7.63 -7.36
C MET A 108 9.95 -6.23 -7.04
N ALA A 109 10.45 -5.60 -5.97
CA ALA A 109 10.07 -4.23 -5.60
C ALA A 109 10.44 -3.20 -6.68
N GLN A 110 11.59 -3.32 -7.35
CA GLN A 110 11.98 -2.47 -8.47
C GLN A 110 11.00 -2.58 -9.65
N ALA A 111 10.64 -3.81 -10.05
CA ALA A 111 9.68 -4.08 -11.12
C ALA A 111 8.28 -3.54 -10.81
N LEU A 112 7.78 -3.77 -9.59
CA LEU A 112 6.50 -3.24 -9.12
C LEU A 112 6.51 -1.71 -9.02
N GLU A 113 7.56 -1.10 -8.46
CA GLU A 113 7.62 0.36 -8.26
C GLU A 113 7.62 1.13 -9.59
N LYS A 114 8.29 0.63 -10.64
CA LYS A 114 8.20 1.21 -11.99
C LYS A 114 6.77 1.24 -12.53
N ILE A 115 5.98 0.19 -12.28
CA ILE A 115 4.56 0.14 -12.68
C ILE A 115 3.69 1.03 -11.79
N PHE A 116 3.92 1.05 -10.48
CA PHE A 116 3.28 1.99 -9.56
C PHE A 116 3.41 3.43 -10.09
N LEU A 117 4.63 3.85 -10.41
CA LEU A 117 4.92 5.17 -10.96
C LEU A 117 4.25 5.40 -12.34
N GLN A 118 4.25 4.42 -13.25
CA GLN A 118 3.62 4.59 -14.57
C GLN A 118 2.10 4.74 -14.50
N LYS A 119 1.45 4.12 -13.50
CA LYS A 119 0.01 4.27 -13.23
C LYS A 119 -0.32 5.62 -12.60
N VAL A 120 0.33 6.03 -11.51
CA VAL A 120 0.03 7.34 -10.88
C VAL A 120 0.42 8.51 -11.78
N ALA A 121 1.38 8.31 -12.70
CA ALA A 121 1.70 9.30 -13.74
C ALA A 121 0.51 9.58 -14.69
N GLN A 122 -0.37 8.58 -14.86
CA GLN A 122 -1.59 8.66 -15.67
C GLN A 122 -2.85 8.97 -14.84
N MET A 123 -2.72 9.08 -13.50
CA MET A 123 -3.77 9.59 -12.62
C MET A 123 -4.20 11.02 -13.03
N PRO A 124 -5.50 11.37 -12.96
CA PRO A 124 -5.95 12.75 -13.11
C PRO A 124 -5.37 13.64 -12.00
N GLN A 125 -5.05 14.90 -12.29
CA GLN A 125 -4.55 15.84 -11.26
C GLN A 125 -5.65 16.40 -10.34
N GLU A 126 -6.91 16.29 -10.75
CA GLU A 126 -8.08 16.80 -10.04
C GLU A 126 -8.74 15.73 -9.15
N GLU A 127 -9.42 16.20 -8.10
CA GLU A 127 -9.99 15.38 -7.03
C GLU A 127 -11.47 15.72 -6.80
N VAL A 128 -12.33 14.69 -6.69
CA VAL A 128 -13.78 14.83 -6.59
C VAL A 128 -14.44 13.72 -5.74
N GLU A 129 -15.49 14.10 -5.02
CA GLU A 129 -16.40 13.22 -4.28
C GLU A 129 -17.17 12.26 -5.22
N LEU A 130 -17.22 10.97 -4.89
CA LEU A 130 -17.95 9.96 -5.69
C LEU A 130 -19.47 9.98 -5.46
N LEU A 131 -20.20 9.18 -6.25
CA LEU A 131 -21.65 8.93 -6.13
C LEU A 131 -21.92 7.43 -5.92
N PRO A 132 -23.05 7.05 -5.29
CA PRO A 132 -23.28 5.67 -4.85
C PRO A 132 -23.60 4.70 -6.01
N PRO A 133 -23.27 3.40 -5.87
CA PRO A 133 -23.56 2.37 -6.87
C PRO A 133 -25.05 2.01 -6.93
N ALA A 134 -25.45 1.27 -7.97
CA ALA A 134 -26.80 0.72 -8.14
C ALA A 134 -27.19 -0.25 -7.01
N PRO A 135 -28.50 -0.36 -6.66
CA PRO A 135 -29.01 -1.26 -5.62
C PRO A 135 -29.03 -2.73 -6.08
N LYS A 136 -27.85 -3.37 -6.11
CA LYS A 136 -27.62 -4.77 -6.55
C LYS A 136 -26.70 -5.51 -5.57
N GLY A 137 -26.81 -6.84 -5.55
CA GLY A 137 -25.97 -7.73 -4.73
C GLY A 137 -24.57 -7.96 -5.31
N LYS A 138 -23.64 -8.42 -4.46
CA LYS A 138 -22.23 -8.71 -4.78
C LYS A 138 -21.65 -9.77 -3.84
N GLY A 1 2.86 7.35 25.26
CA GLY A 1 2.07 6.32 25.99
C GLY A 1 2.21 4.96 25.33
N SER A 2 1.10 4.38 24.87
CA SER A 2 1.08 3.09 24.15
C SER A 2 2.06 3.09 22.95
N SER A 3 2.85 2.02 22.82
CA SER A 3 4.00 1.93 21.90
C SER A 3 4.10 0.56 21.19
N GLY A 4 2.97 -0.13 21.02
CA GLY A 4 2.89 -1.41 20.29
C GLY A 4 3.33 -1.33 18.82
N SER A 5 3.75 -2.48 18.26
CA SER A 5 4.34 -2.58 16.91
C SER A 5 3.34 -2.41 15.75
N SER A 6 2.04 -2.57 16.01
CA SER A 6 0.95 -2.44 15.03
C SER A 6 0.75 -0.99 14.53
N GLY A 7 -0.05 -0.82 13.47
CA GLY A 7 -0.46 0.48 12.92
C GLY A 7 -1.92 0.48 12.47
N GLU A 8 -2.52 1.69 12.43
CA GLU A 8 -3.95 1.89 12.12
C GLU A 8 -4.28 1.80 10.62
N VAL A 9 -5.53 1.45 10.31
CA VAL A 9 -6.08 1.34 8.93
C VAL A 9 -7.46 2.01 8.76
N SER A 10 -8.08 2.37 9.87
CA SER A 10 -9.32 3.17 9.95
C SER A 10 -9.28 4.06 11.20
N ASN A 11 -9.94 5.22 11.14
CA ASN A 11 -9.84 6.28 12.16
C ASN A 11 -11.09 7.19 12.21
N PRO A 12 -11.48 7.68 13.40
CA PRO A 12 -12.58 8.64 13.57
C PRO A 12 -12.11 10.11 13.45
N SER A 13 -10.85 10.41 13.78
CA SER A 13 -10.33 11.77 13.95
C SER A 13 -9.91 12.46 12.65
N LYS A 14 -9.30 11.72 11.71
CA LYS A 14 -8.92 12.24 10.38
C LYS A 14 -10.14 12.26 9.44
N PRO A 15 -10.39 13.34 8.68
CA PRO A 15 -11.47 13.36 7.69
C PRO A 15 -11.14 12.48 6.47
N GLY A 16 -12.18 12.00 5.79
CA GLY A 16 -12.06 11.22 4.56
C GLY A 16 -13.41 10.94 3.89
N ARG A 17 -13.36 10.60 2.60
CA ARG A 17 -14.49 10.17 1.76
C ARG A 17 -13.99 9.38 0.54
N LYS A 18 -14.88 8.65 -0.13
CA LYS A 18 -14.65 8.00 -1.43
C LYS A 18 -14.54 9.02 -2.56
N THR A 19 -13.40 9.05 -3.26
CA THR A 19 -13.10 9.97 -4.38
C THR A 19 -12.46 9.25 -5.57
N ASN A 20 -12.54 9.87 -6.74
CA ASN A 20 -11.91 9.43 -7.99
C ASN A 20 -10.39 9.16 -7.88
N GLN A 21 -9.68 9.92 -7.04
CA GLN A 21 -8.28 9.66 -6.70
C GLN A 21 -8.12 8.31 -5.97
N LEU A 22 -8.82 8.11 -4.85
CA LEU A 22 -8.77 6.86 -4.08
C LEU A 22 -9.33 5.64 -4.84
N GLN A 23 -10.32 5.86 -5.72
CA GLN A 23 -10.80 4.84 -6.66
C GLN A 23 -9.65 4.38 -7.56
N TYR A 24 -8.97 5.29 -8.25
CA TYR A 24 -7.87 4.93 -9.14
C TYR A 24 -6.76 4.15 -8.42
N MET A 25 -6.40 4.54 -7.19
CA MET A 25 -5.47 3.78 -6.34
C MET A 25 -5.95 2.34 -6.11
N GLN A 26 -7.18 2.13 -5.66
CA GLN A 26 -7.68 0.79 -5.29
C GLN A 26 -8.21 -0.05 -6.47
N ASN A 27 -8.37 0.54 -7.65
CA ASN A 27 -9.04 -0.04 -8.83
C ASN A 27 -8.11 -0.23 -10.02
N VAL A 28 -6.96 0.47 -10.02
CA VAL A 28 -5.98 0.39 -11.11
C VAL A 28 -4.55 0.22 -10.56
N VAL A 29 -4.11 1.10 -9.65
CA VAL A 29 -2.72 1.08 -9.13
C VAL A 29 -2.46 -0.20 -8.33
N VAL A 30 -3.17 -0.38 -7.21
CA VAL A 30 -3.15 -1.63 -6.42
C VAL A 30 -3.57 -2.79 -7.31
N LYS A 31 -4.67 -2.67 -8.07
CA LYS A 31 -5.28 -3.77 -8.82
C LYS A 31 -4.32 -4.43 -9.81
N THR A 32 -3.52 -3.66 -10.55
CA THR A 32 -2.49 -4.22 -11.45
C THR A 32 -1.24 -4.68 -10.69
N LEU A 33 -0.75 -3.90 -9.71
CA LEU A 33 0.40 -4.30 -8.87
C LEU A 33 0.15 -5.61 -8.13
N TRP A 34 -1.11 -5.89 -7.78
CA TRP A 34 -1.58 -7.09 -7.08
C TRP A 34 -1.66 -8.34 -7.97
N LYS A 35 -2.00 -8.21 -9.25
CA LYS A 35 -2.08 -9.36 -10.17
C LYS A 35 -0.76 -9.67 -10.90
N HIS A 36 0.25 -8.83 -10.67
CA HIS A 36 1.64 -8.97 -11.12
C HIS A 36 2.28 -10.32 -10.72
N GLN A 37 3.26 -10.77 -11.51
CA GLN A 37 4.05 -12.00 -11.28
C GLN A 37 4.79 -12.04 -9.93
N PHE A 38 5.03 -10.91 -9.28
CA PHE A 38 5.83 -10.76 -8.06
C PHE A 38 5.08 -10.11 -6.88
N ALA A 39 3.75 -10.02 -6.95
CA ALA A 39 2.90 -9.42 -5.91
C ALA A 39 2.78 -10.28 -4.64
N TRP A 40 2.92 -11.60 -4.75
CA TRP A 40 2.65 -12.59 -3.70
C TRP A 40 3.39 -12.41 -2.34
N PRO A 41 4.66 -11.98 -2.25
CA PRO A 41 5.29 -11.71 -0.95
C PRO A 41 4.80 -10.41 -0.27
N PHE A 42 3.96 -9.62 -0.93
CA PHE A 42 3.38 -8.37 -0.43
C PHE A 42 1.88 -8.50 -0.08
N TYR A 43 1.23 -9.64 -0.35
CA TYR A 43 -0.20 -9.87 -0.06
C TYR A 43 -0.56 -9.86 1.43
N GLN A 44 0.43 -9.96 2.32
CA GLN A 44 0.27 -9.98 3.78
C GLN A 44 1.38 -9.14 4.44
N PRO A 45 1.14 -8.59 5.65
CA PRO A 45 2.16 -7.86 6.41
C PRO A 45 3.32 -8.78 6.83
N VAL A 46 4.53 -8.22 6.93
CA VAL A 46 5.71 -8.92 7.49
C VAL A 46 5.44 -9.36 8.93
N ASP A 47 5.87 -10.59 9.26
CA ASP A 47 5.88 -11.15 10.62
C ASP A 47 7.29 -11.70 10.91
N ALA A 48 8.04 -10.99 11.76
CA ALA A 48 9.41 -11.34 12.14
C ALA A 48 9.53 -12.73 12.78
N ILE A 49 8.47 -13.23 13.43
CA ILE A 49 8.38 -14.61 13.96
C ILE A 49 8.34 -15.63 12.83
N LYS A 50 7.44 -15.44 11.84
CA LYS A 50 7.24 -16.36 10.71
C LYS A 50 8.46 -16.43 9.77
N LEU A 51 9.09 -15.28 9.52
CA LEU A 51 10.28 -15.14 8.67
C LEU A 51 11.61 -15.29 9.43
N ASN A 52 11.57 -15.53 10.74
CA ASN A 52 12.73 -15.71 11.63
C ASN A 52 13.77 -14.57 11.53
N LEU A 53 13.30 -13.32 11.71
CA LEU A 53 14.09 -12.08 11.61
C LEU A 53 14.30 -11.49 13.02
N PRO A 54 15.44 -11.72 13.68
CA PRO A 54 15.65 -11.35 15.08
C PRO A 54 15.72 -9.83 15.35
N ASP A 55 15.82 -9.00 14.30
CA ASP A 55 16.04 -7.55 14.38
C ASP A 55 15.21 -6.74 13.36
N TYR A 56 14.15 -7.31 12.76
CA TYR A 56 13.40 -6.67 11.65
C TYR A 56 13.04 -5.19 11.91
N HIS A 57 12.40 -4.93 13.06
CA HIS A 57 11.94 -3.61 13.51
C HIS A 57 13.06 -2.68 14.01
N LYS A 58 14.29 -3.19 14.19
CA LYS A 58 15.47 -2.38 14.55
C LYS A 58 16.02 -1.65 13.31
N ILE A 59 16.14 -2.38 12.19
CA ILE A 59 16.53 -1.81 10.89
C ILE A 59 15.37 -1.00 10.28
N ILE A 60 14.14 -1.53 10.31
CA ILE A 60 12.95 -0.90 9.68
C ILE A 60 12.07 -0.20 10.71
N LYS A 61 12.08 1.13 10.63
CA LYS A 61 11.32 2.06 11.49
C LYS A 61 9.85 2.18 11.09
N ASN A 62 9.53 2.02 9.79
CA ASN A 62 8.18 2.13 9.24
C ASN A 62 7.93 1.00 8.20
N PRO A 63 7.50 -0.19 8.66
CA PRO A 63 7.16 -1.31 7.79
C PRO A 63 5.81 -1.05 7.08
N MET A 64 5.69 -1.51 5.83
CA MET A 64 4.50 -1.34 4.98
C MET A 64 4.43 -2.45 3.92
N ASP A 65 3.23 -2.95 3.62
CA ASP A 65 2.96 -4.07 2.70
C ASP A 65 1.63 -3.88 1.94
N MET A 66 1.51 -4.41 0.71
CA MET A 66 0.36 -4.18 -0.18
C MET A 66 -0.96 -4.69 0.42
N GLY A 67 -0.91 -5.81 1.16
CA GLY A 67 -2.02 -6.36 1.95
C GLY A 67 -2.55 -5.42 3.03
N THR A 68 -1.74 -4.45 3.48
CA THR A 68 -2.13 -3.39 4.43
C THR A 68 -2.49 -2.08 3.71
N ILE A 69 -1.84 -1.75 2.58
CA ILE A 69 -2.22 -0.59 1.72
C ILE A 69 -3.69 -0.70 1.30
N LYS A 70 -4.10 -1.86 0.77
CA LYS A 70 -5.50 -2.12 0.38
C LYS A 70 -6.48 -2.01 1.55
N LYS A 71 -6.10 -2.44 2.76
CA LYS A 71 -6.96 -2.44 3.96
C LYS A 71 -7.39 -1.04 4.37
N ARG A 72 -6.53 -0.03 4.23
CA ARG A 72 -6.87 1.39 4.47
C ARG A 72 -7.62 2.05 3.31
N LEU A 73 -7.36 1.66 2.05
CA LEU A 73 -8.17 2.07 0.88
C LEU A 73 -9.63 1.59 0.92
N GLU A 74 -9.91 0.42 1.53
CA GLU A 74 -11.27 -0.16 1.63
C GLU A 74 -12.26 0.68 2.47
N ASN A 75 -11.76 1.67 3.21
CA ASN A 75 -12.55 2.59 4.02
C ASN A 75 -12.10 4.07 3.86
N ASN A 76 -12.81 4.99 4.50
CA ASN A 76 -12.58 6.44 4.45
C ASN A 76 -11.38 6.90 5.34
N TYR A 77 -10.25 6.19 5.30
CA TYR A 77 -9.08 6.45 6.16
C TYR A 77 -8.42 7.81 5.90
N TYR A 78 -8.50 8.27 4.65
CA TYR A 78 -8.01 9.56 4.15
C TYR A 78 -8.97 10.17 3.12
N TRP A 79 -8.71 11.42 2.72
CA TRP A 79 -9.50 12.14 1.70
C TRP A 79 -8.90 12.04 0.29
N SER A 80 -7.60 11.76 0.16
CA SER A 80 -6.85 11.85 -1.10
C SER A 80 -5.76 10.77 -1.25
N ALA A 81 -5.44 10.42 -2.50
CA ALA A 81 -4.51 9.36 -2.90
C ALA A 81 -3.04 9.56 -2.51
N SER A 82 -2.59 10.79 -2.24
CA SER A 82 -1.18 11.08 -1.95
C SER A 82 -0.64 10.31 -0.73
N GLU A 83 -1.48 10.05 0.27
CA GLU A 83 -1.12 9.21 1.43
C GLU A 83 -0.83 7.75 1.03
N CYS A 84 -1.68 7.17 0.15
CA CYS A 84 -1.48 5.83 -0.41
C CYS A 84 -0.20 5.75 -1.28
N MET A 85 0.09 6.80 -2.06
CA MET A 85 1.33 6.91 -2.83
C MET A 85 2.58 6.92 -1.93
N GLN A 86 2.54 7.64 -0.80
CA GLN A 86 3.59 7.57 0.23
C GLN A 86 3.74 6.15 0.82
N ASP A 87 2.64 5.43 1.06
CA ASP A 87 2.70 4.06 1.57
C ASP A 87 3.34 3.08 0.56
N PHE A 88 3.05 3.20 -0.73
CA PHE A 88 3.75 2.46 -1.79
C PHE A 88 5.25 2.76 -1.81
N ASN A 89 5.65 4.04 -1.72
CA ASN A 89 7.05 4.43 -1.61
C ASN A 89 7.74 3.79 -0.39
N THR A 90 7.12 3.82 0.79
CA THR A 90 7.65 3.20 2.02
C THR A 90 7.72 1.68 1.92
N MET A 91 6.78 1.01 1.23
CA MET A 91 6.85 -0.44 0.99
C MET A 91 8.10 -0.83 0.20
N PHE A 92 8.31 -0.23 -0.98
CA PHE A 92 9.48 -0.53 -1.80
C PHE A 92 10.80 -0.10 -1.12
N THR A 93 10.79 1.05 -0.43
CA THR A 93 11.98 1.56 0.29
C THR A 93 12.40 0.64 1.44
N ASN A 94 11.48 0.20 2.31
CA ASN A 94 11.86 -0.68 3.43
C ASN A 94 12.41 -2.05 2.96
N CYS A 95 11.92 -2.55 1.82
CA CYS A 95 12.50 -3.72 1.14
C CYS A 95 13.96 -3.49 0.72
N TYR A 96 14.30 -2.33 0.15
CA TYR A 96 15.68 -1.98 -0.25
C TYR A 96 16.63 -1.78 0.95
N ILE A 97 16.12 -1.31 2.09
CA ILE A 97 16.91 -1.13 3.32
C ILE A 97 17.25 -2.50 3.95
N TYR A 98 16.23 -3.31 4.26
CA TYR A 98 16.42 -4.58 4.98
C TYR A 98 17.19 -5.65 4.19
N ASN A 99 17.07 -5.65 2.85
CA ASN A 99 17.61 -6.72 1.98
C ASN A 99 18.75 -6.22 1.09
N LYS A 100 19.60 -7.15 0.64
CA LYS A 100 20.71 -6.90 -0.29
C LYS A 100 20.17 -6.52 -1.69
N PRO A 101 20.87 -5.67 -2.47
CA PRO A 101 20.40 -5.19 -3.78
C PRO A 101 20.27 -6.28 -4.87
N THR A 102 20.73 -7.50 -4.56
CA THR A 102 20.72 -8.69 -5.43
C THR A 102 19.69 -9.76 -4.98
N ASP A 103 19.02 -9.57 -3.84
CA ASP A 103 17.95 -10.46 -3.37
C ASP A 103 16.73 -10.38 -4.30
N ASP A 104 16.01 -11.48 -4.49
CA ASP A 104 14.81 -11.54 -5.33
C ASP A 104 13.77 -10.46 -4.95
N ILE A 105 13.46 -10.33 -3.65
CA ILE A 105 12.48 -9.36 -3.13
C ILE A 105 12.79 -7.90 -3.51
N VAL A 106 14.06 -7.54 -3.67
CA VAL A 106 14.47 -6.21 -4.14
C VAL A 106 14.16 -6.06 -5.64
N LEU A 107 14.54 -7.03 -6.47
CA LEU A 107 14.24 -7.02 -7.91
C LEU A 107 12.72 -7.00 -8.18
N MET A 108 11.95 -7.71 -7.37
CA MET A 108 10.49 -7.66 -7.34
C MET A 108 9.98 -6.24 -7.03
N ALA A 109 10.45 -5.62 -5.95
CA ALA A 109 10.09 -4.26 -5.58
C ALA A 109 10.49 -3.22 -6.64
N GLN A 110 11.65 -3.36 -7.29
CA GLN A 110 12.06 -2.52 -8.41
C GLN A 110 11.08 -2.60 -9.59
N ALA A 111 10.74 -3.82 -10.03
CA ALA A 111 9.81 -4.06 -11.13
C ALA A 111 8.38 -3.54 -10.83
N LEU A 112 7.87 -3.78 -9.62
CA LEU A 112 6.60 -3.23 -9.14
C LEU A 112 6.64 -1.70 -9.08
N GLU A 113 7.71 -1.08 -8.56
CA GLU A 113 7.80 0.37 -8.44
C GLU A 113 7.72 1.08 -9.80
N LYS A 114 8.34 0.55 -10.87
CA LYS A 114 8.25 1.16 -12.20
C LYS A 114 6.80 1.21 -12.71
N ILE A 115 6.02 0.17 -12.43
CA ILE A 115 4.59 0.11 -12.78
C ILE A 115 3.75 1.00 -11.86
N PHE A 116 4.05 1.05 -10.55
CA PHE A 116 3.41 2.00 -9.63
C PHE A 116 3.50 3.43 -10.19
N LEU A 117 4.71 3.85 -10.56
CA LEU A 117 4.95 5.18 -11.14
C LEU A 117 4.24 5.37 -12.49
N GLN A 118 4.22 4.37 -13.39
CA GLN A 118 3.54 4.51 -14.69
C GLN A 118 2.01 4.64 -14.56
N LYS A 119 1.42 3.97 -13.55
CA LYS A 119 0.00 4.07 -13.23
C LYS A 119 -0.36 5.43 -12.64
N VAL A 120 0.30 5.90 -11.57
CA VAL A 120 -0.03 7.22 -10.99
C VAL A 120 0.28 8.38 -11.95
N ALA A 121 1.21 8.18 -12.89
CA ALA A 121 1.47 9.13 -13.97
C ALA A 121 0.27 9.28 -14.92
N GLN A 122 -0.47 8.18 -15.15
CA GLN A 122 -1.71 8.17 -15.92
C GLN A 122 -2.95 8.54 -15.07
N MET A 123 -2.84 8.56 -13.73
CA MET A 123 -3.90 9.04 -12.84
C MET A 123 -4.21 10.53 -13.11
N PRO A 124 -5.48 10.96 -13.05
CA PRO A 124 -5.85 12.36 -13.14
C PRO A 124 -5.22 13.18 -11.99
N GLN A 125 -4.98 14.46 -12.23
CA GLN A 125 -4.53 15.40 -11.19
C GLN A 125 -5.71 16.06 -10.44
N GLU A 126 -6.89 16.08 -11.07
CA GLU A 126 -8.15 16.53 -10.47
C GLU A 126 -8.85 15.42 -9.68
N GLU A 127 -9.85 15.79 -8.88
CA GLU A 127 -10.59 14.90 -7.99
C GLU A 127 -12.11 15.20 -8.05
N VAL A 128 -12.92 14.15 -7.90
CA VAL A 128 -14.38 14.22 -7.85
C VAL A 128 -14.94 13.19 -6.85
N GLU A 129 -16.03 13.52 -6.15
CA GLU A 129 -16.75 12.58 -5.28
C GLU A 129 -17.47 11.50 -6.10
N LEU A 130 -17.41 10.25 -5.63
CA LEU A 130 -17.96 9.08 -6.36
C LEU A 130 -19.49 8.94 -6.22
N LEU A 131 -20.04 7.98 -6.96
CA LEU A 131 -21.47 7.60 -6.97
C LEU A 131 -21.64 6.12 -6.55
N PRO A 132 -22.81 5.73 -5.99
CA PRO A 132 -23.02 4.36 -5.50
C PRO A 132 -23.15 3.32 -6.64
N PRO A 133 -22.86 2.03 -6.36
CA PRO A 133 -23.00 0.95 -7.34
C PRO A 133 -24.46 0.61 -7.63
N ALA A 134 -24.71 -0.01 -8.79
CA ALA A 134 -26.04 -0.49 -9.20
C ALA A 134 -26.52 -1.70 -8.38
N PRO A 135 -27.84 -1.90 -8.22
CA PRO A 135 -28.42 -3.11 -7.62
C PRO A 135 -28.41 -4.30 -8.60
N LYS A 136 -28.99 -5.44 -8.19
CA LYS A 136 -29.04 -6.72 -8.93
C LYS A 136 -29.50 -6.57 -10.41
N GLY A 137 -30.54 -5.78 -10.65
CA GLY A 137 -31.11 -5.55 -11.99
C GLY A 137 -32.48 -4.85 -12.02
N LYS A 138 -32.76 -3.98 -11.04
CA LYS A 138 -34.03 -3.23 -10.92
C LYS A 138 -34.24 -2.23 -12.07
N GLY A 1 8.80 12.58 6.94
CA GLY A 1 8.72 13.63 7.98
C GLY A 1 9.28 13.17 9.31
N SER A 2 8.84 13.79 10.41
CA SER A 2 9.25 13.45 11.79
C SER A 2 8.78 12.08 12.29
N SER A 3 7.76 11.49 11.66
CA SER A 3 7.19 10.18 11.98
C SER A 3 6.50 9.54 10.75
N GLY A 4 6.13 8.26 10.86
CA GLY A 4 5.49 7.49 9.77
C GLY A 4 4.88 6.15 10.21
N SER A 5 4.48 6.03 11.48
CA SER A 5 3.93 4.79 12.07
C SER A 5 2.65 4.31 11.38
N SER A 6 2.38 3.00 11.42
CA SER A 6 1.15 2.38 10.91
C SER A 6 0.92 0.97 11.50
N GLY A 7 -0.36 0.58 11.56
CA GLY A 7 -0.83 -0.75 11.96
C GLY A 7 -2.36 -0.91 11.86
N GLU A 8 -3.08 0.19 12.08
CA GLU A 8 -4.51 0.35 11.79
C GLU A 8 -4.80 0.52 10.28
N VAL A 9 -6.08 0.39 9.90
CA VAL A 9 -6.57 0.46 8.50
C VAL A 9 -7.84 1.31 8.32
N SER A 10 -8.42 1.74 9.42
CA SER A 10 -9.64 2.57 9.47
C SER A 10 -9.61 3.51 10.68
N ASN A 11 -10.15 4.72 10.54
CA ASN A 11 -10.05 5.76 11.57
C ASN A 11 -11.23 5.75 12.57
N PRO A 12 -11.00 6.22 13.82
CA PRO A 12 -12.04 6.38 14.83
C PRO A 12 -12.83 7.70 14.69
N SER A 13 -12.19 8.77 14.17
CA SER A 13 -12.77 10.13 14.12
C SER A 13 -12.15 11.07 13.05
N LYS A 14 -11.00 10.72 12.45
CA LYS A 14 -10.31 11.55 11.43
C LYS A 14 -11.19 11.83 10.19
N PRO A 15 -10.96 12.95 9.47
CA PRO A 15 -11.59 13.17 8.18
C PRO A 15 -11.07 12.19 7.12
N GLY A 16 -11.96 11.77 6.23
CA GLY A 16 -11.67 10.93 5.07
C GLY A 16 -12.91 10.26 4.48
N ARG A 17 -12.87 10.01 3.16
CA ARG A 17 -13.88 9.30 2.37
C ARG A 17 -13.32 8.88 1.01
N LYS A 18 -14.01 7.98 0.32
CA LYS A 18 -13.70 7.54 -1.06
C LYS A 18 -13.80 8.72 -2.04
N THR A 19 -12.81 8.89 -2.90
CA THR A 19 -12.72 9.94 -3.94
C THR A 19 -12.16 9.36 -5.22
N ASN A 20 -12.30 10.08 -6.34
CA ASN A 20 -11.73 9.70 -7.64
C ASN A 20 -10.22 9.38 -7.61
N GLN A 21 -9.45 10.06 -6.74
CA GLN A 21 -8.06 9.74 -6.42
C GLN A 21 -7.91 8.32 -5.84
N LEU A 22 -8.57 8.05 -4.70
CA LEU A 22 -8.50 6.76 -3.99
C LEU A 22 -9.13 5.60 -4.77
N GLN A 23 -10.18 5.89 -5.55
CA GLN A 23 -10.77 4.96 -6.51
C GLN A 23 -9.71 4.53 -7.54
N TYR A 24 -9.01 5.46 -8.17
CA TYR A 24 -7.96 5.13 -9.13
C TYR A 24 -6.86 4.26 -8.53
N MET A 25 -6.46 4.51 -7.27
CA MET A 25 -5.53 3.64 -6.53
C MET A 25 -6.06 2.20 -6.43
N GLN A 26 -7.26 1.97 -5.91
CA GLN A 26 -7.80 0.63 -5.68
C GLN A 26 -8.43 -0.06 -6.92
N ASN A 27 -8.52 0.64 -8.05
CA ASN A 27 -9.20 0.19 -9.28
C ASN A 27 -8.24 0.04 -10.47
N VAL A 28 -7.07 0.69 -10.42
CA VAL A 28 -6.05 0.62 -11.48
C VAL A 28 -4.65 0.37 -10.93
N VAL A 29 -4.19 1.18 -9.96
CA VAL A 29 -2.79 1.14 -9.47
C VAL A 29 -2.53 -0.16 -8.69
N VAL A 30 -3.16 -0.32 -7.52
CA VAL A 30 -3.17 -1.55 -6.72
C VAL A 30 -3.72 -2.70 -7.57
N LYS A 31 -4.83 -2.48 -8.29
CA LYS A 31 -5.51 -3.51 -9.08
C LYS A 31 -4.65 -4.14 -10.17
N THR A 32 -3.59 -3.45 -10.60
CA THR A 32 -2.58 -3.99 -11.53
C THR A 32 -1.30 -4.46 -10.82
N LEU A 33 -0.80 -3.74 -9.81
CA LEU A 33 0.33 -4.18 -8.98
C LEU A 33 0.05 -5.50 -8.25
N TRP A 34 -1.21 -5.78 -7.92
CA TRP A 34 -1.70 -6.98 -7.25
C TRP A 34 -1.84 -8.21 -8.17
N LYS A 35 -2.18 -8.02 -9.46
CA LYS A 35 -2.24 -9.14 -10.43
C LYS A 35 -0.89 -9.45 -11.12
N HIS A 36 0.11 -8.63 -10.84
CA HIS A 36 1.51 -8.78 -11.29
C HIS A 36 2.12 -10.16 -10.91
N GLN A 37 3.10 -10.61 -11.72
CA GLN A 37 3.87 -11.83 -11.52
C GLN A 37 4.60 -11.94 -10.16
N PHE A 38 4.85 -10.82 -9.48
CA PHE A 38 5.62 -10.72 -8.24
C PHE A 38 4.86 -10.05 -7.07
N ALA A 39 3.53 -9.99 -7.14
CA ALA A 39 2.66 -9.46 -6.08
C ALA A 39 2.52 -10.39 -4.87
N TRP A 40 2.71 -11.71 -5.05
CA TRP A 40 2.48 -12.73 -4.02
C TRP A 40 3.25 -12.58 -2.68
N PRO A 41 4.52 -12.12 -2.61
CA PRO A 41 5.16 -11.82 -1.33
C PRO A 41 4.68 -10.51 -0.67
N PHE A 42 3.74 -9.79 -1.30
CA PHE A 42 3.17 -8.52 -0.84
C PHE A 42 1.66 -8.59 -0.55
N TYR A 43 1.01 -9.77 -0.62
CA TYR A 43 -0.41 -9.91 -0.29
C TYR A 43 -0.73 -9.79 1.21
N GLN A 44 0.28 -9.87 2.10
CA GLN A 44 0.13 -9.82 3.56
C GLN A 44 1.41 -9.24 4.21
N PRO A 45 1.29 -8.49 5.32
CA PRO A 45 2.43 -7.87 5.99
C PRO A 45 3.40 -8.89 6.59
N VAL A 46 4.69 -8.50 6.68
CA VAL A 46 5.78 -9.33 7.19
C VAL A 46 5.57 -9.67 8.67
N ASP A 47 5.81 -10.94 9.03
CA ASP A 47 5.76 -11.44 10.42
C ASP A 47 7.16 -11.85 10.87
N ALA A 48 7.88 -10.92 11.51
CA ALA A 48 9.20 -11.15 12.10
C ALA A 48 9.23 -12.32 13.11
N ILE A 49 8.11 -12.62 13.76
CA ILE A 49 7.91 -13.77 14.65
C ILE A 49 8.01 -15.10 13.87
N LYS A 50 7.28 -15.21 12.75
CA LYS A 50 7.28 -16.41 11.89
C LYS A 50 8.62 -16.65 11.20
N LEU A 51 9.27 -15.57 10.78
CA LEU A 51 10.55 -15.56 10.06
C LEU A 51 11.78 -15.56 10.98
N ASN A 52 11.58 -15.50 12.30
CA ASN A 52 12.64 -15.42 13.32
C ASN A 52 13.67 -14.29 13.04
N LEU A 53 13.17 -13.05 12.91
CA LEU A 53 13.95 -11.83 12.63
C LEU A 53 13.89 -10.87 13.84
N PRO A 54 14.68 -11.12 14.91
CA PRO A 54 14.66 -10.30 16.12
C PRO A 54 15.19 -8.88 15.89
N ASP A 55 15.90 -8.65 14.78
CA ASP A 55 16.41 -7.35 14.33
C ASP A 55 15.54 -6.69 13.23
N TYR A 56 14.36 -7.25 12.89
CA TYR A 56 13.52 -6.71 11.81
C TYR A 56 13.22 -5.22 11.99
N HIS A 57 12.64 -4.84 13.14
CA HIS A 57 12.29 -3.47 13.50
C HIS A 57 13.49 -2.59 13.91
N LYS A 58 14.67 -3.18 14.13
CA LYS A 58 15.91 -2.45 14.45
C LYS A 58 16.46 -1.73 13.22
N ILE A 59 16.26 -2.30 12.02
CA ILE A 59 16.62 -1.72 10.72
C ILE A 59 15.40 -1.07 10.05
N ILE A 60 14.26 -1.79 9.97
CA ILE A 60 13.01 -1.27 9.39
C ILE A 60 12.45 -0.13 10.25
N LYS A 61 12.51 1.09 9.71
CA LYS A 61 12.05 2.31 10.39
C LYS A 61 10.53 2.33 10.57
N ASN A 62 9.79 1.97 9.53
CA ASN A 62 8.33 1.80 9.51
C ASN A 62 7.97 0.72 8.46
N PRO A 63 7.36 -0.42 8.86
CA PRO A 63 6.94 -1.47 7.93
C PRO A 63 5.67 -1.04 7.15
N MET A 64 5.56 -1.49 5.90
CA MET A 64 4.40 -1.25 5.02
C MET A 64 4.32 -2.34 3.93
N ASP A 65 3.10 -2.71 3.52
CA ASP A 65 2.81 -3.84 2.63
C ASP A 65 1.53 -3.62 1.82
N MET A 66 1.42 -4.23 0.63
CA MET A 66 0.29 -4.03 -0.28
C MET A 66 -1.03 -4.53 0.31
N GLY A 67 -1.02 -5.66 1.02
CA GLY A 67 -2.16 -6.19 1.76
C GLY A 67 -2.70 -5.24 2.83
N THR A 68 -1.82 -4.46 3.46
CA THR A 68 -2.21 -3.37 4.38
C THR A 68 -2.71 -2.14 3.60
N ILE A 69 -1.99 -1.68 2.56
CA ILE A 69 -2.39 -0.54 1.71
C ILE A 69 -3.82 -0.71 1.17
N LYS A 70 -4.11 -1.84 0.53
CA LYS A 70 -5.43 -2.11 -0.04
C LYS A 70 -6.52 -2.22 1.03
N LYS A 71 -6.21 -2.68 2.24
CA LYS A 71 -7.13 -2.65 3.40
C LYS A 71 -7.49 -1.23 3.85
N ARG A 72 -6.55 -0.26 3.88
CA ARG A 72 -6.88 1.15 4.17
C ARG A 72 -7.60 1.87 3.02
N LEU A 73 -7.38 1.50 1.75
CA LEU A 73 -8.21 1.95 0.62
C LEU A 73 -9.65 1.38 0.68
N GLU A 74 -9.82 0.14 1.13
CA GLU A 74 -11.12 -0.56 1.29
C GLU A 74 -11.90 -0.12 2.55
N ASN A 75 -11.46 0.94 3.23
CA ASN A 75 -12.04 1.53 4.44
C ASN A 75 -12.02 3.07 4.39
N ASN A 76 -12.77 3.71 5.29
CA ASN A 76 -12.67 5.16 5.54
C ASN A 76 -11.45 5.45 6.44
N TYR A 77 -10.40 6.06 5.86
CA TYR A 77 -9.17 6.37 6.60
C TYR A 77 -8.56 7.73 6.22
N TYR A 78 -8.47 8.03 4.93
CA TYR A 78 -7.96 9.28 4.34
C TYR A 78 -8.90 9.82 3.24
N TRP A 79 -8.58 10.99 2.66
CA TRP A 79 -9.40 11.67 1.63
C TRP A 79 -8.70 11.72 0.26
N SER A 80 -7.36 11.59 0.21
CA SER A 80 -6.56 11.77 -1.00
C SER A 80 -5.46 10.71 -1.13
N ALA A 81 -5.22 10.29 -2.37
CA ALA A 81 -4.32 9.20 -2.73
C ALA A 81 -2.83 9.48 -2.51
N SER A 82 -2.42 10.73 -2.29
CA SER A 82 -1.04 11.07 -1.93
C SER A 82 -0.53 10.30 -0.70
N GLU A 83 -1.41 9.95 0.24
CA GLU A 83 -1.06 9.13 1.41
C GLU A 83 -0.83 7.65 1.04
N CYS A 84 -1.66 7.10 0.15
CA CYS A 84 -1.47 5.76 -0.44
C CYS A 84 -0.16 5.67 -1.26
N MET A 85 0.19 6.74 -1.99
CA MET A 85 1.45 6.84 -2.73
C MET A 85 2.67 6.88 -1.80
N GLN A 86 2.58 7.60 -0.67
CA GLN A 86 3.59 7.57 0.39
C GLN A 86 3.77 6.15 0.96
N ASP A 87 2.67 5.43 1.23
CA ASP A 87 2.74 4.06 1.76
C ASP A 87 3.37 3.08 0.75
N PHE A 88 3.09 3.22 -0.56
CA PHE A 88 3.81 2.47 -1.61
C PHE A 88 5.30 2.79 -1.63
N ASN A 89 5.68 4.06 -1.54
CA ASN A 89 7.09 4.47 -1.44
C ASN A 89 7.78 3.86 -0.20
N THR A 90 7.11 3.86 0.96
CA THR A 90 7.60 3.21 2.20
C THR A 90 7.76 1.70 2.04
N MET A 91 6.84 1.00 1.35
CA MET A 91 6.96 -0.43 1.05
C MET A 91 8.25 -0.74 0.27
N PHE A 92 8.38 -0.16 -0.93
CA PHE A 92 9.52 -0.39 -1.80
C PHE A 92 10.85 0.02 -1.15
N THR A 93 10.87 1.17 -0.45
CA THR A 93 12.07 1.66 0.25
C THR A 93 12.50 0.74 1.38
N ASN A 94 11.60 0.29 2.25
CA ASN A 94 11.97 -0.59 3.38
C ASN A 94 12.49 -1.96 2.90
N CYS A 95 11.99 -2.47 1.77
CA CYS A 95 12.54 -3.64 1.09
C CYS A 95 14.00 -3.44 0.66
N TYR A 96 14.36 -2.28 0.09
CA TYR A 96 15.72 -1.96 -0.34
C TYR A 96 16.73 -1.79 0.82
N ILE A 97 16.26 -1.36 2.00
CA ILE A 97 17.11 -1.18 3.18
C ILE A 97 17.52 -2.54 3.78
N TYR A 98 16.54 -3.37 4.14
CA TYR A 98 16.78 -4.62 4.89
C TYR A 98 17.45 -5.73 4.05
N ASN A 99 17.13 -5.82 2.77
CA ASN A 99 17.66 -6.84 1.85
C ASN A 99 18.87 -6.32 1.05
N LYS A 100 19.66 -7.22 0.45
CA LYS A 100 20.73 -6.86 -0.50
C LYS A 100 20.12 -6.43 -1.85
N PRO A 101 20.79 -5.57 -2.64
CA PRO A 101 20.28 -5.08 -3.93
C PRO A 101 20.15 -6.17 -5.03
N THR A 102 20.53 -7.41 -4.72
CA THR A 102 20.51 -8.58 -5.62
C THR A 102 19.59 -9.71 -5.11
N ASP A 103 18.94 -9.53 -3.95
CA ASP A 103 17.90 -10.45 -3.48
C ASP A 103 16.64 -10.36 -4.36
N ASP A 104 15.95 -11.48 -4.57
CA ASP A 104 14.79 -11.54 -5.47
C ASP A 104 13.69 -10.52 -5.10
N ILE A 105 13.34 -10.42 -3.82
CA ILE A 105 12.35 -9.47 -3.28
C ILE A 105 12.65 -7.99 -3.65
N VAL A 106 13.92 -7.61 -3.80
CA VAL A 106 14.30 -6.27 -4.27
C VAL A 106 14.02 -6.11 -5.75
N LEU A 107 14.40 -7.09 -6.59
CA LEU A 107 14.11 -7.06 -8.03
C LEU A 107 12.60 -7.05 -8.31
N MET A 108 11.82 -7.77 -7.50
CA MET A 108 10.36 -7.72 -7.47
C MET A 108 9.84 -6.32 -7.13
N ALA A 109 10.33 -5.71 -6.05
CA ALA A 109 9.97 -4.34 -5.67
C ALA A 109 10.36 -3.30 -6.73
N GLN A 110 11.51 -3.44 -7.39
CA GLN A 110 11.92 -2.58 -8.52
C GLN A 110 10.96 -2.71 -9.71
N ALA A 111 10.57 -3.94 -10.10
CA ALA A 111 9.61 -4.18 -11.17
C ALA A 111 8.22 -3.58 -10.88
N LEU A 112 7.72 -3.76 -9.65
CA LEU A 112 6.47 -3.16 -9.18
C LEU A 112 6.56 -1.62 -9.11
N GLU A 113 7.62 -1.06 -8.55
CA GLU A 113 7.77 0.40 -8.37
C GLU A 113 7.79 1.18 -9.70
N LYS A 114 8.42 0.63 -10.76
CA LYS A 114 8.37 1.21 -12.10
C LYS A 114 6.93 1.32 -12.61
N ILE A 115 6.13 0.25 -12.47
CA ILE A 115 4.73 0.23 -12.89
C ILE A 115 3.89 1.18 -12.02
N PHE A 116 4.08 1.18 -10.69
CA PHE A 116 3.42 2.12 -9.77
C PHE A 116 3.59 3.58 -10.26
N LEU A 117 4.82 4.00 -10.57
CA LEU A 117 5.09 5.36 -11.05
C LEU A 117 4.43 5.63 -12.42
N GLN A 118 4.44 4.68 -13.37
CA GLN A 118 3.72 4.81 -14.64
C GLN A 118 2.20 4.92 -14.47
N LYS A 119 1.63 4.21 -13.51
CA LYS A 119 0.20 4.18 -13.19
C LYS A 119 -0.25 5.49 -12.55
N VAL A 120 0.40 5.97 -11.48
CA VAL A 120 0.02 7.24 -10.84
C VAL A 120 0.31 8.45 -11.74
N ALA A 121 1.27 8.33 -12.68
CA ALA A 121 1.51 9.36 -13.70
C ALA A 121 0.29 9.57 -14.61
N GLN A 122 -0.50 8.52 -14.84
CA GLN A 122 -1.75 8.56 -15.60
C GLN A 122 -2.98 8.89 -14.72
N MET A 123 -2.83 8.92 -13.39
CA MET A 123 -3.85 9.41 -12.46
C MET A 123 -4.03 10.93 -12.63
N PRO A 124 -5.25 11.47 -12.47
CA PRO A 124 -5.50 12.92 -12.41
C PRO A 124 -4.74 13.56 -11.22
N GLN A 125 -4.48 14.87 -11.31
CA GLN A 125 -3.92 15.66 -10.20
C GLN A 125 -5.01 16.28 -9.31
N GLU A 126 -6.18 16.50 -9.90
CA GLU A 126 -7.42 16.93 -9.25
C GLU A 126 -8.20 15.72 -8.70
N GLU A 127 -9.25 15.95 -7.91
CA GLU A 127 -10.16 14.91 -7.43
C GLU A 127 -11.63 15.30 -7.60
N VAL A 128 -12.51 14.33 -7.35
CA VAL A 128 -13.96 14.52 -7.33
C VAL A 128 -14.63 13.51 -6.39
N GLU A 129 -15.67 13.97 -5.69
CA GLU A 129 -16.54 13.16 -4.83
C GLU A 129 -17.34 12.12 -5.65
N LEU A 130 -17.43 10.90 -5.14
CA LEU A 130 -18.03 9.75 -5.83
C LEU A 130 -19.48 9.46 -5.38
N LEU A 131 -20.20 8.72 -6.21
CA LEU A 131 -21.51 8.13 -5.91
C LEU A 131 -21.44 7.11 -4.75
N PRO A 132 -22.56 6.84 -4.04
CA PRO A 132 -22.61 5.83 -2.98
C PRO A 132 -22.57 4.39 -3.55
N PRO A 133 -22.17 3.39 -2.73
CA PRO A 133 -22.13 1.99 -3.15
C PRO A 133 -23.54 1.38 -3.32
N ALA A 134 -23.62 0.28 -4.08
CA ALA A 134 -24.84 -0.50 -4.27
C ALA A 134 -25.30 -1.20 -2.96
N PRO A 135 -26.61 -1.50 -2.80
CA PRO A 135 -27.13 -2.29 -1.68
C PRO A 135 -26.66 -3.75 -1.78
N LYS A 136 -25.83 -4.17 -0.82
CA LYS A 136 -25.10 -5.47 -0.80
C LYS A 136 -25.02 -6.05 0.62
N GLY A 137 -24.49 -7.28 0.73
CA GLY A 137 -24.34 -8.03 1.98
C GLY A 137 -23.25 -9.10 1.92
N LYS A 138 -23.21 -9.98 2.93
CA LYS A 138 -22.25 -11.10 3.08
C LYS A 138 -22.19 -12.01 1.85
N GLY A 1 4.50 0.41 25.74
CA GLY A 1 5.79 1.10 25.91
C GLY A 1 6.08 2.05 24.75
N SER A 2 7.36 2.33 24.51
CA SER A 2 7.84 3.28 23.47
C SER A 2 7.78 2.74 22.03
N SER A 3 7.62 1.43 21.84
CA SER A 3 7.51 0.80 20.51
C SER A 3 6.26 1.25 19.74
N GLY A 4 6.37 1.39 18.41
CA GLY A 4 5.28 1.87 17.55
C GLY A 4 5.63 1.95 16.05
N SER A 5 6.48 1.04 15.55
CA SER A 5 6.90 0.97 14.14
C SER A 5 5.73 0.67 13.18
N SER A 6 4.90 -0.32 13.51
CA SER A 6 3.75 -0.78 12.72
C SER A 6 2.64 0.27 12.58
N GLY A 7 1.93 0.25 11.45
CA GLY A 7 0.82 1.15 11.12
C GLY A 7 -0.57 0.53 11.30
N GLU A 8 -1.59 1.30 10.90
CA GLU A 8 -3.01 1.02 11.14
C GLU A 8 -3.88 1.20 9.87
N VAL A 9 -5.17 0.85 9.94
CA VAL A 9 -6.11 0.88 8.79
C VAL A 9 -7.45 1.55 9.12
N SER A 10 -7.49 2.13 10.32
CA SER A 10 -8.59 2.94 10.88
C SER A 10 -8.02 4.03 11.81
N ASN A 11 -8.83 5.00 12.19
CA ASN A 11 -8.41 6.20 12.95
C ASN A 11 -9.45 6.65 14.01
N PRO A 12 -9.01 7.24 15.12
CA PRO A 12 -9.88 7.78 16.16
C PRO A 12 -10.59 9.09 15.76
N SER A 13 -9.95 9.94 14.96
CA SER A 13 -10.50 11.27 14.59
C SER A 13 -9.99 11.89 13.27
N LYS A 14 -9.01 11.28 12.56
CA LYS A 14 -8.49 11.83 11.28
C LYS A 14 -9.61 11.84 10.20
N PRO A 15 -9.82 12.95 9.47
CA PRO A 15 -10.88 13.04 8.45
C PRO A 15 -10.55 12.21 7.19
N GLY A 16 -11.59 11.83 6.45
CA GLY A 16 -11.48 11.10 5.18
C GLY A 16 -12.83 10.83 4.53
N ARG A 17 -12.80 10.55 3.23
CA ARG A 17 -13.92 10.09 2.38
C ARG A 17 -13.40 9.49 1.07
N LYS A 18 -14.23 8.67 0.41
CA LYS A 18 -13.94 8.09 -0.91
C LYS A 18 -14.01 9.17 -2.02
N THR A 19 -13.05 9.16 -2.94
CA THR A 19 -12.86 10.14 -4.03
C THR A 19 -12.37 9.47 -5.31
N ASN A 20 -12.40 10.18 -6.45
CA ASN A 20 -11.74 9.74 -7.69
C ASN A 20 -10.26 9.35 -7.50
N GLN A 21 -9.54 10.05 -6.62
CA GLN A 21 -8.13 9.79 -6.31
C GLN A 21 -7.97 8.42 -5.64
N LEU A 22 -8.71 8.16 -4.56
CA LEU A 22 -8.66 6.88 -3.84
C LEU A 22 -9.24 5.72 -4.68
N GLN A 23 -10.26 5.99 -5.51
CA GLN A 23 -10.75 5.02 -6.50
C GLN A 23 -9.62 4.62 -7.45
N TYR A 24 -8.93 5.57 -8.09
CA TYR A 24 -7.83 5.26 -9.01
C TYR A 24 -6.72 4.43 -8.35
N MET A 25 -6.35 4.74 -7.11
CA MET A 25 -5.41 3.91 -6.32
C MET A 25 -5.93 2.47 -6.15
N GLN A 26 -7.17 2.27 -5.70
CA GLN A 26 -7.72 0.94 -5.38
C GLN A 26 -8.32 0.17 -6.59
N ASN A 27 -8.39 0.80 -7.76
CA ASN A 27 -9.08 0.29 -8.96
C ASN A 27 -8.17 0.22 -10.20
N VAL A 28 -7.00 0.86 -10.16
CA VAL A 28 -6.03 0.83 -11.26
C VAL A 28 -4.62 0.55 -10.74
N VAL A 29 -4.14 1.32 -9.76
CA VAL A 29 -2.76 1.23 -9.25
C VAL A 29 -2.54 -0.08 -8.50
N VAL A 30 -3.22 -0.28 -7.36
CA VAL A 30 -3.22 -1.55 -6.61
C VAL A 30 -3.72 -2.69 -7.49
N LYS A 31 -4.82 -2.48 -8.22
CA LYS A 31 -5.47 -3.54 -9.02
C LYS A 31 -4.53 -4.12 -10.07
N THR A 32 -3.70 -3.29 -10.73
CA THR A 32 -2.70 -3.78 -11.69
C THR A 32 -1.47 -4.37 -11.00
N LEU A 33 -0.95 -3.71 -9.95
CA LEU A 33 0.21 -4.21 -9.18
C LEU A 33 -0.07 -5.57 -8.51
N TRP A 34 -1.31 -5.82 -8.08
CA TRP A 34 -1.79 -7.07 -7.50
C TRP A 34 -1.89 -8.22 -8.52
N LYS A 35 -2.20 -7.91 -9.79
CA LYS A 35 -2.25 -8.89 -10.90
C LYS A 35 -0.88 -9.23 -11.48
N HIS A 36 0.19 -8.54 -11.07
CA HIS A 36 1.56 -8.76 -11.54
C HIS A 36 2.11 -10.15 -11.18
N GLN A 37 3.05 -10.66 -11.98
CA GLN A 37 3.74 -11.94 -11.78
C GLN A 37 4.55 -12.04 -10.47
N PHE A 38 4.90 -10.89 -9.85
CA PHE A 38 5.73 -10.79 -8.66
C PHE A 38 5.00 -10.16 -7.44
N ALA A 39 3.68 -10.02 -7.50
CA ALA A 39 2.85 -9.48 -6.41
C ALA A 39 2.75 -10.39 -5.17
N TRP A 40 2.93 -11.71 -5.36
CA TRP A 40 2.66 -12.74 -4.34
C TRP A 40 3.39 -12.63 -2.98
N PRO A 41 4.66 -12.16 -2.85
CA PRO A 41 5.30 -12.00 -1.54
C PRO A 41 4.84 -10.72 -0.81
N PHE A 42 4.07 -9.84 -1.47
CA PHE A 42 3.54 -8.60 -0.91
C PHE A 42 2.05 -8.70 -0.52
N TYR A 43 1.37 -9.81 -0.86
CA TYR A 43 -0.06 -10.05 -0.55
C TYR A 43 -0.38 -10.10 0.96
N GLN A 44 0.62 -10.29 1.82
CA GLN A 44 0.46 -10.38 3.28
C GLN A 44 1.60 -9.64 4.02
N PRO A 45 1.36 -9.10 5.23
CA PRO A 45 2.38 -8.41 6.01
C PRO A 45 3.45 -9.37 6.57
N VAL A 46 4.70 -8.91 6.63
CA VAL A 46 5.81 -9.58 7.34
C VAL A 46 5.53 -9.61 8.85
N ASP A 47 5.96 -10.70 9.51
CA ASP A 47 5.92 -10.86 10.97
C ASP A 47 7.29 -11.32 11.49
N ALA A 48 7.98 -10.43 12.20
CA ALA A 48 9.30 -10.69 12.80
C ALA A 48 9.33 -11.90 13.73
N ILE A 49 8.20 -12.21 14.39
CA ILE A 49 8.00 -13.40 15.24
C ILE A 49 8.06 -14.69 14.39
N LYS A 50 7.32 -14.73 13.28
CA LYS A 50 7.23 -15.89 12.37
C LYS A 50 8.54 -16.17 11.61
N LEU A 51 9.23 -15.11 11.19
CA LEU A 51 10.50 -15.19 10.45
C LEU A 51 11.73 -15.22 11.39
N ASN A 52 11.52 -15.10 12.72
CA ASN A 52 12.57 -15.05 13.74
C ASN A 52 13.66 -13.98 13.47
N LEU A 53 13.23 -12.72 13.35
CA LEU A 53 14.06 -11.55 13.02
C LEU A 53 14.08 -10.55 14.20
N PRO A 54 14.94 -10.77 15.23
CA PRO A 54 14.94 -9.98 16.46
C PRO A 54 15.39 -8.51 16.27
N ASP A 55 15.86 -8.17 15.07
CA ASP A 55 16.33 -6.84 14.64
C ASP A 55 15.47 -6.22 13.52
N TYR A 56 14.39 -6.87 13.06
CA TYR A 56 13.57 -6.40 11.92
C TYR A 56 13.18 -4.92 12.03
N HIS A 57 12.61 -4.53 13.19
CA HIS A 57 12.14 -3.18 13.49
C HIS A 57 13.26 -2.17 13.80
N LYS A 58 14.46 -2.65 14.16
CA LYS A 58 15.65 -1.81 14.37
C LYS A 58 16.14 -1.21 13.05
N ILE A 59 16.22 -2.04 12.00
CA ILE A 59 16.49 -1.58 10.63
C ILE A 59 15.26 -0.85 10.06
N ILE A 60 14.06 -1.47 10.12
CA ILE A 60 12.85 -0.96 9.46
C ILE A 60 11.93 -0.21 10.45
N LYS A 61 11.97 1.12 10.34
CA LYS A 61 11.13 2.06 11.09
C LYS A 61 9.64 1.94 10.74
N ASN A 62 9.32 1.61 9.49
CA ASN A 62 7.97 1.64 8.91
C ASN A 62 7.69 0.40 8.04
N PRO A 63 7.41 -0.75 8.69
CA PRO A 63 7.11 -2.01 8.01
C PRO A 63 5.74 -1.97 7.33
N MET A 64 5.72 -2.32 6.04
CA MET A 64 4.57 -2.24 5.13
C MET A 64 4.73 -3.26 4.00
N ASP A 65 3.62 -3.89 3.60
CA ASP A 65 3.47 -4.80 2.45
C ASP A 65 2.11 -4.54 1.78
N MET A 66 2.00 -4.73 0.45
CA MET A 66 0.83 -4.33 -0.37
C MET A 66 -0.54 -4.78 0.18
N GLY A 67 -0.61 -5.95 0.83
CA GLY A 67 -1.80 -6.47 1.51
C GLY A 67 -2.38 -5.55 2.62
N THR A 68 -1.59 -4.61 3.13
CA THR A 68 -2.03 -3.57 4.06
C THR A 68 -2.60 -2.35 3.32
N ILE A 69 -1.99 -1.92 2.21
CA ILE A 69 -2.40 -0.73 1.43
C ILE A 69 -3.87 -0.84 1.00
N LYS A 70 -4.25 -1.98 0.41
CA LYS A 70 -5.64 -2.25 -0.02
C LYS A 70 -6.67 -2.16 1.11
N LYS A 71 -6.29 -2.55 2.35
CA LYS A 71 -7.17 -2.54 3.52
C LYS A 71 -7.50 -1.11 3.99
N ARG A 72 -6.50 -0.23 4.08
CA ARG A 72 -6.72 1.21 4.37
C ARG A 72 -7.39 1.98 3.21
N LEU A 73 -7.23 1.54 1.96
CA LEU A 73 -8.01 2.04 0.81
C LEU A 73 -9.50 1.63 0.85
N GLU A 74 -9.80 0.39 1.21
CA GLU A 74 -11.19 -0.12 1.32
C GLU A 74 -11.94 0.47 2.54
N ASN A 75 -11.24 0.66 3.67
CA ASN A 75 -11.74 1.40 4.82
C ASN A 75 -11.75 2.92 4.56
N ASN A 76 -12.42 3.70 5.43
CA ASN A 76 -12.30 5.15 5.43
C ASN A 76 -11.14 5.56 6.37
N TYR A 77 -9.95 5.79 5.80
CA TYR A 77 -8.73 6.15 6.53
C TYR A 77 -8.10 7.47 6.06
N TYR A 78 -8.31 7.89 4.81
CA TYR A 78 -7.83 9.17 4.27
C TYR A 78 -8.81 9.81 3.24
N TRP A 79 -8.42 10.97 2.70
CA TRP A 79 -9.20 11.78 1.75
C TRP A 79 -8.54 11.85 0.36
N SER A 80 -7.21 11.71 0.31
CA SER A 80 -6.37 11.97 -0.87
C SER A 80 -5.32 10.88 -1.10
N ALA A 81 -5.16 10.48 -2.36
CA ALA A 81 -4.24 9.44 -2.81
C ALA A 81 -2.76 9.67 -2.49
N SER A 82 -2.34 10.91 -2.20
CA SER A 82 -0.95 11.23 -1.80
C SER A 82 -0.48 10.44 -0.57
N GLU A 83 -1.39 10.16 0.37
CA GLU A 83 -1.09 9.30 1.53
C GLU A 83 -0.86 7.83 1.10
N CYS A 84 -1.70 7.33 0.20
CA CYS A 84 -1.66 5.98 -0.37
C CYS A 84 -0.40 5.76 -1.25
N MET A 85 0.05 6.81 -1.94
CA MET A 85 1.31 6.84 -2.70
C MET A 85 2.54 6.78 -1.80
N GLN A 86 2.55 7.54 -0.69
CA GLN A 86 3.64 7.50 0.29
C GLN A 86 3.75 6.11 0.96
N ASP A 87 2.64 5.40 1.11
CA ASP A 87 2.61 4.01 1.60
C ASP A 87 3.23 3.04 0.59
N PHE A 88 2.93 3.16 -0.71
CA PHE A 88 3.60 2.39 -1.76
C PHE A 88 5.11 2.67 -1.82
N ASN A 89 5.51 3.94 -1.75
CA ASN A 89 6.92 4.33 -1.65
C ASN A 89 7.59 3.67 -0.43
N THR A 90 6.94 3.70 0.74
CA THR A 90 7.42 3.05 1.98
C THR A 90 7.51 1.53 1.85
N MET A 91 6.62 0.89 1.07
CA MET A 91 6.56 -0.56 0.88
C MET A 91 7.76 -1.09 0.11
N PHE A 92 7.98 -0.53 -1.09
CA PHE A 92 9.16 -0.84 -1.91
C PHE A 92 10.47 -0.42 -1.22
N THR A 93 10.49 0.73 -0.54
CA THR A 93 11.71 1.24 0.16
C THR A 93 12.12 0.34 1.32
N ASN A 94 11.20 -0.08 2.21
CA ASN A 94 11.57 -0.95 3.33
C ASN A 94 12.11 -2.31 2.86
N CYS A 95 11.62 -2.80 1.71
CA CYS A 95 12.16 -3.99 1.03
C CYS A 95 13.62 -3.80 0.57
N TYR A 96 13.96 -2.63 -0.02
CA TYR A 96 15.33 -2.29 -0.43
C TYR A 96 16.30 -2.16 0.74
N ILE A 97 15.86 -1.64 1.90
CA ILE A 97 16.70 -1.43 3.08
C ILE A 97 17.10 -2.77 3.72
N TYR A 98 16.11 -3.60 4.10
CA TYR A 98 16.35 -4.83 4.87
C TYR A 98 17.09 -5.93 4.07
N ASN A 99 16.85 -6.02 2.76
CA ASN A 99 17.36 -7.10 1.90
C ASN A 99 18.59 -6.66 1.08
N LYS A 100 19.33 -7.63 0.51
CA LYS A 100 20.45 -7.37 -0.42
C LYS A 100 19.91 -6.78 -1.73
N PRO A 101 20.60 -5.79 -2.35
CA PRO A 101 20.11 -5.08 -3.54
C PRO A 101 20.02 -5.95 -4.81
N THR A 102 20.47 -7.20 -4.75
CA THR A 102 20.47 -8.19 -5.85
C THR A 102 19.60 -9.42 -5.54
N ASP A 103 18.97 -9.48 -4.37
CA ASP A 103 17.98 -10.53 -4.04
C ASP A 103 16.72 -10.40 -4.91
N ASP A 104 16.02 -11.51 -5.16
CA ASP A 104 14.78 -11.53 -5.94
C ASP A 104 13.76 -10.49 -5.45
N ILE A 105 13.47 -10.44 -4.15
CA ILE A 105 12.48 -9.54 -3.57
C ILE A 105 12.73 -8.05 -3.87
N VAL A 106 14.00 -7.64 -3.98
CA VAL A 106 14.37 -6.28 -4.40
C VAL A 106 14.09 -6.10 -5.89
N LEU A 107 14.51 -7.00 -6.77
CA LEU A 107 14.26 -6.90 -8.21
C LEU A 107 12.75 -6.93 -8.53
N MET A 108 11.97 -7.72 -7.79
CA MET A 108 10.51 -7.78 -7.83
C MET A 108 9.90 -6.43 -7.42
N ALA A 109 10.34 -5.85 -6.31
CA ALA A 109 9.93 -4.51 -5.88
C ALA A 109 10.33 -3.42 -6.90
N GLN A 110 11.52 -3.49 -7.51
CA GLN A 110 11.95 -2.57 -8.58
C GLN A 110 11.08 -2.65 -9.84
N ALA A 111 10.64 -3.86 -10.24
CA ALA A 111 9.73 -4.06 -11.36
C ALA A 111 8.34 -3.48 -11.08
N LEU A 112 7.79 -3.76 -9.89
CA LEU A 112 6.51 -3.21 -9.42
C LEU A 112 6.55 -1.67 -9.27
N GLU A 113 7.61 -1.11 -8.68
CA GLU A 113 7.70 0.33 -8.40
C GLU A 113 7.74 1.18 -9.68
N LYS A 114 8.41 0.72 -10.75
CA LYS A 114 8.38 1.40 -12.05
C LYS A 114 6.95 1.47 -12.61
N ILE A 115 6.18 0.37 -12.50
CA ILE A 115 4.76 0.36 -12.91
C ILE A 115 3.94 1.29 -12.00
N PHE A 116 4.13 1.24 -10.68
CA PHE A 116 3.48 2.17 -9.74
C PHE A 116 3.67 3.64 -10.17
N LEU A 117 4.90 4.06 -10.46
CA LEU A 117 5.17 5.43 -10.90
C LEU A 117 4.52 5.77 -12.24
N GLN A 118 4.53 4.86 -13.23
CA GLN A 118 3.81 5.04 -14.51
C GLN A 118 2.28 5.15 -14.34
N LYS A 119 1.72 4.41 -13.38
CA LYS A 119 0.29 4.41 -13.05
C LYS A 119 -0.15 5.71 -12.39
N VAL A 120 0.51 6.14 -11.29
CA VAL A 120 0.16 7.40 -10.60
C VAL A 120 0.48 8.64 -11.43
N ALA A 121 1.44 8.56 -12.34
CA ALA A 121 1.73 9.64 -13.30
C ALA A 121 0.53 10.00 -14.18
N GLN A 122 -0.34 9.01 -14.43
CA GLN A 122 -1.57 9.17 -15.20
C GLN A 122 -2.80 9.48 -14.32
N MET A 123 -2.65 9.47 -12.99
CA MET A 123 -3.69 9.92 -12.04
C MET A 123 -3.91 11.44 -12.17
N PRO A 124 -5.17 11.94 -12.12
CA PRO A 124 -5.46 13.37 -12.15
C PRO A 124 -4.93 14.10 -10.90
N GLN A 125 -4.70 15.41 -11.03
CA GLN A 125 -4.24 16.27 -9.94
C GLN A 125 -5.39 16.81 -9.06
N GLU A 126 -6.62 16.74 -9.55
CA GLU A 126 -7.82 17.29 -8.89
C GLU A 126 -8.69 16.21 -8.21
N GLU A 127 -9.30 16.58 -7.08
CA GLU A 127 -10.27 15.77 -6.36
C GLU A 127 -11.70 15.91 -6.92
N VAL A 128 -12.45 14.81 -6.87
CA VAL A 128 -13.86 14.68 -7.22
C VAL A 128 -14.53 13.73 -6.23
N GLU A 129 -15.60 14.21 -5.60
CA GLU A 129 -16.52 13.43 -4.77
C GLU A 129 -17.29 12.39 -5.61
N LEU A 130 -17.22 11.11 -5.22
CA LEU A 130 -17.95 10.02 -5.88
C LEU A 130 -19.44 9.97 -5.51
N LEU A 131 -20.23 9.31 -6.35
CA LEU A 131 -21.63 8.95 -6.06
C LEU A 131 -21.72 7.94 -4.89
N PRO A 132 -22.85 7.89 -4.15
CA PRO A 132 -23.02 6.97 -3.02
C PRO A 132 -23.17 5.51 -3.46
N PRO A 133 -22.91 4.53 -2.56
CA PRO A 133 -23.06 3.10 -2.84
C PRO A 133 -24.54 2.68 -3.01
N ALA A 134 -24.74 1.44 -3.46
CA ALA A 134 -26.05 0.82 -3.74
C ALA A 134 -26.10 -0.63 -3.22
N PRO A 135 -27.29 -1.20 -2.94
CA PRO A 135 -27.44 -2.56 -2.44
C PRO A 135 -27.07 -3.63 -3.50
N LYS A 136 -26.57 -4.78 -3.03
CA LYS A 136 -26.21 -5.95 -3.85
C LYS A 136 -27.37 -6.95 -3.89
N GLY A 137 -28.36 -6.66 -4.75
CA GLY A 137 -29.57 -7.48 -4.93
C GLY A 137 -29.33 -8.87 -5.54
N LYS A 138 -28.17 -9.09 -6.17
CA LYS A 138 -27.69 -10.38 -6.73
C LYS A 138 -26.17 -10.51 -6.68
#